data_8PQV
#
_entry.id   8PQV
#
_cell.length_a   1.00
_cell.length_b   1.00
_cell.length_c   1.00
_cell.angle_alpha   90.00
_cell.angle_beta   90.00
_cell.angle_gamma   90.00
#
_symmetry.space_group_name_H-M   'P 1'
#
_entity_poly.entity_id   1
_entity_poly.type   'polypeptide(L)'
_entity_poly.pdbx_seq_one_letter_code
;MSEPGGGGGEDGSAGLEVSAVQNVADVSVLQKHLRKLVPLLLEDGGEAPAALEAALEEKSALEQMRKFLSDPQVHTVLVE
RSTLKEDVGDEGEEEKEFISYNINIDIHYGVKSNSLAFIKRTPVIDADKPVSSQLRVLTLSEDSPYETLHSFISNAVAPF
FKSYIRESGKADRDGDKMAPSVEKKIAELEMGLLHLQQNIEIPEISLPIHPMITNVAKQCYERGEKPKVTDFGDKVEDPT
FLNQLQSGVNRWIREIQKVTKLDRDPASGTALQEISFWLNLERALYRIQEKRESPEVLLTLDILKHGKRFHATVSFDTDT
GLKQALETVNDYNPLMKDFPLNDLLSATELDKIRQALVAIFTHLRKIRNTKYPIQRALRLVEAISRDLSSQLLKVLGTRK
LMHVAYEEFEKVMVACFEVFQTWDDEYEKLQVLLRDIVKRKREENLKMVWRINPAHRKLQARLDQMRKFRRQHEQLRAVI
VRVLRPQVTAVAQQNQGEVPEPQDMKVAEVLFDAADANAIEEVNLAYENVKEVDGLDVSKEGTEAWEAAMKRYDERIDRV
ETRITARLRDQLGTAKNANEMFRIFSRFNALFVRPHIRGAIREYQTQLIQRVKDDIESLHDKFKVQYPQSQACKMSHVRD
LPPVSGSIIWAKQIDRQLTAYMKRVEDVLGKGWENHVEGQKLKQDGDSFRMKLNTQEIFDDWARKVQQRNLGVSGRIFTI
ESTRVRGRTGNVLKLKVNFLPEIITLSKEVRNLKWLGFRVPLAIVNKAHQANQLYPFAISLIESVRTYERTCEKVEERNT
ISLLVAGLKKEVQALIAEGIALVWESYKLDPYVQRLAETVFNFQEKVDDLLIIEEKIDLEVRSLETCMYDHKTFSEILNR
VQKAVDDLNLHSYSNLPIWVNKLDMEIERILGVRLQAGLRAWTQVLLGQAEDKAEVDMDTDAPQVSHKPGGEPKIKNVVH
ELRITNQVIYLNPPIEECRYKLYQEMFAWKMVVLSLPRIQSQRYQVGVHYELTEEEKFYRNALTRMPDGPVALEESYSAV
MGIVSEVEQYVKVWLQYQCLWDMQAENIYNRLGEDLNKWQALLVQIRKARGTFDNAETKKEFGPVVIDYGKVQSKVNLKY
DSWHKEVLSKFGQMLGSNMTEFHSQISKSRQELEQHSVDTASTSDAVTFITYVQSLKRKIKQFEKQVELYRNGQRLLEKQ
RFQFPPSWLYIDNIEGEWGAFNDIMRRKDSAIQQQVANLQMKIVQEDRAVESRTTDLLTDWEKTKPVTGNLRPEEALQAL
TIYEGKFGRLKDDREKCAKAKEALELTDTGLLSGSEERVQVALEELQDLKGVWSELSKVWEQIDQMKEQPWVSVQPRKLR
QNLDALLNQLKSFPARLRQYASYEFVQRLLKGYMKINMLVIELKSEALKDRHWKQLMKRLHVNWVVSELTLGQIWDVDLQ
KNEAIVKDVLLVAQGEMALEEFLKQIREVWNTYELDLVNYQNKCRLIRGWDDLFNKVKEHINSVSAMKLSPYYKVFEEDA
LSWEDKLNRIMALFDVWIDVQRRWVYLEGIFTGSADIKHLLPVETQEFQSISTEFLALMKKVSKSPLVMDVLNIQGVQRS
LERLADLLGEIQKALGEYLERERSSFPRFYFVGDEDLLEIIGNSKNVAKLQKHFKKMFAGVSSIILNEDNSVVLGISSRE
GEEVMFKTPVSITEHPKINEWLTLVEKEMRVTLAKLLAESVTEVEIFGKATSIDPNTYITWIDKYQAQLVVLSAQIAWSE
NVETALSSMGGGGDAAPLHSVLSNVEVTLNVLADSVLMEQPPLRRRKLEHLITELVHQRDVTRSLIKSKIDNAKSFEWLS
QMRFYFDPKQTDVLQQLSIQMANAKFNYGFEYLGVQDKLVQTPLTDRCYLTMTQALEARLGGSPFGPAGTGKTESVKALG
HQLGRFVLVFNCDETFDFQAMGRIFVGLCQVGAWGCFDEFNRLEERMLSAVSQQVQCIQEALREHSNPNYDKTSAPITCE
LLNKQVKVSPDMAIFITMNPGYAGRSNLPDNLKKLFRSLAMTKPDRQLIAQVMLYSQGFRTAEVLANKIVPFFKLCDEQL
SSQSHYDFGLRALKSVLVSAGNVKRERIQKIKREKEERGEAVDEGEIAENLPEQEILIQSVCETMVPKLVAEDIPLLFSL
LSDVFPGVQYHRGEMTALREELKKVCQEMYLTYGDGEEVGGMWVEKVLQLYQITQINHGLMMVGPSGSGKSMAWRVLLKA
LERLEGVEGVAHIIDPKAISKDHLYGTLDPNTREWTDGLFTHVLRKIIDSVRGELQKRQWIVFDGDVDPEWVENLNSVLD
DNKLLTLPNGERLSLPPNVRIMFEVQDLKYATLATVSRCGMVWFSEDVLSTDMIFNNFLARLRSIPLDEGEDEAQRRRKG
KEDEGEEAASPMLQIQRDAATIMQPYFTSNGLVTKALEHAFQLEHIMDLTRLRCLGSLFSMLHQACRNVAQYNANHPDFP
MQIEQLERYIQRYLVYAILWSLSGDSRLKMRAELGEYIRRITTVPLPTAPNIPIIDYEVSISGEWSPWQAKVPQIEVETH
KVAAPDVVVPTLDTVRHEALLYTWLAEHKPLVLCGPPGSGKTMTLFSALRALPDMEVVGLNFSSATTPELLLKTFDHYCE
YRRTPNGVVLAPVQLGKWLVLFCDEINLPDMDKYGTQRVISFIRQMVEHGGFYRTSDQTWVKLERIQFVGACNPPTDPGR
KPLSHRFLRHVPVVYVDYPGPASLTQIYGTFNRAMLRLIPSLRTYAEPLTAAMVEFYTMSQERFTQDTQPHYIYSPREMT
RWVRGIFEALRPLETLPVEGLIRIWAHEALRLFQDRLVEDEERRWTDENIDTVALKHFPNIDREKAMSRPILYSNWLSKD
YIPVDQEELRDYVKARLKVFYEEELDVPLVLFNEVLDHVLRIDRIFRQPQGHLLLIGVSGAGKTTLSRFVAWMNGLSVYQ
IKVHRKYTGEDFDEDLRTVLRRSGCKNEKIAFIMDESNVLDSGFLERMNTLLANGEVPGLFEGDEYATLMTQCKEGAQKE
GLMLDSHEELYKWFTSQVIRNLHVVFTMNPSSEGLKDRAATSPALFNRCVLNWFGDWSTEALYQVGKEFTSKMDLEKPNY
IVPDYMPVVYDKLPQPPSHREAIVNSCVFVHQTLHQANARLAKRGGRTMAITPRHYLDFINHYANLFHEKRSELEEQQMH
LNVGLRKIKETVDQVEELRRDLRIKSQELEVKNAAANDKLKKMVKDQQEAEKKKVMSQEIQEQLHKQQEVIADKQMSVKE
DLDKVEPAVIEAQNAVKSIKKQHLVEVRSMANPPAAVKLALESICLLLGESTTDWKQIRSIIMRENFIPTIVNFSAEEIS
DAIREKMKKNYMSNPSYNYEIVNRASLACGPMVKWAIAQLNYADMLKRVEPLRNELQKLEDDAKDNQQKANEVEQMIRDL
EASIARYKEEYAVLISEAQAIKADLAAVEAKVNRSTALLKSLSAERERWEKTSETFKNQMSTIAGDCLLSAAFIAYAGYF
DQQMRQNLFTTWSHHLQQANIQFRTDIARTEYLSNADERLRWQASSLPADDLCTENAIMLKRFNRYPLIIDPSGQATEFI
MNEYKDRKITRTSFLDDAFRKNLESALRFGNPLLVQDVESYDPVLNPVLNREVRRTGGRVLITLGDQDIDLSPSFVIFLS
TRDPTVEFPPDLCSRVTFVNFTVTRSSLQSQCLNEVLKAERPDVDEKRSDLLKLQGEFQLRLRQLEKSLLQALNEVKGRI
LDDDTIITTLENLKREAAEVTRKVEETDIVMQEVETVSQQYLPLSTACSSIYFTMESLKQIHFLYQYSLQFFLDIYHNVL
YENPNLKGVTDHTQRLSIITKDLFQVAFNRVARGMLHQDHITFAMLLARIKLKGTVGEPTYDAEFQHFLRGNEIVLSAGS
TPRIQGLTVEQAEAVVRLSCLPAFKDLIAKVQADEQFGIWLDSSSPEQTVPYLWSEETPATPIGQAIHRLLLIQAFRPDR
LLAMAHMFVSTNLGESFMSIMEQPLDLTHIVGTEVKPNTPVLMCSVPGYDASGHVEDLAAEQNTQITSIAIGSAEGFNQA
DKAINTAVKSGRWVMLKNVHLAPGWLMQLEKKLHSLQPHACFRLFLTMEINPKVPVNLLRAGRIFVFEPPPGVKANMLRT
FSSIPVSRICKSPNERARLYFLLAWFHAIIQERLRYAPLGWSKKYEFGESDLRSACDTVDTWLDDTAKGRQNISPDKIPW
SALKTLMAQSIYGGRVDNEFDQRLLNTFLERLFTTRSFDSEFKLACKVDGHKDIQMPDGIRREEFVQWVELLPDTQTPSW
LGLPNNAERVLLTTQGVDMISKMLKMQMLEDEDDLAYAETEKKTRTDSTSDGRPAWMRTLHTTASNWLHLIPQTLSHLKR
TVENIKDPLFRFFEREVKMGAKLLQDVRQDLADVVQVCEGKKKQTNYLRTLINELVKGILPRSWSHYTVPAGMTVIQWVS
DFSERIKQLQNISLAAASGGAKELKNIHVCLGGLFVPEAYITATRQYVAQANSWSLEELCLEVNVTTSQGATLDACSFGV
TGLKLQGATCNNNKLSLSNAISTALPLTQLRWVKQTNTEKKASVVTLPVYLNFTRADLIFTVDFEIATKEDPRSFYERGV
AVLCTE
;
_entity_poly.pdbx_strand_id   A
#
# COMPACT_ATOMS: atom_id res chain seq x y z
N GLN A 1327 0.21 64.06 65.32
CA GLN A 1327 -0.29 62.93 66.10
C GLN A 1327 -0.49 61.70 65.22
N ASP A 1328 -0.61 61.94 63.91
CA ASP A 1328 -0.69 60.85 62.96
C ASP A 1328 0.67 60.22 62.69
N LEU A 1329 1.76 60.94 63.00
CA LEU A 1329 3.09 60.39 62.78
C LEU A 1329 3.37 59.21 63.71
N LYS A 1330 2.82 59.25 64.93
CA LYS A 1330 2.95 58.12 65.83
C LYS A 1330 2.18 56.91 65.32
N GLY A 1331 0.98 57.13 64.77
CA GLY A 1331 0.21 56.03 64.21
C GLY A 1331 0.88 55.39 63.01
N VAL A 1332 1.37 56.22 62.07
CA VAL A 1332 1.98 55.66 60.87
C VAL A 1332 3.34 55.01 61.20
N TRP A 1333 4.10 55.56 62.16
CA TRP A 1333 5.36 54.93 62.52
C TRP A 1333 5.16 53.68 63.35
N SER A 1334 4.11 53.62 64.17
CA SER A 1334 3.80 52.40 64.90
C SER A 1334 3.28 51.31 63.98
N GLU A 1335 2.58 51.69 62.91
CA GLU A 1335 2.19 50.69 61.91
C GLU A 1335 3.38 50.23 61.09
N LEU A 1336 4.31 51.12 60.80
CA LEU A 1336 5.43 50.80 59.92
C LEU A 1336 6.62 50.17 60.63
N SER A 1337 6.70 50.27 61.96
CA SER A 1337 7.84 49.70 62.68
C SER A 1337 7.83 48.19 62.65
N LYS A 1338 6.65 47.57 62.81
CA LYS A 1338 6.56 46.12 62.69
C LYS A 1338 6.78 45.66 61.24
N VAL A 1339 6.41 46.50 60.27
CA VAL A 1339 6.66 46.18 58.87
C VAL A 1339 8.15 46.17 58.58
N TRP A 1340 8.87 47.19 59.06
CA TRP A 1340 10.32 47.25 58.89
C TRP A 1340 11.03 46.15 59.66
N GLU A 1341 10.52 45.79 60.84
CA GLU A 1341 11.07 44.66 61.58
C GLU A 1341 10.83 43.34 60.85
N GLN A 1342 9.67 43.18 60.22
CA GLN A 1342 9.39 41.98 59.42
C GLN A 1342 10.31 41.90 58.21
N ILE A 1343 10.60 43.03 57.59
CA ILE A 1343 11.61 43.09 56.53
C ILE A 1343 12.97 42.68 57.08
N ASP A 1344 13.29 43.12 58.30
CA ASP A 1344 14.58 42.78 58.91
C ASP A 1344 14.71 41.29 59.20
N GLN A 1345 13.65 40.65 59.74
CA GLN A 1345 13.76 39.21 59.95
C GLN A 1345 13.59 38.42 58.67
N MET A 1346 13.05 39.02 57.62
CA MET A 1346 13.06 38.35 56.32
C MET A 1346 14.47 38.34 55.73
N LYS A 1347 15.16 39.49 55.77
CA LYS A 1347 16.47 39.60 55.15
C LYS A 1347 17.56 38.84 55.92
N GLU A 1348 17.34 38.56 57.20
CA GLU A 1348 18.33 37.85 58.00
C GLU A 1348 18.29 36.34 57.80
N GLN A 1349 17.31 35.83 57.08
CA GLN A 1349 17.22 34.39 56.83
C GLN A 1349 18.35 33.96 55.90
N PRO A 1350 19.09 32.91 56.24
CA PRO A 1350 20.21 32.48 55.39
C PRO A 1350 19.73 31.91 54.06
N TRP A 1351 20.42 32.31 52.98
CA TRP A 1351 20.11 31.84 51.63
C TRP A 1351 20.39 30.35 51.47
N VAL A 1352 21.24 29.77 52.33
CA VAL A 1352 21.39 28.32 52.37
C VAL A 1352 20.09 27.67 52.84
N SER A 1353 19.40 28.30 53.79
CA SER A 1353 18.19 27.76 54.39
C SER A 1353 16.92 28.42 53.86
N VAL A 1354 17.01 29.18 52.77
CA VAL A 1354 15.83 29.81 52.20
C VAL A 1354 14.97 28.76 51.51
N GLN A 1355 13.67 28.72 51.86
CA GLN A 1355 12.69 28.03 51.06
C GLN A 1355 11.87 29.07 50.31
N PRO A 1356 11.96 29.14 48.98
CA PRO A 1356 11.45 30.33 48.28
C PRO A 1356 9.95 30.35 48.07
N ARG A 1357 9.27 29.20 48.05
CA ARG A 1357 7.82 29.20 48.06
C ARG A 1357 7.28 29.77 49.38
N LYS A 1358 7.92 29.41 50.49
CA LYS A 1358 7.57 30.01 51.77
C LYS A 1358 7.96 31.49 51.82
N LEU A 1359 9.01 31.88 51.10
CA LEU A 1359 9.35 33.28 50.97
C LEU A 1359 8.28 34.05 50.22
N ARG A 1360 7.73 33.45 49.16
CA ARG A 1360 6.61 34.04 48.45
C ARG A 1360 5.38 34.16 49.34
N GLN A 1361 5.13 33.13 50.16
CA GLN A 1361 4.01 33.17 51.10
C GLN A 1361 4.17 34.28 52.13
N ASN A 1362 5.39 34.44 52.68
CA ASN A 1362 5.64 35.50 53.64
C ASN A 1362 5.61 36.88 53.01
N LEU A 1363 6.07 37.01 51.76
CA LEU A 1363 6.00 38.28 51.05
C LEU A 1363 4.55 38.65 50.72
N ASP A 1364 3.72 37.67 50.39
CA ASP A 1364 2.30 37.94 50.19
C ASP A 1364 1.60 38.27 51.50
N ALA A 1365 2.06 37.69 52.62
CA ALA A 1365 1.55 38.08 53.93
C ALA A 1365 1.89 39.52 54.25
N LEU A 1366 3.13 39.94 53.93
CA LEU A 1366 3.50 41.35 54.07
C LEU A 1366 2.70 42.23 53.11
N LEU A 1367 2.39 41.71 51.92
CA LEU A 1367 1.63 42.48 50.94
C LEU A 1367 0.19 42.71 51.38
N ASN A 1368 -0.46 41.70 51.94
CA ASN A 1368 -1.83 41.92 52.40
C ASN A 1368 -1.87 42.65 53.74
N GLN A 1369 -0.78 42.59 54.52
CA GLN A 1369 -0.66 43.50 55.67
C GLN A 1369 -0.52 44.94 55.21
N LEU A 1370 0.20 45.16 54.11
CA LEU A 1370 0.27 46.49 53.51
C LEU A 1370 -1.09 46.93 52.98
N LYS A 1371 -1.82 46.01 52.36
CA LYS A 1371 -3.16 46.29 51.84
C LYS A 1371 -4.17 46.55 52.95
N SER A 1372 -3.94 46.01 54.15
CA SER A 1372 -4.83 46.20 55.28
C SER A 1372 -4.82 47.61 55.85
N PHE A 1373 -3.85 48.43 55.48
CA PHE A 1373 -3.72 49.76 56.08
C PHE A 1373 -4.76 50.72 55.51
N PRO A 1374 -5.26 51.65 56.35
CA PRO A 1374 -6.29 52.60 55.87
C PRO A 1374 -5.77 53.69 54.96
N ALA A 1375 -6.65 54.62 54.59
CA ALA A 1375 -6.34 55.65 53.60
C ALA A 1375 -5.82 56.94 54.21
N ARG A 1376 -5.70 57.02 55.54
CA ARG A 1376 -5.13 58.21 56.17
C ARG A 1376 -3.63 58.29 55.94
N LEU A 1377 -2.97 57.13 55.81
CA LEU A 1377 -1.53 57.05 55.61
C LEU A 1377 -1.12 56.92 54.16
N ARG A 1378 -2.07 57.02 53.22
CA ARG A 1378 -1.77 56.84 51.80
C ARG A 1378 -1.12 58.06 51.17
N GLN A 1379 -1.03 59.19 51.89
CA GLN A 1379 -0.40 60.39 51.36
C GLN A 1379 1.03 60.56 51.83
N TYR A 1380 1.44 59.87 52.89
CA TYR A 1380 2.79 59.97 53.41
C TYR A 1380 3.77 59.22 52.50
N ALA A 1381 5.01 59.71 52.47
CA ALA A 1381 6.01 59.15 51.58
C ALA A 1381 6.55 57.81 52.06
N SER A 1382 6.52 57.56 53.36
CA SER A 1382 7.14 56.36 53.92
C SER A 1382 6.37 55.10 53.55
N TYR A 1383 5.03 55.15 53.61
CA TYR A 1383 4.21 54.00 53.27
C TYR A 1383 4.34 53.63 51.80
N GLU A 1384 4.33 54.62 50.90
CA GLU A 1384 4.46 54.31 49.48
C GLU A 1384 5.88 53.92 49.12
N PHE A 1385 6.87 54.41 49.86
CA PHE A 1385 8.26 53.98 49.67
C PHE A 1385 8.42 52.50 50.03
N VAL A 1386 7.85 52.10 51.17
CA VAL A 1386 7.86 50.68 51.55
C VAL A 1386 7.00 49.86 50.58
N GLN A 1387 5.92 50.46 50.05
CA GLN A 1387 5.06 49.76 49.10
C GLN A 1387 5.77 49.48 47.78
N ARG A 1388 6.51 50.44 47.24
CA ARG A 1388 7.29 50.17 46.03
C ARG A 1388 8.51 49.30 46.30
N LEU A 1389 9.03 49.31 47.54
CA LEU A 1389 10.05 48.32 47.91
C LEU A 1389 9.49 46.90 47.86
N LEU A 1390 8.28 46.71 48.39
CA LEU A 1390 7.65 45.38 48.32
C LEU A 1390 7.22 45.03 46.90
N LYS A 1391 6.89 46.03 46.09
CA LYS A 1391 6.63 45.80 44.67
C LYS A 1391 7.89 45.32 43.95
N GLY A 1392 9.03 45.93 44.25
CA GLY A 1392 10.29 45.43 43.71
C GLY A 1392 10.61 44.03 44.19
N TYR A 1393 10.28 43.74 45.45
CA TYR A 1393 10.54 42.41 46.00
C TYR A 1393 9.67 41.34 45.35
N MET A 1394 8.37 41.61 45.14
CA MET A 1394 7.58 40.58 44.49
C MET A 1394 7.78 40.56 43.00
N LYS A 1395 8.39 41.61 42.43
CA LYS A 1395 8.88 41.52 41.06
C LYS A 1395 10.08 40.59 40.96
N ILE A 1396 11.01 40.66 41.92
CA ILE A 1396 12.23 39.85 41.86
C ILE A 1396 12.03 38.52 42.58
N ASN A 1397 10.80 38.23 43.00
CA ASN A 1397 10.49 36.94 43.63
C ASN A 1397 10.75 35.76 42.69
N MET A 1398 10.41 35.91 41.39
CA MET A 1398 10.70 34.85 40.43
C MET A 1398 12.20 34.70 40.19
N LEU A 1399 12.94 35.81 40.21
CA LEU A 1399 14.39 35.72 40.07
C LEU A 1399 15.00 35.05 41.29
N VAL A 1400 14.42 35.26 42.46
CA VAL A 1400 14.87 34.56 43.67
C VAL A 1400 14.57 33.06 43.56
N ILE A 1401 13.35 32.71 43.13
CA ILE A 1401 12.94 31.32 43.03
C ILE A 1401 13.69 30.58 41.92
N GLU A 1402 14.28 31.31 40.96
CA GLU A 1402 15.16 30.69 40.00
C GLU A 1402 16.63 30.70 40.44
N LEU A 1403 17.03 31.66 41.26
CA LEU A 1403 18.38 31.65 41.81
C LEU A 1403 18.55 30.59 42.87
N LYS A 1404 17.47 30.10 43.46
CA LYS A 1404 17.52 29.01 44.42
C LYS A 1404 17.48 27.64 43.76
N SER A 1405 17.55 27.58 42.43
CA SER A 1405 17.55 26.32 41.72
C SER A 1405 18.85 25.54 41.96
N GLU A 1406 18.78 24.23 41.77
CA GLU A 1406 19.92 23.35 41.97
C GLU A 1406 20.90 23.40 40.81
N ALA A 1407 20.56 24.05 39.70
CA ALA A 1407 21.44 24.09 38.54
C ALA A 1407 22.63 25.02 38.77
N LEU A 1408 22.47 26.05 39.58
CA LEU A 1408 23.54 27.00 39.82
C LEU A 1408 24.55 26.42 40.78
N LYS A 1409 25.82 26.46 40.40
CA LYS A 1409 26.92 25.95 41.20
C LYS A 1409 27.85 27.09 41.59
N ASP A 1410 28.98 26.74 42.20
CA ASP A 1410 29.93 27.73 42.69
C ASP A 1410 30.60 28.50 41.55
N ARG A 1411 30.73 27.88 40.37
CA ARG A 1411 31.30 28.56 39.22
C ARG A 1411 30.42 29.72 38.77
N HIS A 1412 29.11 29.50 38.70
CA HIS A 1412 28.20 30.57 38.32
C HIS A 1412 28.07 31.62 39.40
N TRP A 1413 28.28 31.24 40.67
CA TRP A 1413 28.38 32.23 41.73
C TRP A 1413 29.64 33.08 41.57
N LYS A 1414 30.73 32.47 41.10
CA LYS A 1414 31.93 33.25 40.80
C LYS A 1414 31.72 34.19 39.62
N GLN A 1415 30.96 33.76 38.61
CA GLN A 1415 30.64 34.68 37.51
C GLN A 1415 29.70 35.80 37.97
N LEU A 1416 28.83 35.51 38.94
CA LEU A 1416 27.99 36.56 39.52
C LEU A 1416 28.82 37.55 40.32
N MET A 1417 29.85 37.07 41.02
CA MET A 1417 30.88 37.94 41.58
C MET A 1417 31.58 38.76 40.51
N LYS A 1418 31.89 38.16 39.37
CA LYS A 1418 32.69 38.85 38.36
C LYS A 1418 31.91 39.96 37.68
N ARG A 1419 30.63 39.72 37.39
CA ARG A 1419 29.84 40.73 36.69
C ARG A 1419 29.08 41.65 37.64
N LEU A 1420 28.85 41.24 38.89
CA LEU A 1420 28.11 42.05 39.84
C LEU A 1420 28.99 42.91 40.73
N HIS A 1421 30.32 42.67 40.72
CA HIS A 1421 31.33 43.48 41.39
C HIS A 1421 31.16 43.53 42.90
N VAL A 1422 30.17 44.30 43.35
CA VAL A 1422 29.93 44.59 44.76
C VAL A 1422 29.34 43.38 45.48
N ASN A 1423 29.24 43.50 46.81
CA ASN A 1423 28.69 42.49 47.72
C ASN A 1423 29.51 41.20 47.67
N TRP A 1424 30.73 41.32 48.17
CA TRP A 1424 31.63 40.18 48.33
C TRP A 1424 31.05 39.20 49.33
N VAL A 1425 30.55 38.07 48.85
CA VAL A 1425 29.90 37.07 49.68
C VAL A 1425 30.81 35.87 49.81
N VAL A 1426 30.99 35.42 51.05
CA VAL A 1426 31.89 34.30 51.35
C VAL A 1426 31.11 32.98 51.42
N SER A 1427 29.92 32.96 50.80
CA SER A 1427 28.92 31.88 50.87
C SER A 1427 28.46 31.64 52.31
N GLU A 1428 28.46 32.69 53.13
CA GLU A 1428 27.65 32.66 54.34
C GLU A 1428 26.19 32.92 53.99
N LEU A 1429 25.95 33.60 52.87
CA LEU A 1429 24.70 33.61 52.11
C LEU A 1429 23.53 34.15 52.94
N THR A 1430 23.61 35.44 53.24
CA THR A 1430 22.47 36.15 53.79
C THR A 1430 21.52 36.54 52.66
N LEU A 1431 20.23 36.66 52.99
CA LEU A 1431 19.24 37.05 51.99
C LEU A 1431 19.33 38.54 51.69
N GLY A 1432 19.70 39.35 52.69
CA GLY A 1432 19.70 40.80 52.51
C GLY A 1432 20.75 41.27 51.53
N GLN A 1433 21.93 40.65 51.55
CA GLN A 1433 23.00 41.03 50.62
C GLN A 1433 22.67 40.62 49.18
N ILE A 1434 21.91 39.54 49.01
CA ILE A 1434 21.44 39.20 47.67
C ILE A 1434 20.32 40.14 47.25
N TRP A 1435 19.50 40.59 48.20
CA TRP A 1435 18.34 41.41 47.88
C TRP A 1435 18.71 42.86 47.57
N ASP A 1436 19.76 43.41 48.20
CA ASP A 1436 20.00 44.84 48.05
C ASP A 1436 20.59 45.20 46.69
N VAL A 1437 21.26 44.25 46.04
CA VAL A 1437 21.74 44.51 44.69
C VAL A 1437 20.55 44.58 43.74
N ASP A 1438 20.71 45.35 42.66
CA ASP A 1438 19.58 45.71 41.82
C ASP A 1438 19.27 44.55 40.88
N LEU A 1439 18.47 43.60 41.37
CA LEU A 1439 18.04 42.47 40.55
C LEU A 1439 17.11 42.87 39.42
N GLN A 1440 16.38 43.98 39.57
CA GLN A 1440 15.52 44.45 38.49
C GLN A 1440 16.32 45.15 37.39
N LYS A 1441 17.32 45.94 37.75
CA LYS A 1441 18.15 46.60 36.74
C LYS A 1441 19.08 45.61 36.06
N ASN A 1442 19.74 44.75 36.83
CA ASN A 1442 20.66 43.76 36.28
C ASN A 1442 19.91 42.44 36.06
N GLU A 1443 18.96 42.48 35.13
CA GLU A 1443 18.15 41.31 34.82
C GLU A 1443 18.82 40.44 33.76
N ALA A 1444 19.38 41.06 32.72
CA ALA A 1444 20.01 40.30 31.64
C ALA A 1444 21.25 39.57 32.12
N ILE A 1445 21.93 40.10 33.13
CA ILE A 1445 23.11 39.47 33.69
C ILE A 1445 22.77 38.13 34.32
N VAL A 1446 21.76 38.13 35.20
CA VAL A 1446 21.38 36.87 35.84
C VAL A 1446 20.64 35.96 34.86
N LYS A 1447 20.01 36.51 33.83
CA LYS A 1447 19.46 35.66 32.76
C LYS A 1447 20.57 34.89 32.05
N ASP A 1448 21.67 35.57 31.72
CA ASP A 1448 22.79 34.89 31.08
C ASP A 1448 23.44 33.88 32.01
N VAL A 1449 23.55 34.21 33.30
CA VAL A 1449 24.14 33.29 34.28
C VAL A 1449 23.27 32.04 34.43
N LEU A 1450 21.95 32.21 34.50
CA LEU A 1450 21.07 31.05 34.64
C LEU A 1450 21.01 30.23 33.35
N LEU A 1451 21.14 30.87 32.19
CA LEU A 1451 21.21 30.13 30.93
C LEU A 1451 22.46 29.26 30.87
N VAL A 1452 23.60 29.82 31.28
CA VAL A 1452 24.85 29.08 31.33
C VAL A 1452 24.75 27.93 32.32
N ALA A 1453 24.17 28.19 33.49
CA ALA A 1453 24.00 27.15 34.51
C ALA A 1453 23.04 26.05 34.05
N GLN A 1454 22.02 26.41 33.27
CA GLN A 1454 21.11 25.42 32.69
C GLN A 1454 21.85 24.50 31.73
N GLY A 1455 22.70 25.08 30.88
CA GLY A 1455 23.51 24.26 29.98
C GLY A 1455 24.49 23.35 30.71
N GLU A 1456 25.14 23.89 31.75
CA GLU A 1456 26.09 23.09 32.53
C GLU A 1456 25.40 21.95 33.26
N MET A 1457 24.20 22.21 33.80
CA MET A 1457 23.46 21.16 34.50
C MET A 1457 22.98 20.08 33.54
N ALA A 1458 22.56 20.48 32.33
CA ALA A 1458 22.20 19.52 31.30
C ALA A 1458 23.37 18.61 30.94
N LEU A 1459 24.54 19.21 30.75
CA LEU A 1459 25.73 18.46 30.38
C LEU A 1459 26.16 17.52 31.50
N GLU A 1460 26.13 18.03 32.74
CA GLU A 1460 26.57 17.25 33.89
C GLU A 1460 25.65 16.08 34.15
N GLU A 1461 24.34 16.27 33.95
CA GLU A 1461 23.44 15.14 34.13
C GLU A 1461 23.54 14.13 32.99
N PHE A 1462 23.91 14.59 31.79
CA PHE A 1462 24.21 13.64 30.72
C PHE A 1462 25.45 12.80 31.04
N LEU A 1463 26.47 13.42 31.62
CA LEU A 1463 27.66 12.68 32.01
C LEU A 1463 27.37 11.74 33.18
N LYS A 1464 26.47 12.15 34.09
CA LYS A 1464 26.01 11.27 35.16
C LYS A 1464 25.28 10.04 34.60
N GLN A 1465 24.45 10.25 33.57
CA GLN A 1465 23.77 9.14 32.92
C GLN A 1465 24.75 8.20 32.24
N ILE A 1466 25.80 8.76 31.62
CA ILE A 1466 26.85 7.94 31.00
C ILE A 1466 27.53 7.06 32.05
N ARG A 1467 27.94 7.66 33.17
CA ARG A 1467 28.64 6.93 34.21
C ARG A 1467 27.75 5.87 34.85
N GLU A 1468 26.48 6.21 35.11
CA GLU A 1468 25.56 5.26 35.73
C GLU A 1468 25.25 4.09 34.80
N VAL A 1469 25.02 4.36 33.51
CA VAL A 1469 24.66 3.29 32.58
C VAL A 1469 25.86 2.38 32.32
N TRP A 1470 27.03 2.96 32.04
CA TRP A 1470 28.14 2.11 31.64
C TRP A 1470 28.93 1.54 32.80
N ASN A 1471 28.79 2.10 34.01
CA ASN A 1471 29.48 1.50 35.14
C ASN A 1471 28.76 0.27 35.68
N THR A 1472 27.50 0.06 35.30
CA THR A 1472 26.70 -1.05 35.80
C THR A 1472 26.28 -2.02 34.71
N TYR A 1473 26.80 -1.88 33.49
CA TYR A 1473 26.41 -2.77 32.40
C TYR A 1473 27.04 -4.14 32.57
N GLU A 1474 26.24 -5.18 32.29
CA GLU A 1474 26.64 -6.56 32.52
C GLU A 1474 26.48 -7.35 31.24
N LEU A 1475 27.45 -8.21 30.95
CA LEU A 1475 27.39 -9.08 29.78
C LEU A 1475 26.52 -10.29 30.09
N ASP A 1476 25.39 -10.42 29.39
CA ASP A 1476 24.52 -11.57 29.59
C ASP A 1476 25.15 -12.81 28.98
N LEU A 1477 25.15 -13.90 29.74
CA LEU A 1477 25.81 -15.14 29.35
C LEU A 1477 24.79 -16.26 29.25
N VAL A 1478 24.80 -16.97 28.13
CA VAL A 1478 23.88 -18.08 27.89
C VAL A 1478 24.69 -19.34 27.66
N ASN A 1479 24.10 -20.47 28.02
CA ASN A 1479 24.82 -21.74 27.91
C ASN A 1479 24.94 -22.17 26.45
N TYR A 1480 25.93 -23.02 26.17
CA TYR A 1480 26.15 -23.56 24.84
C TYR A 1480 26.51 -25.04 25.02
N GLN A 1481 25.50 -25.89 24.84
CA GLN A 1481 25.59 -27.35 24.68
C GLN A 1481 26.26 -28.03 25.87
N ASN A 1482 26.21 -27.40 27.04
CA ASN A 1482 26.99 -27.75 28.24
C ASN A 1482 28.49 -27.86 27.92
N LYS A 1483 28.96 -27.04 26.98
CA LYS A 1483 30.35 -26.94 26.60
C LYS A 1483 30.94 -25.59 26.94
N CYS A 1484 30.18 -24.51 26.74
CA CYS A 1484 30.72 -23.17 26.93
C CYS A 1484 29.60 -22.25 27.38
N ARG A 1485 29.94 -20.98 27.60
CA ARG A 1485 28.99 -19.96 28.03
C ARG A 1485 29.20 -18.70 27.17
N LEU A 1486 28.38 -18.58 26.13
CA LEU A 1486 28.54 -17.53 25.14
C LEU A 1486 27.84 -16.25 25.58
N ILE A 1487 28.02 -15.20 24.79
CA ILE A 1487 27.47 -13.87 25.06
C ILE A 1487 26.27 -13.64 24.15
N ARG A 1488 25.13 -13.28 24.74
CA ARG A 1488 23.91 -13.01 24.00
C ARG A 1488 23.59 -11.52 24.10
N GLY A 1489 23.13 -10.95 22.99
CA GLY A 1489 22.64 -9.58 23.00
C GLY A 1489 23.62 -8.56 22.47
N TRP A 1490 24.20 -8.84 21.30
CA TRP A 1490 25.12 -7.91 20.69
C TRP A 1490 24.43 -6.66 20.17
N ASP A 1491 23.15 -6.78 19.79
CA ASP A 1491 22.47 -5.68 19.09
C ASP A 1491 22.19 -4.51 20.03
N ASP A 1492 21.68 -4.79 21.22
CA ASP A 1492 21.40 -3.72 22.19
C ASP A 1492 22.68 -3.09 22.71
N LEU A 1493 23.72 -3.91 22.93
CA LEU A 1493 25.01 -3.39 23.38
C LEU A 1493 25.64 -2.50 22.32
N PHE A 1494 25.62 -2.93 21.06
CA PHE A 1494 26.18 -2.12 19.97
C PHE A 1494 25.36 -0.87 19.74
N ASN A 1495 24.04 -0.94 19.94
CA ASN A 1495 23.20 0.24 19.86
C ASN A 1495 23.57 1.24 20.95
N LYS A 1496 23.83 0.75 22.16
CA LYS A 1496 24.24 1.62 23.25
C LYS A 1496 25.60 2.26 22.98
N VAL A 1497 26.55 1.48 22.46
CA VAL A 1497 27.89 2.01 22.18
C VAL A 1497 27.84 3.07 21.07
N LYS A 1498 27.07 2.79 20.01
CA LYS A 1498 26.93 3.74 18.90
C LYS A 1498 26.22 5.01 19.36
N GLU A 1499 25.16 4.85 20.18
CA GLU A 1499 24.41 5.97 20.71
C GLU A 1499 25.29 6.86 21.58
N HIS A 1500 26.09 6.26 22.45
CA HIS A 1500 26.94 7.03 23.35
C HIS A 1500 28.11 7.67 22.61
N ILE A 1501 28.68 6.98 21.62
CA ILE A 1501 29.83 7.52 20.91
C ILE A 1501 29.41 8.68 20.01
N ASN A 1502 28.26 8.54 19.34
CA ASN A 1502 27.71 9.67 18.58
C ASN A 1502 27.29 10.82 19.48
N SER A 1503 26.83 10.51 20.71
CA SER A 1503 26.50 11.58 21.64
C SER A 1503 27.74 12.32 22.12
N VAL A 1504 28.86 11.62 22.30
CA VAL A 1504 30.11 12.30 22.66
C VAL A 1504 30.62 13.12 21.47
N SER A 1505 30.41 12.63 20.25
CA SER A 1505 30.76 13.41 19.06
C SER A 1505 29.95 14.70 18.97
N ALA A 1506 28.66 14.64 19.29
CA ALA A 1506 27.85 15.86 19.35
C ALA A 1506 28.14 16.69 20.58
N MET A 1507 28.62 16.06 21.66
CA MET A 1507 29.12 16.76 22.84
C MET A 1507 30.28 17.68 22.53
N LYS A 1508 31.21 17.20 21.70
CA LYS A 1508 32.37 18.04 21.37
C LYS A 1508 32.00 19.23 20.50
N LEU A 1509 30.80 19.26 19.90
CA LEU A 1509 30.29 20.40 19.17
C LEU A 1509 29.51 21.38 20.05
N SER A 1510 29.24 21.03 21.31
CA SER A 1510 28.42 21.85 22.19
C SER A 1510 29.18 23.08 22.67
N PRO A 1511 28.48 24.20 22.92
CA PRO A 1511 29.18 25.41 23.40
C PRO A 1511 29.69 25.30 24.83
N TYR A 1512 29.11 24.44 25.66
CA TYR A 1512 29.47 24.36 27.08
C TYR A 1512 30.56 23.34 27.35
N TYR A 1513 31.44 23.12 26.39
CA TYR A 1513 32.24 21.90 26.30
C TYR A 1513 33.50 21.91 27.16
N LYS A 1514 34.05 23.09 27.48
CA LYS A 1514 35.42 23.17 27.96
C LYS A 1514 35.59 22.65 29.39
N VAL A 1515 34.68 23.03 30.29
CA VAL A 1515 34.87 22.87 31.73
C VAL A 1515 34.92 21.40 32.15
N PHE A 1516 34.29 20.53 31.37
CA PHE A 1516 34.24 19.10 31.63
C PHE A 1516 35.13 18.31 30.69
N GLU A 1517 35.89 19.03 29.84
CA GLU A 1517 36.34 18.52 28.54
C GLU A 1517 37.14 17.24 28.66
N GLU A 1518 38.21 17.26 29.47
CA GLU A 1518 39.13 16.13 29.55
C GLU A 1518 38.43 14.89 30.10
N ASP A 1519 37.45 15.09 31.00
CA ASP A 1519 36.70 13.97 31.55
C ASP A 1519 35.94 13.24 30.46
N ALA A 1520 35.28 14.03 29.58
CA ALA A 1520 34.57 13.44 28.45
C ALA A 1520 35.54 12.72 27.53
N LEU A 1521 36.74 13.30 27.35
CA LEU A 1521 37.78 12.69 26.53
C LEU A 1521 38.17 11.33 27.08
N SER A 1522 38.31 11.23 28.42
CA SER A 1522 38.65 9.96 29.03
C SER A 1522 37.56 8.94 28.79
N TRP A 1523 36.29 9.37 28.95
CA TRP A 1523 35.17 8.49 28.68
C TRP A 1523 35.11 8.11 27.21
N GLU A 1524 35.43 9.08 26.34
CA GLU A 1524 35.46 8.83 24.90
C GLU A 1524 36.49 7.77 24.58
N ASP A 1525 37.67 7.85 25.23
CA ASP A 1525 38.71 6.85 25.05
C ASP A 1525 38.20 5.49 25.48
N LYS A 1526 37.57 5.44 26.66
CA LYS A 1526 37.03 4.19 27.18
C LYS A 1526 35.93 3.67 26.28
N LEU A 1527 35.09 4.59 25.76
CA LEU A 1527 34.00 4.20 24.88
C LEU A 1527 34.53 3.57 23.61
N ASN A 1528 35.60 4.18 23.05
CA ASN A 1528 36.17 3.67 21.82
C ASN A 1528 36.80 2.32 22.06
N ARG A 1529 37.39 2.14 23.25
CA ARG A 1529 38.05 0.89 23.58
C ARG A 1529 37.03 -0.23 23.65
N ILE A 1530 35.82 0.09 24.14
CA ILE A 1530 34.76 -0.92 24.23
C ILE A 1530 34.39 -1.40 22.84
N MET A 1531 34.26 -0.46 21.89
CA MET A 1531 33.97 -0.84 20.52
C MET A 1531 35.13 -1.63 19.92
N ALA A 1532 36.36 -1.23 20.27
CA ALA A 1532 37.54 -1.91 19.78
C ALA A 1532 37.68 -3.31 20.35
N LEU A 1533 36.95 -3.63 21.42
CA LEU A 1533 36.88 -5.02 21.82
C LEU A 1533 35.79 -5.75 21.03
N PHE A 1534 34.59 -5.19 20.99
CA PHE A 1534 33.43 -6.01 20.66
C PHE A 1534 33.25 -6.22 19.17
N ASP A 1535 33.77 -5.31 18.33
CA ASP A 1535 33.86 -5.58 16.90
C ASP A 1535 34.77 -6.76 16.63
N VAL A 1536 35.79 -6.96 17.46
CA VAL A 1536 36.56 -8.20 17.38
C VAL A 1536 35.72 -9.37 17.87
N TRP A 1537 34.93 -9.15 18.95
CA TRP A 1537 34.41 -10.25 19.76
C TRP A 1537 33.42 -11.11 18.98
N ILE A 1538 32.49 -10.46 18.27
CA ILE A 1538 31.52 -11.17 17.44
C ILE A 1538 32.24 -12.04 16.41
N ASP A 1539 33.33 -11.52 15.84
CA ASP A 1539 34.14 -12.28 14.91
C ASP A 1539 34.71 -13.52 15.58
N VAL A 1540 35.37 -13.36 16.73
CA VAL A 1540 35.96 -14.53 17.38
C VAL A 1540 34.87 -15.35 18.06
N GLN A 1541 33.66 -14.79 18.18
CA GLN A 1541 32.52 -15.66 18.45
C GLN A 1541 32.18 -16.47 17.21
N ARG A 1542 31.77 -15.77 16.14
CA ARG A 1542 30.89 -16.35 15.12
C ARG A 1542 31.55 -17.49 14.38
N ARG A 1543 32.75 -17.22 13.82
CA ARG A 1543 33.48 -18.22 13.06
C ARG A 1543 33.82 -19.42 13.91
N TRP A 1544 34.16 -19.18 15.20
CA TRP A 1544 34.47 -20.27 16.11
C TRP A 1544 33.28 -21.20 16.27
N VAL A 1545 32.09 -20.63 16.44
CA VAL A 1545 30.86 -21.41 16.51
C VAL A 1545 30.66 -22.17 15.20
N TYR A 1546 30.88 -21.47 14.08
CA TYR A 1546 30.79 -22.09 12.76
C TYR A 1546 31.82 -23.18 12.61
N LEU A 1547 33.04 -22.94 13.13
CA LEU A 1547 34.09 -23.94 13.04
C LEU A 1547 33.74 -25.15 13.89
N GLU A 1548 33.09 -24.92 15.04
CA GLU A 1548 32.65 -26.04 15.85
C GLU A 1548 31.61 -26.86 15.11
N GLY A 1549 30.73 -26.17 14.36
CA GLY A 1549 29.72 -26.81 13.54
C GLY A 1549 30.27 -27.66 12.43
N ILE A 1550 31.56 -27.51 12.11
CA ILE A 1550 32.23 -28.42 11.20
C ILE A 1550 33.15 -29.39 11.94
N PHE A 1551 33.77 -28.96 13.04
CA PHE A 1551 34.80 -29.79 13.66
C PHE A 1551 34.30 -30.67 14.77
N THR A 1552 32.98 -30.70 15.01
CA THR A 1552 32.39 -31.62 15.97
C THR A 1552 31.16 -32.33 15.42
N GLY A 1553 30.47 -31.77 14.42
CA GLY A 1553 29.29 -32.42 13.87
C GLY A 1553 29.60 -33.72 13.15
N SER A 1554 30.65 -33.73 12.33
CA SER A 1554 31.09 -34.92 11.62
C SER A 1554 32.47 -35.31 12.14
N ALA A 1555 32.66 -36.61 12.40
CA ALA A 1555 33.86 -37.07 13.07
C ALA A 1555 35.03 -37.33 12.13
N ASP A 1556 34.82 -37.33 10.82
CA ASP A 1556 35.88 -37.66 9.88
C ASP A 1556 36.52 -36.44 9.22
N ILE A 1557 36.07 -35.23 9.57
CA ILE A 1557 36.70 -34.03 9.06
C ILE A 1557 38.08 -33.83 9.69
N LYS A 1558 38.29 -34.38 10.89
CA LYS A 1558 39.56 -34.22 11.59
C LYS A 1558 40.69 -34.96 10.87
N HIS A 1559 40.40 -36.13 10.31
CA HIS A 1559 41.46 -36.90 9.64
C HIS A 1559 41.82 -36.30 8.29
N LEU A 1560 40.90 -35.56 7.67
CA LEU A 1560 41.21 -34.91 6.40
C LEU A 1560 42.08 -33.66 6.59
N LEU A 1561 41.91 -32.96 7.71
CA LEU A 1561 42.66 -31.73 8.00
C LEU A 1561 43.31 -31.88 9.37
N PRO A 1562 44.44 -32.59 9.45
CA PRO A 1562 45.04 -32.81 10.78
C PRO A 1562 45.71 -31.58 11.36
N VAL A 1563 46.37 -30.79 10.52
CA VAL A 1563 47.02 -29.55 10.97
C VAL A 1563 45.99 -28.56 11.46
N GLU A 1564 44.89 -28.41 10.71
CA GLU A 1564 43.81 -27.53 11.14
C GLU A 1564 43.10 -28.08 12.39
N THR A 1565 43.09 -29.40 12.56
CA THR A 1565 42.50 -29.97 13.77
C THR A 1565 43.33 -29.65 15.01
N GLN A 1566 44.67 -29.79 14.91
CA GLN A 1566 45.54 -29.44 16.03
C GLN A 1566 45.49 -27.94 16.32
N GLU A 1567 45.46 -27.12 15.26
CA GLU A 1567 45.37 -25.68 15.40
C GLU A 1567 44.06 -25.26 16.06
N PHE A 1568 42.94 -25.87 15.64
CA PHE A 1568 41.66 -25.53 16.24
C PHE A 1568 41.54 -26.09 17.65
N GLN A 1569 42.25 -27.18 17.96
CA GLN A 1569 42.29 -27.67 19.34
C GLN A 1569 42.97 -26.65 20.25
N SER A 1570 44.11 -26.11 19.81
CA SER A 1570 44.80 -25.07 20.60
C SER A 1570 43.95 -23.80 20.72
N ILE A 1571 43.31 -23.39 19.62
CA ILE A 1571 42.48 -22.19 19.63
C ILE A 1571 41.25 -22.37 20.51
N SER A 1572 40.66 -23.57 20.48
CA SER A 1572 39.51 -23.87 21.34
C SER A 1572 39.89 -23.88 22.80
N THR A 1573 41.09 -24.41 23.12
CA THR A 1573 41.59 -24.38 24.51
C THR A 1573 41.78 -22.95 25.00
N GLU A 1574 42.39 -22.10 24.16
CA GLU A 1574 42.59 -20.71 24.53
C GLU A 1574 41.27 -19.96 24.68
N PHE A 1575 40.32 -20.24 23.80
CA PHE A 1575 39.04 -19.53 23.85
C PHE A 1575 38.20 -19.98 25.03
N LEU A 1576 38.26 -21.27 25.40
CA LEU A 1576 37.51 -21.70 26.57
C LEU A 1576 38.15 -21.17 27.86
N ALA A 1577 39.47 -21.07 27.91
CA ALA A 1577 40.11 -20.45 29.07
C ALA A 1577 39.76 -18.98 29.20
N LEU A 1578 39.75 -18.26 28.07
CA LEU A 1578 39.37 -16.85 28.07
C LEU A 1578 37.89 -16.69 28.44
N MET A 1579 37.03 -17.59 27.95
CA MET A 1579 35.61 -17.46 28.26
C MET A 1579 35.32 -17.83 29.70
N LYS A 1580 36.11 -18.73 30.28
CA LYS A 1580 36.01 -19.00 31.71
C LYS A 1580 36.45 -17.80 32.52
N LYS A 1581 37.49 -17.09 32.07
CA LYS A 1581 37.92 -15.87 32.75
C LYS A 1581 36.87 -14.77 32.65
N VAL A 1582 36.21 -14.67 31.49
CA VAL A 1582 35.16 -13.67 31.29
C VAL A 1582 33.93 -14.02 32.13
N SER A 1583 33.58 -15.30 32.20
CA SER A 1583 32.42 -15.73 32.97
C SER A 1583 32.62 -15.60 34.47
N LYS A 1584 33.86 -15.42 34.92
CA LYS A 1584 34.11 -15.09 36.32
C LYS A 1584 33.55 -13.72 36.68
N SER A 1585 33.63 -12.77 35.76
CA SER A 1585 33.19 -11.40 36.01
C SER A 1585 32.49 -10.85 34.78
N PRO A 1586 31.15 -10.83 34.78
CA PRO A 1586 30.41 -10.32 33.62
C PRO A 1586 30.26 -8.81 33.56
N LEU A 1587 30.95 -8.07 34.43
CA LEU A 1587 30.95 -6.62 34.34
C LEU A 1587 31.72 -6.18 33.10
N VAL A 1588 31.18 -5.18 32.40
CA VAL A 1588 31.75 -4.73 31.13
C VAL A 1588 33.13 -4.12 31.34
N MET A 1589 33.28 -3.28 32.37
CA MET A 1589 34.57 -2.69 32.67
C MET A 1589 35.57 -3.71 33.19
N ASP A 1590 35.11 -4.83 33.73
CA ASP A 1590 36.02 -5.90 34.11
C ASP A 1590 36.53 -6.65 32.88
N VAL A 1591 35.66 -6.85 31.88
CA VAL A 1591 36.09 -7.41 30.61
C VAL A 1591 37.05 -6.47 29.90
N LEU A 1592 36.83 -5.16 30.02
CA LEU A 1592 37.74 -4.19 29.44
C LEU A 1592 39.07 -4.09 30.18
N ASN A 1593 39.19 -4.67 31.38
CA ASN A 1593 40.38 -4.52 32.19
C ASN A 1593 41.17 -5.83 32.34
N ILE A 1594 40.91 -6.82 31.49
CA ILE A 1594 41.75 -8.01 31.50
C ILE A 1594 43.09 -7.68 30.85
N GLN A 1595 44.15 -8.31 31.35
CA GLN A 1595 45.49 -8.02 30.87
C GLN A 1595 45.72 -8.65 29.51
N GLY A 1596 46.01 -7.81 28.51
CA GLY A 1596 46.33 -8.27 27.17
C GLY A 1596 45.18 -8.94 26.44
N VAL A 1597 43.95 -8.47 26.66
CA VAL A 1597 42.81 -9.16 26.08
C VAL A 1597 42.63 -8.82 24.60
N GLN A 1598 42.99 -7.60 24.18
CA GLN A 1598 42.74 -7.16 22.81
C GLN A 1598 43.69 -7.85 21.83
N ARG A 1599 44.96 -7.95 22.20
CA ARG A 1599 45.94 -8.66 21.38
C ARG A 1599 45.59 -10.14 21.26
N SER A 1600 45.14 -10.75 22.36
CA SER A 1600 44.74 -12.15 22.33
C SER A 1600 43.50 -12.37 21.47
N LEU A 1601 42.53 -11.45 21.53
CA LEU A 1601 41.34 -11.56 20.70
C LEU A 1601 41.66 -11.40 19.22
N GLU A 1602 42.56 -10.46 18.88
CA GLU A 1602 42.95 -10.29 17.48
C GLU A 1602 43.74 -11.49 16.97
N ARG A 1603 44.59 -12.07 17.83
CA ARG A 1603 45.33 -13.27 17.47
C ARG A 1603 44.40 -14.45 17.24
N LEU A 1604 43.39 -14.61 18.10
CA LEU A 1604 42.41 -15.68 17.93
C LEU A 1604 41.58 -15.48 16.68
N ALA A 1605 41.22 -14.22 16.37
CA ALA A 1605 40.46 -13.92 15.17
C ALA A 1605 41.27 -14.23 13.92
N ASP A 1606 42.57 -13.90 13.93
CA ASP A 1606 43.44 -14.22 12.79
C ASP A 1606 43.59 -15.73 12.62
N LEU A 1607 43.73 -16.46 13.73
CA LEU A 1607 43.89 -17.91 13.63
C LEU A 1607 42.62 -18.60 13.14
N LEU A 1608 41.46 -18.13 13.62
CA LEU A 1608 40.18 -18.67 13.15
C LEU A 1608 39.93 -18.34 11.69
N GLY A 1609 40.34 -17.14 11.25
CA GLY A 1609 40.25 -16.81 9.84
C GLY A 1609 41.15 -17.66 8.98
N GLU A 1610 42.33 -18.03 9.51
CA GLU A 1610 43.23 -18.92 8.79
C GLU A 1610 42.63 -20.32 8.63
N ILE A 1611 42.04 -20.87 9.71
CA ILE A 1611 41.40 -22.18 9.62
C ILE A 1611 40.22 -22.15 8.67
N GLN A 1612 39.41 -21.08 8.73
CA GLN A 1612 38.27 -20.95 7.83
C GLN A 1612 38.69 -20.83 6.38
N LYS A 1613 39.77 -20.09 6.10
CA LYS A 1613 40.25 -19.95 4.74
C LYS A 1613 40.80 -21.28 4.21
N ALA A 1614 41.53 -22.02 5.05
CA ALA A 1614 42.05 -23.32 4.63
C ALA A 1614 40.93 -24.32 4.37
N LEU A 1615 39.90 -24.33 5.22
CA LEU A 1615 38.79 -25.24 5.03
C LEU A 1615 37.94 -24.86 3.81
N GLY A 1616 37.75 -23.56 3.58
CA GLY A 1616 37.02 -23.13 2.41
C GLY A 1616 37.76 -23.43 1.12
N GLU A 1617 39.08 -23.30 1.13
CA GLU A 1617 39.86 -23.68 -0.04
C GLU A 1617 39.86 -25.18 -0.25
N TYR A 1618 39.83 -25.98 0.84
CA TYR A 1618 39.70 -27.42 0.70
C TYR A 1618 38.35 -27.81 0.08
N LEU A 1619 37.27 -27.16 0.52
CA LEU A 1619 35.95 -27.43 -0.04
C LEU A 1619 35.87 -26.99 -1.49
N GLU A 1620 36.51 -25.88 -1.83
CA GLU A 1620 36.51 -25.42 -3.22
C GLU A 1620 37.36 -26.33 -4.10
N ARG A 1621 38.45 -26.87 -3.57
CA ARG A 1621 39.25 -27.85 -4.30
C ARG A 1621 38.46 -29.12 -4.57
N GLU A 1622 37.71 -29.60 -3.56
CA GLU A 1622 36.88 -30.78 -3.77
C GLU A 1622 35.73 -30.50 -4.73
N ARG A 1623 35.17 -29.28 -4.68
CA ARG A 1623 34.09 -28.92 -5.59
C ARG A 1623 34.58 -28.80 -7.03
N SER A 1624 35.81 -28.32 -7.22
CA SER A 1624 36.40 -28.29 -8.55
C SER A 1624 36.89 -29.65 -9.00
N SER A 1625 37.10 -30.59 -8.07
CA SER A 1625 37.52 -31.94 -8.46
C SER A 1625 36.37 -32.70 -9.08
N PHE A 1626 35.30 -32.93 -8.31
CA PHE A 1626 34.08 -33.52 -8.84
C PHE A 1626 33.09 -32.39 -9.07
N PRO A 1627 32.72 -32.08 -10.31
CA PRO A 1627 32.00 -30.82 -10.58
C PRO A 1627 30.58 -30.78 -10.05
N ARG A 1628 29.92 -31.93 -9.89
CA ARG A 1628 28.57 -31.94 -9.37
C ARG A 1628 28.49 -31.61 -7.89
N PHE A 1629 29.64 -31.57 -7.19
CA PHE A 1629 29.69 -31.00 -5.84
C PHE A 1629 29.34 -29.52 -5.82
N TYR A 1630 29.42 -28.82 -6.96
CA TYR A 1630 28.90 -27.46 -7.02
C TYR A 1630 27.38 -27.41 -6.88
N PHE A 1631 26.68 -28.50 -7.16
CA PHE A 1631 25.22 -28.49 -7.07
C PHE A 1631 24.70 -28.77 -5.66
N VAL A 1632 25.55 -29.18 -4.73
CA VAL A 1632 25.13 -29.55 -3.40
C VAL A 1632 25.45 -28.40 -2.46
N GLY A 1633 24.73 -28.31 -1.34
CA GLY A 1633 24.94 -27.25 -0.37
C GLY A 1633 26.21 -27.45 0.44
N ASP A 1634 26.41 -26.54 1.39
CA ASP A 1634 27.65 -26.56 2.17
C ASP A 1634 27.65 -27.72 3.17
N GLU A 1635 26.72 -27.68 4.12
CA GLU A 1635 26.71 -28.66 5.21
C GLU A 1635 26.40 -30.06 4.70
N ASP A 1636 25.64 -30.16 3.60
CA ASP A 1636 25.48 -31.44 2.93
C ASP A 1636 26.81 -31.95 2.38
N LEU A 1637 27.65 -31.04 1.88
CA LEU A 1637 28.96 -31.47 1.37
C LEU A 1637 29.88 -31.90 2.50
N LEU A 1638 29.85 -31.21 3.65
CA LEU A 1638 30.60 -31.71 4.80
C LEU A 1638 30.07 -33.04 5.31
N GLU A 1639 28.75 -33.26 5.21
CA GLU A 1639 28.21 -34.57 5.54
C GLU A 1639 28.68 -35.64 4.56
N ILE A 1640 28.76 -35.30 3.27
CA ILE A 1640 29.14 -36.28 2.25
C ILE A 1640 30.60 -36.67 2.39
N ILE A 1641 31.49 -35.69 2.53
CA ILE A 1641 32.90 -36.03 2.67
C ILE A 1641 33.21 -36.58 4.06
N GLY A 1642 32.43 -36.21 5.08
CA GLY A 1642 32.63 -36.77 6.40
C GLY A 1642 32.06 -38.15 6.61
N ASN A 1643 31.28 -38.66 5.66
CA ASN A 1643 30.73 -40.00 5.79
C ASN A 1643 31.27 -40.89 4.68
N SER A 1644 32.59 -40.82 4.46
CA SER A 1644 33.22 -41.64 3.44
C SER A 1644 33.20 -43.12 3.83
N LYS A 1645 33.33 -43.42 5.11
CA LYS A 1645 33.29 -44.80 5.58
C LYS A 1645 31.87 -45.32 5.76
N ASN A 1646 30.87 -44.45 5.74
CA ASN A 1646 29.46 -44.82 5.92
C ASN A 1646 28.72 -44.38 4.67
N VAL A 1647 28.66 -45.28 3.67
CA VAL A 1647 28.15 -44.91 2.35
C VAL A 1647 26.63 -44.73 2.32
N ALA A 1648 25.89 -45.39 3.21
CA ALA A 1648 24.43 -45.33 3.18
C ALA A 1648 23.93 -43.92 3.49
N LYS A 1649 24.61 -43.22 4.39
CA LYS A 1649 24.30 -41.82 4.67
C LYS A 1649 24.54 -40.91 3.46
N LEU A 1650 25.38 -41.35 2.52
CA LEU A 1650 25.59 -40.60 1.29
C LEU A 1650 24.47 -40.83 0.28
N GLN A 1651 23.59 -41.81 0.51
CA GLN A 1651 22.65 -42.23 -0.53
C GLN A 1651 21.54 -41.22 -0.80
N LYS A 1652 21.19 -40.38 0.17
CA LYS A 1652 20.06 -39.48 -0.01
C LYS A 1652 20.40 -38.25 -0.84
N HIS A 1653 21.67 -37.99 -1.11
CA HIS A 1653 22.09 -36.79 -1.80
C HIS A 1653 22.22 -36.96 -3.31
N PHE A 1654 21.90 -38.13 -3.84
CA PHE A 1654 22.08 -38.39 -5.25
C PHE A 1654 21.03 -37.72 -6.13
N LYS A 1655 19.89 -37.33 -5.56
CA LYS A 1655 18.83 -36.76 -6.38
C LYS A 1655 19.17 -35.35 -6.86
N LYS A 1656 19.80 -34.55 -6.00
CA LYS A 1656 20.24 -33.22 -6.42
C LYS A 1656 21.45 -33.29 -7.35
N MET A 1657 22.22 -34.37 -7.28
CA MET A 1657 23.47 -34.47 -8.03
C MET A 1657 23.21 -34.87 -9.47
N PHE A 1658 22.65 -36.05 -9.68
CA PHE A 1658 22.37 -36.58 -11.00
C PHE A 1658 20.90 -36.35 -11.37
N ALA A 1659 20.59 -36.59 -12.64
CA ALA A 1659 19.24 -36.29 -13.12
C ALA A 1659 18.23 -37.32 -12.64
N GLY A 1660 18.59 -38.60 -12.68
CA GLY A 1660 17.64 -39.64 -12.30
C GLY A 1660 18.22 -40.71 -11.40
N VAL A 1661 19.53 -40.66 -11.16
CA VAL A 1661 20.19 -41.65 -10.32
C VAL A 1661 19.83 -41.33 -8.88
N SER A 1662 18.92 -42.11 -8.30
CA SER A 1662 18.42 -41.84 -6.96
C SER A 1662 19.16 -42.60 -5.88
N SER A 1663 19.94 -43.62 -6.25
CA SER A 1663 20.68 -44.43 -5.30
C SER A 1663 21.80 -45.12 -6.05
N ILE A 1664 22.60 -45.90 -5.33
CA ILE A 1664 23.64 -46.73 -5.93
C ILE A 1664 23.50 -48.14 -5.39
N ILE A 1665 23.56 -49.12 -6.28
CA ILE A 1665 23.53 -50.52 -5.88
C ILE A 1665 24.94 -50.93 -5.48
N LEU A 1666 25.09 -51.40 -4.25
CA LEU A 1666 26.40 -51.70 -3.69
C LEU A 1666 26.56 -53.20 -3.48
N ASN A 1667 27.78 -53.56 -3.11
CA ASN A 1667 28.08 -54.93 -2.71
C ASN A 1667 27.55 -55.18 -1.29
N GLU A 1668 27.64 -56.44 -0.86
CA GLU A 1668 27.24 -56.77 0.50
C GLU A 1668 28.21 -56.19 1.52
N ASP A 1669 29.49 -56.11 1.18
CA ASP A 1669 30.51 -55.55 2.06
C ASP A 1669 30.72 -54.06 1.84
N ASN A 1670 29.94 -53.44 0.95
CA ASN A 1670 30.05 -52.03 0.55
C ASN A 1670 31.45 -51.67 0.07
N SER A 1671 32.05 -52.58 -0.72
CA SER A 1671 33.36 -52.35 -1.30
C SER A 1671 33.35 -52.22 -2.81
N VAL A 1672 32.28 -52.65 -3.48
CA VAL A 1672 32.13 -52.51 -4.91
C VAL A 1672 30.79 -51.84 -5.18
N VAL A 1673 30.80 -50.80 -6.01
CA VAL A 1673 29.58 -50.16 -6.49
C VAL A 1673 29.16 -50.91 -7.75
N LEU A 1674 28.22 -51.84 -7.63
CA LEU A 1674 27.87 -52.71 -8.74
C LEU A 1674 27.03 -51.99 -9.78
N GLY A 1675 26.08 -51.16 -9.35
CA GLY A 1675 25.21 -50.51 -10.30
C GLY A 1675 24.49 -49.34 -9.66
N ILE A 1676 23.53 -48.79 -10.41
CA ILE A 1676 22.77 -47.64 -9.96
C ILE A 1676 21.29 -47.91 -10.17
N SER A 1677 20.47 -47.07 -9.55
CA SER A 1677 19.03 -47.20 -9.61
C SER A 1677 18.40 -45.84 -9.82
N SER A 1678 17.13 -45.85 -10.21
CA SER A 1678 16.33 -44.64 -10.32
C SER A 1678 15.38 -44.54 -9.14
N ARG A 1679 14.54 -43.50 -9.16
CA ARG A 1679 13.54 -43.33 -8.13
C ARG A 1679 12.44 -44.39 -8.25
N GLU A 1680 12.01 -44.68 -9.47
CA GLU A 1680 10.90 -45.58 -9.73
C GLU A 1680 11.32 -47.03 -9.83
N GLY A 1681 12.46 -47.40 -9.25
CA GLY A 1681 12.92 -48.77 -9.24
C GLY A 1681 13.66 -49.21 -10.49
N GLU A 1682 13.78 -48.35 -11.49
CA GLU A 1682 14.54 -48.67 -12.69
C GLU A 1682 16.02 -48.72 -12.36
N GLU A 1683 16.69 -49.79 -12.76
CA GLU A 1683 18.06 -50.05 -12.35
C GLU A 1683 18.93 -50.33 -13.55
N VAL A 1684 20.23 -50.09 -13.38
CA VAL A 1684 21.24 -50.44 -14.38
C VAL A 1684 22.41 -51.09 -13.65
N MET A 1685 22.77 -52.29 -14.08
CA MET A 1685 24.03 -52.88 -13.68
C MET A 1685 25.13 -52.34 -14.57
N PHE A 1686 26.29 -52.04 -13.97
CA PHE A 1686 27.41 -51.54 -14.74
C PHE A 1686 28.04 -52.67 -15.54
N LYS A 1687 28.49 -52.33 -16.76
CA LYS A 1687 29.25 -53.29 -17.56
C LYS A 1687 30.60 -53.57 -16.93
N THR A 1688 31.20 -52.56 -16.30
CA THR A 1688 32.42 -52.73 -15.51
C THR A 1688 32.15 -52.14 -14.14
N PRO A 1689 32.27 -52.90 -13.07
CA PRO A 1689 31.95 -52.37 -11.74
C PRO A 1689 33.04 -51.44 -11.23
N VAL A 1690 32.62 -50.49 -10.40
CA VAL A 1690 33.54 -49.57 -9.75
C VAL A 1690 33.95 -50.17 -8.41
N SER A 1691 35.25 -50.38 -8.23
CA SER A 1691 35.78 -50.94 -6.98
C SER A 1691 36.20 -49.79 -6.08
N ILE A 1692 35.42 -49.57 -5.02
CA ILE A 1692 35.69 -48.44 -4.12
C ILE A 1692 36.89 -48.69 -3.23
N THR A 1693 37.33 -49.94 -3.09
CA THR A 1693 38.55 -50.22 -2.34
C THR A 1693 39.78 -49.71 -3.08
N GLU A 1694 39.80 -49.86 -4.40
CA GLU A 1694 40.92 -49.36 -5.19
C GLU A 1694 40.90 -47.85 -5.31
N HIS A 1695 39.74 -47.21 -5.15
CA HIS A 1695 39.59 -45.76 -5.26
C HIS A 1695 38.86 -45.26 -4.02
N PRO A 1696 39.59 -45.12 -2.90
CA PRO A 1696 38.91 -44.78 -1.64
C PRO A 1696 38.46 -43.33 -1.55
N LYS A 1697 39.04 -42.42 -2.33
CA LYS A 1697 38.62 -41.03 -2.31
C LYS A 1697 37.22 -40.89 -2.89
N ILE A 1698 36.43 -39.99 -2.29
CA ILE A 1698 35.02 -39.84 -2.64
C ILE A 1698 34.86 -39.34 -4.08
N ASN A 1699 35.63 -38.31 -4.44
CA ASN A 1699 35.55 -37.75 -5.77
C ASN A 1699 36.05 -38.72 -6.83
N GLU A 1700 37.04 -39.57 -6.49
CA GLU A 1700 37.58 -40.53 -7.45
C GLU A 1700 36.54 -41.56 -7.86
N TRP A 1701 35.90 -42.20 -6.88
CA TRP A 1701 34.87 -43.18 -7.23
C TRP A 1701 33.61 -42.52 -7.73
N LEU A 1702 33.37 -41.24 -7.42
CA LEU A 1702 32.22 -40.56 -8.00
C LEU A 1702 32.43 -40.27 -9.49
N THR A 1703 33.62 -39.84 -9.88
CA THR A 1703 33.94 -39.70 -11.30
C THR A 1703 33.91 -41.04 -12.01
N LEU A 1704 34.37 -42.11 -11.33
CA LEU A 1704 34.32 -43.44 -11.93
C LEU A 1704 32.87 -43.91 -12.12
N VAL A 1705 31.99 -43.59 -11.16
CA VAL A 1705 30.58 -43.93 -11.27
C VAL A 1705 29.94 -43.18 -12.44
N GLU A 1706 30.25 -41.89 -12.59
CA GLU A 1706 29.70 -41.11 -13.70
C GLU A 1706 30.19 -41.64 -15.05
N LYS A 1707 31.49 -41.94 -15.15
CA LYS A 1707 32.06 -42.46 -16.39
C LYS A 1707 31.50 -43.83 -16.73
N GLU A 1708 31.35 -44.70 -15.73
CA GLU A 1708 30.82 -46.04 -16.01
C GLU A 1708 29.34 -46.01 -16.33
N MET A 1709 28.59 -45.06 -15.76
CA MET A 1709 27.19 -44.91 -16.16
C MET A 1709 27.07 -44.47 -17.61
N ARG A 1710 27.95 -43.54 -18.03
CA ARG A 1710 27.98 -43.13 -19.43
C ARG A 1710 28.36 -44.28 -20.36
N VAL A 1711 29.36 -45.07 -19.97
CA VAL A 1711 29.84 -46.20 -20.79
C VAL A 1711 28.76 -47.27 -20.91
N THR A 1712 28.11 -47.61 -19.80
CA THR A 1712 27.07 -48.63 -19.80
C THR A 1712 25.85 -48.18 -20.60
N LEU A 1713 25.48 -46.90 -20.49
CA LEU A 1713 24.37 -46.37 -21.26
C LEU A 1713 24.66 -46.41 -22.76
N ALA A 1714 25.89 -46.07 -23.16
CA ALA A 1714 26.25 -46.11 -24.58
C ALA A 1714 26.27 -47.54 -25.12
N LYS A 1715 26.85 -48.48 -24.38
CA LYS A 1715 26.92 -49.87 -24.83
C LYS A 1715 25.52 -50.50 -24.91
N LEU A 1716 24.67 -50.21 -23.93
CA LEU A 1716 23.31 -50.74 -23.94
C LEU A 1716 22.48 -50.10 -25.04
N LEU A 1717 22.73 -48.83 -25.36
CA LEU A 1717 22.06 -48.22 -26.51
C LEU A 1717 22.48 -48.88 -27.82
N ALA A 1718 23.78 -49.22 -27.93
CA ALA A 1718 24.26 -49.90 -29.13
C ALA A 1718 23.62 -51.26 -29.31
N GLU A 1719 23.54 -52.04 -28.22
CA GLU A 1719 22.91 -53.36 -28.31
C GLU A 1719 21.40 -53.24 -28.54
N SER A 1720 20.76 -52.22 -27.96
CA SER A 1720 19.32 -52.04 -28.15
C SER A 1720 18.99 -51.66 -29.58
N VAL A 1721 19.79 -50.78 -30.20
CA VAL A 1721 19.51 -50.42 -31.58
C VAL A 1721 19.86 -51.57 -32.53
N THR A 1722 20.87 -52.38 -32.18
CA THR A 1722 21.19 -53.56 -32.97
C THR A 1722 20.05 -54.58 -32.94
N GLU A 1723 19.39 -54.71 -31.79
CA GLU A 1723 18.28 -55.64 -31.71
C GLU A 1723 17.01 -55.07 -32.35
N VAL A 1724 16.78 -53.75 -32.25
CA VAL A 1724 15.54 -53.19 -32.78
C VAL A 1724 15.61 -52.93 -34.27
N GLU A 1725 16.79 -52.96 -34.88
CA GLU A 1725 16.86 -52.88 -36.33
C GLU A 1725 16.29 -54.13 -37.01
N ILE A 1726 16.20 -55.25 -36.28
CA ILE A 1726 15.44 -56.41 -36.76
C ILE A 1726 13.96 -56.06 -36.89
N PHE A 1727 13.39 -55.45 -35.84
CA PHE A 1727 11.96 -55.11 -35.85
C PHE A 1727 11.66 -53.94 -36.77
N GLY A 1728 12.66 -53.15 -37.16
CA GLY A 1728 12.43 -52.07 -38.09
C GLY A 1728 12.14 -52.51 -39.50
N LYS A 1729 12.52 -53.73 -39.87
CA LYS A 1729 12.45 -54.18 -41.25
C LYS A 1729 11.54 -55.39 -41.45
N ALA A 1730 10.81 -55.82 -40.42
CA ALA A 1730 9.94 -56.99 -40.52
C ALA A 1730 8.48 -56.55 -40.62
N THR A 1731 7.79 -57.06 -41.65
CA THR A 1731 6.39 -56.70 -41.84
C THR A 1731 5.47 -57.37 -40.83
N SER A 1732 5.90 -58.48 -40.24
CA SER A 1732 5.16 -59.16 -39.19
C SER A 1732 6.01 -59.17 -37.92
N ILE A 1733 5.42 -58.73 -36.82
CA ILE A 1733 6.14 -58.56 -35.57
C ILE A 1733 5.50 -59.47 -34.52
N ASP A 1734 6.31 -60.33 -33.91
CA ASP A 1734 5.87 -61.09 -32.75
C ASP A 1734 5.66 -60.15 -31.58
N PRO A 1735 4.50 -60.18 -30.92
CA PRO A 1735 4.32 -59.39 -29.70
C PRO A 1735 5.26 -59.80 -28.57
N ASN A 1736 5.59 -61.09 -28.46
CA ASN A 1736 6.35 -61.58 -27.31
C ASN A 1736 7.79 -61.09 -27.34
N THR A 1737 8.43 -61.12 -28.52
CA THR A 1737 9.80 -60.64 -28.62
C THR A 1737 9.87 -59.12 -28.42
N TYR A 1738 8.85 -58.40 -28.89
CA TYR A 1738 8.78 -56.96 -28.68
C TYR A 1738 8.63 -56.63 -27.19
N ILE A 1739 7.79 -57.38 -26.48
CA ILE A 1739 7.60 -57.15 -25.05
C ILE A 1739 8.86 -57.53 -24.28
N THR A 1740 9.56 -58.58 -24.73
CA THR A 1740 10.85 -58.94 -24.14
C THR A 1740 11.88 -57.83 -24.33
N TRP A 1741 11.90 -57.21 -25.51
CA TRP A 1741 12.81 -56.10 -25.76
C TRP A 1741 12.46 -54.88 -24.91
N ILE A 1742 11.17 -54.59 -24.76
CA ILE A 1742 10.74 -53.44 -23.97
C ILE A 1742 11.08 -53.64 -22.49
N ASP A 1743 10.85 -54.85 -21.98
CA ASP A 1743 11.18 -55.14 -20.60
C ASP A 1743 12.68 -55.29 -20.36
N LYS A 1744 13.46 -55.55 -21.42
CA LYS A 1744 14.90 -55.70 -21.23
C LYS A 1744 15.59 -54.36 -20.99
N TYR A 1745 15.20 -53.32 -21.72
CA TYR A 1745 15.92 -52.06 -21.71
C TYR A 1745 15.07 -50.94 -21.12
N GLN A 1746 15.74 -49.85 -20.76
CA GLN A 1746 15.11 -48.74 -20.08
C GLN A 1746 14.34 -47.86 -21.06
N ALA A 1747 13.47 -47.01 -20.51
CA ALA A 1747 12.49 -46.30 -21.33
C ALA A 1747 13.13 -45.29 -22.27
N GLN A 1748 14.11 -44.53 -21.77
CA GLN A 1748 14.83 -43.59 -22.62
C GLN A 1748 15.62 -44.32 -23.71
N LEU A 1749 16.15 -45.49 -23.40
CA LEU A 1749 16.89 -46.26 -24.40
C LEU A 1749 15.95 -46.86 -25.43
N VAL A 1750 14.73 -47.23 -25.01
CA VAL A 1750 13.75 -47.78 -25.92
C VAL A 1750 13.27 -46.73 -26.92
N VAL A 1751 12.94 -45.53 -26.41
CA VAL A 1751 12.51 -44.44 -27.29
C VAL A 1751 13.66 -43.98 -28.19
N LEU A 1752 14.89 -43.97 -27.65
CA LEU A 1752 16.05 -43.61 -28.45
C LEU A 1752 16.31 -44.60 -29.56
N SER A 1753 16.22 -45.91 -29.27
CA SER A 1753 16.48 -46.92 -30.28
C SER A 1753 15.40 -46.91 -31.35
N ALA A 1754 14.15 -46.65 -30.95
CA ALA A 1754 13.07 -46.50 -31.94
C ALA A 1754 13.31 -45.30 -32.85
N GLN A 1755 13.72 -44.17 -32.28
CA GLN A 1755 14.00 -42.97 -33.07
C GLN A 1755 15.17 -43.18 -34.02
N ILE A 1756 16.25 -43.81 -33.53
CA ILE A 1756 17.45 -44.02 -34.34
C ILE A 1756 17.16 -44.99 -35.49
N ALA A 1757 16.48 -46.10 -35.18
CA ALA A 1757 16.16 -47.08 -36.22
C ALA A 1757 15.21 -46.51 -37.26
N TRP A 1758 14.21 -45.73 -36.83
CA TRP A 1758 13.29 -45.11 -37.78
C TRP A 1758 14.00 -44.08 -38.65
N SER A 1759 14.88 -43.26 -38.05
CA SER A 1759 15.59 -42.25 -38.82
C SER A 1759 16.55 -42.87 -39.82
N GLU A 1760 17.25 -43.94 -39.41
CA GLU A 1760 18.15 -44.64 -40.33
C GLU A 1760 17.38 -45.30 -41.47
N ASN A 1761 16.22 -45.88 -41.18
CA ASN A 1761 15.43 -46.52 -42.23
C ASN A 1761 14.84 -45.49 -43.18
N VAL A 1762 14.41 -44.34 -42.66
CA VAL A 1762 13.88 -43.30 -43.54
C VAL A 1762 14.98 -42.70 -44.41
N GLU A 1763 16.18 -42.52 -43.85
CA GLU A 1763 17.29 -41.99 -44.64
C GLU A 1763 17.75 -42.98 -45.70
N THR A 1764 17.78 -44.28 -45.37
CA THR A 1764 18.11 -45.30 -46.36
C THR A 1764 17.04 -45.39 -47.43
N ALA A 1765 15.76 -45.20 -47.06
CA ALA A 1765 14.69 -45.18 -48.05
C ALA A 1765 14.81 -43.97 -48.98
N LEU A 1766 15.18 -42.82 -48.44
CA LEU A 1766 15.35 -41.64 -49.28
C LEU A 1766 16.58 -41.75 -50.17
N SER A 1767 17.63 -42.45 -49.70
CA SER A 1767 18.77 -42.72 -50.57
C SER A 1767 18.42 -43.73 -51.66
N SER A 1768 17.53 -44.67 -51.36
CA SER A 1768 17.08 -45.62 -52.37
C SER A 1768 16.02 -45.04 -53.30
N MET A 1769 15.38 -43.93 -52.93
CA MET A 1769 14.40 -43.31 -53.81
C MET A 1769 15.07 -42.70 -55.03
N GLY A 1770 16.12 -41.90 -54.81
CA GLY A 1770 16.92 -41.36 -55.89
C GLY A 1770 16.23 -40.39 -56.82
N GLY A 1771 15.08 -39.85 -56.43
CA GLY A 1771 14.34 -38.98 -57.31
C GLY A 1771 13.68 -39.67 -58.48
N GLY A 1772 13.46 -40.97 -58.39
CA GLY A 1772 12.83 -41.73 -59.44
C GLY A 1772 11.33 -41.76 -59.40
N GLY A 1773 10.70 -41.05 -58.48
CA GLY A 1773 9.26 -41.09 -58.32
C GLY A 1773 8.75 -42.32 -57.60
N ASP A 1774 9.64 -43.14 -57.05
CA ASP A 1774 9.26 -44.39 -56.41
C ASP A 1774 8.98 -44.12 -54.93
N ALA A 1775 7.71 -44.05 -54.57
CA ALA A 1775 7.30 -43.87 -53.18
C ALA A 1775 7.05 -45.19 -52.46
N ALA A 1776 7.48 -46.31 -53.07
CA ALA A 1776 7.33 -47.61 -52.43
C ALA A 1776 8.12 -47.79 -51.12
N PRO A 1777 9.41 -47.41 -50.99
CA PRO A 1777 10.07 -47.66 -49.69
C PRO A 1777 9.58 -46.76 -48.57
N LEU A 1778 9.15 -45.53 -48.88
CA LEU A 1778 8.50 -44.70 -47.87
C LEU A 1778 7.18 -45.32 -47.42
N HIS A 1779 6.43 -45.90 -48.37
CA HIS A 1779 5.24 -46.67 -48.03
C HIS A 1779 5.58 -47.88 -47.18
N SER A 1780 6.72 -48.52 -47.44
CA SER A 1780 7.14 -49.68 -46.66
C SER A 1780 7.46 -49.30 -45.22
N VAL A 1781 8.16 -48.18 -45.02
CA VAL A 1781 8.47 -47.70 -43.67
C VAL A 1781 7.20 -47.27 -42.95
N LEU A 1782 6.28 -46.62 -43.66
CA LEU A 1782 5.00 -46.23 -43.08
C LEU A 1782 4.16 -47.44 -42.68
N SER A 1783 4.17 -48.48 -43.51
CA SER A 1783 3.44 -49.70 -43.18
C SER A 1783 4.09 -50.45 -42.02
N ASN A 1784 5.42 -50.40 -41.92
CA ASN A 1784 6.11 -51.01 -40.78
C ASN A 1784 5.77 -50.30 -39.47
N VAL A 1785 5.74 -48.96 -39.48
CA VAL A 1785 5.41 -48.24 -38.26
C VAL A 1785 3.93 -48.38 -37.93
N GLU A 1786 3.08 -48.59 -38.95
CA GLU A 1786 1.66 -48.83 -38.69
C GLU A 1786 1.45 -50.21 -38.09
N VAL A 1787 2.23 -51.20 -38.55
CA VAL A 1787 2.19 -52.54 -37.98
C VAL A 1787 2.64 -52.50 -36.52
N THR A 1788 3.69 -51.73 -36.22
CA THR A 1788 4.13 -51.58 -34.83
C THR A 1788 3.10 -50.85 -33.98
N LEU A 1789 2.39 -49.87 -34.56
CA LEU A 1789 1.28 -49.21 -33.86
C LEU A 1789 0.18 -50.19 -33.50
N ASN A 1790 -0.20 -51.06 -34.44
CA ASN A 1790 -1.25 -52.03 -34.17
C ASN A 1790 -0.81 -53.05 -33.12
N VAL A 1791 0.45 -53.50 -33.20
CA VAL A 1791 0.97 -54.46 -32.23
C VAL A 1791 0.99 -53.85 -30.83
N LEU A 1792 1.47 -52.61 -30.72
CA LEU A 1792 1.57 -51.99 -29.41
C LEU A 1792 0.22 -51.55 -28.85
N ALA A 1793 -0.71 -51.12 -29.72
CA ALA A 1793 -2.04 -50.76 -29.23
C ALA A 1793 -2.83 -52.00 -28.82
N ASP A 1794 -2.54 -53.16 -29.43
CA ASP A 1794 -3.14 -54.39 -28.92
C ASP A 1794 -2.47 -54.85 -27.63
N SER A 1795 -1.17 -54.57 -27.48
CA SER A 1795 -0.46 -55.00 -26.27
C SER A 1795 -0.81 -54.13 -25.07
N VAL A 1796 -1.13 -52.86 -25.30
CA VAL A 1796 -1.42 -51.96 -24.19
C VAL A 1796 -2.83 -52.18 -23.62
N LEU A 1797 -3.69 -52.90 -24.35
CA LEU A 1797 -5.04 -53.17 -23.89
C LEU A 1797 -5.11 -54.27 -22.84
N MET A 1798 -4.04 -55.03 -22.65
CA MET A 1798 -4.02 -56.09 -21.66
C MET A 1798 -3.73 -55.51 -20.27
N GLU A 1799 -3.48 -56.39 -19.32
CA GLU A 1799 -3.06 -55.99 -17.99
C GLU A 1799 -1.54 -55.98 -17.94
N GLN A 1800 -0.96 -54.80 -17.68
CA GLN A 1800 0.48 -54.60 -17.71
C GLN A 1800 0.96 -54.00 -16.40
N PRO A 1801 2.20 -54.26 -16.00
CA PRO A 1801 2.79 -53.51 -14.89
C PRO A 1801 2.95 -52.04 -15.27
N PRO A 1802 2.93 -51.13 -14.28
CA PRO A 1802 2.96 -49.69 -14.61
C PRO A 1802 4.26 -49.21 -15.24
N LEU A 1803 5.38 -49.90 -14.99
CA LEU A 1803 6.63 -49.52 -15.64
C LEU A 1803 6.60 -49.85 -17.13
N ARG A 1804 6.16 -51.06 -17.47
CA ARG A 1804 5.98 -51.42 -18.87
C ARG A 1804 4.84 -50.65 -19.50
N ARG A 1805 3.82 -50.28 -18.72
CA ARG A 1805 2.76 -49.41 -19.23
C ARG A 1805 3.30 -48.04 -19.59
N ARG A 1806 4.21 -47.50 -18.77
CA ARG A 1806 4.84 -46.23 -19.08
C ARG A 1806 5.72 -46.33 -20.33
N LYS A 1807 6.46 -47.44 -20.47
CA LYS A 1807 7.30 -47.64 -21.65
C LYS A 1807 6.47 -47.74 -22.93
N LEU A 1808 5.35 -48.48 -22.87
CA LEU A 1808 4.46 -48.56 -24.03
C LEU A 1808 3.77 -47.24 -24.32
N GLU A 1809 3.44 -46.46 -23.28
CA GLU A 1809 2.84 -45.14 -23.50
C GLU A 1809 3.82 -44.21 -24.20
N HIS A 1810 5.09 -44.22 -23.77
CA HIS A 1810 6.10 -43.39 -24.42
C HIS A 1810 6.34 -43.84 -25.85
N LEU A 1811 6.34 -45.16 -26.09
CA LEU A 1811 6.54 -45.68 -27.44
C LEU A 1811 5.39 -45.31 -28.37
N ILE A 1812 4.15 -45.37 -27.88
CA ILE A 1812 3.02 -44.95 -28.69
C ILE A 1812 3.08 -43.46 -28.98
N THR A 1813 3.46 -42.66 -27.97
CA THR A 1813 3.54 -41.20 -28.14
C THR A 1813 4.61 -40.80 -29.15
N GLU A 1814 5.72 -41.55 -29.19
CA GLU A 1814 6.79 -41.23 -30.12
C GLU A 1814 6.42 -41.73 -31.53
N LEU A 1815 5.91 -42.95 -31.62
CA LEU A 1815 5.67 -43.59 -32.91
C LEU A 1815 4.43 -43.05 -33.63
N VAL A 1816 3.46 -42.50 -32.92
CA VAL A 1816 2.34 -41.83 -33.58
C VAL A 1816 2.83 -40.58 -34.32
N HIS A 1817 3.73 -39.84 -33.68
CA HIS A 1817 4.37 -38.69 -34.33
C HIS A 1817 5.21 -39.15 -35.52
N GLN A 1818 5.87 -40.30 -35.40
CA GLN A 1818 6.58 -40.88 -36.54
C GLN A 1818 5.64 -41.20 -37.70
N ARG A 1819 4.47 -41.76 -37.41
CA ARG A 1819 3.46 -42.03 -38.44
C ARG A 1819 2.99 -40.75 -39.11
N ASP A 1820 2.74 -39.70 -38.32
CA ASP A 1820 2.27 -38.44 -38.87
C ASP A 1820 3.32 -37.77 -39.76
N VAL A 1821 4.59 -37.80 -39.33
CA VAL A 1821 5.61 -37.15 -40.14
C VAL A 1821 5.92 -37.98 -41.39
N THR A 1822 5.81 -39.31 -41.32
CA THR A 1822 6.00 -40.11 -42.53
C THR A 1822 4.83 -39.92 -43.50
N ARG A 1823 3.62 -39.72 -42.98
CA ARG A 1823 2.48 -39.38 -43.83
C ARG A 1823 2.69 -38.04 -44.51
N SER A 1824 3.21 -37.04 -43.78
CA SER A 1824 3.48 -35.74 -44.38
C SER A 1824 4.58 -35.81 -45.43
N LEU A 1825 5.62 -36.62 -45.16
CA LEU A 1825 6.70 -36.79 -46.12
C LEU A 1825 6.22 -37.50 -47.39
N ILE A 1826 5.35 -38.49 -47.25
CA ILE A 1826 4.78 -39.18 -48.40
C ILE A 1826 3.88 -38.23 -49.19
N LYS A 1827 3.07 -37.43 -48.48
CA LYS A 1827 2.13 -36.53 -49.13
C LYS A 1827 2.83 -35.41 -49.88
N SER A 1828 3.92 -34.88 -49.33
CA SER A 1828 4.60 -33.76 -49.96
C SER A 1828 5.55 -34.19 -51.08
N LYS A 1829 5.65 -35.50 -51.35
CA LYS A 1829 6.39 -36.06 -52.49
C LYS A 1829 7.88 -35.71 -52.42
N ILE A 1830 8.47 -35.93 -51.27
CA ILE A 1830 9.89 -35.65 -51.06
C ILE A 1830 10.71 -36.76 -51.68
N ASP A 1831 11.70 -36.40 -52.50
CA ASP A 1831 12.51 -37.37 -53.21
C ASP A 1831 14.00 -37.27 -52.93
N ASN A 1832 14.46 -36.18 -52.32
CA ASN A 1832 15.88 -35.97 -52.05
C ASN A 1832 16.13 -35.98 -50.55
N ALA A 1833 17.24 -36.61 -50.15
CA ALA A 1833 17.59 -36.69 -48.73
C ALA A 1833 18.02 -35.35 -48.17
N LYS A 1834 18.44 -34.40 -49.00
CA LYS A 1834 18.84 -33.08 -48.56
C LYS A 1834 17.73 -32.06 -48.67
N SER A 1835 16.49 -32.50 -48.89
CA SER A 1835 15.36 -31.59 -48.90
C SER A 1835 15.08 -31.09 -47.49
N PHE A 1836 14.54 -29.87 -47.40
CA PHE A 1836 14.32 -29.25 -46.10
C PHE A 1836 13.16 -29.88 -45.35
N GLU A 1837 12.21 -30.52 -46.04
CA GLU A 1837 11.10 -31.17 -45.36
C GLU A 1837 11.53 -32.40 -44.59
N TRP A 1838 12.70 -32.96 -44.90
CA TRP A 1838 13.32 -33.98 -44.06
C TRP A 1838 14.38 -33.40 -43.14
N LEU A 1839 15.06 -32.33 -43.56
CA LEU A 1839 16.09 -31.72 -42.73
C LEU A 1839 15.49 -31.01 -41.52
N SER A 1840 14.34 -30.37 -41.69
CA SER A 1840 13.71 -29.66 -40.57
C SER A 1840 13.13 -30.62 -39.55
N GLN A 1841 12.79 -31.84 -39.95
CA GLN A 1841 12.41 -32.84 -38.97
C GLN A 1841 13.65 -33.38 -38.27
N MET A 1842 13.46 -33.81 -37.03
CA MET A 1842 14.57 -34.06 -36.13
C MET A 1842 15.16 -35.43 -36.42
N ARG A 1843 16.48 -35.48 -36.58
CA ARG A 1843 17.16 -36.63 -37.14
C ARG A 1843 18.22 -37.15 -36.18
N PHE A 1844 18.51 -38.44 -36.30
CA PHE A 1844 19.45 -39.11 -35.42
C PHE A 1844 20.42 -39.93 -36.27
N TYR A 1845 21.68 -39.98 -35.85
CA TYR A 1845 22.69 -40.76 -36.56
C TYR A 1845 23.55 -41.49 -35.55
N PHE A 1846 23.56 -42.81 -35.62
CA PHE A 1846 24.30 -43.63 -34.67
C PHE A 1846 25.57 -44.15 -35.33
N ASP A 1847 26.69 -44.02 -34.63
CA ASP A 1847 27.96 -44.59 -35.05
C ASP A 1847 28.50 -45.46 -33.93
N PRO A 1848 28.39 -46.79 -34.03
CA PRO A 1848 28.98 -47.66 -33.00
C PRO A 1848 30.50 -47.73 -33.07
N LYS A 1849 31.11 -47.29 -34.16
CA LYS A 1849 32.55 -47.36 -34.33
C LYS A 1849 33.29 -46.19 -33.67
N GLN A 1850 32.57 -45.22 -33.13
CA GLN A 1850 33.21 -44.11 -32.44
C GLN A 1850 33.73 -44.58 -31.08
N THR A 1851 35.02 -44.34 -30.84
CA THR A 1851 35.60 -44.72 -29.56
C THR A 1851 35.14 -43.80 -28.43
N ASP A 1852 34.92 -42.52 -28.74
CA ASP A 1852 34.42 -41.59 -27.74
C ASP A 1852 32.94 -41.87 -27.47
N VAL A 1853 32.62 -42.08 -26.20
CA VAL A 1853 31.28 -42.53 -25.82
C VAL A 1853 30.28 -41.39 -25.71
N LEU A 1854 30.70 -40.16 -25.90
CA LEU A 1854 29.78 -39.02 -25.88
C LEU A 1854 29.39 -38.56 -27.27
N GLN A 1855 29.84 -39.24 -28.33
CA GLN A 1855 29.49 -38.85 -29.69
C GLN A 1855 29.10 -40.04 -30.56
N GLN A 1856 28.74 -41.17 -29.96
CA GLN A 1856 28.29 -42.31 -30.74
C GLN A 1856 26.93 -42.05 -31.38
N LEU A 1857 26.13 -41.18 -30.78
CA LEU A 1857 24.88 -40.71 -31.37
C LEU A 1857 24.96 -39.21 -31.56
N SER A 1858 24.73 -38.77 -32.79
CA SER A 1858 24.67 -37.35 -33.13
C SER A 1858 23.25 -37.00 -33.51
N ILE A 1859 22.70 -35.99 -32.86
CA ILE A 1859 21.32 -35.56 -33.07
C ILE A 1859 21.36 -34.27 -33.87
N GLN A 1860 20.72 -34.27 -35.02
CA GLN A 1860 20.76 -33.14 -35.92
C GLN A 1860 19.36 -32.62 -36.18
N MET A 1861 19.26 -31.30 -36.36
CA MET A 1861 18.01 -30.66 -36.72
C MET A 1861 18.34 -29.35 -37.44
N ALA A 1862 17.94 -29.26 -38.71
CA ALA A 1862 18.24 -28.17 -39.63
C ALA A 1862 19.75 -28.03 -39.71
N ASN A 1863 20.33 -26.85 -39.47
CA ASN A 1863 21.78 -26.72 -39.47
C ASN A 1863 22.42 -27.21 -38.18
N ALA A 1864 21.64 -27.34 -37.11
CA ALA A 1864 22.20 -27.64 -35.79
C ALA A 1864 22.54 -29.11 -35.67
N LYS A 1865 23.67 -29.39 -35.01
CA LYS A 1865 24.01 -30.74 -34.62
C LYS A 1865 24.51 -30.72 -33.18
N PHE A 1866 24.23 -31.81 -32.46
CA PHE A 1866 24.63 -31.97 -31.07
C PHE A 1866 25.07 -33.40 -30.87
N ASN A 1867 25.86 -33.61 -29.82
CA ASN A 1867 26.30 -34.94 -29.42
C ASN A 1867 25.55 -35.34 -28.16
N TYR A 1868 25.17 -36.61 -28.07
CA TYR A 1868 24.29 -37.07 -27.01
C TYR A 1868 25.08 -37.21 -25.71
N GLY A 1869 24.76 -36.36 -24.74
CA GLY A 1869 25.20 -36.60 -23.38
C GLY A 1869 24.46 -37.81 -22.83
N PHE A 1870 25.21 -38.77 -22.31
CA PHE A 1870 24.61 -40.01 -21.82
C PHE A 1870 24.35 -39.90 -20.33
N GLU A 1871 23.37 -39.06 -20.00
CA GLU A 1871 22.94 -38.83 -18.63
C GLU A 1871 21.70 -39.68 -18.35
N TYR A 1872 21.73 -40.39 -17.23
CA TYR A 1872 20.59 -41.18 -16.79
C TYR A 1872 19.44 -40.26 -16.42
N LEU A 1873 18.28 -40.46 -17.04
CA LEU A 1873 17.10 -39.65 -16.74
C LEU A 1873 15.99 -40.44 -16.07
N GLY A 1874 16.13 -41.75 -15.96
CA GLY A 1874 15.08 -42.54 -15.34
C GLY A 1874 13.88 -42.66 -16.25
N VAL A 1875 12.69 -42.59 -15.65
CA VAL A 1875 11.45 -42.66 -16.40
C VAL A 1875 10.75 -41.31 -16.32
N GLN A 1876 11.00 -40.44 -17.29
CA GLN A 1876 10.39 -39.13 -17.33
C GLN A 1876 9.02 -39.21 -17.99
N ASP A 1877 8.36 -38.06 -18.13
CA ASP A 1877 7.08 -37.97 -18.82
C ASP A 1877 7.31 -37.49 -20.25
N LYS A 1878 6.90 -38.30 -21.22
CA LYS A 1878 7.05 -37.93 -22.62
C LYS A 1878 6.05 -36.83 -22.98
N LEU A 1879 6.49 -35.93 -23.86
CA LEU A 1879 5.67 -34.82 -24.30
C LEU A 1879 5.12 -35.13 -25.69
N VAL A 1880 3.87 -34.77 -25.93
CA VAL A 1880 3.24 -35.02 -27.22
C VAL A 1880 3.80 -34.03 -28.24
N GLN A 1881 4.38 -34.54 -29.32
CA GLN A 1881 5.08 -33.71 -30.30
C GLN A 1881 4.05 -32.99 -31.18
N THR A 1882 3.54 -31.89 -30.65
CA THR A 1882 2.63 -31.01 -31.37
C THR A 1882 3.40 -30.19 -32.40
N PRO A 1883 2.70 -29.54 -33.34
CA PRO A 1883 3.36 -28.53 -34.18
C PRO A 1883 4.00 -27.40 -33.37
N LEU A 1884 3.40 -27.00 -32.25
CA LEU A 1884 4.03 -26.01 -31.38
C LEU A 1884 5.30 -26.55 -30.76
N THR A 1885 5.32 -27.83 -30.39
CA THR A 1885 6.52 -28.45 -29.82
C THR A 1885 7.63 -28.53 -30.86
N ASP A 1886 7.29 -28.85 -32.11
CA ASP A 1886 8.30 -28.92 -33.16
C ASP A 1886 8.81 -27.53 -33.53
N ARG A 1887 7.93 -26.52 -33.51
CA ARG A 1887 8.36 -25.15 -33.72
C ARG A 1887 9.29 -24.68 -32.61
N CYS A 1888 8.98 -25.06 -31.36
CA CYS A 1888 9.85 -24.75 -30.23
C CYS A 1888 11.20 -25.44 -30.35
N TYR A 1889 11.20 -26.70 -30.79
CA TYR A 1889 12.44 -27.43 -31.01
C TYR A 1889 13.29 -26.75 -32.08
N LEU A 1890 12.65 -26.30 -33.16
CA LEU A 1890 13.36 -25.61 -34.24
C LEU A 1890 13.95 -24.30 -33.77
N THR A 1891 13.17 -23.48 -33.06
CA THR A 1891 13.64 -22.18 -32.59
C THR A 1891 14.76 -22.32 -31.57
N MET A 1892 14.62 -23.25 -30.62
CA MET A 1892 15.65 -23.39 -29.59
C MET A 1892 16.91 -24.03 -30.14
N THR A 1893 16.80 -24.93 -31.11
CA THR A 1893 18.00 -25.48 -31.72
C THR A 1893 18.70 -24.46 -32.63
N GLN A 1894 17.92 -23.59 -33.28
CA GLN A 1894 18.53 -22.50 -34.05
C GLN A 1894 19.23 -21.50 -33.15
N ALA A 1895 18.64 -21.21 -31.98
CA ALA A 1895 19.27 -20.30 -31.04
C ALA A 1895 20.51 -20.93 -30.40
N LEU A 1896 20.47 -22.25 -30.16
CA LEU A 1896 21.63 -22.92 -29.58
C LEU A 1896 22.75 -23.07 -30.59
N GLU A 1897 22.43 -23.20 -31.88
CA GLU A 1897 23.49 -23.27 -32.87
C GLU A 1897 24.11 -21.90 -33.12
N ALA A 1898 23.36 -20.83 -32.86
CA ALA A 1898 23.89 -19.48 -32.96
C ALA A 1898 24.50 -19.00 -31.65
N ARG A 1899 24.68 -19.91 -30.68
CA ARG A 1899 25.24 -19.64 -29.35
C ARG A 1899 24.44 -18.56 -28.61
N LEU A 1900 23.13 -18.62 -28.74
CA LEU A 1900 22.21 -17.75 -28.02
C LEU A 1900 21.49 -18.54 -26.94
N GLY A 1901 20.53 -17.90 -26.29
CA GLY A 1901 19.65 -18.57 -25.35
C GLY A 1901 18.20 -18.43 -25.80
N GLY A 1902 17.33 -19.22 -25.17
CA GLY A 1902 15.94 -19.32 -25.57
C GLY A 1902 15.02 -18.66 -24.56
N SER A 1903 13.97 -18.01 -25.06
CA SER A 1903 12.95 -17.36 -24.24
C SER A 1903 11.56 -17.72 -24.73
N PRO A 1904 11.03 -18.87 -24.32
CA PRO A 1904 9.62 -19.17 -24.62
C PRO A 1904 8.71 -18.40 -23.68
N PHE A 1905 8.08 -17.36 -24.20
CA PHE A 1905 7.19 -16.51 -23.42
C PHE A 1905 5.75 -16.79 -23.78
N GLY A 1906 4.86 -16.70 -22.79
CA GLY A 1906 3.46 -16.95 -22.99
C GLY A 1906 2.71 -17.10 -21.68
N PRO A 1907 1.41 -17.36 -21.75
CA PRO A 1907 0.61 -17.52 -20.53
C PRO A 1907 0.94 -18.82 -19.80
N ALA A 1908 0.40 -18.92 -18.60
CA ALA A 1908 0.71 -20.05 -17.73
C ALA A 1908 -0.03 -21.30 -18.18
N GLY A 1909 0.64 -22.44 -18.07
CA GLY A 1909 0.03 -23.71 -18.40
C GLY A 1909 0.04 -24.08 -19.86
N THR A 1910 0.98 -23.56 -20.64
CA THR A 1910 1.05 -23.84 -22.06
C THR A 1910 2.24 -24.73 -22.42
N GLY A 1911 2.81 -25.42 -21.44
CA GLY A 1911 3.89 -26.36 -21.69
C GLY A 1911 5.19 -25.75 -22.16
N LYS A 1912 5.62 -24.66 -21.53
CA LYS A 1912 6.87 -24.02 -21.92
C LYS A 1912 8.07 -24.73 -21.28
N THR A 1913 8.08 -24.77 -19.95
CA THR A 1913 9.21 -25.37 -19.23
C THR A 1913 9.27 -26.87 -19.43
N GLU A 1914 8.11 -27.52 -19.61
CA GLU A 1914 8.12 -28.94 -19.93
C GLU A 1914 8.65 -29.20 -21.33
N SER A 1915 8.42 -28.28 -22.27
CA SER A 1915 9.03 -28.41 -23.59
C SER A 1915 10.54 -28.22 -23.53
N VAL A 1916 11.00 -27.27 -22.72
CA VAL A 1916 12.44 -27.07 -22.53
C VAL A 1916 13.06 -28.30 -21.89
N LYS A 1917 12.39 -28.87 -20.89
CA LYS A 1917 12.86 -30.08 -20.24
C LYS A 1917 12.85 -31.27 -21.20
N ALA A 1918 11.85 -31.35 -22.08
CA ALA A 1918 11.78 -32.43 -23.05
C ALA A 1918 12.88 -32.32 -24.09
N LEU A 1919 13.20 -31.10 -24.51
CA LEU A 1919 14.31 -30.89 -25.42
C LEU A 1919 15.63 -31.26 -24.77
N GLY A 1920 15.83 -30.88 -23.50
CA GLY A 1920 17.05 -31.23 -22.80
C GLY A 1920 17.17 -32.72 -22.55
N HIS A 1921 16.04 -33.38 -22.27
CA HIS A 1921 16.06 -34.81 -22.02
C HIS A 1921 16.24 -35.61 -23.31
N GLN A 1922 15.73 -35.09 -24.42
CA GLN A 1922 15.86 -35.80 -25.69
C GLN A 1922 17.29 -35.79 -26.18
N LEU A 1923 18.00 -34.67 -25.97
CA LEU A 1923 19.44 -34.65 -26.16
C LEU A 1923 20.20 -35.26 -25.00
N GLY A 1924 19.50 -35.60 -23.91
CA GLY A 1924 20.12 -36.32 -22.82
C GLY A 1924 20.96 -35.48 -21.88
N ARG A 1925 20.64 -34.21 -21.74
CA ARG A 1925 21.41 -33.36 -20.84
C ARG A 1925 20.66 -33.11 -19.54
N PHE A 1926 21.43 -32.84 -18.49
CA PHE A 1926 20.87 -32.53 -17.18
C PHE A 1926 20.16 -31.19 -17.23
N VAL A 1927 18.89 -31.18 -16.85
CA VAL A 1927 18.07 -29.97 -16.82
C VAL A 1927 17.74 -29.67 -15.37
N LEU A 1928 17.86 -28.39 -15.00
CA LEU A 1928 17.60 -27.93 -13.63
C LEU A 1928 16.65 -26.75 -13.70
N VAL A 1929 15.41 -26.96 -13.26
CA VAL A 1929 14.39 -25.92 -13.28
C VAL A 1929 14.45 -25.17 -11.95
N PHE A 1930 14.71 -23.86 -12.03
CA PHE A 1930 14.79 -23.02 -10.85
C PHE A 1930 13.52 -22.18 -10.78
N ASN A 1931 12.67 -22.47 -9.80
CA ASN A 1931 11.42 -21.73 -9.64
C ASN A 1931 11.70 -20.31 -9.18
N CYS A 1932 11.07 -19.34 -9.84
CA CYS A 1932 11.26 -17.93 -9.56
C CYS A 1932 10.10 -17.38 -8.75
N ASP A 1933 9.58 -18.18 -7.83
CA ASP A 1933 8.51 -17.77 -6.91
C ASP A 1933 8.80 -18.40 -5.55
N GLU A 1934 9.21 -17.56 -4.59
CA GLU A 1934 9.51 -17.83 -3.18
C GLU A 1934 10.33 -19.09 -2.91
N THR A 1935 11.12 -19.55 -3.88
CA THR A 1935 12.04 -20.67 -3.68
C THR A 1935 13.33 -20.30 -4.43
N PHE A 1936 13.76 -19.06 -4.24
CA PHE A 1936 14.89 -18.48 -4.96
C PHE A 1936 16.00 -18.20 -3.96
N ASP A 1937 16.83 -19.21 -3.72
CA ASP A 1937 17.98 -19.02 -2.84
C ASP A 1937 19.15 -18.46 -3.64
N PHE A 1938 19.67 -17.31 -3.21
CA PHE A 1938 20.79 -16.70 -3.90
C PHE A 1938 22.13 -17.16 -3.36
N GLN A 1939 22.14 -17.81 -2.19
CA GLN A 1939 23.39 -18.26 -1.59
C GLN A 1939 24.04 -19.38 -2.38
N ALA A 1940 23.28 -20.13 -3.16
CA ALA A 1940 23.79 -21.28 -3.90
C ALA A 1940 23.75 -21.10 -5.41
N MET A 1941 23.09 -20.05 -5.92
CA MET A 1941 22.88 -19.97 -7.36
C MET A 1941 24.12 -19.52 -8.12
N GLY A 1942 25.04 -18.81 -7.47
CA GLY A 1942 26.35 -18.62 -8.06
C GLY A 1942 27.11 -19.93 -8.18
N ARG A 1943 27.05 -20.75 -7.13
CA ARG A 1943 27.62 -22.09 -7.17
C ARG A 1943 26.91 -22.98 -8.19
N ILE A 1944 25.60 -22.78 -8.34
CA ILE A 1944 24.82 -23.51 -9.33
C ILE A 1944 25.26 -23.12 -10.74
N PHE A 1945 25.50 -21.84 -10.97
CA PHE A 1945 25.98 -21.38 -12.27
C PHE A 1945 27.38 -21.90 -12.57
N VAL A 1946 28.23 -21.98 -11.54
CA VAL A 1946 29.56 -22.55 -11.70
C VAL A 1946 29.47 -24.03 -12.07
N GLY A 1947 28.56 -24.76 -11.43
CA GLY A 1947 28.37 -26.16 -11.77
C GLY A 1947 27.81 -26.37 -13.17
N LEU A 1948 26.88 -25.50 -13.59
CA LEU A 1948 26.34 -25.55 -14.94
C LEU A 1948 27.43 -25.31 -15.98
N CYS A 1949 28.28 -24.31 -15.75
CA CYS A 1949 29.35 -24.02 -16.69
C CYS A 1949 30.44 -25.09 -16.64
N GLN A 1950 30.61 -25.76 -15.50
CA GLN A 1950 31.70 -26.72 -15.36
C GLN A 1950 31.32 -28.07 -15.95
N VAL A 1951 30.28 -28.71 -15.42
CA VAL A 1951 30.01 -30.09 -15.83
C VAL A 1951 29.20 -30.15 -17.12
N GLY A 1952 28.46 -29.10 -17.47
CA GLY A 1952 27.64 -29.12 -18.66
C GLY A 1952 26.24 -29.57 -18.33
N ALA A 1953 25.31 -28.63 -18.28
CA ALA A 1953 23.92 -28.92 -17.94
C ALA A 1953 23.06 -27.78 -18.48
N TRP A 1954 21.76 -27.89 -18.26
CA TRP A 1954 20.81 -26.91 -18.76
C TRP A 1954 20.13 -26.22 -17.59
N GLY A 1955 19.74 -24.97 -17.81
CA GLY A 1955 19.09 -24.20 -16.76
C GLY A 1955 17.84 -23.51 -17.26
N CYS A 1956 16.73 -23.72 -16.57
CA CYS A 1956 15.45 -23.13 -16.92
C CYS A 1956 14.97 -22.25 -15.79
N PHE A 1957 14.36 -21.12 -16.13
CA PHE A 1957 13.88 -20.13 -15.17
C PHE A 1957 12.41 -19.85 -15.48
N ASP A 1958 11.50 -20.59 -14.86
CA ASP A 1958 10.08 -20.38 -15.09
C ASP A 1958 9.61 -19.11 -14.40
N GLU A 1959 8.85 -18.29 -15.13
CA GLU A 1959 8.25 -17.04 -14.67
C GLU A 1959 9.30 -16.06 -14.16
N PHE A 1960 10.18 -15.64 -15.09
CA PHE A 1960 11.19 -14.63 -14.80
C PHE A 1960 10.60 -13.24 -14.59
N ASN A 1961 9.36 -13.01 -15.04
CA ASN A 1961 8.71 -11.72 -14.81
C ASN A 1961 8.38 -11.49 -13.34
N ARG A 1962 8.26 -12.56 -12.55
CA ARG A 1962 7.76 -12.46 -11.19
C ARG A 1962 8.84 -12.09 -10.18
N LEU A 1963 10.11 -12.04 -10.57
CA LEU A 1963 11.17 -11.72 -9.64
C LEU A 1963 11.20 -10.22 -9.35
N GLU A 1964 11.67 -9.87 -8.16
CA GLU A 1964 11.80 -8.48 -7.76
C GLU A 1964 13.06 -7.88 -8.36
N GLU A 1965 13.31 -6.60 -8.06
CA GLU A 1965 14.29 -5.82 -8.80
C GLU A 1965 15.72 -6.26 -8.54
N ARG A 1966 16.06 -6.59 -7.28
CA ARG A 1966 17.44 -6.96 -6.98
C ARG A 1966 17.73 -8.36 -7.49
N MET A 1967 16.76 -9.27 -7.35
CA MET A 1967 16.85 -10.61 -7.93
C MET A 1967 17.03 -10.54 -9.44
N LEU A 1968 16.19 -9.73 -10.10
CA LEU A 1968 16.24 -9.59 -11.55
C LEU A 1968 17.57 -9.00 -12.00
N SER A 1969 18.06 -7.98 -11.30
CA SER A 1969 19.30 -7.32 -11.68
C SER A 1969 20.50 -8.25 -11.51
N ALA A 1970 20.59 -8.93 -10.36
CA ALA A 1970 21.75 -9.77 -10.09
C ALA A 1970 21.77 -11.01 -10.98
N VAL A 1971 20.63 -11.69 -11.08
CA VAL A 1971 20.56 -12.90 -11.91
C VAL A 1971 20.70 -12.55 -13.39
N SER A 1972 20.15 -11.41 -13.81
CA SER A 1972 20.27 -10.99 -15.20
C SER A 1972 21.70 -10.60 -15.54
N GLN A 1973 22.43 -9.97 -14.59
CA GLN A 1973 23.83 -9.66 -14.83
C GLN A 1973 24.67 -10.94 -14.95
N GLN A 1974 24.43 -11.92 -14.08
CA GLN A 1974 25.16 -13.17 -14.15
C GLN A 1974 24.85 -13.93 -15.44
N VAL A 1975 23.57 -13.99 -15.83
CA VAL A 1975 23.15 -14.68 -17.04
C VAL A 1975 23.69 -13.96 -18.27
N GLN A 1976 23.75 -12.62 -18.23
CA GLN A 1976 24.35 -11.84 -19.31
C GLN A 1976 25.82 -12.14 -19.48
N CYS A 1977 26.55 -12.26 -18.36
CA CYS A 1977 27.98 -12.56 -18.45
C CYS A 1977 28.23 -13.98 -19.00
N ILE A 1978 27.42 -14.95 -18.55
CA ILE A 1978 27.54 -16.32 -19.06
C ILE A 1978 27.16 -16.40 -20.54
N GLN A 1979 26.13 -15.65 -20.95
CA GLN A 1979 25.70 -15.70 -22.34
C GLN A 1979 26.67 -14.98 -23.26
N GLU A 1980 27.36 -13.94 -22.77
CA GLU A 1980 28.41 -13.33 -23.56
C GLU A 1980 29.60 -14.26 -23.70
N ALA A 1981 29.90 -15.03 -22.65
CA ALA A 1981 30.92 -16.06 -22.76
C ALA A 1981 30.54 -17.13 -23.77
N LEU A 1982 29.25 -17.49 -23.83
CA LEU A 1982 28.80 -18.44 -24.84
C LEU A 1982 28.83 -17.84 -26.24
N ARG A 1983 28.49 -16.57 -26.40
CA ARG A 1983 28.55 -15.91 -27.70
C ARG A 1983 29.97 -15.68 -28.17
N GLU A 1984 30.95 -15.75 -27.28
CA GLU A 1984 32.35 -15.79 -27.73
C GLU A 1984 32.64 -17.06 -28.51
N HIS A 1985 31.94 -18.16 -28.21
CA HIS A 1985 32.14 -19.41 -28.95
C HIS A 1985 31.60 -19.36 -30.37
N SER A 1986 30.86 -18.31 -30.74
CA SER A 1986 30.54 -18.07 -32.13
C SER A 1986 31.81 -17.72 -32.90
N ASN A 1987 31.82 -17.88 -34.20
CA ASN A 1987 33.06 -17.66 -34.94
C ASN A 1987 34.14 -18.62 -34.44
N PRO A 1988 33.95 -19.92 -34.69
CA PRO A 1988 34.97 -20.90 -34.33
C PRO A 1988 36.19 -20.75 -35.20
N ASN A 1989 36.06 -20.39 -36.49
CA ASN A 1989 37.30 -20.17 -37.22
C ASN A 1989 38.28 -19.33 -36.41
N TYR A 1990 37.80 -18.26 -35.77
CA TYR A 1990 38.63 -17.56 -34.80
C TYR A 1990 38.88 -18.45 -33.58
N ASP A 1991 37.87 -19.23 -33.19
CA ASP A 1991 37.92 -20.01 -31.96
C ASP A 1991 38.48 -21.42 -32.18
N LYS A 1992 39.43 -21.56 -33.11
CA LYS A 1992 40.22 -22.78 -33.21
C LYS A 1992 40.94 -23.08 -31.89
N THR A 1993 41.41 -22.03 -31.21
CA THR A 1993 41.85 -22.11 -29.82
C THR A 1993 40.71 -21.60 -28.95
N SER A 1994 40.06 -22.50 -28.21
CA SER A 1994 39.09 -22.09 -27.22
C SER A 1994 39.74 -21.49 -25.98
N ALA A 1995 41.06 -21.64 -25.85
CA ALA A 1995 41.95 -21.11 -24.82
C ALA A 1995 41.48 -21.50 -23.42
N PRO A 1996 41.03 -22.77 -23.25
CA PRO A 1996 40.07 -23.13 -22.19
C PRO A 1996 39.19 -22.00 -21.70
N ILE A 1997 38.06 -21.76 -22.39
CA ILE A 1997 37.29 -20.52 -22.28
C ILE A 1997 36.79 -20.32 -20.85
N THR A 1998 36.85 -19.08 -20.40
CA THR A 1998 36.70 -18.75 -19.00
C THR A 1998 35.76 -17.56 -18.86
N CYS A 1999 35.04 -17.51 -17.75
CA CYS A 1999 34.05 -16.49 -17.49
C CYS A 1999 34.20 -15.94 -16.08
N GLU A 2000 33.79 -14.69 -15.91
CA GLU A 2000 33.86 -14.02 -14.62
C GLU A 2000 32.57 -14.34 -13.85
N LEU A 2001 32.72 -15.02 -12.72
CA LEU A 2001 31.58 -15.43 -11.91
C LEU A 2001 31.98 -15.41 -10.45
N LEU A 2002 31.23 -14.64 -9.64
CA LEU A 2002 31.38 -14.57 -8.18
C LEU A 2002 32.79 -14.14 -7.79
N ASN A 2003 33.34 -13.22 -8.59
CA ASN A 2003 34.73 -12.73 -8.50
C ASN A 2003 35.74 -13.87 -8.54
N LYS A 2004 35.52 -14.84 -9.42
CA LYS A 2004 36.58 -15.75 -9.83
C LYS A 2004 36.39 -16.11 -11.30
N GLN A 2005 37.26 -16.97 -11.79
CA GLN A 2005 37.33 -17.34 -13.20
C GLN A 2005 36.95 -18.81 -13.35
N VAL A 2006 35.85 -19.06 -14.07
CA VAL A 2006 35.24 -20.38 -14.15
C VAL A 2006 35.25 -20.84 -15.60
N LYS A 2007 35.73 -22.05 -15.85
CA LYS A 2007 35.72 -22.62 -17.19
C LYS A 2007 34.29 -22.92 -17.63
N VAL A 2008 34.04 -22.85 -18.93
CA VAL A 2008 32.72 -22.98 -19.50
C VAL A 2008 32.72 -24.13 -20.51
N SER A 2009 31.76 -25.09 -20.34
CA SER A 2009 31.55 -26.16 -21.31
C SER A 2009 30.69 -25.67 -22.47
N PRO A 2010 30.92 -26.18 -23.69
CA PRO A 2010 30.09 -25.75 -24.83
C PRO A 2010 28.72 -26.40 -24.85
N ASP A 2011 28.45 -27.42 -24.04
CA ASP A 2011 27.17 -28.10 -24.03
C ASP A 2011 26.16 -27.45 -23.11
N MET A 2012 26.56 -26.44 -22.35
CA MET A 2012 25.70 -25.78 -21.38
C MET A 2012 24.80 -24.77 -22.08
N ALA A 2013 23.62 -24.53 -21.49
CA ALA A 2013 22.67 -23.57 -22.04
C ALA A 2013 21.84 -22.97 -20.90
N ILE A 2014 21.38 -21.75 -21.12
CA ILE A 2014 20.50 -21.03 -20.19
C ILE A 2014 19.20 -20.70 -20.91
N PHE A 2015 18.08 -21.03 -20.27
CA PHE A 2015 16.76 -20.73 -20.80
C PHE A 2015 15.99 -19.91 -19.77
N ILE A 2016 15.20 -18.97 -20.27
CA ILE A 2016 14.40 -18.08 -19.43
C ILE A 2016 12.96 -18.16 -19.90
N THR A 2017 12.04 -18.45 -18.99
CA THR A 2017 10.62 -18.49 -19.30
C THR A 2017 9.94 -17.28 -18.71
N MET A 2018 9.09 -16.63 -19.50
CA MET A 2018 8.50 -15.37 -19.11
C MET A 2018 6.98 -15.44 -19.18
N ASN A 2019 6.34 -14.62 -18.36
CA ASN A 2019 4.88 -14.51 -18.32
C ASN A 2019 4.49 -13.09 -18.66
N PRO A 2020 4.17 -12.79 -19.93
CA PRO A 2020 3.87 -11.42 -20.31
C PRO A 2020 2.47 -10.99 -19.88
N GLY A 2021 2.28 -9.68 -19.85
CA GLY A 2021 1.01 -9.11 -19.45
C GLY A 2021 0.76 -9.17 -17.95
N SER A 2026 6.91 -7.02 -18.80
CA SER A 2026 6.42 -8.07 -19.69
C SER A 2026 7.47 -8.45 -20.72
N ASN A 2027 8.27 -7.48 -21.13
CA ASN A 2027 9.37 -7.73 -22.05
C ASN A 2027 10.62 -8.12 -21.28
N LEU A 2028 11.61 -8.63 -22.00
CA LEU A 2028 12.84 -9.13 -21.40
C LEU A 2028 13.66 -7.97 -20.82
N PRO A 2029 14.51 -8.25 -19.82
CA PRO A 2029 15.43 -7.22 -19.32
C PRO A 2029 16.39 -6.75 -20.41
N ASP A 2030 16.80 -5.48 -20.29
CA ASP A 2030 17.60 -4.84 -21.32
C ASP A 2030 19.03 -5.35 -21.35
N ASN A 2031 19.49 -6.06 -20.32
CA ASN A 2031 20.81 -6.67 -20.35
C ASN A 2031 20.88 -7.84 -21.31
N LEU A 2032 19.74 -8.42 -21.69
CA LEU A 2032 19.71 -9.66 -22.46
C LEU A 2032 18.78 -9.60 -23.66
N LYS A 2033 18.25 -8.43 -24.01
CA LYS A 2033 17.27 -8.35 -25.08
C LYS A 2033 17.88 -8.59 -26.45
N LYS A 2034 19.18 -8.34 -26.60
CA LYS A 2034 19.90 -8.68 -27.82
C LYS A 2034 20.57 -10.04 -27.73
N LEU A 2035 20.46 -10.72 -26.60
CA LEU A 2035 21.16 -11.97 -26.39
C LEU A 2035 20.28 -13.21 -26.47
N PHE A 2036 18.95 -13.04 -26.42
CA PHE A 2036 18.03 -14.16 -26.34
C PHE A 2036 17.05 -14.14 -27.50
N ARG A 2037 16.57 -15.33 -27.85
CA ARG A 2037 15.61 -15.52 -28.94
C ARG A 2037 14.25 -15.86 -28.34
N SER A 2038 13.26 -15.01 -28.58
CA SER A 2038 11.95 -15.18 -27.99
C SER A 2038 11.07 -16.05 -28.88
N LEU A 2039 10.07 -16.68 -28.25
CA LEU A 2039 9.14 -17.55 -28.95
C LEU A 2039 7.80 -17.54 -28.23
N ALA A 2040 6.73 -17.27 -28.98
CA ALA A 2040 5.40 -17.09 -28.39
C ALA A 2040 4.67 -18.42 -28.33
N MET A 2041 4.47 -18.94 -27.12
CA MET A 2041 3.58 -20.09 -26.89
C MET A 2041 2.23 -19.60 -26.38
N THR A 2042 1.51 -18.87 -27.23
CA THR A 2042 0.24 -18.32 -26.78
C THR A 2042 -0.87 -19.36 -26.69
N LYS A 2043 -0.79 -20.46 -27.44
CA LYS A 2043 -1.80 -21.51 -27.38
C LYS A 2043 -1.23 -22.84 -27.86
N PRO A 2044 -1.14 -23.85 -26.98
CA PRO A 2044 -0.75 -25.19 -27.43
C PRO A 2044 -1.91 -25.91 -28.08
N ASP A 2045 -1.59 -26.98 -28.80
CA ASP A 2045 -2.58 -27.78 -29.51
C ASP A 2045 -3.09 -28.85 -28.56
N ARG A 2046 -4.24 -28.58 -27.94
CA ARG A 2046 -4.79 -29.51 -26.96
C ARG A 2046 -5.43 -30.73 -27.61
N GLN A 2047 -5.95 -30.57 -28.83
CA GLN A 2047 -6.66 -31.66 -29.52
C GLN A 2047 -5.72 -32.80 -29.86
N LEU A 2048 -4.53 -32.47 -30.38
CA LEU A 2048 -3.55 -33.50 -30.70
C LEU A 2048 -2.99 -34.14 -29.44
N ILE A 2049 -2.86 -33.36 -28.36
CA ILE A 2049 -2.41 -33.89 -27.08
C ILE A 2049 -3.39 -34.92 -26.55
N ALA A 2050 -4.68 -34.58 -26.59
CA ALA A 2050 -5.70 -35.53 -26.13
C ALA A 2050 -5.84 -36.71 -27.07
N GLN A 2051 -5.61 -36.52 -28.37
CA GLN A 2051 -5.66 -37.61 -29.33
C GLN A 2051 -4.58 -38.65 -29.04
N VAL A 2052 -3.34 -38.20 -28.85
CA VAL A 2052 -2.25 -39.13 -28.59
C VAL A 2052 -2.39 -39.72 -27.18
N MET A 2053 -2.92 -38.95 -26.22
CA MET A 2053 -3.12 -39.47 -24.87
C MET A 2053 -4.20 -40.55 -24.86
N LEU A 2054 -5.29 -40.37 -25.61
CA LEU A 2054 -6.33 -41.39 -25.68
C LEU A 2054 -5.84 -42.61 -26.46
N TYR A 2055 -5.14 -42.40 -27.57
CA TYR A 2055 -4.63 -43.50 -28.38
C TYR A 2055 -3.55 -44.28 -27.66
N SER A 2056 -2.86 -43.67 -26.70
CA SER A 2056 -1.91 -44.39 -25.89
C SER A 2056 -2.57 -45.20 -24.78
N GLN A 2057 -3.83 -44.93 -24.47
CA GLN A 2057 -4.56 -45.65 -23.46
C GLN A 2057 -5.40 -46.78 -24.03
N GLY A 2058 -5.06 -47.25 -25.24
CA GLY A 2058 -5.77 -48.34 -25.86
C GLY A 2058 -7.12 -48.00 -26.43
N PHE A 2059 -7.48 -46.72 -26.51
CA PHE A 2059 -8.80 -46.33 -26.99
C PHE A 2059 -8.88 -46.49 -28.50
N ARG A 2060 -9.92 -47.15 -28.97
CA ARG A 2060 -10.04 -47.43 -30.40
C ARG A 2060 -10.43 -46.18 -31.18
N THR A 2061 -11.34 -45.38 -30.63
CA THR A 2061 -11.79 -44.14 -31.29
C THR A 2061 -11.23 -42.97 -30.49
N ALA A 2062 -9.99 -42.60 -30.81
CA ALA A 2062 -9.29 -41.54 -30.08
C ALA A 2062 -9.41 -40.17 -30.75
N GLU A 2063 -10.07 -40.08 -31.91
CA GLU A 2063 -10.15 -38.81 -32.60
C GLU A 2063 -11.40 -38.03 -32.22
N VAL A 2064 -12.57 -38.66 -32.40
CA VAL A 2064 -13.84 -38.02 -32.07
C VAL A 2064 -13.96 -37.77 -30.58
N LEU A 2065 -13.42 -38.68 -29.77
CA LEU A 2065 -13.50 -38.54 -28.32
C LEU A 2065 -12.65 -37.36 -27.83
N ALA A 2066 -11.45 -37.21 -28.39
CA ALA A 2066 -10.61 -36.07 -28.06
C ALA A 2066 -11.22 -34.76 -28.57
N ASN A 2067 -11.80 -34.79 -29.77
CA ASN A 2067 -12.47 -33.64 -30.33
C ASN A 2067 -13.73 -33.26 -29.56
N LYS A 2068 -14.29 -34.19 -28.78
CA LYS A 2068 -15.36 -33.83 -27.86
C LYS A 2068 -14.80 -33.26 -26.56
N ILE A 2069 -13.78 -33.91 -25.97
CA ILE A 2069 -13.39 -33.58 -24.61
C ILE A 2069 -12.63 -32.26 -24.54
N VAL A 2070 -11.85 -31.90 -25.58
CA VAL A 2070 -11.03 -30.68 -25.51
C VAL A 2070 -11.85 -29.39 -25.47
N PRO A 2071 -12.88 -29.17 -26.32
CA PRO A 2071 -13.70 -27.96 -26.12
C PRO A 2071 -14.59 -28.03 -24.90
N PHE A 2072 -14.82 -29.21 -24.33
CA PHE A 2072 -15.66 -29.32 -23.14
C PHE A 2072 -14.98 -28.67 -21.94
N PHE A 2073 -13.66 -28.74 -21.85
CA PHE A 2073 -12.95 -28.10 -20.74
C PHE A 2073 -12.99 -26.59 -20.87
N LYS A 2074 -12.90 -26.06 -22.09
CA LYS A 2074 -13.06 -24.62 -22.31
C LYS A 2074 -14.49 -24.18 -22.00
N LEU A 2075 -15.46 -25.00 -22.38
CA LEU A 2075 -16.86 -24.74 -22.02
C LEU A 2075 -17.06 -24.72 -20.51
N CYS A 2076 -16.41 -25.63 -19.80
CA CYS A 2076 -16.52 -25.66 -18.34
C CYS A 2076 -15.80 -24.47 -17.71
N ASP A 2077 -14.70 -24.02 -18.31
CA ASP A 2077 -14.00 -22.85 -17.79
C ASP A 2077 -14.78 -21.57 -18.03
N GLU A 2078 -15.56 -21.50 -19.10
CA GLU A 2078 -16.32 -20.28 -19.34
C GLU A 2078 -17.67 -20.28 -18.63
N GLN A 2079 -18.47 -21.35 -18.79
CA GLN A 2079 -19.86 -21.32 -18.39
C GLN A 2079 -20.04 -21.44 -16.87
N LEU A 2080 -19.15 -22.17 -16.20
CA LEU A 2080 -19.27 -22.30 -14.75
C LEU A 2080 -18.82 -21.01 -14.07
N SER A 2081 -19.34 -20.81 -12.86
CA SER A 2081 -18.93 -19.67 -12.05
C SER A 2081 -17.50 -19.87 -11.56
N SER A 2082 -16.77 -18.75 -11.43
CA SER A 2082 -15.36 -18.81 -11.13
C SER A 2082 -15.11 -19.19 -9.68
N GLN A 2083 -14.30 -20.22 -9.48
CA GLN A 2083 -13.87 -20.66 -8.16
C GLN A 2083 -12.37 -20.86 -8.15
N SER A 2084 -11.75 -20.57 -7.02
CA SER A 2084 -10.30 -20.60 -6.91
C SER A 2084 -9.73 -22.02 -6.87
N HIS A 2085 -10.57 -23.03 -6.68
CA HIS A 2085 -10.10 -24.41 -6.62
C HIS A 2085 -10.46 -25.22 -7.85
N TYR A 2086 -11.16 -24.63 -8.82
CA TYR A 2086 -11.44 -25.33 -10.07
C TYR A 2086 -10.20 -25.39 -10.93
N ASP A 2087 -10.00 -26.54 -11.58
CA ASP A 2087 -8.83 -26.78 -12.41
C ASP A 2087 -9.29 -27.34 -13.75
N PHE A 2088 -9.40 -26.47 -14.76
CA PHE A 2088 -9.71 -26.88 -16.12
C PHE A 2088 -8.50 -26.81 -17.04
N GLY A 2089 -7.30 -26.88 -16.47
CA GLY A 2089 -6.08 -26.75 -17.24
C GLY A 2089 -5.70 -28.05 -17.93
N LEU A 2090 -4.53 -28.00 -18.57
CA LEU A 2090 -4.05 -29.14 -19.35
C LEU A 2090 -3.62 -30.30 -18.45
N ARG A 2091 -3.08 -30.00 -17.27
CA ARG A 2091 -2.66 -31.06 -16.35
C ARG A 2091 -3.86 -31.84 -15.83
N ALA A 2092 -4.96 -31.14 -15.52
CA ALA A 2092 -6.18 -31.81 -15.10
C ALA A 2092 -6.77 -32.65 -16.22
N LEU A 2093 -6.66 -32.16 -17.46
CA LEU A 2093 -7.11 -32.93 -18.62
C LEU A 2093 -6.29 -34.20 -18.79
N LYS A 2094 -4.96 -34.12 -18.60
CA LYS A 2094 -4.11 -35.29 -18.69
C LYS A 2094 -4.42 -36.31 -17.60
N SER A 2095 -4.66 -35.83 -16.38
CA SER A 2095 -5.04 -36.72 -15.28
C SER A 2095 -6.39 -37.38 -15.54
N VAL A 2096 -7.33 -36.63 -16.12
CA VAL A 2096 -8.64 -37.16 -16.48
C VAL A 2096 -8.50 -38.27 -17.52
N LEU A 2097 -7.63 -38.07 -18.52
CA LEU A 2097 -7.47 -39.09 -19.56
C LEU A 2097 -6.79 -40.35 -19.03
N VAL A 2098 -5.80 -40.19 -18.13
CA VAL A 2098 -5.15 -41.35 -17.52
C VAL A 2098 -6.14 -42.12 -16.64
N SER A 2099 -6.98 -41.39 -15.89
CA SER A 2099 -8.02 -42.04 -15.10
C SER A 2099 -9.07 -42.73 -15.97
N ALA A 2100 -9.37 -42.16 -17.14
CA ALA A 2100 -10.31 -42.80 -18.05
C ALA A 2100 -9.75 -44.09 -18.62
N GLY A 2101 -8.44 -44.11 -18.92
CA GLY A 2101 -7.79 -45.34 -19.32
C GLY A 2101 -7.82 -46.39 -18.23
N ASN A 2102 -7.64 -45.96 -16.98
CA ASN A 2102 -7.72 -46.88 -15.84
C ASN A 2102 -9.14 -47.43 -15.66
N VAL A 2103 -10.16 -46.58 -15.88
CA VAL A 2103 -11.55 -47.03 -15.75
C VAL A 2103 -11.91 -48.02 -16.84
N LYS A 2104 -11.45 -47.77 -18.07
CA LYS A 2104 -11.66 -48.71 -19.18
C LYS A 2104 -10.98 -50.04 -18.92
N ARG A 2105 -9.74 -50.00 -18.40
CA ARG A 2105 -9.02 -51.23 -18.06
C ARG A 2105 -9.73 -52.00 -16.94
N GLU A 2106 -10.30 -51.26 -15.97
CA GLU A 2106 -11.06 -51.89 -14.89
C GLU A 2106 -12.32 -52.58 -15.42
N ARG A 2107 -13.03 -51.91 -16.34
CA ARG A 2107 -14.23 -52.51 -16.93
C ARG A 2107 -13.89 -53.75 -17.75
N ILE A 2108 -12.77 -53.70 -18.49
CA ILE A 2108 -12.33 -54.85 -19.27
C ILE A 2108 -11.95 -56.01 -18.36
N GLN A 2109 -11.28 -55.72 -17.23
CA GLN A 2109 -10.93 -56.77 -16.28
C GLN A 2109 -12.15 -57.36 -15.60
N LYS A 2110 -13.16 -56.53 -15.31
CA LYS A 2110 -14.41 -57.03 -14.72
C LYS A 2110 -15.15 -57.94 -15.68
N ILE A 2111 -15.21 -57.55 -16.97
CA ILE A 2111 -15.83 -58.38 -18.00
C ILE A 2111 -15.07 -59.70 -18.16
N LYS A 2112 -13.74 -59.63 -18.09
CA LYS A 2112 -12.91 -60.83 -18.17
C LYS A 2112 -13.16 -61.76 -16.99
N ARG A 2113 -13.34 -61.21 -15.78
CA ARG A 2113 -13.60 -62.04 -14.61
C ARG A 2113 -14.97 -62.70 -14.67
N GLU A 2114 -16.01 -61.94 -15.04
CA GLU A 2114 -17.34 -62.54 -15.11
C GLU A 2114 -17.48 -63.49 -16.29
N LYS A 2115 -16.66 -63.32 -17.33
CA LYS A 2115 -16.61 -64.28 -18.41
C LYS A 2115 -15.73 -65.49 -18.08
N GLU A 2116 -14.83 -65.34 -17.11
CA GLU A 2116 -14.06 -66.48 -16.64
C GLU A 2116 -14.90 -67.37 -15.73
N GLU A 2117 -15.77 -66.75 -14.91
CA GLU A 2117 -16.61 -67.53 -14.01
C GLU A 2117 -17.62 -68.36 -14.79
N ARG A 2118 -18.24 -67.78 -15.82
CA ARG A 2118 -19.10 -68.53 -16.71
C ARG A 2118 -18.25 -69.28 -17.73
N GLY A 2119 -18.87 -70.17 -18.49
CA GLY A 2119 -18.14 -70.87 -19.52
C GLY A 2119 -18.25 -70.19 -20.87
N GLU A 2120 -17.28 -69.32 -21.18
CA GLU A 2120 -17.24 -68.58 -22.43
C GLU A 2120 -15.79 -68.31 -22.77
N ALA A 2121 -15.51 -68.16 -24.06
CA ALA A 2121 -14.18 -67.84 -24.54
C ALA A 2121 -13.97 -66.33 -24.51
N VAL A 2122 -12.88 -65.90 -23.89
CA VAL A 2122 -12.62 -64.49 -23.62
C VAL A 2122 -11.48 -64.03 -24.51
N ASP A 2123 -11.75 -63.00 -25.31
CA ASP A 2123 -10.73 -62.32 -26.09
C ASP A 2123 -10.76 -60.85 -25.72
N GLU A 2124 -9.58 -60.28 -25.43
CA GLU A 2124 -9.51 -58.90 -24.95
C GLU A 2124 -9.90 -57.91 -26.04
N GLY A 2125 -9.52 -58.19 -27.28
CA GLY A 2125 -9.93 -57.34 -28.39
C GLY A 2125 -11.43 -57.40 -28.65
N GLU A 2126 -12.01 -58.60 -28.51
CA GLU A 2126 -13.44 -58.75 -28.75
C GLU A 2126 -14.26 -58.06 -27.66
N ILE A 2127 -13.87 -58.20 -26.39
CA ILE A 2127 -14.60 -57.53 -25.33
C ILE A 2127 -14.29 -56.04 -25.28
N ALA A 2128 -13.16 -55.61 -25.87
CA ALA A 2128 -12.89 -54.18 -26.00
C ALA A 2128 -13.59 -53.57 -27.19
N GLU A 2129 -14.01 -54.39 -28.17
CA GLU A 2129 -14.63 -53.86 -29.38
C GLU A 2129 -16.08 -53.44 -29.12
N ASN A 2130 -16.88 -54.35 -28.57
CA ASN A 2130 -18.32 -54.12 -28.40
C ASN A 2130 -18.56 -53.43 -27.05
N LEU A 2131 -18.09 -52.18 -26.96
CA LEU A 2131 -18.10 -51.50 -25.68
C LEU A 2131 -18.02 -49.99 -25.93
N PRO A 2132 -18.83 -49.18 -25.25
CA PRO A 2132 -18.80 -47.74 -25.50
C PRO A 2132 -17.68 -47.06 -24.73
N GLU A 2133 -17.09 -46.04 -25.36
CA GLU A 2133 -15.99 -45.29 -24.77
C GLU A 2133 -16.41 -43.94 -24.24
N GLN A 2134 -17.46 -43.34 -24.80
CA GLN A 2134 -18.00 -42.09 -24.26
C GLN A 2134 -18.55 -42.27 -22.86
N GLU A 2135 -19.07 -43.46 -22.56
CA GLU A 2135 -19.51 -43.76 -21.20
C GLU A 2135 -18.32 -43.82 -20.23
N ILE A 2136 -17.20 -44.38 -20.68
CA ILE A 2136 -15.99 -44.42 -19.85
C ILE A 2136 -15.47 -43.01 -19.58
N LEU A 2137 -15.44 -42.18 -20.63
CA LEU A 2137 -14.92 -40.82 -20.46
C LEU A 2137 -15.85 -39.99 -19.58
N ILE A 2138 -17.17 -40.12 -19.75
CA ILE A 2138 -18.09 -39.35 -18.93
C ILE A 2138 -18.07 -39.87 -17.49
N GLN A 2139 -17.80 -41.16 -17.28
CA GLN A 2139 -17.68 -41.69 -15.94
C GLN A 2139 -16.44 -41.15 -15.23
N SER A 2140 -15.31 -41.13 -15.93
CA SER A 2140 -14.09 -40.58 -15.33
C SER A 2140 -14.19 -39.09 -15.09
N VAL A 2141 -14.80 -38.35 -16.03
CA VAL A 2141 -14.97 -36.90 -15.89
C VAL A 2141 -15.88 -36.58 -14.72
N CYS A 2142 -16.99 -37.34 -14.56
CA CYS A 2142 -17.88 -37.11 -13.43
C CYS A 2142 -17.22 -37.47 -12.11
N GLU A 2143 -16.57 -38.65 -12.05
CA GLU A 2143 -15.95 -39.11 -10.81
C GLU A 2143 -14.73 -38.28 -10.41
N THR A 2144 -14.17 -37.49 -11.33
CA THR A 2144 -13.13 -36.55 -10.92
C THR A 2144 -13.70 -35.17 -10.58
N MET A 2145 -14.61 -34.64 -11.40
CA MET A 2145 -15.00 -33.24 -11.29
C MET A 2145 -16.16 -33.00 -10.32
N VAL A 2146 -17.14 -33.91 -10.28
CA VAL A 2146 -18.36 -33.66 -9.49
C VAL A 2146 -18.11 -33.44 -8.01
N PRO A 2147 -17.20 -34.16 -7.31
CA PRO A 2147 -16.90 -33.77 -5.91
C PRO A 2147 -16.40 -32.36 -5.70
N LYS A 2148 -15.75 -31.73 -6.68
CA LYS A 2148 -15.33 -30.35 -6.51
C LYS A 2148 -16.43 -29.35 -6.83
N LEU A 2149 -17.51 -29.77 -7.51
CA LEU A 2149 -18.55 -28.85 -7.93
C LEU A 2149 -19.41 -28.39 -6.77
N VAL A 2150 -19.86 -27.14 -6.84
CA VAL A 2150 -20.84 -26.61 -5.90
C VAL A 2150 -22.22 -27.03 -6.35
N ALA A 2151 -23.22 -26.84 -5.49
CA ALA A 2151 -24.57 -27.32 -5.79
C ALA A 2151 -25.25 -26.48 -6.87
N GLU A 2152 -24.92 -25.20 -6.97
CA GLU A 2152 -25.55 -24.36 -7.97
C GLU A 2152 -25.04 -24.67 -9.38
N ASP A 2153 -23.82 -25.18 -9.50
CA ASP A 2153 -23.19 -25.36 -10.79
C ASP A 2153 -23.16 -26.81 -11.27
N ILE A 2154 -23.66 -27.75 -10.47
CA ILE A 2154 -23.77 -29.14 -10.95
C ILE A 2154 -24.82 -29.35 -12.05
N PRO A 2155 -26.02 -28.72 -12.12
CA PRO A 2155 -26.84 -28.97 -13.32
C PRO A 2155 -26.37 -28.22 -14.55
N LEU A 2156 -25.63 -27.11 -14.37
CA LEU A 2156 -24.94 -26.50 -15.50
C LEU A 2156 -23.87 -27.42 -16.06
N LEU A 2157 -23.13 -28.10 -15.18
CA LEU A 2157 -22.13 -29.07 -15.64
C LEU A 2157 -22.80 -30.24 -16.35
N PHE A 2158 -23.93 -30.72 -15.84
CA PHE A 2158 -24.60 -31.81 -16.53
C PHE A 2158 -25.23 -31.38 -17.84
N SER A 2159 -25.67 -30.12 -17.93
CA SER A 2159 -26.18 -29.60 -19.20
C SER A 2159 -25.07 -29.48 -20.24
N LEU A 2160 -23.91 -28.96 -19.83
CA LEU A 2160 -22.75 -28.87 -20.73
C LEU A 2160 -22.29 -30.27 -21.16
N LEU A 2161 -22.30 -31.21 -20.22
CA LEU A 2161 -21.83 -32.55 -20.51
C LEU A 2161 -22.80 -33.30 -21.40
N SER A 2162 -24.10 -33.03 -21.29
CA SER A 2162 -25.07 -33.63 -22.20
C SER A 2162 -25.05 -32.94 -23.57
N ASP A 2163 -24.67 -31.66 -23.62
CA ASP A 2163 -24.57 -31.00 -24.91
C ASP A 2163 -23.34 -31.45 -25.69
N VAL A 2164 -22.20 -31.61 -25.00
CA VAL A 2164 -21.00 -32.10 -25.68
C VAL A 2164 -21.14 -33.58 -26.01
N PHE A 2165 -21.63 -34.37 -25.06
CA PHE A 2165 -21.88 -35.79 -25.27
C PHE A 2165 -23.38 -35.99 -25.37
N PRO A 2166 -23.96 -36.05 -26.57
CA PRO A 2166 -25.43 -36.13 -26.67
C PRO A 2166 -25.93 -37.53 -26.40
N GLY A 2167 -26.94 -37.63 -25.53
CA GLY A 2167 -27.56 -38.91 -25.25
C GLY A 2167 -26.72 -39.88 -24.45
N VAL A 2168 -25.71 -39.40 -23.73
CA VAL A 2168 -24.85 -40.24 -22.91
C VAL A 2168 -25.07 -39.86 -21.46
N GLN A 2169 -25.41 -40.84 -20.63
CA GLN A 2169 -25.68 -40.61 -19.22
C GLN A 2169 -24.66 -41.36 -18.36
N TYR A 2170 -24.40 -40.81 -17.19
CA TYR A 2170 -23.42 -41.34 -16.25
C TYR A 2170 -24.17 -41.96 -15.08
N HIS A 2171 -23.77 -43.19 -14.71
CA HIS A 2171 -24.44 -43.93 -13.65
C HIS A 2171 -23.47 -44.10 -12.47
N ARG A 2172 -23.91 -43.67 -11.30
CA ARG A 2172 -23.10 -43.78 -10.10
C ARG A 2172 -22.93 -45.24 -9.68
N GLY A 2173 -21.70 -45.62 -9.35
CA GLY A 2173 -21.39 -46.96 -8.89
C GLY A 2173 -22.07 -47.31 -7.58
N GLU A 2174 -22.84 -48.39 -7.58
CA GLU A 2174 -23.63 -48.77 -6.42
C GLU A 2174 -22.79 -49.60 -5.46
N MET A 2175 -22.59 -49.09 -4.25
CA MET A 2175 -21.92 -49.82 -3.18
C MET A 2175 -23.00 -50.18 -2.16
N THR A 2176 -23.55 -51.38 -2.31
CA THR A 2176 -24.73 -51.75 -1.52
C THR A 2176 -24.35 -52.04 -0.07
N ALA A 2177 -23.24 -52.75 0.15
CA ALA A 2177 -22.83 -53.11 1.51
C ALA A 2177 -22.45 -51.88 2.33
N LEU A 2178 -21.71 -50.96 1.73
CA LEU A 2178 -21.34 -49.73 2.41
C LEU A 2178 -22.57 -48.85 2.65
N ARG A 2179 -23.53 -48.86 1.74
CA ARG A 2179 -24.76 -48.12 1.97
C ARG A 2179 -25.60 -48.74 3.08
N GLU A 2180 -25.57 -50.07 3.21
CA GLU A 2180 -26.26 -50.72 4.34
C GLU A 2180 -25.61 -50.38 5.67
N GLU A 2181 -24.27 -50.36 5.71
CA GLU A 2181 -23.60 -49.96 6.94
C GLU A 2181 -23.81 -48.48 7.24
N LEU A 2182 -23.93 -47.65 6.20
CA LEU A 2182 -24.27 -46.24 6.38
C LEU A 2182 -25.68 -46.08 6.94
N LYS A 2183 -26.62 -46.90 6.47
CA LYS A 2183 -27.97 -46.89 7.01
C LYS A 2183 -27.99 -47.30 8.47
N LYS A 2184 -27.23 -48.34 8.83
CA LYS A 2184 -27.15 -48.78 10.22
C LYS A 2184 -26.52 -47.71 11.11
N VAL A 2185 -25.46 -47.07 10.65
CA VAL A 2185 -24.76 -46.08 11.46
C VAL A 2185 -25.61 -44.82 11.62
N CYS A 2186 -26.26 -44.36 10.54
CA CYS A 2186 -27.06 -43.15 10.63
C CYS A 2186 -28.33 -43.37 11.44
N GLN A 2187 -28.91 -44.58 11.37
CA GLN A 2187 -30.02 -44.89 12.25
C GLN A 2187 -29.56 -45.07 13.70
N GLU A 2188 -28.29 -45.41 13.92
CA GLU A 2188 -27.77 -45.46 15.28
C GLU A 2188 -27.62 -44.06 15.86
N MET A 2189 -27.15 -43.10 15.06
CA MET A 2189 -26.79 -41.78 15.55
C MET A 2189 -27.86 -40.73 15.25
N TYR A 2190 -29.11 -41.15 15.04
CA TYR A 2190 -30.28 -40.27 14.85
C TYR A 2190 -30.10 -39.35 13.65
N LEU A 2191 -29.74 -39.94 12.51
CA LEU A 2191 -29.47 -39.21 11.29
C LEU A 2191 -30.40 -39.65 10.18
N THR A 2192 -30.84 -38.70 9.37
CA THR A 2192 -31.69 -39.01 8.23
C THR A 2192 -30.87 -39.69 7.16
N TYR A 2193 -31.49 -40.60 6.42
CA TYR A 2193 -30.84 -41.35 5.36
C TYR A 2193 -31.48 -41.04 4.02
N GLY A 2194 -30.72 -41.29 2.95
CA GLY A 2194 -31.24 -41.18 1.61
C GLY A 2194 -30.57 -42.20 0.72
N ASP A 2195 -31.12 -42.37 -0.47
CA ASP A 2195 -30.56 -43.25 -1.50
C ASP A 2195 -30.64 -42.58 -2.86
N GLY A 2196 -30.43 -41.26 -2.90
CA GLY A 2196 -30.53 -40.53 -4.14
C GLY A 2196 -31.92 -39.96 -4.37
N GLU A 2197 -31.98 -38.63 -4.51
CA GLU A 2197 -33.22 -37.87 -4.76
C GLU A 2197 -34.28 -38.11 -3.68
N GLU A 2198 -33.82 -38.18 -2.43
CA GLU A 2198 -34.73 -38.24 -1.29
C GLU A 2198 -34.36 -37.15 -0.30
N VAL A 2199 -35.00 -37.15 0.87
CA VAL A 2199 -34.61 -36.21 1.92
C VAL A 2199 -33.38 -36.80 2.62
N GLY A 2200 -32.20 -36.46 2.12
CA GLY A 2200 -30.97 -36.98 2.65
C GLY A 2200 -30.11 -37.77 1.67
N GLY A 2201 -30.50 -37.85 0.40
CA GLY A 2201 -29.70 -38.56 -0.58
C GLY A 2201 -28.39 -37.90 -0.91
N MET A 2202 -28.38 -36.56 -0.97
CA MET A 2202 -27.18 -35.84 -1.37
C MET A 2202 -26.07 -35.93 -0.35
N TRP A 2203 -26.42 -35.99 0.95
CA TRP A 2203 -25.40 -36.16 1.98
C TRP A 2203 -24.73 -37.54 1.88
N VAL A 2204 -25.51 -38.57 1.60
CA VAL A 2204 -24.96 -39.90 1.40
C VAL A 2204 -24.11 -39.94 0.13
N GLU A 2205 -24.53 -39.21 -0.90
CA GLU A 2205 -23.73 -39.10 -2.12
C GLU A 2205 -22.39 -38.42 -1.85
N LYS A 2206 -22.40 -37.37 -1.03
CA LYS A 2206 -21.17 -36.66 -0.71
C LYS A 2206 -20.25 -37.51 0.18
N VAL A 2207 -20.81 -38.29 1.09
CA VAL A 2207 -19.94 -39.12 1.92
C VAL A 2207 -19.41 -40.32 1.13
N LEU A 2208 -20.14 -40.79 0.11
CA LEU A 2208 -19.59 -41.80 -0.77
C LEU A 2208 -18.48 -41.23 -1.65
N GLN A 2209 -18.65 -39.96 -2.08
CA GLN A 2209 -17.58 -39.27 -2.78
C GLN A 2209 -16.34 -39.13 -1.90
N LEU A 2210 -16.54 -38.84 -0.62
CA LEU A 2210 -15.42 -38.73 0.30
C LEU A 2210 -14.73 -40.08 0.50
N TYR A 2211 -15.52 -41.17 0.50
CA TYR A 2211 -14.93 -42.51 0.56
C TYR A 2211 -14.07 -42.79 -0.68
N GLN A 2212 -14.56 -42.42 -1.86
CA GLN A 2212 -13.78 -42.63 -3.07
C GLN A 2212 -12.52 -41.76 -3.10
N ILE A 2213 -12.60 -40.54 -2.56
CA ILE A 2213 -11.43 -39.67 -2.50
C ILE A 2213 -10.39 -40.23 -1.52
N THR A 2214 -10.84 -40.81 -0.40
CA THR A 2214 -9.91 -41.49 0.50
C THR A 2214 -9.28 -42.71 -0.17
N GLN A 2215 -10.04 -43.41 -1.02
CA GLN A 2215 -9.46 -44.51 -1.77
C GLN A 2215 -8.44 -44.03 -2.79
N ILE A 2216 -8.67 -42.88 -3.43
CA ILE A 2216 -7.77 -42.39 -4.46
C ILE A 2216 -6.62 -41.60 -3.84
N ASN A 2217 -6.94 -40.52 -3.15
CA ASN A 2217 -5.95 -39.58 -2.64
C ASN A 2217 -5.69 -39.80 -1.17
N HIS A 2218 -4.43 -39.68 -0.77
CA HIS A 2218 -4.07 -39.81 0.64
C HIS A 2218 -4.10 -38.47 1.38
N GLY A 2219 -4.44 -37.39 0.70
CA GLY A 2219 -4.66 -36.11 1.34
C GLY A 2219 -5.93 -35.46 0.82
N LEU A 2220 -6.90 -35.22 1.71
CA LEU A 2220 -8.21 -34.78 1.26
C LEU A 2220 -8.71 -33.67 2.16
N MET A 2221 -9.61 -32.86 1.59
CA MET A 2221 -10.21 -31.73 2.30
C MET A 2221 -11.73 -31.76 2.14
N MET A 2222 -12.40 -31.33 3.22
CA MET A 2222 -13.80 -30.99 3.20
C MET A 2222 -13.89 -29.48 3.32
N VAL A 2223 -14.62 -28.84 2.39
CA VAL A 2223 -14.37 -27.46 2.06
C VAL A 2223 -15.63 -26.60 2.01
N GLY A 2224 -16.80 -27.14 2.37
CA GLY A 2224 -18.02 -26.40 2.26
C GLY A 2224 -18.20 -25.38 3.38
N PRO A 2225 -19.36 -24.70 3.39
CA PRO A 2225 -19.63 -23.72 4.44
C PRO A 2225 -19.89 -24.34 5.81
N SER A 2226 -20.21 -23.50 6.79
CA SER A 2226 -20.47 -23.96 8.14
C SER A 2226 -21.86 -24.54 8.26
N GLY A 2227 -21.98 -25.62 9.03
CA GLY A 2227 -23.25 -26.27 9.25
C GLY A 2227 -23.78 -26.99 8.03
N SER A 2228 -22.93 -27.76 7.36
CA SER A 2228 -23.33 -28.51 6.17
C SER A 2228 -22.87 -29.96 6.26
N GLY A 2229 -22.65 -30.47 7.47
CA GLY A 2229 -22.43 -31.88 7.67
C GLY A 2229 -21.03 -32.38 7.42
N LYS A 2230 -20.06 -31.49 7.20
CA LYS A 2230 -18.72 -31.96 6.87
C LYS A 2230 -17.96 -32.47 8.11
N SER A 2231 -18.31 -32.01 9.31
CA SER A 2231 -17.53 -32.36 10.48
C SER A 2231 -17.80 -33.76 10.99
N MET A 2232 -18.97 -34.33 10.72
CA MET A 2232 -19.17 -35.69 11.21
C MET A 2232 -19.33 -36.72 10.12
N ALA A 2233 -19.37 -36.31 8.84
CA ALA A 2233 -19.53 -37.29 7.76
C ALA A 2233 -18.32 -38.22 7.68
N TRP A 2234 -17.13 -37.71 7.98
CA TRP A 2234 -15.96 -38.57 8.06
C TRP A 2234 -16.01 -39.50 9.27
N ARG A 2235 -16.59 -39.08 10.39
CA ARG A 2235 -16.78 -40.01 11.51
C ARG A 2235 -17.82 -41.07 11.19
N VAL A 2236 -18.89 -40.69 10.48
CA VAL A 2236 -19.90 -41.65 10.04
C VAL A 2236 -19.29 -42.67 9.08
N LEU A 2237 -18.45 -42.19 8.15
CA LEU A 2237 -17.75 -43.09 7.25
C LEU A 2237 -16.77 -43.98 7.99
N LEU A 2238 -16.07 -43.45 8.99
CA LEU A 2238 -15.14 -44.24 9.78
C LEU A 2238 -15.85 -45.33 10.57
N LYS A 2239 -16.97 -44.99 11.19
CA LYS A 2239 -17.71 -45.96 11.98
C LYS A 2239 -18.60 -46.86 11.14
N ALA A 2240 -18.72 -46.59 9.84
CA ALA A 2240 -19.28 -47.57 8.93
C ALA A 2240 -18.21 -48.49 8.35
N LEU A 2241 -17.01 -47.96 8.09
CA LEU A 2241 -15.91 -48.78 7.61
C LEU A 2241 -15.41 -49.75 8.67
N GLU A 2242 -15.48 -49.37 9.95
CA GLU A 2242 -15.09 -50.29 11.00
C GLU A 2242 -16.04 -51.47 11.13
N ARG A 2243 -17.27 -51.34 10.64
CA ARG A 2243 -18.23 -52.43 10.61
C ARG A 2243 -18.16 -53.22 9.31
N LEU A 2244 -17.92 -52.54 8.20
CA LEU A 2244 -17.87 -53.22 6.91
C LEU A 2244 -16.58 -54.04 6.76
N GLU A 2245 -15.45 -53.46 7.14
CA GLU A 2245 -14.17 -54.14 6.99
C GLU A 2245 -13.69 -54.83 8.26
N GLY A 2246 -14.25 -54.47 9.42
CA GLY A 2246 -13.77 -55.00 10.68
C GLY A 2246 -12.36 -54.56 11.03
N VAL A 2247 -12.00 -53.33 10.68
CA VAL A 2247 -10.71 -52.75 11.02
C VAL A 2247 -10.96 -51.58 11.97
N GLU A 2248 -10.18 -51.50 13.05
CA GLU A 2248 -10.38 -50.49 14.07
C GLU A 2248 -10.07 -49.11 13.53
N GLY A 2249 -10.91 -48.14 13.86
CA GLY A 2249 -10.73 -46.78 13.38
C GLY A 2249 -10.40 -45.80 14.48
N VAL A 2250 -9.22 -45.17 14.39
CA VAL A 2250 -8.78 -44.18 15.36
C VAL A 2250 -8.78 -42.82 14.69
N ALA A 2251 -9.25 -41.80 15.41
CA ALA A 2251 -9.33 -40.45 14.90
C ALA A 2251 -8.60 -39.49 15.83
N HIS A 2252 -7.84 -38.56 15.24
CA HIS A 2252 -7.12 -37.55 16.00
C HIS A 2252 -7.50 -36.18 15.45
N ILE A 2253 -8.22 -35.40 16.24
CA ILE A 2253 -8.68 -34.08 15.82
C ILE A 2253 -7.74 -33.04 16.40
N ILE A 2254 -7.06 -32.30 15.53
CA ILE A 2254 -6.09 -31.28 15.91
C ILE A 2254 -6.56 -29.95 15.35
N ASP A 2255 -6.59 -28.92 16.18
CA ASP A 2255 -6.80 -27.58 15.67
C ASP A 2255 -5.45 -26.98 15.26
N PRO A 2256 -5.33 -26.48 14.04
CA PRO A 2256 -4.02 -26.03 13.56
C PRO A 2256 -3.67 -24.60 13.96
N LYS A 2257 -4.67 -23.74 14.15
CA LYS A 2257 -4.41 -22.33 14.37
C LYS A 2257 -4.46 -21.92 15.84
N ALA A 2258 -5.15 -22.67 16.69
CA ALA A 2258 -5.14 -22.37 18.11
C ALA A 2258 -3.82 -22.80 18.78
N ILE A 2259 -3.03 -23.61 18.10
CA ILE A 2259 -1.77 -24.11 18.62
C ILE A 2259 -0.66 -23.63 17.68
N SER A 2260 0.39 -23.05 18.25
CA SER A 2260 1.46 -22.45 17.47
C SER A 2260 2.26 -23.50 16.71
N LYS A 2261 2.97 -23.04 15.67
CA LYS A 2261 3.74 -23.93 14.81
C LYS A 2261 4.90 -24.59 15.57
N ASP A 2262 5.56 -23.83 16.44
CA ASP A 2262 6.58 -24.40 17.31
C ASP A 2262 6.01 -25.41 18.29
N HIS A 2263 4.74 -25.28 18.65
CA HIS A 2263 4.06 -26.30 19.45
C HIS A 2263 3.48 -27.41 18.59
N LEU A 2264 3.06 -27.12 17.36
CA LEU A 2264 2.42 -28.13 16.53
C LEU A 2264 3.42 -29.11 15.94
N TYR A 2265 4.54 -28.63 15.43
CA TYR A 2265 5.53 -29.47 14.76
C TYR A 2265 6.80 -29.62 15.56
N GLY A 2266 6.93 -28.92 16.68
CA GLY A 2266 8.12 -29.03 17.50
C GLY A 2266 9.16 -28.01 17.12
N THR A 2267 9.95 -27.58 18.10
CA THR A 2267 11.04 -26.66 17.86
C THR A 2267 12.33 -27.23 18.44
N LEU A 2268 13.44 -26.97 17.75
CA LEU A 2268 14.74 -27.35 18.26
C LEU A 2268 15.20 -26.34 19.30
N ASP A 2269 16.01 -26.81 20.24
CA ASP A 2269 16.58 -25.92 21.24
C ASP A 2269 17.55 -24.96 20.59
N PRO A 2270 17.42 -23.65 20.83
CA PRO A 2270 18.40 -22.70 20.27
C PRO A 2270 19.80 -22.86 20.85
N ASN A 2271 19.89 -23.33 22.10
CA ASN A 2271 21.15 -23.74 22.70
C ASN A 2271 20.87 -24.98 23.53
N THR A 2272 21.93 -25.76 23.76
CA THR A 2272 21.87 -27.11 24.31
C THR A 2272 20.86 -27.96 23.52
N ARG A 2273 21.25 -28.21 22.27
CA ARG A 2273 20.35 -28.71 21.23
C ARG A 2273 19.83 -30.11 21.51
N GLU A 2274 18.55 -30.20 21.85
CA GLU A 2274 17.82 -31.47 21.93
C GLU A 2274 16.48 -31.27 21.22
N TRP A 2275 15.93 -32.35 20.70
CA TRP A 2275 14.73 -32.22 19.89
C TRP A 2275 13.48 -32.40 20.75
N THR A 2276 12.54 -31.47 20.59
CA THR A 2276 11.24 -31.52 21.25
C THR A 2276 10.17 -31.79 20.20
N ASP A 2277 9.36 -32.83 20.41
CA ASP A 2277 8.32 -33.19 19.48
C ASP A 2277 7.11 -32.28 19.62
N GLY A 2278 6.52 -31.91 18.50
CA GLY A 2278 5.26 -31.19 18.49
C GLY A 2278 4.09 -32.13 18.59
N LEU A 2279 2.90 -31.58 18.39
CA LEU A 2279 1.67 -32.36 18.49
C LEU A 2279 1.55 -33.36 17.34
N PHE A 2280 1.70 -32.86 16.10
CA PHE A 2280 1.59 -33.73 14.94
C PHE A 2280 2.74 -34.73 14.89
N THR A 2281 3.93 -34.30 15.30
CA THR A 2281 5.06 -35.21 15.33
C THR A 2281 4.90 -36.27 16.41
N HIS A 2282 4.27 -35.93 17.55
CA HIS A 2282 3.98 -36.94 18.56
C HIS A 2282 2.96 -37.95 18.06
N VAL A 2283 1.94 -37.48 17.33
CA VAL A 2283 0.93 -38.38 16.77
C VAL A 2283 1.57 -39.33 15.75
N LEU A 2284 2.39 -38.77 14.86
CA LEU A 2284 3.05 -39.59 13.84
C LEU A 2284 4.08 -40.54 14.43
N ARG A 2285 4.79 -40.11 15.48
CA ARG A 2285 5.76 -40.97 16.14
C ARG A 2285 5.06 -42.11 16.89
N LYS A 2286 3.91 -41.82 17.50
CA LYS A 2286 3.12 -42.85 18.14
C LYS A 2286 2.61 -43.87 17.13
N ILE A 2287 2.21 -43.40 15.95
CA ILE A 2287 1.76 -44.30 14.89
C ILE A 2287 2.91 -45.15 14.38
N ILE A 2288 4.07 -44.53 14.12
CA ILE A 2288 5.16 -45.25 13.46
C ILE A 2288 5.94 -46.16 14.43
N ASP A 2289 5.91 -45.88 15.73
CA ASP A 2289 6.64 -46.75 16.65
C ASP A 2289 5.90 -48.06 16.88
N SER A 2290 4.55 -48.02 16.81
CA SER A 2290 3.68 -49.20 16.88
C SER A 2290 3.86 -50.00 18.17
N VAL A 2291 3.98 -49.28 19.29
CA VAL A 2291 4.16 -49.95 20.58
C VAL A 2291 2.87 -50.66 20.98
N ARG A 2292 1.73 -50.01 20.80
CA ARG A 2292 0.44 -50.57 21.16
C ARG A 2292 -0.26 -51.22 19.96
N GLY A 2293 0.49 -51.55 18.91
CA GLY A 2293 -0.09 -52.12 17.71
C GLY A 2293 -0.99 -51.17 16.95
N GLU A 2294 -0.62 -49.88 16.90
CA GLU A 2294 -1.46 -48.88 16.27
C GLU A 2294 -1.46 -48.96 14.75
N LEU A 2295 -0.40 -49.51 14.16
CA LEU A 2295 -0.33 -49.59 12.69
C LEU A 2295 -1.23 -50.68 12.13
N GLN A 2296 -1.72 -51.60 12.96
CA GLN A 2296 -2.72 -52.56 12.49
C GLN A 2296 -4.06 -51.91 12.24
N LYS A 2297 -4.36 -50.83 12.97
CA LYS A 2297 -5.61 -50.10 12.79
C LYS A 2297 -5.45 -49.01 11.73
N ARG A 2298 -6.54 -48.32 11.44
CA ARG A 2298 -6.56 -47.23 10.48
C ARG A 2298 -6.77 -45.92 11.23
N GLN A 2299 -5.87 -44.96 11.02
CA GLN A 2299 -5.88 -43.70 11.75
C GLN A 2299 -6.13 -42.54 10.80
N TRP A 2300 -6.99 -41.62 11.23
CA TRP A 2300 -7.34 -40.43 10.46
C TRP A 2300 -7.02 -39.20 11.29
N ILE A 2301 -6.13 -38.35 10.76
CA ILE A 2301 -5.77 -37.10 11.40
C ILE A 2301 -6.57 -35.99 10.72
N VAL A 2302 -7.41 -35.31 11.49
CA VAL A 2302 -8.29 -34.27 10.97
C VAL A 2302 -7.86 -32.94 11.57
N PHE A 2303 -7.43 -32.01 10.72
CA PHE A 2303 -7.06 -30.67 11.15
C PHE A 2303 -8.31 -29.81 11.09
N ASP A 2304 -9.05 -29.81 12.21
CA ASP A 2304 -10.32 -29.10 12.30
C ASP A 2304 -10.02 -27.61 12.50
N GLY A 2305 -9.85 -26.91 11.40
CA GLY A 2305 -9.60 -25.49 11.46
C GLY A 2305 -9.30 -24.95 10.09
N ASP A 2306 -9.31 -23.62 10.00
CA ASP A 2306 -9.14 -22.94 8.73
C ASP A 2306 -7.72 -23.07 8.20
N VAL A 2307 -7.59 -23.00 6.89
CA VAL A 2307 -6.33 -23.26 6.21
C VAL A 2307 -5.52 -21.98 6.12
N ASP A 2308 -4.20 -22.12 6.25
CA ASP A 2308 -3.25 -21.02 6.25
C ASP A 2308 -1.91 -21.52 5.76
N PRO A 2309 -1.21 -20.76 4.89
CA PRO A 2309 0.03 -21.28 4.28
C PRO A 2309 1.18 -21.50 5.25
N GLU A 2310 1.17 -20.89 6.43
CA GLU A 2310 2.34 -20.98 7.31
C GLU A 2310 2.48 -22.37 7.95
N TRP A 2311 1.38 -22.94 8.43
CA TRP A 2311 1.44 -24.22 9.14
C TRP A 2311 1.36 -25.42 8.21
N VAL A 2312 1.21 -25.23 6.90
CA VAL A 2312 1.11 -26.32 5.95
C VAL A 2312 2.36 -26.49 5.11
N GLU A 2313 3.35 -25.60 5.26
CA GLU A 2313 4.54 -25.69 4.43
C GLU A 2313 5.39 -26.92 4.79
N ASN A 2314 5.46 -27.25 6.08
CA ASN A 2314 6.12 -28.49 6.46
C ASN A 2314 5.27 -29.70 6.12
N LEU A 2315 3.95 -29.52 6.03
CA LEU A 2315 3.06 -30.60 5.64
C LEU A 2315 3.13 -30.91 4.15
N ASN A 2316 3.66 -30.00 3.34
CA ASN A 2316 3.75 -30.24 1.90
C ASN A 2316 4.78 -31.30 1.55
N SER A 2317 5.80 -31.48 2.40
CA SER A 2317 6.81 -32.49 2.14
C SER A 2317 6.30 -33.91 2.39
N VAL A 2318 5.24 -34.06 3.16
CA VAL A 2318 4.62 -35.37 3.35
C VAL A 2318 3.31 -35.49 2.58
N LEU A 2319 2.73 -34.37 2.13
CA LEU A 2319 1.44 -34.39 1.45
C LEU A 2319 1.59 -34.73 -0.04
N ASP A 2320 2.78 -34.59 -0.60
CA ASP A 2320 3.03 -35.00 -1.97
C ASP A 2320 3.31 -36.50 -2.05
N ASP A 2321 3.77 -36.95 -3.21
CA ASP A 2321 4.02 -38.38 -3.42
C ASP A 2321 5.28 -38.85 -2.71
N ASN A 2322 6.16 -37.95 -2.28
CA ASN A 2322 7.36 -38.36 -1.55
C ASN A 2322 6.99 -38.92 -0.18
N LYS A 2323 6.05 -38.26 0.51
CA LYS A 2323 5.54 -38.67 1.83
C LYS A 2323 6.66 -38.79 2.86
N LEU A 2324 7.37 -37.68 3.05
CA LEU A 2324 8.55 -37.65 3.91
C LEU A 2324 8.57 -36.32 4.64
N LEU A 2325 8.34 -36.34 5.94
CA LEU A 2325 8.39 -35.16 6.78
C LEU A 2325 9.81 -34.95 7.28
N THR A 2326 10.34 -33.76 7.05
CA THR A 2326 11.64 -33.35 7.55
C THR A 2326 11.47 -32.35 8.69
N LEU A 2327 12.44 -32.32 9.58
CA LEU A 2327 12.38 -31.55 10.81
C LEU A 2327 13.65 -30.73 10.96
N PRO A 2328 13.60 -29.65 11.75
CA PRO A 2328 14.85 -28.97 12.13
C PRO A 2328 15.80 -29.84 12.94
N ASN A 2329 15.29 -30.87 13.61
CA ASN A 2329 16.16 -31.91 14.17
C ASN A 2329 16.93 -32.61 13.06
N GLY A 2330 16.27 -32.88 11.94
CA GLY A 2330 16.88 -33.58 10.83
C GLY A 2330 16.32 -34.97 10.59
N GLU A 2331 15.31 -35.39 11.35
CA GLU A 2331 14.70 -36.70 11.13
C GLU A 2331 13.82 -36.67 9.90
N ARG A 2332 13.88 -37.74 9.12
CA ARG A 2332 13.09 -37.89 7.90
C ARG A 2332 12.11 -39.02 8.15
N LEU A 2333 10.86 -38.68 8.40
CA LEU A 2333 9.85 -39.64 8.82
C LEU A 2333 8.88 -39.94 7.68
N SER A 2334 8.59 -41.21 7.47
CA SER A 2334 7.72 -41.66 6.40
C SER A 2334 6.33 -41.96 6.94
N LEU A 2335 5.31 -41.42 6.29
CA LEU A 2335 3.95 -41.62 6.72
C LEU A 2335 3.47 -43.02 6.32
N PRO A 2336 2.95 -43.81 7.28
CA PRO A 2336 2.50 -45.16 6.93
C PRO A 2336 1.25 -45.11 6.06
N PRO A 2337 1.01 -46.16 5.25
CA PRO A 2337 -0.17 -46.16 4.37
C PRO A 2337 -1.51 -46.24 5.09
N ASN A 2338 -1.52 -46.56 6.38
CA ASN A 2338 -2.76 -46.61 7.15
C ASN A 2338 -3.26 -45.23 7.57
N VAL A 2339 -2.47 -44.20 7.36
CA VAL A 2339 -2.79 -42.86 7.82
C VAL A 2339 -3.35 -42.05 6.66
N ARG A 2340 -4.30 -41.17 6.95
CA ARG A 2340 -4.90 -40.29 5.96
C ARG A 2340 -5.08 -38.91 6.57
N ILE A 2341 -4.35 -37.94 6.05
CA ILE A 2341 -4.45 -36.56 6.52
C ILE A 2341 -5.71 -35.93 5.98
N MET A 2342 -6.51 -35.33 6.86
CA MET A 2342 -7.76 -34.70 6.46
C MET A 2342 -7.75 -33.22 6.83
N PHE A 2343 -8.70 -32.49 6.25
CA PHE A 2343 -8.87 -31.08 6.53
C PHE A 2343 -10.35 -30.77 6.64
N GLU A 2344 -10.68 -29.74 7.42
CA GLU A 2344 -12.04 -29.23 7.53
C GLU A 2344 -11.95 -27.71 7.51
N VAL A 2345 -12.33 -27.11 6.39
CA VAL A 2345 -12.21 -25.67 6.22
C VAL A 2345 -13.53 -25.10 5.74
N GLN A 2346 -13.81 -23.88 6.17
CA GLN A 2346 -15.03 -23.21 5.72
C GLN A 2346 -14.88 -22.72 4.28
N ASP A 2347 -13.73 -22.16 3.94
CA ASP A 2347 -13.47 -21.63 2.60
C ASP A 2347 -11.98 -21.72 2.31
N LEU A 2348 -11.61 -21.36 1.09
CA LEU A 2348 -10.22 -21.30 0.65
C LEU A 2348 -9.83 -19.88 0.30
N LYS A 2349 -10.22 -18.94 1.16
CA LYS A 2349 -9.90 -17.53 0.95
C LYS A 2349 -8.40 -17.28 1.09
N TYR A 2350 -7.73 -18.02 1.97
CA TYR A 2350 -6.30 -17.88 2.21
C TYR A 2350 -5.59 -19.22 2.08
N ALA A 2351 -5.87 -19.93 1.00
CA ALA A 2351 -5.24 -21.20 0.70
C ALA A 2351 -4.30 -21.04 -0.49
N THR A 2352 -3.07 -21.51 -0.34
CA THR A 2352 -2.12 -21.48 -1.45
C THR A 2352 -2.46 -22.56 -2.46
N LEU A 2353 -2.00 -22.35 -3.70
CA LEU A 2353 -2.27 -23.31 -4.77
C LEU A 2353 -1.44 -24.57 -4.60
N ALA A 2354 -0.26 -24.46 -3.99
CA ALA A 2354 0.67 -25.59 -3.90
C ALA A 2354 0.15 -26.67 -2.96
N THR A 2355 -0.61 -26.30 -1.93
CA THR A 2355 -1.18 -27.32 -1.05
C THR A 2355 -2.51 -27.83 -1.59
N VAL A 2356 -3.30 -26.96 -2.24
CA VAL A 2356 -4.59 -27.39 -2.76
C VAL A 2356 -4.43 -28.25 -4.00
N SER A 2357 -3.27 -28.21 -4.67
CA SER A 2357 -3.06 -29.06 -5.83
C SER A 2357 -2.81 -30.51 -5.44
N ARG A 2358 -2.40 -30.77 -4.20
CA ARG A 2358 -2.06 -32.10 -3.75
C ARG A 2358 -3.20 -32.84 -3.06
N CYS A 2359 -4.36 -32.21 -2.90
CA CYS A 2359 -5.44 -32.76 -2.10
C CYS A 2359 -6.70 -32.94 -2.92
N GLY A 2360 -7.31 -34.12 -2.80
CA GLY A 2360 -8.65 -34.29 -3.31
C GLY A 2360 -9.66 -33.63 -2.38
N MET A 2361 -10.62 -32.92 -2.98
CA MET A 2361 -11.54 -32.11 -2.20
C MET A 2361 -12.97 -32.54 -2.44
N VAL A 2362 -13.81 -32.35 -1.42
CA VAL A 2362 -15.25 -32.49 -1.54
C VAL A 2362 -15.89 -31.18 -1.10
N TRP A 2363 -16.78 -30.64 -1.92
CA TRP A 2363 -17.51 -29.43 -1.57
C TRP A 2363 -18.83 -29.82 -0.91
N PHE A 2364 -18.95 -29.53 0.38
CA PHE A 2364 -20.15 -29.85 1.16
C PHE A 2364 -21.01 -28.59 1.21
N SER A 2365 -21.84 -28.39 0.20
CA SER A 2365 -22.62 -27.16 0.07
C SER A 2365 -23.73 -27.11 1.13
N GLU A 2366 -24.32 -25.92 1.27
CA GLU A 2366 -25.35 -25.71 2.26
C GLU A 2366 -26.66 -26.41 1.88
N ASP A 2367 -26.91 -26.60 0.59
CA ASP A 2367 -28.12 -27.26 0.15
C ASP A 2367 -28.02 -28.78 0.18
N VAL A 2368 -26.84 -29.31 0.54
CA VAL A 2368 -26.74 -30.73 0.85
C VAL A 2368 -27.62 -31.07 2.05
N LEU A 2369 -27.60 -30.22 3.05
CA LEU A 2369 -28.34 -30.41 4.28
C LEU A 2369 -29.62 -29.56 4.22
N SER A 2370 -30.77 -30.21 4.19
CA SER A 2370 -32.01 -29.48 4.29
C SER A 2370 -32.45 -29.42 5.75
N THR A 2371 -33.42 -28.54 6.02
CA THR A 2371 -33.88 -28.34 7.40
C THR A 2371 -34.63 -29.54 7.94
N ASP A 2372 -35.20 -30.36 7.05
CA ASP A 2372 -35.93 -31.54 7.47
C ASP A 2372 -35.01 -32.58 8.11
N MET A 2373 -33.76 -32.67 7.63
CA MET A 2373 -32.79 -33.55 8.24
C MET A 2373 -32.42 -33.09 9.65
N ILE A 2374 -32.36 -31.77 9.85
CA ILE A 2374 -32.12 -31.20 11.18
C ILE A 2374 -33.29 -31.50 12.11
N PHE A 2375 -34.52 -31.34 11.62
CA PHE A 2375 -35.69 -31.60 12.45
C PHE A 2375 -35.80 -33.08 12.80
N ASN A 2376 -35.47 -33.97 11.84
CA ASN A 2376 -35.45 -35.39 12.11
C ASN A 2376 -34.38 -35.76 13.13
N ASN A 2377 -33.20 -35.13 13.04
CA ASN A 2377 -32.15 -35.39 14.02
C ASN A 2377 -32.56 -34.91 15.40
N PHE A 2378 -33.21 -33.74 15.48
CA PHE A 2378 -33.64 -33.22 16.78
C PHE A 2378 -34.71 -34.09 17.42
N LEU A 2379 -35.71 -34.50 16.63
CA LEU A 2379 -36.78 -35.33 17.18
C LEU A 2379 -36.28 -36.72 17.55
N ALA A 2380 -35.42 -37.32 16.72
CA ALA A 2380 -34.91 -38.64 17.03
C ALA A 2380 -33.90 -38.60 18.18
N ARG A 2381 -33.24 -37.46 18.39
CA ARG A 2381 -32.40 -37.31 19.57
C ARG A 2381 -33.25 -37.17 20.83
N LEU A 2382 -34.28 -36.32 20.75
CA LEU A 2382 -35.10 -36.04 21.92
C LEU A 2382 -35.98 -37.22 22.31
N ARG A 2383 -36.31 -38.11 21.37
CA ARG A 2383 -37.08 -39.29 21.71
C ARG A 2383 -36.24 -40.40 22.33
N SER A 2384 -34.92 -40.27 22.36
CA SER A 2384 -34.10 -41.36 22.87
C SER A 2384 -33.12 -40.92 23.95
N ILE A 2385 -32.65 -39.68 23.89
CA ILE A 2385 -31.67 -39.23 24.87
C ILE A 2385 -32.38 -38.84 26.16
N PRO A 2386 -31.78 -39.09 27.33
CA PRO A 2386 -32.29 -38.50 28.57
C PRO A 2386 -31.55 -37.21 28.89
N LEU A 2387 -32.29 -36.24 29.40
CA LEU A 2387 -31.71 -34.94 29.72
C LEU A 2387 -31.16 -34.85 31.14
N ASP A 2388 -31.17 -35.95 31.89
CA ASP A 2388 -30.67 -35.95 33.26
C ASP A 2388 -29.51 -36.91 33.48
N GLU A 2389 -29.08 -37.63 32.44
CA GLU A 2389 -28.13 -38.72 32.64
C GLU A 2389 -26.72 -38.21 32.92
N GLY A 2390 -26.38 -37.02 32.45
CA GLY A 2390 -25.05 -36.50 32.65
C GLY A 2390 -24.04 -37.06 31.66
N GLU A 2391 -23.14 -37.91 32.15
CA GLU A 2391 -22.09 -38.48 31.33
C GLU A 2391 -22.06 -40.00 31.37
N ASP A 2392 -22.76 -40.64 32.32
CA ASP A 2392 -22.68 -42.09 32.46
C ASP A 2392 -23.37 -42.83 31.32
N GLU A 2393 -24.55 -42.36 30.92
CA GLU A 2393 -25.35 -43.07 29.92
C GLU A 2393 -24.99 -42.67 28.49
N ALA A 2394 -24.02 -41.77 28.30
CA ALA A 2394 -23.62 -41.40 26.95
C ALA A 2394 -22.92 -42.54 26.24
N GLN A 2395 -22.19 -43.39 26.98
CA GLN A 2395 -21.66 -44.62 26.40
C GLN A 2395 -22.71 -45.71 26.31
N ARG A 2396 -23.84 -45.55 26.99
CA ARG A 2396 -24.92 -46.54 26.93
C ARG A 2396 -25.81 -46.37 25.70
N ARG A 2397 -25.62 -45.31 24.93
CA ARG A 2397 -26.42 -45.09 23.74
C ARG A 2397 -25.75 -45.69 22.50
N GLU A 2406 -36.13 -50.00 26.55
CA GLU A 2406 -35.70 -48.66 26.91
C GLU A 2406 -36.90 -47.74 27.15
N GLU A 2407 -38.09 -48.34 27.17
CA GLU A 2407 -39.31 -47.57 27.36
C GLU A 2407 -39.42 -47.04 28.78
N ALA A 2408 -39.19 -47.90 29.76
CA ALA A 2408 -39.26 -47.52 31.18
C ALA A 2408 -37.90 -47.17 31.74
N ALA A 2409 -37.24 -46.17 31.13
CA ALA A 2409 -35.95 -45.71 31.63
C ALA A 2409 -36.12 -44.56 32.61
N SER A 2410 -37.00 -43.60 32.29
CA SER A 2410 -37.28 -42.47 33.16
C SER A 2410 -38.64 -41.92 32.78
N PRO A 2411 -39.37 -41.32 33.73
CA PRO A 2411 -40.60 -40.60 33.35
C PRO A 2411 -40.34 -39.38 32.50
N MET A 2412 -39.15 -38.78 32.61
CA MET A 2412 -38.87 -37.58 31.82
C MET A 2412 -38.71 -37.91 30.35
N LEU A 2413 -38.27 -39.13 30.03
CA LEU A 2413 -38.24 -39.59 28.65
C LEU A 2413 -39.64 -39.69 28.08
N GLN A 2414 -40.60 -40.17 28.89
CA GLN A 2414 -41.98 -40.28 28.42
C GLN A 2414 -42.60 -38.90 28.23
N ILE A 2415 -42.30 -37.94 29.11
CA ILE A 2415 -42.97 -36.66 28.96
C ILE A 2415 -42.34 -35.88 27.80
N GLN A 2416 -41.03 -36.05 27.54
CA GLN A 2416 -40.48 -35.41 26.35
C GLN A 2416 -40.91 -36.12 25.07
N ARG A 2417 -41.21 -37.42 25.12
CA ARG A 2417 -41.81 -38.08 23.97
C ARG A 2417 -43.20 -37.54 23.68
N ASP A 2418 -43.98 -37.28 24.73
CA ASP A 2418 -45.30 -36.67 24.55
C ASP A 2418 -45.18 -35.25 24.00
N ALA A 2419 -44.16 -34.52 24.44
CA ALA A 2419 -43.91 -33.18 23.91
C ALA A 2419 -43.52 -33.24 22.43
N ALA A 2420 -42.72 -34.25 22.05
CA ALA A 2420 -42.36 -34.43 20.65
C ALA A 2420 -43.58 -34.74 19.80
N THR A 2421 -44.47 -35.58 20.32
CA THR A 2421 -45.72 -35.90 19.62
C THR A 2421 -46.59 -34.65 19.46
N ILE A 2422 -46.56 -33.76 20.46
CA ILE A 2422 -47.34 -32.53 20.36
C ILE A 2422 -46.74 -31.58 19.33
N MET A 2423 -45.41 -31.39 19.36
CA MET A 2423 -44.80 -30.36 18.53
C MET A 2423 -44.36 -30.87 17.15
N GLN A 2424 -44.58 -32.15 16.85
CA GLN A 2424 -44.28 -32.65 15.50
C GLN A 2424 -45.09 -32.02 14.36
N PRO A 2425 -46.42 -31.75 14.46
CA PRO A 2425 -47.09 -31.08 13.32
C PRO A 2425 -46.63 -29.65 13.05
N TYR A 2426 -45.98 -28.99 14.00
CA TYR A 2426 -45.40 -27.68 13.74
C TYR A 2426 -43.99 -27.76 13.18
N PHE A 2427 -43.42 -28.96 13.10
CA PHE A 2427 -42.06 -29.18 12.63
C PHE A 2427 -41.99 -29.63 11.18
N THR A 2428 -43.09 -29.53 10.44
CA THR A 2428 -43.10 -30.03 9.07
C THR A 2428 -42.41 -29.05 8.13
N SER A 2429 -42.28 -29.46 6.87
CA SER A 2429 -41.62 -28.64 5.86
C SER A 2429 -42.40 -27.39 5.51
N ASN A 2430 -43.73 -27.46 5.54
CA ASN A 2430 -44.61 -26.33 5.23
C ASN A 2430 -45.49 -26.02 6.43
N GLY A 2431 -44.87 -26.00 7.61
CA GLY A 2431 -45.60 -25.73 8.83
C GLY A 2431 -45.34 -24.33 9.36
N LEU A 2432 -44.80 -24.25 10.57
CA LEU A 2432 -44.55 -22.98 11.22
C LEU A 2432 -43.07 -22.62 11.30
N VAL A 2433 -42.23 -23.59 11.65
CA VAL A 2433 -40.83 -23.30 11.95
C VAL A 2433 -40.06 -22.94 10.67
N THR A 2434 -40.33 -23.65 9.57
CA THR A 2434 -39.65 -23.35 8.32
C THR A 2434 -40.06 -21.99 7.75
N LYS A 2435 -41.36 -21.67 7.84
CA LYS A 2435 -41.82 -20.36 7.39
C LYS A 2435 -41.27 -19.24 8.26
N ALA A 2436 -41.18 -19.48 9.57
CA ALA A 2436 -40.58 -18.50 10.48
C ALA A 2436 -39.10 -18.32 10.19
N LEU A 2437 -38.41 -19.41 9.84
CA LEU A 2437 -36.99 -19.32 9.53
C LEU A 2437 -36.74 -18.57 8.23
N GLU A 2438 -37.54 -18.83 7.19
CA GLU A 2438 -37.35 -18.11 5.94
C GLU A 2438 -37.79 -16.65 6.05
N HIS A 2439 -38.73 -16.34 6.95
CA HIS A 2439 -39.05 -14.94 7.17
C HIS A 2439 -37.99 -14.24 8.01
N ALA A 2440 -37.40 -14.95 8.98
CA ALA A 2440 -36.36 -14.36 9.82
C ALA A 2440 -35.05 -14.18 9.05
N PHE A 2441 -34.83 -14.96 8.00
CA PHE A 2441 -33.70 -14.70 7.11
C PHE A 2441 -33.84 -13.39 6.36
N GLN A 2442 -35.08 -12.91 6.16
CA GLN A 2442 -35.29 -11.59 5.58
C GLN A 2442 -34.97 -10.48 6.56
N LEU A 2443 -35.06 -10.75 7.86
CA LEU A 2443 -34.75 -9.74 8.86
C LEU A 2443 -33.26 -9.47 8.93
N GLU A 2444 -32.91 -8.22 9.23
CA GLU A 2444 -31.51 -7.89 9.48
C GLU A 2444 -31.21 -8.03 10.95
N HIS A 2445 -29.96 -8.40 11.25
CA HIS A 2445 -29.53 -8.63 12.61
C HIS A 2445 -28.18 -7.99 12.82
N ILE A 2446 -27.71 -8.01 14.06
CA ILE A 2446 -26.41 -7.43 14.38
C ILE A 2446 -25.28 -8.24 13.77
N MET A 2447 -25.43 -9.56 13.75
CA MET A 2447 -24.53 -10.44 13.01
C MET A 2447 -25.30 -11.24 11.97
N ASP A 2448 -24.56 -12.09 11.26
CA ASP A 2448 -25.13 -12.88 10.19
C ASP A 2448 -26.00 -13.99 10.76
N LEU A 2449 -27.21 -14.13 10.22
CA LEU A 2449 -28.16 -15.12 10.72
C LEU A 2449 -27.83 -16.48 10.12
N THR A 2450 -26.89 -17.19 10.76
CA THR A 2450 -26.67 -18.58 10.42
C THR A 2450 -27.88 -19.42 10.84
N ARG A 2451 -28.25 -20.37 10.00
CA ARG A 2451 -29.44 -21.18 10.24
C ARG A 2451 -29.25 -22.12 11.42
N LEU A 2452 -28.08 -22.76 11.50
CA LEU A 2452 -27.84 -23.75 12.55
C LEU A 2452 -27.75 -23.12 13.92
N ARG A 2453 -27.35 -21.85 14.00
CA ARG A 2453 -27.33 -21.13 15.28
C ARG A 2453 -28.74 -20.98 15.85
N CYS A 2454 -29.67 -20.51 15.02
CA CYS A 2454 -31.06 -20.36 15.44
C CYS A 2454 -31.70 -21.69 15.74
N LEU A 2455 -31.38 -22.72 14.95
CA LEU A 2455 -31.97 -24.03 15.17
C LEU A 2455 -31.46 -24.67 16.48
N GLY A 2456 -30.15 -24.57 16.75
CA GLY A 2456 -29.61 -25.10 17.99
C GLY A 2456 -30.10 -24.35 19.21
N SER A 2457 -30.24 -23.03 19.10
CA SER A 2457 -30.82 -22.22 20.17
C SER A 2457 -32.27 -22.61 20.45
N LEU A 2458 -33.06 -22.82 19.39
CA LEU A 2458 -34.45 -23.24 19.55
C LEU A 2458 -34.55 -24.62 20.20
N PHE A 2459 -33.64 -25.53 19.81
CA PHE A 2459 -33.66 -26.87 20.38
C PHE A 2459 -33.30 -26.86 21.86
N SER A 2460 -32.33 -26.01 22.24
CA SER A 2460 -31.97 -25.87 23.65
C SER A 2460 -33.13 -25.29 24.46
N MET A 2461 -33.83 -24.30 23.91
CA MET A 2461 -34.95 -23.73 24.65
C MET A 2461 -36.14 -24.68 24.75
N LEU A 2462 -36.33 -25.55 23.76
CA LEU A 2462 -37.37 -26.57 23.90
C LEU A 2462 -36.97 -27.65 24.89
N HIS A 2463 -35.67 -27.94 25.00
CA HIS A 2463 -35.17 -28.79 26.08
C HIS A 2463 -35.47 -28.19 27.44
N GLN A 2464 -35.30 -26.87 27.57
CA GLN A 2464 -35.64 -26.21 28.82
C GLN A 2464 -37.15 -26.21 29.07
N ALA A 2465 -37.97 -26.20 28.01
CA ALA A 2465 -39.41 -26.33 28.17
C ALA A 2465 -39.78 -27.68 28.78
N CYS A 2466 -39.19 -28.76 28.27
CA CYS A 2466 -39.51 -30.07 28.84
C CYS A 2466 -38.92 -30.23 30.24
N ARG A 2467 -37.80 -29.55 30.52
CA ARG A 2467 -37.29 -29.50 31.89
C ARG A 2467 -38.26 -28.77 32.82
N ASN A 2468 -38.90 -27.72 32.33
CA ASN A 2468 -39.90 -27.01 33.13
C ASN A 2468 -41.11 -27.90 33.42
N VAL A 2469 -41.51 -28.71 32.43
CA VAL A 2469 -42.62 -29.65 32.66
C VAL A 2469 -42.22 -30.68 33.71
N ALA A 2470 -40.98 -31.17 33.64
CA ALA A 2470 -40.49 -32.10 34.66
C ALA A 2470 -40.41 -31.45 36.03
N GLN A 2471 -40.10 -30.15 36.09
CA GLN A 2471 -40.10 -29.43 37.36
C GLN A 2471 -41.51 -29.30 37.93
N TYR A 2472 -42.50 -29.06 37.05
CA TYR A 2472 -43.90 -29.05 37.48
C TYR A 2472 -44.32 -30.41 38.02
N ASN A 2473 -43.89 -31.49 37.37
CA ASN A 2473 -44.25 -32.82 37.85
C ASN A 2473 -43.49 -33.19 39.12
N ALA A 2474 -42.32 -32.60 39.33
CA ALA A 2474 -41.58 -32.85 40.56
C ALA A 2474 -42.21 -32.10 41.74
N ASN A 2475 -42.68 -30.87 41.50
CA ASN A 2475 -43.26 -30.09 42.59
C ASN A 2475 -44.69 -30.47 42.91
N HIS A 2476 -45.38 -31.19 42.02
CA HIS A 2476 -46.78 -31.59 42.22
C HIS A 2476 -46.88 -33.10 42.03
N PRO A 2477 -46.48 -33.88 43.03
CA PRO A 2477 -46.44 -35.35 42.84
C PRO A 2477 -47.79 -36.03 43.03
N ASP A 2478 -48.85 -35.31 43.38
CA ASP A 2478 -50.15 -35.94 43.58
C ASP A 2478 -50.78 -36.33 42.24
N PHE A 2479 -50.61 -35.48 41.22
CA PHE A 2479 -51.14 -35.74 39.89
C PHE A 2479 -50.17 -35.15 38.88
N PRO A 2480 -49.99 -35.80 37.73
CA PRO A 2480 -48.98 -35.35 36.77
C PRO A 2480 -49.46 -34.21 35.87
N MET A 2481 -48.62 -33.83 34.91
CA MET A 2481 -48.98 -32.80 33.93
C MET A 2481 -49.88 -33.45 32.89
N GLN A 2482 -51.16 -33.07 32.88
CA GLN A 2482 -52.12 -33.70 31.98
C GLN A 2482 -51.94 -33.20 30.55
N ILE A 2483 -52.58 -33.92 29.62
CA ILE A 2483 -52.25 -33.80 28.20
C ILE A 2483 -52.71 -32.46 27.63
N GLU A 2484 -53.87 -31.96 28.08
CA GLU A 2484 -54.40 -30.72 27.53
C GLU A 2484 -53.56 -29.51 27.93
N GLN A 2485 -53.21 -29.42 29.21
CA GLN A 2485 -52.35 -28.33 29.67
C GLN A 2485 -50.94 -28.46 29.10
N LEU A 2486 -50.47 -29.69 28.91
CA LEU A 2486 -49.21 -29.93 28.22
C LEU A 2486 -49.24 -29.41 26.79
N GLU A 2487 -50.34 -29.67 26.08
CA GLU A 2487 -50.49 -29.20 24.71
C GLU A 2487 -50.53 -27.68 24.64
N ARG A 2488 -51.26 -27.06 25.57
CA ARG A 2488 -51.32 -25.60 25.63
C ARG A 2488 -49.94 -25.00 25.94
N TYR A 2489 -49.23 -25.58 26.91
CA TYR A 2489 -47.92 -25.07 27.30
C TYR A 2489 -46.91 -25.23 26.17
N ILE A 2490 -46.88 -26.40 25.53
CA ILE A 2490 -45.89 -26.64 24.49
C ILE A 2490 -46.18 -25.82 23.24
N GLN A 2491 -47.47 -25.69 22.87
CA GLN A 2491 -47.79 -24.94 21.67
C GLN A 2491 -47.64 -23.44 21.87
N ARG A 2492 -47.84 -22.94 23.10
CA ARG A 2492 -47.55 -21.52 23.33
C ARG A 2492 -46.05 -21.28 23.45
N TYR A 2493 -45.33 -22.21 24.10
CA TYR A 2493 -43.90 -22.07 24.27
C TYR A 2493 -43.16 -22.19 22.94
N LEU A 2494 -43.72 -22.92 21.97
CA LEU A 2494 -43.09 -22.98 20.66
C LEU A 2494 -43.15 -21.64 19.96
N VAL A 2495 -44.26 -20.92 20.08
CA VAL A 2495 -44.37 -19.57 19.53
C VAL A 2495 -43.40 -18.62 20.24
N TYR A 2496 -43.36 -18.70 21.57
CA TYR A 2496 -42.44 -17.88 22.37
C TYR A 2496 -40.99 -18.18 22.04
N ALA A 2497 -40.65 -19.45 21.88
CA ALA A 2497 -39.28 -19.85 21.61
C ALA A 2497 -38.87 -19.52 20.19
N ILE A 2498 -39.79 -19.63 19.23
CA ILE A 2498 -39.49 -19.22 17.86
C ILE A 2498 -39.23 -17.72 17.81
N LEU A 2499 -40.07 -16.94 18.51
CA LEU A 2499 -39.90 -15.48 18.54
C LEU A 2499 -38.57 -15.08 19.17
N TRP A 2500 -38.21 -15.69 20.30
CA TRP A 2500 -36.96 -15.34 20.94
C TRP A 2500 -35.76 -15.86 20.15
N SER A 2501 -35.79 -17.14 19.75
CA SER A 2501 -34.67 -17.78 19.08
C SER A 2501 -34.39 -17.21 17.69
N LEU A 2502 -35.38 -16.56 17.07
CA LEU A 2502 -35.10 -15.87 15.80
C LEU A 2502 -34.84 -14.38 16.01
N SER A 2503 -35.77 -13.66 16.63
CA SER A 2503 -35.66 -12.21 16.75
C SER A 2503 -34.99 -11.78 18.05
N GLY A 2504 -34.11 -12.60 18.62
CA GLY A 2504 -33.31 -12.12 19.72
C GLY A 2504 -32.09 -11.33 19.31
N ASP A 2505 -31.88 -11.16 18.01
CA ASP A 2505 -30.74 -10.42 17.50
C ASP A 2505 -31.15 -9.23 16.65
N SER A 2506 -32.36 -8.71 16.87
CA SER A 2506 -32.84 -7.57 16.11
C SER A 2506 -33.55 -6.62 17.06
N ARG A 2507 -33.98 -5.48 16.52
CA ARG A 2507 -34.58 -4.42 17.31
C ARG A 2507 -36.03 -4.75 17.61
N LEU A 2508 -36.70 -3.82 18.29
CA LEU A 2508 -38.07 -4.07 18.74
C LEU A 2508 -39.07 -3.99 17.60
N LYS A 2509 -38.78 -3.20 16.57
CA LYS A 2509 -39.68 -3.14 15.42
C LYS A 2509 -39.68 -4.44 14.64
N MET A 2510 -38.54 -5.14 14.59
CA MET A 2510 -38.51 -6.41 13.88
C MET A 2510 -39.01 -7.55 14.75
N ARG A 2511 -38.90 -7.42 16.07
CA ARG A 2511 -39.59 -8.33 16.97
C ARG A 2511 -41.09 -8.23 16.79
N ALA A 2512 -41.61 -6.99 16.69
CA ALA A 2512 -43.03 -6.79 16.44
C ALA A 2512 -43.45 -7.30 15.06
N GLU A 2513 -42.59 -7.10 14.06
CA GLU A 2513 -42.89 -7.59 12.71
C GLU A 2513 -42.93 -9.11 12.64
N LEU A 2514 -41.94 -9.77 13.28
CA LEU A 2514 -41.93 -11.23 13.29
C LEU A 2514 -43.09 -11.79 14.11
N GLY A 2515 -43.45 -11.12 15.21
CA GLY A 2515 -44.62 -11.53 15.97
C GLY A 2515 -45.90 -11.37 15.19
N GLU A 2516 -46.01 -10.30 14.41
CA GLU A 2516 -47.18 -10.10 13.55
C GLU A 2516 -47.27 -11.17 12.47
N TYR A 2517 -46.13 -11.52 11.85
CA TYR A 2517 -46.14 -12.56 10.82
C TYR A 2517 -46.47 -13.93 11.40
N ILE A 2518 -45.95 -14.22 12.60
CA ILE A 2518 -46.27 -15.47 13.29
C ILE A 2518 -47.74 -15.52 13.65
N ARG A 2519 -48.29 -14.41 14.14
CA ARG A 2519 -49.72 -14.31 14.44
C ARG A 2519 -50.57 -14.50 13.19
N ARG A 2520 -50.09 -14.04 12.04
CA ARG A 2520 -50.84 -14.24 10.81
C ARG A 2520 -50.76 -15.67 10.29
N ILE A 2521 -49.68 -16.40 10.56
CA ILE A 2521 -49.53 -17.73 9.97
C ILE A 2521 -49.75 -18.87 10.96
N THR A 2522 -50.07 -18.60 12.21
CA THR A 2522 -50.28 -19.67 13.18
C THR A 2522 -51.74 -19.74 13.61
N THR A 2523 -52.08 -20.87 14.25
CA THR A 2523 -53.42 -21.11 14.77
C THR A 2523 -53.51 -20.91 16.29
N VAL A 2524 -52.37 -20.95 16.98
CA VAL A 2524 -52.34 -20.77 18.44
C VAL A 2524 -52.74 -19.35 18.80
N PRO A 2525 -53.70 -19.15 19.71
CA PRO A 2525 -54.14 -17.80 20.04
C PRO A 2525 -53.09 -17.02 20.81
N LEU A 2526 -52.74 -15.86 20.29
CA LEU A 2526 -51.81 -14.92 20.90
C LEU A 2526 -52.60 -13.94 21.77
N PRO A 2527 -51.94 -13.31 22.77
CA PRO A 2527 -52.69 -12.45 23.71
C PRO A 2527 -53.33 -11.24 23.04
N THR A 2528 -54.47 -10.86 23.61
CA THR A 2528 -55.43 -9.93 23.00
C THR A 2528 -54.96 -8.49 23.02
N ALA A 2529 -54.05 -8.13 23.94
CA ALA A 2529 -53.72 -6.73 24.25
C ALA A 2529 -53.12 -6.01 23.04
N PRO A 2530 -53.68 -4.85 22.64
CA PRO A 2530 -53.43 -4.32 21.29
C PRO A 2530 -52.03 -3.78 21.04
N ASN A 2531 -51.50 -2.97 21.96
CA ASN A 2531 -50.25 -2.28 21.74
C ASN A 2531 -49.09 -2.89 22.53
N ILE A 2532 -49.25 -4.12 23.00
CA ILE A 2532 -48.19 -4.85 23.68
C ILE A 2532 -47.73 -5.97 22.76
N PRO A 2533 -46.45 -6.01 22.36
CA PRO A 2533 -45.95 -7.11 21.54
C PRO A 2533 -45.94 -8.43 22.31
N ILE A 2534 -45.88 -9.52 21.55
CA ILE A 2534 -45.98 -10.85 22.12
C ILE A 2534 -44.67 -11.26 22.78
N ILE A 2535 -43.57 -10.55 22.51
CA ILE A 2535 -42.30 -10.82 23.16
C ILE A 2535 -42.28 -10.43 24.62
N ASP A 2536 -43.25 -9.63 25.07
CA ASP A 2536 -43.35 -9.22 26.47
C ASP A 2536 -44.20 -10.16 27.29
N TYR A 2537 -44.78 -11.20 26.69
CA TYR A 2537 -45.61 -12.16 27.37
C TYR A 2537 -44.84 -13.47 27.48
N GLU A 2538 -44.47 -13.85 28.70
CA GLU A 2538 -43.94 -15.18 28.91
C GLU A 2538 -45.07 -16.19 28.81
N VAL A 2539 -44.72 -17.41 28.43
CA VAL A 2539 -45.67 -18.51 28.55
C VAL A 2539 -45.55 -19.06 29.96
N SER A 2540 -46.66 -19.07 30.69
CA SER A 2540 -46.66 -19.49 32.07
C SER A 2540 -46.49 -21.00 32.17
N ILE A 2541 -46.39 -21.51 33.40
CA ILE A 2541 -46.37 -22.95 33.57
C ILE A 2541 -47.78 -23.53 33.45
N SER A 2542 -48.81 -22.69 33.51
CA SER A 2542 -50.14 -23.03 33.02
C SER A 2542 -50.22 -22.67 31.55
N GLY A 2543 -51.37 -22.94 30.94
CA GLY A 2543 -51.48 -22.79 29.50
C GLY A 2543 -51.64 -21.39 28.99
N GLU A 2544 -51.72 -20.40 29.85
CA GLU A 2544 -52.03 -19.03 29.45
C GLU A 2544 -50.77 -18.17 29.41
N TRP A 2545 -50.85 -17.09 28.64
CA TRP A 2545 -49.77 -16.11 28.61
C TRP A 2545 -49.78 -15.28 29.89
N SER A 2546 -48.59 -15.09 30.47
CA SER A 2546 -48.40 -14.25 31.63
C SER A 2546 -47.55 -13.05 31.24
N PRO A 2547 -48.01 -11.82 31.49
CA PRO A 2547 -47.20 -10.66 31.14
C PRO A 2547 -45.97 -10.53 32.04
N TRP A 2548 -44.88 -10.03 31.45
CA TRP A 2548 -43.64 -9.88 32.19
C TRP A 2548 -43.71 -8.70 33.16
N GLN A 2549 -44.52 -7.70 32.84
CA GLN A 2549 -44.68 -6.53 33.71
C GLN A 2549 -45.32 -6.91 35.05
N ALA A 2550 -46.14 -7.96 35.07
CA ALA A 2550 -46.66 -8.46 36.33
C ALA A 2550 -45.62 -9.23 37.12
N LYS A 2551 -44.57 -9.73 36.48
CA LYS A 2551 -43.61 -10.59 37.15
C LYS A 2551 -42.41 -9.85 37.74
N VAL A 2552 -42.28 -8.55 37.49
CA VAL A 2552 -41.12 -7.81 37.97
C VAL A 2552 -41.41 -7.13 39.30
N PRO A 2553 -40.62 -7.38 40.34
CA PRO A 2553 -40.83 -6.70 41.61
C PRO A 2553 -40.25 -5.30 41.61
N GLN A 2554 -40.66 -4.52 42.61
CA GLN A 2554 -40.13 -3.18 42.84
C GLN A 2554 -39.36 -3.20 44.15
N ILE A 2555 -38.04 -3.07 44.07
CA ILE A 2555 -37.20 -3.07 45.25
C ILE A 2555 -36.74 -1.65 45.52
N GLU A 2556 -36.31 -1.41 46.76
CA GLU A 2556 -35.76 -0.13 47.18
C GLU A 2556 -34.33 -0.34 47.65
N VAL A 2557 -33.42 0.47 47.13
CA VAL A 2557 -32.01 0.36 47.43
C VAL A 2557 -31.65 1.48 48.39
N GLU A 2558 -30.67 1.23 49.26
CA GLU A 2558 -30.30 2.19 50.30
C GLU A 2558 -29.57 3.39 49.71
N THR A 2559 -29.31 4.37 50.57
CA THR A 2559 -28.65 5.61 50.16
C THR A 2559 -27.14 5.41 49.99
N HIS A 2560 -26.54 4.45 50.69
CA HIS A 2560 -25.10 4.25 50.67
C HIS A 2560 -24.60 3.81 49.29
N LYS A 2561 -25.38 3.02 48.58
CA LYS A 2561 -25.08 2.62 47.21
C LYS A 2561 -26.22 3.09 46.32
N VAL A 2562 -26.07 4.27 45.75
CA VAL A 2562 -27.10 4.84 44.88
C VAL A 2562 -26.75 4.68 43.39
N ALA A 2563 -25.47 4.70 43.04
CA ALA A 2563 -25.06 4.42 41.66
C ALA A 2563 -23.92 3.43 41.65
N ALA A 2564 -23.98 2.42 42.52
CA ALA A 2564 -22.92 1.44 42.64
C ALA A 2564 -22.91 0.52 41.41
N PRO A 2565 -21.73 0.09 40.95
CA PRO A 2565 -21.64 -0.74 39.76
C PRO A 2565 -21.91 -2.22 39.98
N ASP A 2566 -22.48 -2.62 41.12
CA ASP A 2566 -22.83 -4.01 41.36
C ASP A 2566 -24.32 -4.22 41.62
N VAL A 2567 -25.10 -3.17 41.79
CA VAL A 2567 -26.52 -3.30 42.06
C VAL A 2567 -27.27 -3.04 40.76
N VAL A 2568 -28.47 -3.60 40.65
CA VAL A 2568 -29.33 -3.42 39.50
C VAL A 2568 -30.75 -3.22 39.99
N VAL A 2569 -31.53 -2.47 39.22
CA VAL A 2569 -32.95 -2.24 39.50
C VAL A 2569 -33.75 -3.12 38.55
N PRO A 2570 -34.64 -3.98 39.05
CA PRO A 2570 -35.35 -4.91 38.15
C PRO A 2570 -36.44 -4.19 37.37
N THR A 2571 -36.43 -4.41 36.06
CA THR A 2571 -37.47 -3.95 35.17
C THR A 2571 -37.81 -5.11 34.24
N LEU A 2572 -38.57 -4.81 33.17
CA LEU A 2572 -39.05 -5.83 32.24
C LEU A 2572 -37.90 -6.48 31.48
N ASP A 2573 -36.97 -5.67 30.97
CA ASP A 2573 -35.95 -6.17 30.07
C ASP A 2573 -34.94 -7.04 30.80
N THR A 2574 -34.52 -6.64 32.00
CA THR A 2574 -33.51 -7.43 32.70
C THR A 2574 -34.08 -8.74 33.23
N VAL A 2575 -35.36 -8.78 33.61
CA VAL A 2575 -35.92 -10.05 34.07
C VAL A 2575 -36.20 -10.97 32.89
N ARG A 2576 -36.55 -10.39 31.72
CA ARG A 2576 -36.70 -11.19 30.49
C ARG A 2576 -35.38 -11.81 30.09
N HIS A 2577 -34.31 -11.00 30.04
CA HIS A 2577 -33.00 -11.50 29.67
C HIS A 2577 -32.46 -12.47 30.71
N GLU A 2578 -32.77 -12.23 31.99
CA GLU A 2578 -32.30 -13.12 33.06
C GLU A 2578 -32.95 -14.49 32.95
N ALA A 2579 -34.25 -14.53 32.63
CA ALA A 2579 -34.91 -15.80 32.35
C ALA A 2579 -34.30 -16.49 31.14
N LEU A 2580 -33.93 -15.71 30.13
CA LEU A 2580 -33.31 -16.29 28.93
C LEU A 2580 -31.94 -16.90 29.22
N LEU A 2581 -31.11 -16.21 30.03
CA LEU A 2581 -29.83 -16.80 30.39
C LEU A 2581 -30.00 -17.98 31.31
N TYR A 2582 -31.04 -17.97 32.15
CA TYR A 2582 -31.33 -19.13 32.99
C TYR A 2582 -31.73 -20.34 32.14
N THR A 2583 -32.44 -20.10 31.04
CA THR A 2583 -32.74 -21.20 30.13
C THR A 2583 -31.49 -21.71 29.42
N TRP A 2584 -30.62 -20.79 28.97
CA TRP A 2584 -29.51 -21.20 28.13
C TRP A 2584 -28.31 -21.74 28.91
N LEU A 2585 -28.17 -21.40 30.18
CA LEU A 2585 -26.97 -21.78 30.91
C LEU A 2585 -27.02 -23.19 31.46
N ALA A 2586 -28.17 -23.87 31.41
CA ALA A 2586 -28.28 -25.20 31.98
C ALA A 2586 -27.56 -26.24 31.13
N GLU A 2587 -27.64 -26.10 29.81
CA GLU A 2587 -27.04 -27.05 28.87
C GLU A 2587 -25.65 -26.61 28.44
N HIS A 2588 -25.05 -25.66 29.16
CA HIS A 2588 -23.67 -25.19 28.97
C HIS A 2588 -23.45 -24.62 27.58
N LYS A 2589 -24.48 -23.99 27.01
CA LYS A 2589 -24.32 -23.32 25.74
C LYS A 2589 -23.55 -22.01 25.94
N PRO A 2590 -22.60 -21.70 25.07
CA PRO A 2590 -21.84 -20.45 25.22
C PRO A 2590 -22.67 -19.26 24.76
N LEU A 2591 -23.16 -18.50 25.71
CA LEU A 2591 -24.11 -17.42 25.44
C LEU A 2591 -23.38 -16.10 25.29
N VAL A 2592 -23.86 -15.24 24.39
CA VAL A 2592 -23.23 -13.97 24.09
C VAL A 2592 -24.31 -12.91 23.99
N LEU A 2593 -24.12 -11.79 24.69
CA LEU A 2593 -25.03 -10.66 24.58
C LEU A 2593 -24.33 -9.48 23.90
N CYS A 2594 -25.05 -8.81 23.01
CA CYS A 2594 -24.52 -7.65 22.30
C CYS A 2594 -25.53 -6.51 22.36
N GLY A 2595 -25.09 -5.34 21.94
CA GLY A 2595 -25.93 -4.17 21.93
C GLY A 2595 -25.11 -2.89 22.03
N PRO A 2596 -25.78 -1.75 21.96
CA PRO A 2596 -25.06 -0.48 22.06
C PRO A 2596 -24.45 -0.30 23.44
N PRO A 2597 -23.34 0.43 23.56
CA PRO A 2597 -22.64 0.52 24.85
C PRO A 2597 -23.44 1.31 25.87
N GLY A 2598 -23.29 0.91 27.13
CA GLY A 2598 -24.06 1.47 28.20
C GLY A 2598 -25.43 0.87 28.39
N SER A 2599 -25.80 -0.14 27.60
CA SER A 2599 -27.10 -0.78 27.76
C SER A 2599 -27.17 -1.70 28.96
N GLY A 2600 -26.04 -2.02 29.57
CA GLY A 2600 -26.01 -2.75 30.81
C GLY A 2600 -25.86 -4.26 30.71
N LYS A 2601 -25.16 -4.76 29.69
CA LYS A 2601 -25.02 -6.19 29.52
C LYS A 2601 -24.05 -6.79 30.53
N THR A 2602 -22.98 -6.06 30.86
CA THR A 2602 -21.89 -6.61 31.66
C THR A 2602 -22.33 -6.92 33.08
N MET A 2603 -22.95 -5.96 33.76
CA MET A 2603 -23.33 -6.23 35.13
C MET A 2603 -24.60 -7.06 35.22
N THR A 2604 -25.44 -7.08 34.18
CA THR A 2604 -26.58 -7.99 34.17
C THR A 2604 -26.10 -9.43 34.10
N LEU A 2605 -25.12 -9.69 33.23
CA LEU A 2605 -24.48 -10.99 33.18
C LEU A 2605 -23.80 -11.33 34.50
N PHE A 2606 -23.12 -10.36 35.10
CA PHE A 2606 -22.42 -10.62 36.37
C PHE A 2606 -23.39 -10.90 37.51
N SER A 2607 -24.49 -10.15 37.60
CA SER A 2607 -25.45 -10.36 38.67
C SER A 2607 -26.22 -11.65 38.49
N ALA A 2608 -26.62 -11.97 37.25
CA ALA A 2608 -27.29 -13.24 37.00
C ALA A 2608 -26.36 -14.43 37.15
N LEU A 2609 -25.06 -14.24 36.95
CA LEU A 2609 -24.13 -15.35 37.14
C LEU A 2609 -23.79 -15.54 38.60
N ARG A 2610 -23.76 -14.46 39.37
CA ARG A 2610 -23.52 -14.57 40.81
C ARG A 2610 -24.77 -14.93 41.60
N ALA A 2611 -25.95 -14.82 40.99
CA ALA A 2611 -27.17 -15.21 41.67
C ALA A 2611 -27.34 -16.72 41.73
N LEU A 2612 -26.83 -17.44 40.73
CA LEU A 2612 -26.92 -18.89 40.74
C LEU A 2612 -25.98 -19.47 41.79
N PRO A 2613 -26.42 -20.50 42.52
CA PRO A 2613 -25.62 -20.97 43.67
C PRO A 2613 -24.39 -21.79 43.29
N ASP A 2614 -24.33 -22.33 42.07
CA ASP A 2614 -23.21 -23.19 41.70
C ASP A 2614 -22.26 -22.55 40.70
N MET A 2615 -22.65 -21.45 40.06
CA MET A 2615 -21.76 -20.78 39.12
C MET A 2615 -20.71 -19.99 39.87
N GLU A 2616 -19.45 -20.35 39.67
CA GLU A 2616 -18.30 -19.59 40.14
C GLU A 2616 -17.80 -18.75 38.97
N VAL A 2617 -17.85 -17.43 39.13
CA VAL A 2617 -17.67 -16.50 38.01
C VAL A 2617 -16.24 -16.00 38.02
N VAL A 2618 -15.61 -15.98 36.85
CA VAL A 2618 -14.30 -15.39 36.64
C VAL A 2618 -14.44 -14.37 35.53
N GLY A 2619 -14.26 -13.09 35.86
CA GLY A 2619 -14.40 -12.05 34.88
C GLY A 2619 -13.11 -11.70 34.17
N LEU A 2620 -12.98 -12.12 32.93
CA LEU A 2620 -11.82 -11.78 32.11
C LEU A 2620 -12.21 -10.72 31.09
N ASN A 2621 -11.22 -9.92 30.70
CA ASN A 2621 -11.41 -8.89 29.70
C ASN A 2621 -10.48 -9.14 28.53
N PHE A 2622 -11.00 -8.96 27.32
CA PHE A 2622 -10.23 -9.19 26.11
C PHE A 2622 -9.93 -7.88 25.40
N SER A 2623 -8.76 -7.82 24.78
CA SER A 2623 -8.30 -6.66 24.03
C SER A 2623 -7.66 -7.19 22.75
N SER A 2624 -6.94 -6.32 22.06
CA SER A 2624 -6.33 -6.66 20.77
C SER A 2624 -5.03 -7.44 20.91
N ALA A 2625 -4.69 -7.93 22.10
CA ALA A 2625 -3.45 -8.69 22.30
C ALA A 2625 -3.70 -9.90 23.19
N THR A 2626 -4.80 -10.60 22.95
CA THR A 2626 -5.13 -11.80 23.73
C THR A 2626 -4.70 -13.06 22.99
N THR A 2627 -3.68 -13.72 23.51
CA THR A 2627 -3.26 -15.04 23.11
C THR A 2627 -4.02 -16.08 23.91
N PRO A 2628 -3.92 -17.36 23.54
CA PRO A 2628 -4.44 -18.43 24.43
C PRO A 2628 -3.77 -18.54 25.78
N GLU A 2629 -2.61 -17.89 26.00
CA GLU A 2629 -1.95 -17.96 27.29
C GLU A 2629 -2.74 -17.29 28.40
N LEU A 2630 -3.62 -16.33 28.05
CA LEU A 2630 -4.55 -15.79 29.04
C LEU A 2630 -5.48 -16.87 29.58
N LEU A 2631 -6.05 -17.67 28.68
CA LEU A 2631 -6.94 -18.75 29.10
C LEU A 2631 -6.18 -19.86 29.80
N LEU A 2632 -4.96 -20.15 29.34
CA LEU A 2632 -4.13 -21.17 30.01
C LEU A 2632 -3.73 -20.74 31.42
N LYS A 2633 -3.41 -19.46 31.61
CA LYS A 2633 -3.07 -19.00 32.95
C LYS A 2633 -4.31 -18.96 33.85
N THR A 2634 -5.48 -18.66 33.27
CA THR A 2634 -6.71 -18.74 34.04
C THR A 2634 -7.01 -20.17 34.47
N PHE A 2635 -6.76 -21.15 33.59
CA PHE A 2635 -6.98 -22.55 33.96
C PHE A 2635 -5.94 -23.03 34.95
N ASP A 2636 -4.69 -22.56 34.85
CA ASP A 2636 -3.70 -22.92 35.85
C ASP A 2636 -3.96 -22.29 37.19
N HIS A 2637 -4.63 -21.13 37.22
CA HIS A 2637 -4.94 -20.47 38.47
C HIS A 2637 -6.20 -21.02 39.13
N TYR A 2638 -7.20 -21.43 38.34
CA TYR A 2638 -8.46 -21.90 38.90
C TYR A 2638 -8.64 -23.40 38.87
N CYS A 2639 -8.14 -24.08 37.84
CA CYS A 2639 -8.40 -25.49 37.65
C CYS A 2639 -7.14 -26.31 37.93
N GLU A 2640 -7.24 -27.62 37.71
CA GLU A 2640 -6.13 -28.53 37.89
C GLU A 2640 -6.28 -29.70 36.94
N TYR A 2641 -5.15 -30.31 36.61
CA TYR A 2641 -5.11 -31.47 35.73
C TYR A 2641 -5.03 -32.74 36.58
N ARG A 2642 -5.92 -33.69 36.32
CA ARG A 2642 -5.90 -34.96 37.03
C ARG A 2642 -5.99 -36.10 36.03
N ARG A 2643 -5.15 -37.11 36.23
CA ARG A 2643 -5.11 -38.27 35.34
C ARG A 2643 -6.08 -39.33 35.79
N THR A 2644 -6.89 -39.81 34.85
CA THR A 2644 -7.77 -40.96 35.03
C THR A 2644 -7.44 -41.94 33.91
N PRO A 2645 -7.72 -43.24 34.12
CA PRO A 2645 -7.46 -44.21 33.04
C PRO A 2645 -8.25 -43.98 31.76
N ASN A 2646 -9.39 -43.29 31.83
CA ASN A 2646 -10.05 -42.84 30.60
C ASN A 2646 -9.25 -41.75 29.91
N GLY A 2647 -8.55 -40.92 30.68
CA GLY A 2647 -7.77 -39.83 30.14
C GLY A 2647 -7.68 -38.71 31.15
N VAL A 2648 -6.70 -37.83 30.91
CA VAL A 2648 -6.50 -36.70 31.81
C VAL A 2648 -7.60 -35.66 31.60
N VAL A 2649 -7.97 -34.98 32.68
CA VAL A 2649 -9.12 -34.09 32.70
C VAL A 2649 -8.80 -32.86 33.53
N LEU A 2650 -9.19 -31.68 33.03
CA LEU A 2650 -9.02 -30.42 33.73
C LEU A 2650 -10.32 -30.08 34.46
N ALA A 2651 -10.22 -29.91 35.77
CA ALA A 2651 -11.39 -29.71 36.61
C ALA A 2651 -11.12 -28.60 37.62
N PRO A 2652 -12.15 -27.84 38.02
CA PRO A 2652 -11.95 -26.83 39.07
C PRO A 2652 -11.69 -27.48 40.43
N VAL A 2653 -10.97 -26.73 41.28
CA VAL A 2653 -10.68 -27.21 42.63
C VAL A 2653 -11.94 -27.21 43.48
N GLN A 2654 -12.83 -26.23 43.29
CA GLN A 2654 -14.09 -26.17 44.03
C GLN A 2654 -15.02 -27.25 43.50
N LEU A 2655 -15.14 -28.34 44.24
CA LEU A 2655 -15.91 -29.48 43.78
C LEU A 2655 -17.40 -29.20 43.88
N GLY A 2656 -18.13 -29.50 42.80
CA GLY A 2656 -19.55 -29.26 42.74
C GLY A 2656 -19.97 -27.92 42.17
N LYS A 2657 -19.02 -27.00 42.00
CA LYS A 2657 -19.32 -25.67 41.49
C LYS A 2657 -18.91 -25.58 40.03
N TRP A 2658 -19.84 -25.16 39.17
CA TRP A 2658 -19.59 -25.07 37.73
C TRP A 2658 -18.86 -23.77 37.44
N LEU A 2659 -17.61 -23.89 37.00
CA LEU A 2659 -16.82 -22.71 36.69
C LEU A 2659 -17.30 -22.07 35.39
N VAL A 2660 -17.40 -20.75 35.39
CA VAL A 2660 -17.87 -20.00 34.24
C VAL A 2660 -16.83 -18.92 33.92
N LEU A 2661 -16.40 -18.87 32.66
CA LEU A 2661 -15.41 -17.90 32.21
C LEU A 2661 -16.12 -16.77 31.48
N PHE A 2662 -16.39 -15.68 32.20
CA PHE A 2662 -16.79 -14.43 31.59
C PHE A 2662 -15.63 -13.89 30.76
N CYS A 2663 -15.89 -13.61 29.48
CA CYS A 2663 -14.98 -12.88 28.63
C CYS A 2663 -15.77 -11.67 28.13
N ASP A 2664 -15.36 -10.47 28.57
CA ASP A 2664 -16.24 -9.31 28.46
C ASP A 2664 -16.38 -8.77 27.04
N GLU A 2665 -15.37 -8.96 26.18
CA GLU A 2665 -15.42 -8.42 24.81
C GLU A 2665 -14.87 -9.48 23.85
N ILE A 2666 -15.75 -10.34 23.33
CA ILE A 2666 -15.32 -11.40 22.43
C ILE A 2666 -14.81 -10.84 21.10
N ASN A 2667 -15.40 -9.75 20.63
CA ASN A 2667 -15.00 -9.13 19.36
C ASN A 2667 -13.62 -8.51 19.41
N LEU A 2668 -13.12 -8.18 20.59
CA LEU A 2668 -11.90 -7.39 20.77
C LEU A 2668 -10.56 -8.03 20.37
N PRO A 2669 -10.36 -9.36 20.41
CA PRO A 2669 -9.15 -9.91 19.79
C PRO A 2669 -9.05 -9.58 18.30
N ASP A 2670 -7.82 -9.29 17.87
CA ASP A 2670 -7.59 -8.82 16.51
C ASP A 2670 -7.47 -9.99 15.56
N MET A 2671 -8.01 -9.80 14.36
CA MET A 2671 -7.83 -10.79 13.30
C MET A 2671 -6.38 -10.77 12.83
N ASP A 2672 -5.92 -11.92 12.36
CA ASP A 2672 -4.58 -12.03 11.81
C ASP A 2672 -4.57 -11.53 10.37
N LYS A 2673 -3.49 -11.85 9.64
CA LYS A 2673 -3.43 -11.56 8.22
C LYS A 2673 -4.38 -12.42 7.39
N TYR A 2674 -4.99 -13.45 7.99
CA TYR A 2674 -5.72 -14.47 7.28
C TYR A 2674 -7.17 -14.57 7.74
N GLY A 2675 -7.67 -13.55 8.43
CA GLY A 2675 -9.05 -13.54 8.87
C GLY A 2675 -9.36 -14.48 10.01
N THR A 2676 -8.35 -14.89 10.77
CA THR A 2676 -8.50 -15.86 11.85
C THR A 2676 -8.21 -15.18 13.18
N GLN A 2677 -8.79 -15.74 14.25
CA GLN A 2677 -8.46 -15.35 15.61
C GLN A 2677 -8.09 -16.59 16.39
N ARG A 2678 -6.96 -16.56 17.08
CA ARG A 2678 -6.44 -17.76 17.72
C ARG A 2678 -7.26 -18.15 18.95
N VAL A 2679 -7.59 -17.16 19.79
CA VAL A 2679 -8.35 -17.43 21.01
C VAL A 2679 -9.78 -17.85 20.66
N ILE A 2680 -10.37 -17.28 19.61
CA ILE A 2680 -11.75 -17.61 19.26
C ILE A 2680 -11.83 -19.03 18.70
N SER A 2681 -10.86 -19.43 17.88
CA SER A 2681 -10.81 -20.81 17.42
C SER A 2681 -10.51 -21.77 18.56
N PHE A 2682 -9.75 -21.33 19.56
CA PHE A 2682 -9.48 -22.14 20.74
C PHE A 2682 -10.76 -22.39 21.55
N ILE A 2683 -11.55 -21.33 21.75
CA ILE A 2683 -12.83 -21.47 22.45
C ILE A 2683 -13.80 -22.32 21.64
N ARG A 2684 -13.76 -22.17 20.31
CA ARG A 2684 -14.58 -22.98 19.41
C ARG A 2684 -14.24 -24.45 19.53
N GLN A 2685 -12.95 -24.79 19.63
CA GLN A 2685 -12.61 -26.20 19.71
C GLN A 2685 -12.88 -26.77 21.09
N MET A 2686 -12.82 -25.95 22.15
CA MET A 2686 -13.30 -26.42 23.46
C MET A 2686 -14.80 -26.71 23.44
N VAL A 2687 -15.58 -25.83 22.83
CA VAL A 2687 -17.04 -26.02 22.83
C VAL A 2687 -17.42 -27.20 21.94
N GLU A 2688 -16.82 -27.29 20.75
CA GLU A 2688 -17.22 -28.31 19.79
C GLU A 2688 -16.69 -29.68 20.18
N HIS A 2689 -15.46 -29.77 20.65
CA HIS A 2689 -14.85 -31.08 20.89
C HIS A 2689 -14.80 -31.48 22.35
N GLY A 2690 -15.18 -30.60 23.26
CA GLY A 2690 -15.13 -30.92 24.68
C GLY A 2690 -13.74 -31.11 25.24
N GLY A 2691 -12.79 -30.27 24.84
CA GLY A 2691 -11.46 -30.36 25.36
C GLY A 2691 -10.47 -29.62 24.47
N PHE A 2692 -9.20 -29.74 24.84
CA PHE A 2692 -8.13 -29.16 24.04
C PHE A 2692 -6.89 -30.03 24.21
N TYR A 2693 -5.73 -29.50 23.81
CA TYR A 2693 -4.49 -30.25 23.79
C TYR A 2693 -3.45 -29.58 24.68
N ARG A 2694 -2.84 -30.36 25.57
CA ARG A 2694 -1.71 -29.90 26.36
C ARG A 2694 -0.44 -30.07 25.55
N THR A 2695 0.22 -28.94 25.25
CA THR A 2695 1.37 -28.94 24.36
C THR A 2695 2.64 -29.44 25.04
N SER A 2696 2.73 -29.33 26.36
CA SER A 2696 3.93 -29.79 27.06
C SER A 2696 4.02 -31.31 27.06
N ASP A 2697 2.90 -31.98 27.30
CA ASP A 2697 2.82 -33.42 27.20
C ASP A 2697 2.19 -33.88 25.89
N GLN A 2698 1.66 -32.95 25.10
CA GLN A 2698 1.00 -33.20 23.81
C GLN A 2698 -0.13 -34.22 23.94
N THR A 2699 -0.99 -34.00 24.93
CA THR A 2699 -2.00 -34.98 25.27
C THR A 2699 -3.37 -34.31 25.34
N TRP A 2700 -4.41 -35.07 24.97
CA TRP A 2700 -5.76 -34.52 24.92
C TRP A 2700 -6.32 -34.39 26.33
N VAL A 2701 -6.73 -33.18 26.70
CA VAL A 2701 -7.43 -32.93 27.95
C VAL A 2701 -8.87 -32.60 27.62
N LYS A 2702 -9.75 -32.84 28.60
CA LYS A 2702 -11.17 -32.62 28.44
C LYS A 2702 -11.66 -31.69 29.55
N LEU A 2703 -12.59 -30.81 29.19
CA LEU A 2703 -13.17 -29.87 30.15
C LEU A 2703 -14.37 -30.52 30.83
N GLU A 2704 -14.36 -30.53 32.16
CA GLU A 2704 -15.36 -31.24 32.95
C GLU A 2704 -16.50 -30.33 33.38
N ARG A 2705 -16.19 -29.24 34.07
CA ARG A 2705 -17.19 -28.35 34.63
C ARG A 2705 -16.91 -26.90 34.24
N ILE A 2706 -16.67 -26.67 32.95
CA ILE A 2706 -16.29 -25.36 32.44
C ILE A 2706 -17.34 -24.91 31.43
N GLN A 2707 -17.79 -23.67 31.58
CA GLN A 2707 -18.66 -23.01 30.60
C GLN A 2707 -17.95 -21.78 30.06
N PHE A 2708 -18.65 -21.05 29.19
CA PHE A 2708 -18.18 -19.78 28.67
C PHE A 2708 -19.39 -18.89 28.43
N VAL A 2709 -19.30 -17.63 28.85
CA VAL A 2709 -20.32 -16.63 28.52
C VAL A 2709 -19.56 -15.38 28.08
N GLY A 2710 -20.20 -14.56 27.25
CA GLY A 2710 -19.54 -13.38 26.73
C GLY A 2710 -20.46 -12.22 26.44
N ALA A 2711 -19.89 -11.03 26.47
CA ALA A 2711 -20.54 -9.80 26.05
C ALA A 2711 -19.78 -9.21 24.86
N CYS A 2712 -20.43 -8.29 24.15
CA CYS A 2712 -19.85 -7.75 22.93
C CYS A 2712 -20.43 -6.37 22.64
N ASN A 2713 -20.05 -5.84 21.49
CA ASN A 2713 -20.57 -4.66 20.84
C ASN A 2713 -20.80 -5.03 19.38
N PRO A 2714 -21.70 -4.33 18.68
CA PRO A 2714 -21.91 -4.65 17.26
C PRO A 2714 -20.68 -4.35 16.44
N PRO A 2715 -20.43 -5.12 15.37
CA PRO A 2715 -19.15 -5.00 14.65
C PRO A 2715 -19.07 -3.81 13.72
N THR A 2716 -20.09 -2.94 13.68
CA THR A 2716 -19.95 -1.66 13.01
C THR A 2716 -19.13 -0.67 13.82
N ASP A 2717 -18.88 -0.97 15.09
CA ASP A 2717 -17.97 -0.17 15.91
C ASP A 2717 -16.55 -0.34 15.38
N PRO A 2718 -15.71 0.71 15.51
CA PRO A 2718 -14.40 0.68 14.85
C PRO A 2718 -13.42 -0.36 15.39
N GLY A 2719 -13.49 -0.69 16.68
CA GLY A 2719 -12.53 -1.61 17.23
C GLY A 2719 -12.90 -3.07 17.17
N ARG A 2720 -14.02 -3.43 16.54
CA ARG A 2720 -14.53 -4.79 16.62
C ARG A 2720 -14.20 -5.57 15.35
N LYS A 2721 -14.24 -6.89 15.48
CA LYS A 2721 -14.09 -7.80 14.36
C LYS A 2721 -15.27 -8.77 14.35
N PRO A 2722 -15.80 -9.10 13.17
CA PRO A 2722 -16.89 -10.07 13.10
C PRO A 2722 -16.44 -11.47 13.48
N LEU A 2723 -17.36 -12.21 14.09
CA LEU A 2723 -17.03 -13.51 14.64
C LEU A 2723 -17.05 -14.59 13.55
N SER A 2724 -16.30 -15.66 13.81
CA SER A 2724 -16.19 -16.75 12.86
C SER A 2724 -17.50 -17.52 12.78
N HIS A 2725 -17.85 -17.95 11.56
CA HIS A 2725 -19.12 -18.65 11.36
C HIS A 2725 -19.11 -20.06 11.91
N ARG A 2726 -17.94 -20.67 12.06
CA ARG A 2726 -17.85 -21.93 12.79
C ARG A 2726 -18.01 -21.73 14.29
N PHE A 2727 -17.86 -20.52 14.78
CA PHE A 2727 -18.14 -20.18 16.17
C PHE A 2727 -19.52 -19.57 16.36
N LEU A 2728 -20.05 -18.90 15.34
CA LEU A 2728 -21.37 -18.29 15.46
C LEU A 2728 -22.49 -19.32 15.44
N ARG A 2729 -22.23 -20.50 14.89
CA ARG A 2729 -23.20 -21.59 14.94
C ARG A 2729 -23.44 -22.05 16.38
N HIS A 2730 -22.39 -22.10 17.18
CA HIS A 2730 -22.50 -22.62 18.54
C HIS A 2730 -23.16 -21.65 19.50
N VAL A 2731 -23.00 -20.34 19.29
CA VAL A 2731 -23.41 -19.37 20.29
C VAL A 2731 -24.85 -18.90 20.05
N PRO A 2732 -25.70 -18.89 21.07
CA PRO A 2732 -26.96 -18.14 20.96
C PRO A 2732 -26.75 -16.69 21.39
N VAL A 2733 -27.17 -15.75 20.55
CA VAL A 2733 -26.79 -14.35 20.71
C VAL A 2733 -28.05 -13.53 21.01
N VAL A 2734 -27.95 -12.67 22.03
CA VAL A 2734 -29.05 -11.79 22.45
C VAL A 2734 -28.64 -10.35 22.18
N TYR A 2735 -29.54 -9.60 21.57
CA TYR A 2735 -29.31 -8.18 21.30
C TYR A 2735 -29.94 -7.37 22.42
N VAL A 2736 -29.12 -6.74 23.26
CA VAL A 2736 -29.61 -5.94 24.37
C VAL A 2736 -29.73 -4.50 23.89
N ASP A 2737 -30.97 -4.04 23.73
CA ASP A 2737 -31.21 -2.67 23.31
C ASP A 2737 -31.12 -1.74 24.52
N TYR A 2738 -31.33 -0.46 24.27
CA TYR A 2738 -31.52 0.49 25.35
C TYR A 2738 -32.81 0.16 26.10
N PRO A 2739 -32.84 0.38 27.42
CA PRO A 2739 -34.02 -0.05 28.21
C PRO A 2739 -35.33 0.64 27.86
N GLY A 2740 -35.30 1.82 27.27
CA GLY A 2740 -36.52 2.50 26.89
C GLY A 2740 -37.09 3.30 28.04
N PRO A 2741 -38.14 4.08 27.77
CA PRO A 2741 -38.57 5.08 28.78
C PRO A 2741 -39.23 4.48 30.01
N ALA A 2742 -40.00 3.39 29.87
CA ALA A 2742 -40.66 2.79 31.02
C ALA A 2742 -39.65 2.17 31.98
N SER A 2743 -38.68 1.45 31.44
CA SER A 2743 -37.66 0.81 32.27
C SER A 2743 -36.77 1.86 32.96
N LEU A 2744 -36.41 2.93 32.24
CA LEU A 2744 -35.58 3.96 32.85
C LEU A 2744 -36.35 4.77 33.89
N THR A 2745 -37.66 4.99 33.69
CA THR A 2745 -38.45 5.64 34.73
C THR A 2745 -38.52 4.77 35.97
N GLN A 2746 -38.65 3.45 35.81
CA GLN A 2746 -38.61 2.55 36.95
C GLN A 2746 -37.26 2.61 37.67
N ILE A 2747 -36.17 2.52 36.90
CA ILE A 2747 -34.82 2.44 37.47
C ILE A 2747 -34.48 3.73 38.20
N TYR A 2748 -34.72 4.87 37.59
CA TYR A 2748 -34.33 6.10 38.23
C TYR A 2748 -35.41 6.68 39.15
N GLY A 2749 -36.63 6.14 39.11
CA GLY A 2749 -37.53 6.36 40.23
C GLY A 2749 -37.04 5.67 41.48
N THR A 2750 -36.57 4.42 41.33
CA THR A 2750 -35.93 3.72 42.45
C THR A 2750 -34.69 4.46 42.93
N PHE A 2751 -33.87 4.95 42.00
CA PHE A 2751 -32.62 5.59 42.37
C PHE A 2751 -32.85 6.96 43.01
N ASN A 2752 -33.84 7.72 42.53
CA ASN A 2752 -34.12 9.00 43.15
C ASN A 2752 -34.84 8.85 44.48
N ARG A 2753 -35.67 7.80 44.64
CA ARG A 2753 -36.22 7.53 45.97
C ARG A 2753 -35.14 7.06 46.93
N ALA A 2754 -34.08 6.45 46.40
CA ALA A 2754 -32.91 6.15 47.23
C ALA A 2754 -32.15 7.42 47.60
N MET A 2755 -32.02 8.35 46.67
CA MET A 2755 -31.21 9.54 46.88
C MET A 2755 -31.89 10.53 47.82
N LEU A 2756 -33.21 10.65 47.72
CA LEU A 2756 -33.96 11.63 48.48
C LEU A 2756 -34.32 11.15 49.88
N ARG A 2757 -33.54 10.24 50.46
CA ARG A 2757 -33.65 9.91 51.87
C ARG A 2757 -32.79 10.78 52.76
N LEU A 2758 -31.79 11.48 52.20
CA LEU A 2758 -31.11 12.52 52.96
C LEU A 2758 -32.05 13.65 53.34
N ILE A 2759 -32.81 14.12 52.38
CA ILE A 2759 -33.68 15.28 52.55
C ILE A 2759 -35.12 14.79 52.76
N PRO A 2760 -35.75 15.13 53.88
CA PRO A 2760 -37.01 14.44 54.23
C PRO A 2760 -38.25 15.29 54.01
N SER A 2761 -38.08 16.51 53.52
CA SER A 2761 -39.20 17.41 53.29
C SER A 2761 -39.64 17.44 51.85
N LEU A 2762 -39.06 16.59 51.00
CA LEU A 2762 -39.28 16.60 49.56
C LEU A 2762 -39.40 15.19 49.01
N ARG A 2763 -40.23 14.37 49.65
CA ARG A 2763 -40.51 13.04 49.12
C ARG A 2763 -41.37 13.14 47.86
N THR A 2764 -42.38 14.00 47.88
CA THR A 2764 -43.35 14.14 46.79
C THR A 2764 -42.74 14.75 45.53
N TYR A 2765 -41.53 15.30 45.60
CA TYR A 2765 -40.81 15.78 44.43
C TYR A 2765 -39.85 14.73 43.87
N ALA A 2766 -39.91 13.49 44.36
CA ALA A 2766 -39.07 12.44 43.79
C ALA A 2766 -39.61 12.01 42.42
N GLU A 2767 -40.84 11.50 42.40
CA GLU A 2767 -41.42 10.98 41.16
C GLU A 2767 -41.62 11.99 40.02
N PRO A 2768 -42.09 13.24 40.23
CA PRO A 2768 -42.13 14.18 39.10
C PRO A 2768 -40.76 14.58 38.57
N LEU A 2769 -39.69 14.37 39.32
CA LEU A 2769 -38.36 14.68 38.81
C LEU A 2769 -37.91 13.66 37.78
N THR A 2770 -38.01 12.36 38.12
CA THR A 2770 -37.39 11.29 37.32
C THR A 2770 -37.97 11.23 35.92
N ALA A 2771 -39.29 11.38 35.80
CA ALA A 2771 -39.95 11.45 34.51
C ALA A 2771 -39.37 12.57 33.65
N ALA A 2772 -39.25 13.77 34.24
CA ALA A 2772 -38.56 14.87 33.58
C ALA A 2772 -37.11 14.52 33.31
N MET A 2773 -36.46 13.88 34.29
CA MET A 2773 -35.08 13.47 34.16
C MET A 2773 -34.95 12.36 33.11
N VAL A 2774 -36.03 11.64 32.85
CA VAL A 2774 -36.04 10.74 31.71
C VAL A 2774 -36.33 11.50 30.42
N GLU A 2775 -37.34 12.39 30.47
CA GLU A 2775 -38.01 12.86 29.25
C GLU A 2775 -37.07 13.70 28.38
N PHE A 2776 -36.34 14.63 29.02
CA PHE A 2776 -35.36 15.44 28.30
C PHE A 2776 -34.30 14.58 27.67
N TYR A 2777 -33.86 13.53 28.39
CA TYR A 2777 -32.88 12.58 27.87
C TYR A 2777 -33.38 11.92 26.60
N THR A 2778 -34.69 11.60 26.55
CA THR A 2778 -35.25 10.97 25.36
C THR A 2778 -35.19 11.91 24.17
N MET A 2779 -35.42 13.21 24.39
CA MET A 2779 -35.33 14.12 23.25
C MET A 2779 -33.88 14.35 22.86
N SER A 2780 -32.93 14.16 23.77
CA SER A 2780 -31.54 14.12 23.36
C SER A 2780 -31.31 12.97 22.39
N GLN A 2781 -31.93 11.82 22.68
CA GLN A 2781 -31.88 10.66 21.80
C GLN A 2781 -32.64 10.89 20.49
N GLU A 2782 -33.43 11.95 20.38
CA GLU A 2782 -34.01 12.25 19.07
C GLU A 2782 -33.24 13.35 18.35
N ARG A 2783 -32.44 14.14 19.05
CA ARG A 2783 -31.89 15.35 18.43
C ARG A 2783 -30.42 15.25 18.10
N PHE A 2784 -29.60 14.79 19.03
CA PHE A 2784 -28.15 14.79 18.85
C PHE A 2784 -27.76 13.40 18.37
N THR A 2785 -27.87 13.18 17.07
CA THR A 2785 -27.64 11.89 16.45
C THR A 2785 -26.15 11.70 16.20
N GLN A 2786 -25.76 10.43 16.04
CA GLN A 2786 -24.35 10.09 15.80
C GLN A 2786 -23.85 10.57 14.45
N ASP A 2787 -24.75 10.76 13.47
CA ASP A 2787 -24.32 11.15 12.14
C ASP A 2787 -23.80 12.58 12.08
N THR A 2788 -24.36 13.47 12.90
CA THR A 2788 -23.90 14.85 12.94
C THR A 2788 -22.48 14.94 13.52
N GLN A 2789 -22.21 14.17 14.57
CA GLN A 2789 -20.91 14.19 15.22
C GLN A 2789 -20.79 12.84 15.92
N PRO A 2790 -19.66 12.14 15.76
CA PRO A 2790 -19.54 10.79 16.34
C PRO A 2790 -19.58 10.73 17.86
N HIS A 2791 -19.39 11.84 18.57
CA HIS A 2791 -19.43 11.84 20.03
C HIS A 2791 -20.82 12.17 20.58
N TYR A 2792 -21.84 12.25 19.72
CA TYR A 2792 -23.21 12.54 20.16
C TYR A 2792 -23.92 11.24 20.55
N ILE A 2793 -23.43 10.60 21.60
CA ILE A 2793 -23.88 9.27 22.01
C ILE A 2793 -24.55 9.38 23.38
N TYR A 2794 -25.73 8.79 23.51
CA TYR A 2794 -26.50 8.86 24.74
C TYR A 2794 -26.88 7.45 25.20
N SER A 2795 -26.68 7.21 26.48
CA SER A 2795 -26.91 5.90 27.07
C SER A 2795 -27.37 6.11 28.51
N PRO A 2796 -27.86 5.06 29.17
CA PRO A 2796 -28.12 5.16 30.63
C PRO A 2796 -26.88 5.41 31.49
N ARG A 2797 -25.66 5.29 30.96
CA ARG A 2797 -24.49 5.69 31.73
C ARG A 2797 -24.49 7.19 31.99
N GLU A 2798 -24.98 7.99 31.04
CA GLU A 2798 -25.17 9.41 31.27
C GLU A 2798 -26.22 9.65 32.36
N MET A 2799 -27.26 8.82 32.40
CA MET A 2799 -28.29 8.96 33.42
C MET A 2799 -27.76 8.59 34.80
N THR A 2800 -26.92 7.56 34.90
CA THR A 2800 -26.35 7.24 36.21
C THR A 2800 -25.27 8.23 36.62
N ARG A 2801 -24.59 8.86 35.66
CA ARG A 2801 -23.71 9.97 35.99
C ARG A 2801 -24.51 11.16 36.51
N TRP A 2802 -25.69 11.39 35.93
CA TRP A 2802 -26.60 12.42 36.43
C TRP A 2802 -27.06 12.12 37.84
N VAL A 2803 -27.40 10.85 38.10
CA VAL A 2803 -27.82 10.41 39.43
C VAL A 2803 -26.71 10.61 40.45
N ARG A 2804 -25.49 10.19 40.09
CA ARG A 2804 -24.35 10.35 41.00
C ARG A 2804 -23.98 11.81 41.21
N GLY A 2805 -24.14 12.66 40.19
CA GLY A 2805 -23.87 14.07 40.36
C GLY A 2805 -24.84 14.76 41.30
N ILE A 2806 -26.14 14.47 41.14
CA ILE A 2806 -27.12 15.06 42.07
C ILE A 2806 -26.96 14.47 43.48
N PHE A 2807 -26.60 13.19 43.58
CA PHE A 2807 -26.36 12.59 44.89
C PHE A 2807 -25.14 13.20 45.58
N GLU A 2808 -24.08 13.49 44.82
CA GLU A 2808 -22.92 14.13 45.42
C GLU A 2808 -23.17 15.59 45.73
N ALA A 2809 -24.12 16.22 45.04
CA ALA A 2809 -24.51 17.57 45.41
C ALA A 2809 -25.34 17.59 46.68
N LEU A 2810 -26.20 16.60 46.88
CA LEU A 2810 -27.00 16.53 48.11
C LEU A 2810 -26.43 15.63 49.20
N ARG A 2811 -25.18 15.18 49.08
CA ARG A 2811 -24.58 14.47 50.22
C ARG A 2811 -24.20 15.40 51.37
N PRO A 2812 -23.36 16.44 51.21
CA PRO A 2812 -22.99 17.21 52.40
C PRO A 2812 -24.01 18.22 52.84
N LEU A 2813 -25.04 18.50 52.04
CA LEU A 2813 -26.04 19.49 52.40
C LEU A 2813 -27.02 18.92 53.42
N GLU A 2814 -27.57 19.81 54.25
CA GLU A 2814 -28.53 19.39 55.26
C GLU A 2814 -29.96 19.42 54.75
N THR A 2815 -30.44 20.59 54.33
CA THR A 2815 -31.77 20.71 53.76
C THR A 2815 -31.75 21.68 52.58
N LEU A 2816 -32.70 21.47 51.68
CA LEU A 2816 -32.91 22.31 50.50
C LEU A 2816 -34.39 22.58 50.33
N PRO A 2817 -34.74 23.64 49.61
CA PRO A 2817 -36.08 23.75 49.04
C PRO A 2817 -36.14 23.00 47.72
N VAL A 2818 -37.29 23.12 47.03
CA VAL A 2818 -37.44 22.53 45.72
C VAL A 2818 -36.60 23.30 44.69
N GLU A 2819 -36.42 24.60 44.90
CA GLU A 2819 -35.72 25.44 43.94
C GLU A 2819 -34.24 25.09 43.85
N GLY A 2820 -33.61 24.79 44.97
CA GLY A 2820 -32.22 24.36 44.95
C GLY A 2820 -32.04 23.00 44.29
N LEU A 2821 -32.98 22.08 44.52
CA LEU A 2821 -32.90 20.76 43.91
C LEU A 2821 -33.05 20.83 42.40
N ILE A 2822 -34.02 21.63 41.92
CA ILE A 2822 -34.20 21.74 40.48
C ILE A 2822 -33.07 22.58 39.87
N ARG A 2823 -32.45 23.46 40.65
CA ARG A 2823 -31.28 24.19 40.17
C ARG A 2823 -30.08 23.26 40.00
N ILE A 2824 -29.87 22.37 40.97
CA ILE A 2824 -28.81 21.37 40.88
C ILE A 2824 -29.06 20.43 39.70
N TRP A 2825 -30.31 20.00 39.54
CA TRP A 2825 -30.69 19.10 38.45
C TRP A 2825 -30.47 19.75 37.09
N ALA A 2826 -30.83 21.03 36.95
CA ALA A 2826 -30.64 21.72 35.69
C ALA A 2826 -29.17 22.04 35.44
N HIS A 2827 -28.40 22.30 36.50
CA HIS A 2827 -26.97 22.49 36.33
C HIS A 2827 -26.29 21.22 35.84
N GLU A 2828 -26.70 20.07 36.38
CA GLU A 2828 -26.15 18.81 35.90
C GLU A 2828 -26.62 18.48 34.49
N ALA A 2829 -27.85 18.89 34.13
CA ALA A 2829 -28.31 18.74 32.76
C ALA A 2829 -27.48 19.57 31.80
N LEU A 2830 -27.16 20.81 32.17
CA LEU A 2830 -26.33 21.67 31.34
C LEU A 2830 -24.90 21.13 31.25
N ARG A 2831 -24.36 20.62 32.35
CA ARG A 2831 -23.00 20.11 32.33
C ARG A 2831 -22.90 18.73 31.68
N LEU A 2832 -24.01 18.02 31.51
CA LEU A 2832 -23.96 16.70 30.88
C LEU A 2832 -24.42 16.71 29.43
N PHE A 2833 -25.17 17.73 29.01
CA PHE A 2833 -25.73 17.73 27.65
C PHE A 2833 -25.18 18.85 26.78
N GLN A 2834 -25.09 20.07 27.31
CA GLN A 2834 -24.60 21.19 26.51
C GLN A 2834 -23.09 21.16 26.32
N ASP A 2835 -22.38 20.41 27.15
CA ASP A 2835 -20.92 20.41 27.10
C ASP A 2835 -20.36 19.73 25.86
N ARG A 2836 -21.10 18.79 25.26
CA ARG A 2836 -20.62 18.08 24.10
C ARG A 2836 -21.04 18.71 22.78
N LEU A 2837 -21.90 19.73 22.80
CA LEU A 2837 -22.43 20.30 21.58
C LEU A 2837 -21.41 21.21 20.91
N VAL A 2838 -21.50 21.27 19.59
CA VAL A 2838 -20.62 22.11 18.77
C VAL A 2838 -21.35 23.35 18.27
N GLU A 2839 -22.49 23.15 17.62
CA GLU A 2839 -23.26 24.27 17.08
C GLU A 2839 -23.97 25.01 18.19
N ASP A 2840 -23.94 26.36 18.11
CA ASP A 2840 -24.58 27.20 19.11
C ASP A 2840 -26.10 27.05 19.12
N GLU A 2841 -26.69 26.72 17.98
CA GLU A 2841 -28.14 26.54 17.90
C GLU A 2841 -28.61 25.34 18.72
N GLU A 2842 -27.80 24.28 18.76
CA GLU A 2842 -28.11 23.14 19.63
C GLU A 2842 -28.07 23.54 21.10
N ARG A 2843 -27.11 24.40 21.46
CA ARG A 2843 -27.01 24.89 22.84
C ARG A 2843 -28.21 25.77 23.20
N ARG A 2844 -28.67 26.58 22.25
CA ARG A 2844 -29.87 27.39 22.52
C ARG A 2844 -31.11 26.52 22.62
N TRP A 2845 -31.18 25.45 21.82
CA TRP A 2845 -32.28 24.49 21.93
C TRP A 2845 -32.29 23.81 23.28
N THR A 2846 -31.10 23.42 23.77
CA THR A 2846 -31.00 22.78 25.08
C THR A 2846 -31.37 23.75 26.21
N ASP A 2847 -30.96 25.02 26.10
CA ASP A 2847 -31.36 26.04 27.07
C ASP A 2847 -32.86 26.26 27.07
N GLU A 2848 -33.50 26.24 25.90
CA GLU A 2848 -34.94 26.43 25.86
C GLU A 2848 -35.69 25.22 26.41
N ASN A 2849 -35.25 24.01 26.03
CA ASN A 2849 -35.99 22.82 26.39
C ASN A 2849 -35.75 22.36 27.82
N ILE A 2850 -34.62 22.72 28.43
CA ILE A 2850 -34.43 22.48 29.86
C ILE A 2850 -35.44 23.28 30.67
N ASP A 2851 -35.61 24.55 30.31
CA ASP A 2851 -36.59 25.39 31.00
C ASP A 2851 -38.02 24.95 30.71
N THR A 2852 -38.27 24.47 29.48
CA THR A 2852 -39.60 23.95 29.16
C THR A 2852 -39.91 22.68 29.97
N VAL A 2853 -38.94 21.79 30.12
CA VAL A 2853 -39.12 20.58 30.93
C VAL A 2853 -39.34 20.94 32.38
N ALA A 2854 -38.54 21.87 32.90
CA ALA A 2854 -38.65 22.29 34.30
C ALA A 2854 -39.97 22.99 34.57
N LEU A 2855 -40.52 23.70 33.60
CA LEU A 2855 -41.84 24.30 33.77
C LEU A 2855 -42.95 23.25 33.63
N LYS A 2856 -42.77 22.27 32.74
CA LYS A 2856 -43.85 21.33 32.48
C LYS A 2856 -44.02 20.34 33.62
N HIS A 2857 -42.93 19.75 34.11
CA HIS A 2857 -43.06 18.73 35.13
C HIS A 2857 -43.07 19.27 36.55
N PHE A 2858 -42.83 20.56 36.73
CA PHE A 2858 -42.87 21.19 38.06
C PHE A 2858 -43.73 22.44 37.98
N PRO A 2859 -45.06 22.28 37.99
CA PRO A 2859 -45.93 23.45 38.03
C PRO A 2859 -46.00 24.03 39.43
N ASN A 2860 -46.47 25.29 39.48
CA ASN A 2860 -46.58 26.09 40.70
C ASN A 2860 -45.26 26.20 41.44
N ILE A 2861 -44.17 26.36 40.68
CA ILE A 2861 -42.82 26.55 41.22
C ILE A 2861 -42.33 27.91 40.72
N ASP A 2862 -41.74 28.68 41.63
CA ASP A 2862 -41.18 29.98 41.27
C ASP A 2862 -39.99 29.79 40.34
N ARG A 2863 -39.98 30.52 39.23
CA ARG A 2863 -38.97 30.28 38.21
C ARG A 2863 -37.68 31.04 38.47
N GLU A 2864 -37.78 32.34 38.76
CA GLU A 2864 -36.59 33.20 38.79
C GLU A 2864 -35.67 32.87 39.95
N LYS A 2865 -36.21 32.37 41.06
CA LYS A 2865 -35.37 31.82 42.12
C LYS A 2865 -34.66 30.56 41.65
N ALA A 2866 -35.35 29.71 40.90
CA ALA A 2866 -34.76 28.46 40.46
C ALA A 2866 -33.94 28.65 39.19
N MET A 2867 -34.40 29.48 38.26
CA MET A 2867 -33.80 29.61 36.93
C MET A 2867 -33.24 31.02 36.75
N SER A 2868 -32.00 31.21 37.18
CA SER A 2868 -31.20 32.36 36.76
C SER A 2868 -30.17 31.83 35.78
N ARG A 2869 -30.14 32.41 34.58
CA ARG A 2869 -29.44 31.84 33.45
C ARG A 2869 -27.91 31.83 33.57
N PRO A 2870 -27.24 32.81 34.23
CA PRO A 2870 -25.87 32.54 34.67
C PRO A 2870 -25.83 31.61 35.87
N ILE A 2871 -26.01 30.31 35.62
CA ILE A 2871 -26.08 29.30 36.67
C ILE A 2871 -24.70 28.68 36.85
N LEU A 2872 -24.10 28.93 38.00
CA LEU A 2872 -22.75 28.45 38.31
C LEU A 2872 -22.75 27.79 39.68
N TYR A 2873 -21.86 26.81 39.83
CA TYR A 2873 -21.66 26.11 41.08
C TYR A 2873 -20.15 25.96 41.34
N SER A 2874 -19.75 26.05 42.60
CA SER A 2874 -18.33 25.98 42.93
C SER A 2874 -18.15 25.46 44.35
N ASN A 2875 -16.92 25.05 44.64
CA ASN A 2875 -16.56 24.53 45.94
C ASN A 2875 -15.34 25.22 46.55
N TRP A 2876 -14.79 26.24 45.90
CA TRP A 2876 -13.62 26.91 46.44
C TRP A 2876 -13.96 28.07 47.36
N LEU A 2877 -15.05 28.78 47.08
CA LEU A 2877 -15.38 29.98 47.82
C LEU A 2877 -15.87 29.66 49.23
N SER A 2878 -16.61 28.56 49.38
CA SER A 2878 -17.06 28.08 50.67
C SER A 2878 -16.78 26.60 50.79
N LYS A 2879 -17.05 26.03 51.97
CA LYS A 2879 -16.85 24.61 52.15
C LYS A 2879 -17.97 23.77 51.55
N ASP A 2880 -19.07 24.39 51.14
CA ASP A 2880 -20.19 23.69 50.53
C ASP A 2880 -20.18 23.90 49.01
N TYR A 2881 -21.00 23.11 48.33
CA TYR A 2881 -21.16 23.22 46.88
C TYR A 2881 -22.37 24.09 46.55
N ILE A 2882 -22.35 25.30 47.08
CA ILE A 2882 -23.47 26.24 46.95
C ILE A 2882 -23.43 26.89 45.57
N PRO A 2883 -24.54 27.39 45.04
CA PRO A 2883 -24.47 28.25 43.86
C PRO A 2883 -23.75 29.55 44.18
N VAL A 2884 -22.97 30.03 43.21
CA VAL A 2884 -22.16 31.24 43.36
C VAL A 2884 -22.45 32.15 42.18
N ASP A 2885 -21.83 33.33 42.22
CA ASP A 2885 -21.92 34.28 41.13
C ASP A 2885 -20.69 34.15 40.24
N GLN A 2886 -20.54 35.07 39.29
CA GLN A 2886 -19.42 35.02 38.35
C GLN A 2886 -18.23 35.87 38.79
N GLU A 2887 -18.49 37.00 39.45
CA GLU A 2887 -17.44 37.98 39.69
C GLU A 2887 -16.47 37.51 40.75
N GLU A 2888 -16.98 36.96 41.85
CA GLU A 2888 -16.12 36.46 42.93
C GLU A 2888 -15.33 35.25 42.47
N LEU A 2889 -15.96 34.40 41.65
CA LEU A 2889 -15.27 33.25 41.07
C LEU A 2889 -14.15 33.69 40.13
N ARG A 2890 -14.41 34.73 39.33
CA ARG A 2890 -13.40 35.27 38.43
C ARG A 2890 -12.23 35.87 39.20
N ASP A 2891 -12.53 36.57 40.31
CA ASP A 2891 -11.47 37.14 41.14
C ASP A 2891 -10.62 36.05 41.79
N TYR A 2892 -11.27 35.00 42.30
CA TYR A 2892 -10.51 33.90 42.91
C TYR A 2892 -9.66 33.17 41.88
N VAL A 2893 -10.22 32.89 40.70
CA VAL A 2893 -9.45 32.15 39.71
C VAL A 2893 -8.36 33.04 39.11
N LYS A 2894 -8.54 34.36 39.12
CA LYS A 2894 -7.48 35.24 38.67
C LYS A 2894 -6.34 35.31 39.67
N ALA A 2895 -6.67 35.28 40.97
CA ALA A 2895 -5.63 35.19 42.00
C ALA A 2895 -4.88 33.88 41.91
N ARG A 2896 -5.60 32.77 41.71
CA ARG A 2896 -4.95 31.47 41.59
C ARG A 2896 -4.13 31.37 40.32
N LEU A 2897 -4.57 31.99 39.24
CA LEU A 2897 -3.79 31.98 38.01
C LEU A 2897 -2.57 32.89 38.09
N LYS A 2898 -2.66 33.99 38.85
CA LYS A 2898 -1.50 34.84 39.06
C LYS A 2898 -0.45 34.16 39.92
N VAL A 2899 -0.88 33.37 40.91
CA VAL A 2899 0.11 32.59 41.65
C VAL A 2899 0.53 31.33 40.88
N PHE A 2900 -0.26 30.92 39.87
CA PHE A 2900 0.12 29.86 38.97
C PHE A 2900 1.21 30.31 38.00
N TYR A 2901 1.26 31.62 37.73
CA TYR A 2901 2.33 32.17 36.89
C TYR A 2901 3.70 31.92 37.47
N GLU A 2902 3.88 32.20 38.76
CA GLU A 2902 5.20 32.29 39.35
C GLU A 2902 5.69 30.97 39.94
N GLU A 2903 4.93 29.89 39.82
CA GLU A 2903 5.29 28.66 40.51
C GLU A 2903 6.08 27.70 39.62
N GLU A 2904 5.51 27.30 38.48
CA GLU A 2904 6.10 26.22 37.69
C GLU A 2904 6.37 26.61 36.25
N LEU A 2905 5.55 27.48 35.65
CA LEU A 2905 5.66 27.83 34.24
C LEU A 2905 5.31 29.30 34.06
N ASP A 2906 6.21 30.05 33.41
CA ASP A 2906 6.00 31.48 33.21
C ASP A 2906 5.45 31.73 31.81
N VAL A 2907 4.17 31.47 31.66
CA VAL A 2907 3.41 31.80 30.46
C VAL A 2907 2.21 32.64 30.89
N PRO A 2908 2.05 33.85 30.38
CA PRO A 2908 0.88 34.66 30.75
C PRO A 2908 -0.39 34.12 30.10
N LEU A 2909 -1.46 34.07 30.89
CA LEU A 2909 -2.75 33.52 30.48
C LEU A 2909 -3.83 34.60 30.61
N VAL A 2910 -4.89 34.46 29.85
CA VAL A 2910 -5.99 35.42 29.82
C VAL A 2910 -7.27 34.67 30.18
N LEU A 2911 -8.00 35.20 31.16
CA LEU A 2911 -9.23 34.56 31.64
C LEU A 2911 -10.44 35.33 31.12
N PHE A 2912 -10.92 34.94 29.95
CA PHE A 2912 -12.16 35.45 29.41
C PHE A 2912 -13.32 34.61 29.93
N ASN A 2913 -14.51 34.80 29.35
CA ASN A 2913 -15.73 34.22 29.93
C ASN A 2913 -15.80 32.72 29.76
N GLU A 2914 -15.27 32.18 28.66
CA GLU A 2914 -15.45 30.77 28.34
C GLU A 2914 -14.43 29.86 29.01
N VAL A 2915 -13.20 30.34 29.19
CA VAL A 2915 -12.18 29.54 29.86
C VAL A 2915 -12.52 29.38 31.34
N LEU A 2916 -13.22 30.36 31.93
CA LEU A 2916 -13.74 30.21 33.29
C LEU A 2916 -14.75 29.07 33.37
N ASP A 2917 -15.66 28.99 32.40
CA ASP A 2917 -16.65 27.91 32.37
C ASP A 2917 -15.97 26.57 32.15
N HIS A 2918 -14.95 26.52 31.31
CA HIS A 2918 -14.23 25.27 31.08
C HIS A 2918 -13.45 24.83 32.31
N VAL A 2919 -12.88 25.79 33.05
CA VAL A 2919 -12.18 25.47 34.30
C VAL A 2919 -13.17 24.94 35.35
N LEU A 2920 -14.36 25.55 35.41
CA LEU A 2920 -15.42 25.04 36.28
C LEU A 2920 -15.83 23.63 35.91
N ARG A 2921 -15.93 23.35 34.61
CA ARG A 2921 -16.31 22.01 34.16
C ARG A 2921 -15.25 20.98 34.50
N ILE A 2922 -13.97 21.32 34.31
CA ILE A 2922 -12.88 20.40 34.62
C ILE A 2922 -12.84 20.13 36.13
N ASP A 2923 -13.06 21.16 36.95
CA ASP A 2923 -13.12 20.96 38.39
C ASP A 2923 -14.31 20.10 38.80
N ARG A 2924 -15.47 20.30 38.14
CA ARG A 2924 -16.65 19.50 38.45
C ARG A 2924 -16.46 18.04 38.07
N ILE A 2925 -15.73 17.78 36.99
CA ILE A 2925 -15.35 16.40 36.67
C ILE A 2925 -14.38 15.86 37.72
N PHE A 2926 -13.48 16.71 38.21
CA PHE A 2926 -12.53 16.28 39.24
C PHE A 2926 -13.20 16.00 40.57
N ARG A 2927 -14.37 16.59 40.83
CA ARG A 2927 -15.05 16.37 42.10
C ARG A 2927 -15.70 15.00 42.18
N GLN A 2928 -16.36 14.57 41.11
CA GLN A 2928 -17.18 13.36 41.16
C GLN A 2928 -16.30 12.11 41.21
N PRO A 2929 -16.69 11.09 41.99
CA PRO A 2929 -16.04 9.79 41.86
C PRO A 2929 -16.41 9.17 40.52
N GLN A 2930 -15.47 8.37 39.98
CA GLN A 2930 -15.47 7.91 38.60
C GLN A 2930 -15.59 9.05 37.60
N GLY A 2931 -14.94 10.17 37.87
CA GLY A 2931 -15.01 11.33 37.00
C GLY A 2931 -13.89 11.33 35.97
N HIS A 2932 -14.22 10.99 34.73
CA HIS A 2932 -13.25 10.95 33.65
C HIS A 2932 -13.71 11.89 32.55
N LEU A 2933 -12.73 12.57 31.94
CA LEU A 2933 -13.01 13.68 31.04
C LEU A 2933 -12.36 13.40 29.69
N LEU A 2934 -13.06 13.77 28.61
CA LEU A 2934 -12.49 13.79 27.28
C LEU A 2934 -12.64 15.19 26.71
N LEU A 2935 -11.52 15.80 26.34
CA LEU A 2935 -11.46 17.17 25.88
C LEU A 2935 -11.31 17.16 24.37
N ILE A 2936 -12.29 17.70 23.66
CA ILE A 2936 -12.25 17.76 22.22
C ILE A 2936 -12.38 19.21 21.78
N GLY A 2937 -11.80 19.51 20.63
CA GLY A 2937 -11.71 20.87 20.13
C GLY A 2937 -10.45 21.04 19.32
N VAL A 2938 -10.30 22.24 18.75
CA VAL A 2938 -9.15 22.52 17.89
C VAL A 2938 -7.86 22.56 18.71
N SER A 2939 -6.74 22.43 18.01
CA SER A 2939 -5.44 22.29 18.65
C SER A 2939 -5.03 23.57 19.35
N GLY A 2940 -4.24 23.42 20.42
CA GLY A 2940 -4.05 24.54 21.33
C GLY A 2940 -5.33 24.80 22.08
N ALA A 2941 -5.64 26.09 22.27
CA ALA A 2941 -6.96 26.60 22.65
C ALA A 2941 -7.43 26.12 24.03
N GLY A 2942 -6.53 25.63 24.87
CA GLY A 2942 -6.92 25.32 26.23
C GLY A 2942 -6.52 23.96 26.78
N LYS A 2943 -6.59 22.92 25.95
CA LYS A 2943 -6.27 21.58 26.44
C LYS A 2943 -4.77 21.44 26.70
N THR A 2944 -4.42 20.53 27.61
CA THR A 2944 -3.09 20.28 28.15
C THR A 2944 -2.48 21.50 28.85
N THR A 2945 -3.24 22.55 29.08
CA THR A 2945 -2.89 23.71 29.88
C THR A 2945 -3.95 24.04 30.91
N LEU A 2946 -5.23 23.87 30.55
CA LEU A 2946 -6.28 23.96 31.57
C LEU A 2946 -6.29 22.73 32.46
N SER A 2947 -5.98 21.57 31.88
CA SER A 2947 -5.93 20.33 32.66
C SER A 2947 -4.82 20.39 33.71
N ARG A 2948 -3.65 20.87 33.31
CA ARG A 2948 -2.55 21.05 34.27
C ARG A 2948 -2.90 22.09 35.32
N PHE A 2949 -3.61 23.14 34.91
CA PHE A 2949 -4.00 24.22 35.82
C PHE A 2949 -4.95 23.73 36.91
N VAL A 2950 -6.04 23.06 36.52
CA VAL A 2950 -7.00 22.58 37.50
C VAL A 2950 -6.44 21.40 38.28
N ALA A 2951 -5.52 20.63 37.68
CA ALA A 2951 -4.85 19.56 38.43
C ALA A 2951 -3.96 20.12 39.52
N TRP A 2952 -3.24 21.22 39.23
CA TRP A 2952 -2.44 21.88 40.25
C TRP A 2952 -3.34 22.52 41.31
N MET A 2953 -4.48 23.08 40.89
CA MET A 2953 -5.34 23.81 41.82
C MET A 2953 -6.04 22.88 42.79
N ASN A 2954 -6.53 21.73 42.30
CA ASN A 2954 -7.21 20.77 43.17
C ASN A 2954 -6.25 19.79 43.80
N GLY A 2955 -4.94 19.94 43.60
CA GLY A 2955 -3.94 19.15 44.30
C GLY A 2955 -3.60 17.82 43.67
N LEU A 2956 -4.16 17.49 42.52
CA LEU A 2956 -3.86 16.23 41.86
C LEU A 2956 -2.51 16.32 41.16
N SER A 2957 -1.61 15.40 41.49
CA SER A 2957 -0.37 15.27 40.73
C SER A 2957 -0.68 14.69 39.36
N VAL A 2958 0.24 14.92 38.42
CA VAL A 2958 0.02 14.62 37.01
C VAL A 2958 0.98 13.51 36.60
N TYR A 2959 0.43 12.44 36.04
CA TYR A 2959 1.23 11.35 35.51
C TYR A 2959 0.92 11.22 34.03
N GLN A 2960 1.95 11.10 33.21
CA GLN A 2960 1.82 10.90 31.78
C GLN A 2960 2.68 9.72 31.35
N ILE A 2961 2.28 9.07 30.28
CA ILE A 2961 3.03 7.95 29.71
C ILE A 2961 3.88 8.48 28.57
N LYS A 2962 5.16 8.13 28.59
CA LYS A 2962 6.12 8.56 27.57
C LYS A 2962 6.30 7.42 26.58
N VAL A 2963 5.57 7.50 25.47
CA VAL A 2963 5.50 6.41 24.49
C VAL A 2963 6.49 6.67 23.37
N HIS A 2964 7.06 5.59 22.85
CA HIS A 2964 7.97 5.64 21.71
C HIS A 2964 7.82 4.32 20.95
N ARG A 2965 8.82 3.98 20.12
CA ARG A 2965 8.76 2.76 19.33
C ARG A 2965 8.72 1.52 20.20
N LYS A 2966 9.55 1.48 21.24
CA LYS A 2966 9.60 0.34 22.15
C LYS A 2966 8.59 0.60 23.26
N TYR A 2967 7.41 0.01 23.13
CA TYR A 2967 6.39 0.07 24.18
C TYR A 2967 5.49 -1.16 23.99
N THR A 2968 5.71 -2.17 24.81
CA THR A 2968 4.89 -3.38 24.75
C THR A 2968 3.75 -3.26 25.74
N GLY A 2969 2.89 -4.29 25.78
CA GLY A 2969 1.83 -4.33 26.76
C GLY A 2969 2.30 -4.57 28.17
N GLU A 2970 3.47 -5.20 28.33
CA GLU A 2970 4.02 -5.44 29.66
C GLU A 2970 4.44 -4.13 30.33
N ASP A 2971 5.05 -3.22 29.57
CA ASP A 2971 5.44 -1.93 30.14
C ASP A 2971 4.22 -1.08 30.46
N PHE A 2972 3.17 -1.18 29.65
CA PHE A 2972 1.92 -0.50 29.95
C PHE A 2972 1.27 -1.08 31.20
N ASP A 2973 1.38 -2.40 31.40
CA ASP A 2973 0.89 -3.03 32.61
C ASP A 2973 1.68 -2.57 33.83
N GLU A 2974 3.00 -2.41 33.68
CA GLU A 2974 3.82 -1.91 34.78
C GLU A 2974 3.47 -0.47 35.14
N ASP A 2975 3.24 0.36 34.13
CA ASP A 2975 2.84 1.75 34.37
C ASP A 2975 1.47 1.82 35.05
N LEU A 2976 0.53 0.99 34.61
CA LEU A 2976 -0.78 0.96 35.24
C LEU A 2976 -0.70 0.42 36.67
N ARG A 2977 0.19 -0.54 36.91
CA ARG A 2977 0.40 -1.05 38.27
C ARG A 2977 0.94 0.03 39.18
N THR A 2978 1.92 0.82 38.70
CA THR A 2978 2.46 1.91 39.52
C THR A 2978 1.42 2.99 39.77
N VAL A 2979 0.64 3.34 38.75
CA VAL A 2979 -0.38 4.38 38.91
C VAL A 2979 -1.48 3.93 39.87
N LEU A 2980 -1.94 2.69 39.74
CA LEU A 2980 -2.98 2.17 40.63
C LEU A 2980 -2.48 1.97 42.04
N ARG A 2981 -1.21 1.59 42.21
CA ARG A 2981 -0.65 1.45 43.55
C ARG A 2981 -0.46 2.80 44.22
N ARG A 2982 -0.08 3.83 43.44
CA ARG A 2982 0.05 5.16 44.00
C ARG A 2982 -1.30 5.76 44.35
N SER A 2983 -2.31 5.53 43.52
CA SER A 2983 -3.61 6.15 43.76
C SER A 2983 -4.46 5.37 44.76
N GLY A 2984 -4.20 4.07 44.92
CA GLY A 2984 -5.02 3.26 45.80
C GLY A 2984 -4.48 3.12 47.20
N CYS A 2985 -3.22 2.71 47.33
CA CYS A 2985 -2.64 2.50 48.65
C CYS A 2985 -2.30 3.82 49.34
N LYS A 2986 -1.73 4.77 48.61
CA LYS A 2986 -1.24 6.00 49.20
C LYS A 2986 -2.31 7.08 49.29
N ASN A 2987 -3.49 6.84 48.72
CA ASN A 2987 -4.58 7.81 48.59
C ASN A 2987 -4.10 9.11 47.93
N GLU A 2988 -3.28 8.96 46.90
CA GLU A 2988 -2.72 10.10 46.18
C GLU A 2988 -3.61 10.36 44.96
N LYS A 2989 -4.15 11.57 44.88
CA LYS A 2989 -5.01 11.93 43.78
C LYS A 2989 -4.16 12.18 42.53
N ILE A 2990 -4.45 11.46 41.45
CA ILE A 2990 -3.65 11.52 40.24
C ILE A 2990 -4.56 11.93 39.09
N ALA A 2991 -4.17 12.99 38.39
CA ALA A 2991 -4.84 13.39 37.15
C ALA A 2991 -4.05 12.81 35.99
N PHE A 2992 -4.32 11.53 35.71
CA PHE A 2992 -3.73 10.81 34.60
C PHE A 2992 -4.30 11.38 33.30
N ILE A 2993 -3.51 12.19 32.60
CA ILE A 2993 -3.94 12.81 31.37
C ILE A 2993 -3.21 12.15 30.21
N MET A 2994 -3.95 11.89 29.14
CA MET A 2994 -3.45 11.26 27.93
C MET A 2994 -3.58 12.21 26.76
N ASP A 2995 -2.62 12.16 25.84
CA ASP A 2995 -2.52 13.13 24.77
C ASP A 2995 -2.67 12.44 23.41
N GLU A 2996 -2.98 13.27 22.41
CA GLU A 2996 -3.12 12.79 21.04
C GLU A 2996 -1.78 12.38 20.44
N SER A 2997 -0.68 12.99 20.90
CA SER A 2997 0.63 12.68 20.35
C SER A 2997 1.12 11.32 20.79
N ASN A 2998 1.25 11.12 22.10
CA ASN A 2998 1.74 9.85 22.62
C ASN A 2998 0.72 8.73 22.48
N VAL A 2999 -0.56 9.04 22.35
CA VAL A 2999 -1.60 8.05 22.16
C VAL A 2999 -2.48 8.47 20.98
N LEU A 3000 -2.38 7.72 19.90
CA LEU A 3000 -3.38 7.73 18.83
C LEU A 3000 -4.01 6.37 18.68
N ASP A 3001 -3.20 5.32 18.57
CA ASP A 3001 -3.64 3.94 18.76
C ASP A 3001 -2.42 3.16 19.25
N SER A 3002 -2.33 2.95 20.56
CA SER A 3002 -1.26 2.18 21.15
C SER A 3002 -1.61 0.70 21.27
N GLY A 3003 -2.75 0.29 20.77
CA GLY A 3003 -3.18 -1.10 20.84
C GLY A 3003 -3.90 -1.48 22.10
N PHE A 3004 -3.31 -1.19 23.25
CA PHE A 3004 -3.88 -1.54 24.56
C PHE A 3004 -4.64 -0.38 25.16
N LEU A 3005 -5.30 0.43 24.33
CA LEU A 3005 -6.14 1.51 24.85
C LEU A 3005 -7.44 0.97 25.43
N GLU A 3006 -7.78 -0.29 25.13
CA GLU A 3006 -8.93 -0.96 25.71
C GLU A 3006 -8.59 -1.68 27.00
N ARG A 3007 -7.31 -1.76 27.36
CA ARG A 3007 -6.94 -2.27 28.68
C ARG A 3007 -7.32 -1.32 29.81
N MET A 3008 -7.50 -0.04 29.52
CA MET A 3008 -7.95 0.93 30.49
C MET A 3008 -9.46 1.17 30.42
N ASN A 3009 -10.16 0.45 29.54
CA ASN A 3009 -11.62 0.53 29.50
C ASN A 3009 -12.25 -0.01 30.78
N THR A 3010 -11.60 -0.97 31.44
CA THR A 3010 -12.09 -1.44 32.72
C THR A 3010 -11.89 -0.41 33.82
N LEU A 3011 -10.81 0.37 33.79
CA LEU A 3011 -10.67 1.51 34.69
C LEU A 3011 -11.72 2.57 34.42
N LEU A 3012 -12.01 2.81 33.15
CA LEU A 3012 -13.05 3.78 32.81
C LEU A 3012 -14.44 3.29 33.21
N ALA A 3013 -14.66 1.98 33.24
CA ALA A 3013 -15.97 1.45 33.61
C ALA A 3013 -16.13 1.37 35.14
N ASN A 3014 -15.30 0.57 35.79
CA ASN A 3014 -15.48 0.33 37.22
C ASN A 3014 -14.20 0.45 38.04
N GLY A 3015 -13.06 0.68 37.41
CA GLY A 3015 -11.86 1.04 38.16
C GLY A 3015 -11.03 -0.10 38.70
N GLU A 3016 -10.96 -1.23 38.00
CA GLU A 3016 -10.04 -2.30 38.38
C GLU A 3016 -9.75 -3.15 37.16
N VAL A 3017 -8.48 -3.52 36.98
CA VAL A 3017 -8.07 -4.49 35.96
C VAL A 3017 -7.95 -5.85 36.63
N PRO A 3018 -8.80 -6.81 36.30
CA PRO A 3018 -8.53 -8.18 36.72
C PRO A 3018 -7.35 -8.75 35.95
N GLY A 3019 -6.54 -9.54 36.64
CA GLY A 3019 -5.38 -10.15 36.04
C GLY A 3019 -4.16 -9.27 35.92
N LEU A 3020 -4.25 -8.01 36.37
CA LEU A 3020 -3.08 -7.14 36.33
C LEU A 3020 -2.07 -7.50 37.41
N PHE A 3021 -2.55 -7.97 38.56
CA PHE A 3021 -1.71 -8.13 39.75
C PHE A 3021 -1.46 -9.59 40.07
N GLU A 3022 -1.25 -10.43 39.06
CA GLU A 3022 -0.94 -11.82 39.32
C GLU A 3022 0.51 -11.96 39.78
N GLY A 3023 0.76 -13.03 40.53
CA GLY A 3023 2.10 -13.30 41.04
C GLY A 3023 2.36 -12.72 42.41
N ASP A 3024 3.60 -12.27 42.64
CA ASP A 3024 3.96 -11.66 43.92
C ASP A 3024 3.40 -10.27 44.07
N GLU A 3025 2.96 -9.65 42.97
CA GLU A 3025 2.38 -8.32 43.00
C GLU A 3025 1.09 -8.28 43.81
N TYR A 3026 0.35 -9.38 43.82
CA TYR A 3026 -0.82 -9.46 44.70
C TYR A 3026 -0.43 -9.43 46.16
N ALA A 3027 0.68 -10.10 46.52
CA ALA A 3027 1.17 -10.06 47.90
C ALA A 3027 1.65 -8.67 48.29
N THR A 3028 2.38 -7.99 47.39
CA THR A 3028 2.83 -6.62 47.67
C THR A 3028 1.66 -5.66 47.79
N LEU A 3029 0.69 -5.77 46.88
CA LEU A 3029 -0.49 -4.90 46.92
C LEU A 3029 -1.34 -5.22 48.14
N MET A 3030 -1.35 -6.48 48.58
CA MET A 3030 -2.14 -6.85 49.76
C MET A 3030 -1.52 -6.27 51.02
N THR A 3031 -0.19 -6.33 51.12
CA THR A 3031 0.49 -5.74 52.27
C THR A 3031 0.31 -4.23 52.33
N GLN A 3032 0.55 -3.54 51.20
CA GLN A 3032 0.34 -2.09 51.17
C GLN A 3032 -1.14 -1.71 51.29
N CYS A 3033 -2.05 -2.58 50.87
CA CYS A 3033 -3.47 -2.32 50.97
C CYS A 3033 -3.96 -2.40 52.40
N LYS A 3034 -3.50 -3.43 53.13
CA LYS A 3034 -3.82 -3.51 54.55
C LYS A 3034 -3.16 -2.40 55.34
N GLU A 3035 -1.95 -2.00 54.94
CA GLU A 3035 -1.29 -0.87 55.59
C GLU A 3035 -2.06 0.43 55.38
N GLY A 3036 -2.50 0.68 54.14
CA GLY A 3036 -3.27 1.90 53.88
C GLY A 3036 -4.63 1.91 54.54
N ALA A 3037 -5.31 0.75 54.56
CA ALA A 3037 -6.59 0.66 55.24
C ALA A 3037 -6.45 0.81 56.75
N GLN A 3038 -5.31 0.38 57.31
CA GLN A 3038 -5.01 0.70 58.70
C GLN A 3038 -4.76 2.19 58.88
N LYS A 3039 -4.07 2.82 57.91
CA LYS A 3039 -3.71 4.23 58.00
C LYS A 3039 -4.93 5.13 58.01
N GLU A 3040 -5.92 4.83 57.17
CA GLU A 3040 -7.16 5.60 57.20
C GLU A 3040 -8.25 4.97 58.05
N GLY A 3041 -7.88 4.03 58.92
CA GLY A 3041 -8.80 3.52 59.93
C GLY A 3041 -9.97 2.69 59.43
N LEU A 3042 -9.72 1.79 58.48
CA LEU A 3042 -10.73 0.84 58.02
C LEU A 3042 -10.16 -0.56 58.21
N MET A 3043 -10.52 -1.22 59.31
CA MET A 3043 -9.96 -2.52 59.65
C MET A 3043 -10.67 -3.61 58.84
N LEU A 3044 -9.96 -4.18 57.87
CA LEU A 3044 -10.45 -5.29 57.09
C LEU A 3044 -9.41 -6.40 57.11
N ASP A 3045 -9.88 -7.64 56.90
CA ASP A 3045 -9.02 -8.80 57.07
C ASP A 3045 -8.76 -9.57 55.79
N SER A 3046 -9.80 -10.00 55.09
CA SER A 3046 -9.61 -10.97 54.03
C SER A 3046 -9.16 -10.32 52.74
N HIS A 3047 -8.92 -11.16 51.73
CA HIS A 3047 -8.44 -10.69 50.43
C HIS A 3047 -9.50 -9.87 49.71
N GLU A 3048 -10.74 -10.35 49.71
CA GLU A 3048 -11.76 -9.78 48.84
C GLU A 3048 -12.26 -8.43 49.34
N GLU A 3049 -12.41 -8.26 50.65
CA GLU A 3049 -12.85 -6.98 51.19
C GLU A 3049 -11.77 -5.92 51.01
N LEU A 3050 -10.51 -6.32 51.12
CA LEU A 3050 -9.41 -5.40 50.86
C LEU A 3050 -9.32 -5.03 49.39
N TYR A 3051 -9.59 -5.98 48.49
CA TYR A 3051 -9.64 -5.66 47.07
C TYR A 3051 -10.80 -4.75 46.73
N LYS A 3052 -11.94 -4.93 47.40
CA LYS A 3052 -13.09 -4.04 47.22
C LYS A 3052 -12.78 -2.64 47.72
N TRP A 3053 -12.07 -2.53 48.84
CA TRP A 3053 -11.65 -1.23 49.35
C TRP A 3053 -10.65 -0.56 48.42
N PHE A 3054 -9.74 -1.35 47.84
CA PHE A 3054 -8.80 -0.84 46.84
C PHE A 3054 -9.54 -0.31 45.61
N THR A 3055 -10.56 -1.04 45.16
CA THR A 3055 -11.36 -0.61 44.02
C THR A 3055 -12.13 0.67 44.33
N SER A 3056 -12.67 0.77 45.55
CA SER A 3056 -13.37 1.98 45.96
C SER A 3056 -12.43 3.18 46.04
N GLN A 3057 -11.20 2.97 46.51
CA GLN A 3057 -10.24 4.06 46.57
C GLN A 3057 -9.77 4.48 45.18
N VAL A 3058 -9.66 3.54 44.24
CA VAL A 3058 -9.34 3.89 42.87
C VAL A 3058 -10.49 4.65 42.22
N ILE A 3059 -11.72 4.28 42.54
CA ILE A 3059 -12.91 5.00 42.07
C ILE A 3059 -12.92 6.42 42.59
N ARG A 3060 -12.56 6.60 43.87
CA ARG A 3060 -12.58 7.93 44.46
C ARG A 3060 -11.43 8.81 43.95
N ASN A 3061 -10.23 8.26 43.87
CA ASN A 3061 -9.03 9.08 43.70
C ASN A 3061 -8.68 9.33 42.23
N LEU A 3062 -8.43 8.27 41.46
CA LEU A 3062 -7.77 8.39 40.17
C LEU A 3062 -8.70 9.00 39.13
N HIS A 3063 -8.27 10.09 38.53
CA HIS A 3063 -9.01 10.75 37.45
C HIS A 3063 -8.23 10.60 36.16
N VAL A 3064 -8.95 10.41 35.06
CA VAL A 3064 -8.34 10.24 33.74
C VAL A 3064 -8.94 11.29 32.81
N VAL A 3065 -8.07 12.07 32.17
CA VAL A 3065 -8.48 13.10 31.22
C VAL A 3065 -7.77 12.84 29.91
N PHE A 3066 -8.53 12.63 28.84
CA PHE A 3066 -8.02 12.47 27.49
C PHE A 3066 -8.09 13.79 26.76
N THR A 3067 -7.13 14.04 25.87
CA THR A 3067 -7.17 15.17 24.96
C THR A 3067 -7.18 14.64 23.53
N MET A 3068 -8.25 14.91 22.79
CA MET A 3068 -8.41 14.38 21.45
C MET A 3068 -8.77 15.51 20.49
N ASN A 3069 -8.24 15.44 19.30
CA ASN A 3069 -8.58 16.30 18.18
C ASN A 3069 -9.77 15.74 17.41
N PRO A 3070 -10.66 16.58 16.91
CA PRO A 3070 -11.87 16.08 16.25
C PRO A 3070 -11.58 15.59 14.83
N SER A 3071 -12.64 15.22 14.13
CA SER A 3071 -12.54 14.71 12.77
C SER A 3071 -12.18 15.80 11.78
N ALA A 3079 -8.00 7.19 13.04
CA ALA A 3079 -9.39 6.80 12.78
C ALA A 3079 -10.28 7.19 13.95
N ALA A 3080 -11.55 6.80 13.86
CA ALA A 3080 -12.51 7.15 14.90
C ALA A 3080 -12.29 6.32 16.15
N THR A 3081 -12.58 6.93 17.30
CA THR A 3081 -12.49 6.21 18.57
C THR A 3081 -13.69 5.30 18.75
N SER A 3082 -13.59 4.40 19.72
CA SER A 3082 -14.71 3.52 20.02
C SER A 3082 -15.83 4.31 20.69
N PRO A 3083 -17.09 4.00 20.38
CA PRO A 3083 -18.21 4.62 21.10
C PRO A 3083 -18.25 4.30 22.57
N ALA A 3084 -17.66 3.17 23.00
CA ALA A 3084 -17.54 2.88 24.41
C ALA A 3084 -16.65 3.91 25.11
N LEU A 3085 -15.56 4.33 24.46
CA LEU A 3085 -14.71 5.37 25.01
C LEU A 3085 -15.41 6.72 25.04
N PHE A 3086 -16.33 6.95 24.11
CA PHE A 3086 -17.16 8.15 24.19
C PHE A 3086 -18.16 8.07 25.33
N ASN A 3087 -18.70 6.89 25.61
CA ASN A 3087 -19.68 6.75 26.67
C ASN A 3087 -19.06 6.73 28.06
N ARG A 3088 -17.80 6.32 28.17
CA ARG A 3088 -17.18 6.16 29.48
C ARG A 3088 -16.78 7.49 30.11
N CYS A 3089 -16.48 8.50 29.30
CA CYS A 3089 -16.04 9.79 29.81
C CYS A 3089 -17.16 10.82 29.70
N VAL A 3090 -16.88 12.02 30.21
CA VAL A 3090 -17.72 13.19 30.00
C VAL A 3090 -17.03 14.07 28.98
N LEU A 3091 -17.77 14.51 27.96
CA LEU A 3091 -17.17 15.01 26.73
C LEU A 3091 -17.33 16.53 26.67
N ASN A 3092 -16.20 17.23 26.79
CA ASN A 3092 -16.20 18.69 26.83
C ASN A 3092 -15.68 19.20 25.49
N TRP A 3093 -16.49 20.03 24.83
CA TRP A 3093 -16.14 20.59 23.53
C TRP A 3093 -15.60 22.00 23.74
N PHE A 3094 -14.36 22.23 23.32
CA PHE A 3094 -13.74 23.53 23.50
C PHE A 3094 -14.22 24.52 22.44
N GLY A 3095 -14.14 24.15 21.18
CA GLY A 3095 -14.46 25.07 20.11
C GLY A 3095 -13.34 26.06 19.88
N ASP A 3096 -13.60 27.01 19.00
CA ASP A 3096 -12.66 28.06 18.69
C ASP A 3096 -12.98 29.30 19.53
N TRP A 3097 -11.97 30.15 19.69
CA TRP A 3097 -12.14 31.33 20.53
C TRP A 3097 -13.02 32.35 19.81
N SER A 3098 -13.90 32.99 20.57
CA SER A 3098 -14.85 33.92 19.98
C SER A 3098 -14.18 35.26 19.70
N THR A 3099 -14.98 36.22 19.22
CA THR A 3099 -14.49 37.58 19.07
C THR A 3099 -14.20 38.20 20.43
N GLU A 3100 -15.03 37.90 21.42
CA GLU A 3100 -14.81 38.41 22.78
C GLU A 3100 -13.56 37.80 23.39
N ALA A 3101 -13.32 36.51 23.15
CA ALA A 3101 -12.15 35.86 23.73
C ALA A 3101 -10.85 36.38 23.10
N LEU A 3102 -10.85 36.59 21.79
CA LEU A 3102 -9.67 37.16 21.14
C LEU A 3102 -9.49 38.62 21.53
N TYR A 3103 -10.58 39.36 21.72
CA TYR A 3103 -10.49 40.73 22.20
C TYR A 3103 -9.91 40.79 23.61
N GLN A 3104 -10.29 39.84 24.47
CA GLN A 3104 -9.78 39.80 25.83
C GLN A 3104 -8.33 39.36 25.86
N VAL A 3105 -7.91 38.50 24.92
CA VAL A 3105 -6.51 38.12 24.85
C VAL A 3105 -5.66 39.29 24.36
N GLY A 3106 -6.12 39.98 23.32
CA GLY A 3106 -5.36 41.09 22.78
C GLY A 3106 -5.35 42.32 23.67
N LYS A 3107 -6.40 42.49 24.47
CA LYS A 3107 -6.45 43.64 25.37
C LYS A 3107 -5.49 43.50 26.53
N GLU A 3108 -5.45 42.31 27.14
CA GLU A 3108 -4.60 42.10 28.32
C GLU A 3108 -3.14 41.93 27.96
N PHE A 3109 -2.82 41.55 26.72
CA PHE A 3109 -1.43 41.32 26.35
C PHE A 3109 -0.77 42.58 25.79
N THR A 3110 -1.55 43.48 25.19
CA THR A 3110 -1.02 44.72 24.64
C THR A 3110 -1.29 45.92 25.53
N SER A 3111 -1.72 45.71 26.77
CA SER A 3111 -1.97 46.81 27.68
C SER A 3111 -0.68 47.47 28.16
N LYS A 3112 0.43 46.75 28.15
CA LYS A 3112 1.69 47.29 28.63
C LYS A 3112 2.30 48.31 27.67
N MET A 3113 1.96 48.24 26.39
CA MET A 3113 2.56 49.12 25.40
C MET A 3113 1.79 50.42 25.29
N ASP A 3114 2.52 51.50 25.03
CA ASP A 3114 1.95 52.84 24.94
C ASP A 3114 1.14 52.94 23.65
N LEU A 3115 -0.18 53.09 23.80
CA LEU A 3115 -1.09 53.08 22.67
C LEU A 3115 -2.06 54.25 22.70
N GLU A 3116 -1.77 55.28 23.48
CA GLU A 3116 -2.73 56.35 23.74
C GLU A 3116 -2.42 57.55 22.85
N LYS A 3117 -3.30 57.81 21.89
CA LYS A 3117 -3.24 59.03 21.10
C LYS A 3117 -4.42 59.91 21.48
N PRO A 3118 -4.21 60.97 22.27
CA PRO A 3118 -5.34 61.86 22.61
C PRO A 3118 -5.83 62.69 21.45
N ASN A 3119 -5.02 62.87 20.40
CA ASN A 3119 -5.43 63.62 19.23
C ASN A 3119 -6.47 62.89 18.41
N TYR A 3120 -6.50 61.55 18.50
CA TYR A 3120 -7.25 60.63 17.63
C TYR A 3120 -8.73 60.95 17.51
N ILE A 3121 -9.14 61.31 16.29
CA ILE A 3121 -10.54 61.59 16.00
C ILE A 3121 -11.20 60.27 15.60
N VAL A 3122 -12.35 59.99 16.19
CA VAL A 3122 -13.07 58.76 15.83
C VAL A 3122 -13.69 58.94 14.45
N PRO A 3123 -13.67 57.91 13.60
CA PRO A 3123 -14.38 57.98 12.32
C PRO A 3123 -15.88 57.84 12.55
N ASP A 3124 -16.64 58.16 11.49
CA ASP A 3124 -18.09 58.06 11.57
C ASP A 3124 -18.56 56.62 11.72
N TYR A 3125 -18.07 55.73 10.86
CA TYR A 3125 -18.46 54.33 10.90
C TYR A 3125 -17.21 53.48 10.85
N MET A 3126 -17.10 52.53 11.77
CA MET A 3126 -16.00 51.60 11.76
C MET A 3126 -16.50 50.21 11.45
N PRO A 3127 -15.75 49.41 10.71
CA PRO A 3127 -16.09 47.98 10.59
C PRO A 3127 -15.79 47.28 11.90
N VAL A 3128 -16.82 47.00 12.68
CA VAL A 3128 -16.66 46.43 14.01
C VAL A 3128 -16.90 44.93 13.93
N VAL A 3129 -16.13 44.18 14.73
CA VAL A 3129 -16.35 42.75 14.90
C VAL A 3129 -16.53 42.35 16.34
N TYR A 3130 -16.18 43.23 17.28
CA TYR A 3130 -16.55 43.08 18.68
C TYR A 3130 -17.69 44.05 18.93
N ASP A 3131 -18.91 43.53 19.01
CA ASP A 3131 -20.09 44.38 19.13
C ASP A 3131 -20.18 45.08 20.48
N LYS A 3132 -19.55 44.52 21.51
CA LYS A 3132 -19.53 45.12 22.84
C LYS A 3132 -18.33 46.04 23.05
N LEU A 3133 -17.84 46.65 21.98
CA LEU A 3133 -16.80 47.66 22.11
C LEU A 3133 -17.34 48.90 22.81
N PRO A 3134 -16.52 49.58 23.61
CA PRO A 3134 -16.98 50.83 24.21
C PRO A 3134 -17.08 51.93 23.17
N GLN A 3135 -18.29 52.30 22.79
CA GLN A 3135 -18.50 53.26 21.72
C GLN A 3135 -18.62 54.67 22.28
N PRO A 3136 -17.88 55.65 21.74
CA PRO A 3136 -16.84 55.56 20.69
C PRO A 3136 -15.50 55.13 21.28
N PRO A 3137 -14.69 54.39 20.52
CA PRO A 3137 -13.48 53.82 21.08
C PRO A 3137 -12.33 54.82 21.19
N SER A 3138 -11.36 54.48 22.02
CA SER A 3138 -10.10 55.18 22.07
C SER A 3138 -9.15 54.57 21.04
N HIS A 3139 -7.88 54.94 21.08
CA HIS A 3139 -6.93 54.43 20.10
C HIS A 3139 -6.55 52.99 20.38
N ARG A 3140 -6.39 52.64 21.66
CA ARG A 3140 -6.04 51.26 22.03
C ARG A 3140 -7.17 50.30 21.69
N GLU A 3141 -8.42 50.72 21.91
CA GLU A 3141 -9.57 49.90 21.57
C GLU A 3141 -9.66 49.70 20.06
N ALA A 3142 -9.36 50.73 19.28
CA ALA A 3142 -9.34 50.60 17.83
C ALA A 3142 -8.23 49.67 17.37
N ILE A 3143 -7.08 49.69 18.03
CA ILE A 3143 -5.98 48.82 17.65
C ILE A 3143 -6.32 47.36 17.95
N VAL A 3144 -6.94 47.08 19.10
CA VAL A 3144 -7.31 45.71 19.42
C VAL A 3144 -8.47 45.22 18.53
N ASN A 3145 -9.40 46.11 18.18
CA ASN A 3145 -10.46 45.75 17.25
C ASN A 3145 -9.90 45.43 15.86
N SER A 3146 -8.91 46.18 15.41
CA SER A 3146 -8.26 45.83 14.14
C SER A 3146 -7.43 44.56 14.27
N CYS A 3147 -6.87 44.29 15.46
CA CYS A 3147 -6.10 43.08 15.69
C CYS A 3147 -6.96 41.83 15.54
N VAL A 3148 -8.18 41.86 16.08
CA VAL A 3148 -9.08 40.72 15.88
C VAL A 3148 -9.71 40.74 14.49
N PHE A 3149 -9.82 41.92 13.86
CA PHE A 3149 -10.27 41.99 12.47
C PHE A 3149 -9.31 41.30 11.51
N VAL A 3150 -8.01 41.37 11.81
CA VAL A 3150 -7.00 40.70 10.99
C VAL A 3150 -7.20 39.18 11.02
N HIS A 3151 -7.43 38.63 12.21
CA HIS A 3151 -7.68 37.20 12.36
C HIS A 3151 -8.97 36.78 11.67
N GLN A 3152 -10.02 37.61 11.78
CA GLN A 3152 -11.28 37.30 11.11
C GLN A 3152 -11.14 37.31 9.58
N THR A 3153 -10.43 38.31 9.04
CA THR A 3153 -10.24 38.37 7.59
C THR A 3153 -9.38 37.24 7.09
N LEU A 3154 -8.41 36.77 7.90
CA LEU A 3154 -7.64 35.64 7.43
C LEU A 3154 -8.41 34.33 7.51
N HIS A 3155 -9.31 34.19 8.50
CA HIS A 3155 -10.21 33.03 8.50
C HIS A 3155 -11.11 33.04 7.27
N GLN A 3156 -11.63 34.21 6.91
CA GLN A 3156 -12.42 34.33 5.68
C GLN A 3156 -11.58 34.05 4.43
N ALA A 3157 -10.32 34.48 4.44
CA ALA A 3157 -9.45 34.26 3.28
C ALA A 3157 -9.09 32.79 3.13
N ASN A 3158 -8.84 32.08 4.23
CA ASN A 3158 -8.58 30.64 4.14
C ASN A 3158 -9.83 29.88 3.73
N ALA A 3159 -11.01 30.33 4.17
CA ALA A 3159 -12.25 29.72 3.69
C ALA A 3159 -12.45 29.95 2.19
N ARG A 3160 -12.12 31.16 1.70
CA ARG A 3160 -12.24 31.44 0.28
C ARG A 3160 -11.24 30.64 -0.55
N LEU A 3161 -10.02 30.47 -0.04
CA LEU A 3161 -9.04 29.64 -0.72
C LEU A 3161 -9.44 28.17 -0.70
N ALA A 3162 -10.11 27.72 0.36
CA ALA A 3162 -10.64 26.36 0.37
C ALA A 3162 -11.86 26.19 -0.52
N LYS A 3163 -12.58 27.28 -0.81
CA LYS A 3163 -13.68 27.23 -1.77
C LYS A 3163 -13.17 26.92 -3.17
N ARG A 3164 -12.04 27.51 -3.55
CA ARG A 3164 -11.45 27.29 -4.86
C ARG A 3164 -10.84 25.90 -4.99
N GLY A 3165 -10.56 25.22 -3.88
CA GLY A 3165 -9.95 23.92 -3.92
C GLY A 3165 -8.47 23.90 -3.65
N GLY A 3166 -7.88 25.04 -3.30
CA GLY A 3166 -6.47 25.09 -3.00
C GLY A 3166 -6.15 24.47 -1.65
N ARG A 3167 -4.85 24.32 -1.40
CA ARG A 3167 -4.38 23.71 -0.16
C ARG A 3167 -4.35 24.78 0.92
N THR A 3168 -5.26 24.67 1.89
CA THR A 3168 -5.31 25.60 3.01
C THR A 3168 -4.89 24.89 4.28
N MET A 3169 -4.27 25.64 5.18
CA MET A 3169 -3.78 25.08 6.43
C MET A 3169 -4.60 25.64 7.58
N ALA A 3170 -4.65 24.88 8.67
CA ALA A 3170 -5.55 25.20 9.78
C ALA A 3170 -5.06 26.42 10.55
N ILE A 3171 -6.02 27.17 11.08
CA ILE A 3171 -5.75 28.42 11.77
C ILE A 3171 -6.18 28.27 13.22
N THR A 3172 -5.24 28.47 14.14
CA THR A 3172 -5.38 28.18 15.55
C THR A 3172 -5.25 29.46 16.36
N PRO A 3173 -5.73 29.48 17.60
CA PRO A 3173 -5.45 30.62 18.49
C PRO A 3173 -3.97 30.83 18.82
N ARG A 3174 -3.13 29.79 18.66
CA ARG A 3174 -1.69 29.96 18.82
C ARG A 3174 -1.12 30.93 17.79
N HIS A 3175 -1.73 31.00 16.61
CA HIS A 3175 -1.35 31.99 15.61
C HIS A 3175 -1.66 33.40 16.10
N TYR A 3176 -2.80 33.59 16.77
CA TYR A 3176 -3.12 34.88 17.36
C TYR A 3176 -2.16 35.25 18.48
N LEU A 3177 -1.77 34.27 19.30
CA LEU A 3177 -0.80 34.51 20.35
C LEU A 3177 0.56 34.91 19.80
N ASP A 3178 1.00 34.21 18.74
CA ASP A 3178 2.26 34.55 18.09
C ASP A 3178 2.21 35.92 17.43
N PHE A 3179 1.06 36.26 16.84
CA PHE A 3179 0.88 37.58 16.25
C PHE A 3179 0.96 38.69 17.29
N ILE A 3180 0.33 38.49 18.44
CA ILE A 3180 0.35 39.51 19.50
C ILE A 3180 1.75 39.64 20.10
N ASN A 3181 2.43 38.51 20.30
CA ASN A 3181 3.79 38.56 20.86
C ASN A 3181 4.77 39.22 19.89
N HIS A 3182 4.63 38.94 18.59
CA HIS A 3182 5.45 39.61 17.59
C HIS A 3182 5.15 41.10 17.53
N TYR A 3183 3.88 41.47 17.72
CA TYR A 3183 3.51 42.88 17.78
C TYR A 3183 4.16 43.60 18.96
N ALA A 3184 4.17 42.96 20.14
CA ALA A 3184 4.77 43.56 21.31
C ALA A 3184 6.29 43.70 21.17
N ASN A 3185 6.95 42.64 20.68
CA ASN A 3185 8.40 42.69 20.50
C ASN A 3185 8.81 43.71 19.45
N LEU A 3186 8.06 43.79 18.35
CA LEU A 3186 8.39 44.73 17.28
C LEU A 3186 8.14 46.16 17.72
N PHE A 3187 7.05 46.42 18.44
CA PHE A 3187 6.77 47.76 18.95
C PHE A 3187 7.85 48.22 19.91
N HIS A 3188 8.27 47.32 20.83
CA HIS A 3188 9.33 47.67 21.77
C HIS A 3188 10.64 47.95 21.06
N GLU A 3189 10.99 47.13 20.06
CA GLU A 3189 12.25 47.29 19.34
C GLU A 3189 12.29 48.60 18.55
N LYS A 3190 11.22 48.90 17.82
CA LYS A 3190 11.22 50.11 16.99
C LYS A 3190 11.14 51.36 17.85
N ARG A 3191 10.39 51.33 18.96
CA ARG A 3191 10.35 52.50 19.83
C ARG A 3191 11.68 52.72 20.55
N SER A 3192 12.36 51.62 20.90
CA SER A 3192 13.69 51.75 21.51
C SER A 3192 14.70 52.35 20.52
N GLU A 3193 14.63 51.92 19.25
CA GLU A 3193 15.53 52.48 18.24
C GLU A 3193 15.26 53.96 18.00
N LEU A 3194 13.98 54.36 17.95
CA LEU A 3194 13.64 55.76 17.74
C LEU A 3194 14.05 56.62 18.91
N GLU A 3195 13.86 56.14 20.14
CA GLU A 3195 14.28 56.91 21.31
C GLU A 3195 15.79 57.05 21.40
N GLU A 3196 16.52 55.98 21.05
CA GLU A 3196 17.98 56.03 21.04
C GLU A 3196 18.50 57.04 20.01
N GLN A 3197 17.94 57.03 18.80
CA GLN A 3197 18.43 57.97 17.80
C GLN A 3197 17.99 59.40 18.09
N GLN A 3198 16.84 59.58 18.76
CA GLN A 3198 16.45 60.92 19.20
C GLN A 3198 17.40 61.46 20.26
N MET A 3199 17.83 60.61 21.19
CA MET A 3199 18.79 61.04 22.20
C MET A 3199 20.16 61.35 21.58
N HIS A 3200 20.56 60.58 20.57
CA HIS A 3200 21.82 60.87 19.89
C HIS A 3200 21.75 62.16 19.09
N LEU A 3201 20.58 62.47 18.52
CA LEU A 3201 20.38 63.77 17.88
C LEU A 3201 20.45 64.90 18.88
N ASN A 3202 19.89 64.71 20.08
CA ASN A 3202 19.96 65.74 21.11
C ASN A 3202 21.39 65.98 21.57
N VAL A 3203 22.18 64.91 21.65
CA VAL A 3203 23.61 65.02 21.94
C VAL A 3203 24.31 65.82 20.84
N GLY A 3204 23.96 65.55 19.57
CA GLY A 3204 24.54 66.29 18.47
C GLY A 3204 24.18 67.77 18.47
N LEU A 3205 22.93 68.09 18.83
CA LEU A 3205 22.52 69.49 18.96
C LEU A 3205 23.28 70.19 20.08
N ARG A 3206 23.47 69.50 21.20
CA ARG A 3206 24.22 70.08 22.32
C ARG A 3206 25.66 70.37 21.93
N LYS A 3207 26.31 69.45 21.22
CA LYS A 3207 27.68 69.68 20.78
C LYS A 3207 27.75 70.74 19.69
N ILE A 3208 26.70 70.88 18.88
CA ILE A 3208 26.65 71.95 17.89
C ILE A 3208 26.58 73.31 18.56
N LYS A 3209 25.77 73.43 19.62
CA LYS A 3209 25.70 74.69 20.35
C LYS A 3209 27.02 74.98 21.08
N GLU A 3210 27.68 73.94 21.59
CA GLU A 3210 29.01 74.11 22.20
C GLU A 3210 30.03 74.61 21.18
N THR A 3211 29.98 74.07 19.95
CA THR A 3211 30.92 74.47 18.92
C THR A 3211 30.64 75.90 18.44
N VAL A 3212 29.36 76.29 18.38
CA VAL A 3212 28.99 77.67 18.07
C VAL A 3212 29.52 78.62 19.15
N ASP A 3213 29.43 78.20 20.42
CA ASP A 3213 30.02 78.98 21.51
C ASP A 3213 31.52 79.10 21.38
N GLN A 3214 32.19 78.01 20.95
CA GLN A 3214 33.62 78.06 20.70
C GLN A 3214 33.98 79.03 19.58
N VAL A 3215 33.17 79.07 18.51
CA VAL A 3215 33.47 79.93 17.37
C VAL A 3215 33.28 81.40 17.76
N GLU A 3216 32.20 81.72 18.47
CA GLU A 3216 32.03 83.10 18.90
C GLU A 3216 33.01 83.49 20.01
N GLU A 3217 33.60 82.51 20.71
CA GLU A 3217 34.79 82.81 21.49
C GLU A 3217 35.97 83.12 20.57
N LEU A 3218 36.11 82.37 19.48
CA LEU A 3218 37.22 82.52 18.55
C LEU A 3218 37.14 83.77 17.70
N ARG A 3219 36.04 84.51 17.77
CA ARG A 3219 35.97 85.83 17.15
C ARG A 3219 36.62 86.93 18.01
N ARG A 3220 37.35 86.55 19.07
CA ARG A 3220 38.14 87.52 19.82
C ARG A 3220 39.29 88.07 18.97
N ASP A 3221 39.97 87.21 18.23
CA ASP A 3221 41.12 87.62 17.42
C ASP A 3221 40.69 88.46 16.21
N ALA A 3470 45.29 86.41 9.14
CA ALA A 3470 44.14 86.89 8.39
C ALA A 3470 43.11 85.77 8.18
N LYS A 3471 42.87 85.00 9.22
CA LYS A 3471 41.94 83.88 9.19
C LYS A 3471 40.58 84.21 9.79
N VAL A 3472 40.36 85.48 10.18
CA VAL A 3472 39.14 85.83 10.89
C VAL A 3472 37.93 85.89 9.96
N ASN A 3473 38.15 85.97 8.64
CA ASN A 3473 37.02 85.91 7.71
C ASN A 3473 36.58 84.48 7.49
N ARG A 3474 37.52 83.60 7.11
CA ARG A 3474 37.20 82.23 6.72
C ARG A 3474 36.67 81.40 7.87
N SER A 3475 37.18 81.63 9.08
CA SER A 3475 36.60 81.00 10.27
C SER A 3475 35.16 81.48 10.47
N THR A 3476 34.91 82.77 10.23
CA THR A 3476 33.53 83.27 10.24
C THR A 3476 32.74 82.72 9.06
N ALA A 3477 33.41 82.26 8.00
CA ALA A 3477 32.73 81.48 6.97
C ALA A 3477 32.27 80.14 7.52
N LEU A 3478 33.10 79.53 8.39
CA LEU A 3478 32.83 78.19 8.92
C LEU A 3478 31.53 78.15 9.72
N LEU A 3479 31.34 79.15 10.59
CA LEU A 3479 30.10 79.30 11.35
C LEU A 3479 28.88 79.43 10.44
N LYS A 3480 29.07 80.03 9.25
CA LYS A 3480 27.97 80.20 8.31
C LYS A 3480 27.49 78.87 7.74
N SER A 3481 28.24 77.79 7.90
CA SER A 3481 27.67 76.48 7.62
C SER A 3481 26.89 75.96 8.83
N LEU A 3482 27.50 76.06 10.02
CA LEU A 3482 27.18 75.17 11.14
C LEU A 3482 25.78 75.38 11.65
N SER A 3483 25.41 76.64 11.90
CA SER A 3483 24.06 76.97 12.37
C SER A 3483 23.01 76.56 11.34
N ALA A 3484 23.34 76.71 10.04
CA ALA A 3484 22.45 76.25 8.99
C ALA A 3484 22.26 74.74 9.07
N GLU A 3485 23.36 74.01 9.35
CA GLU A 3485 23.28 72.57 9.58
C GLU A 3485 22.40 72.28 10.79
N ARG A 3486 22.51 73.12 11.83
CA ARG A 3486 21.67 73.02 13.02
C ARG A 3486 20.20 73.10 12.64
N GLU A 3487 19.88 74.04 11.73
CA GLU A 3487 18.50 74.20 11.27
C GLU A 3487 18.00 72.93 10.59
N ARG A 3488 18.86 72.32 9.75
CA ARG A 3488 18.52 71.07 9.09
C ARG A 3488 18.27 69.98 10.12
N TRP A 3489 19.13 69.94 11.16
CA TRP A 3489 19.00 68.93 12.20
C TRP A 3489 17.69 69.11 12.96
N GLU A 3490 17.30 70.37 13.21
CA GLU A 3490 16.09 70.59 13.98
C GLU A 3490 14.87 70.20 13.16
N LYS A 3491 14.96 70.32 11.83
CA LYS A 3491 13.87 69.90 10.97
C LYS A 3491 13.67 68.40 11.07
N THR A 3492 14.77 67.64 11.19
CA THR A 3492 14.68 66.19 11.33
C THR A 3492 13.98 65.81 12.62
N SER A 3493 14.12 66.65 13.66
CA SER A 3493 13.45 66.41 14.94
C SER A 3493 11.94 66.39 14.75
N GLU A 3494 11.44 67.33 13.93
CA GLU A 3494 10.00 67.41 13.67
C GLU A 3494 9.52 66.16 12.96
N THR A 3495 10.35 65.63 12.04
CA THR A 3495 9.97 64.42 11.30
C THR A 3495 9.84 63.25 12.25
N PHE A 3496 10.69 63.19 13.27
CA PHE A 3496 10.64 62.08 14.21
C PHE A 3496 9.38 62.12 15.04
N LYS A 3497 8.85 63.33 15.30
CA LYS A 3497 7.55 63.43 15.96
C LYS A 3497 6.46 62.81 15.09
N ASN A 3498 6.51 63.09 13.77
CA ASN A 3498 5.59 62.45 12.85
C ASN A 3498 5.84 60.95 12.78
N GLN A 3499 7.09 60.53 13.00
CA GLN A 3499 7.40 59.11 13.03
C GLN A 3499 6.70 58.41 14.19
N MET A 3500 6.50 59.13 15.32
CA MET A 3500 5.69 58.59 16.40
C MET A 3500 4.26 58.38 15.92
N SER A 3501 3.69 59.36 15.29
CA SER A 3501 2.32 59.19 14.93
C SER A 3501 2.11 57.85 14.34
N THR A 3502 3.02 57.40 13.49
CA THR A 3502 2.73 56.15 12.79
C THR A 3502 3.30 54.91 13.33
N ILE A 3503 4.45 55.00 13.97
CA ILE A 3503 5.11 53.79 14.37
C ILE A 3503 4.22 52.82 15.06
N ALA A 3504 2.93 53.12 15.22
CA ALA A 3504 2.20 52.09 15.97
C ALA A 3504 1.48 51.10 15.06
N GLY A 3505 0.54 51.61 14.25
CA GLY A 3505 -0.13 50.78 13.27
C GLY A 3505 0.81 50.19 12.24
N ASP A 3506 1.93 50.87 11.96
CA ASP A 3506 2.96 50.33 11.07
C ASP A 3506 3.48 49.00 11.58
N CYS A 3507 3.74 48.94 12.90
CA CYS A 3507 4.22 47.70 13.51
C CYS A 3507 3.18 46.61 13.37
N LEU A 3508 1.90 47.00 13.45
CA LEU A 3508 0.79 46.07 13.24
C LEU A 3508 0.87 45.43 11.86
N LEU A 3509 1.08 46.25 10.83
CA LEU A 3509 1.10 45.69 9.49
C LEU A 3509 2.38 44.94 9.21
N SER A 3510 3.39 45.04 10.06
CA SER A 3510 4.49 44.11 9.89
C SER A 3510 4.24 42.83 10.67
N ALA A 3511 3.64 42.96 11.86
CA ALA A 3511 3.64 41.87 12.83
C ALA A 3511 2.80 40.70 12.34
N ALA A 3512 1.59 40.99 11.87
CA ALA A 3512 0.76 39.97 11.25
C ALA A 3512 1.45 39.40 10.03
N PHE A 3513 2.11 40.25 9.25
CA PHE A 3513 2.87 39.77 8.09
C PHE A 3513 4.00 38.85 8.50
N ILE A 3514 4.53 39.00 9.72
CA ILE A 3514 5.51 38.04 10.20
C ILE A 3514 4.84 36.71 10.55
N ALA A 3515 3.69 36.78 11.22
CA ALA A 3515 3.17 35.58 11.89
C ALA A 3515 2.09 34.87 11.10
N TYR A 3516 1.36 35.58 10.26
CA TYR A 3516 0.18 35.04 9.60
C TYR A 3516 0.44 34.60 8.16
N ALA A 3517 0.83 35.54 7.30
CA ALA A 3517 0.91 35.28 5.86
C ALA A 3517 2.33 34.85 5.51
N GLY A 3518 2.64 33.61 5.84
CA GLY A 3518 3.91 33.03 5.46
C GLY A 3518 3.74 31.84 4.55
N TYR A 3519 2.63 31.14 4.70
CA TYR A 3519 2.33 29.99 3.87
C TYR A 3519 1.85 30.40 2.48
N PHE A 3520 1.23 31.57 2.36
CA PHE A 3520 0.58 31.99 1.13
C PHE A 3520 1.61 32.35 0.06
N ASP A 3521 1.11 32.52 -1.17
CA ASP A 3521 1.92 32.99 -2.27
C ASP A 3521 2.04 34.51 -2.22
N GLN A 3522 2.69 35.08 -3.23
CA GLN A 3522 2.94 36.52 -3.24
C GLN A 3522 1.67 37.33 -3.44
N GLN A 3523 0.80 36.90 -4.36
CA GLN A 3523 -0.41 37.63 -4.66
C GLN A 3523 -1.39 37.61 -3.48
N MET A 3524 -1.52 36.46 -2.83
CA MET A 3524 -2.40 36.37 -1.66
C MET A 3524 -1.85 37.17 -0.48
N ARG A 3525 -0.52 37.18 -0.31
CA ARG A 3525 0.11 38.00 0.72
C ARG A 3525 -0.16 39.48 0.48
N GLN A 3526 -0.04 39.92 -0.78
CA GLN A 3526 -0.31 41.30 -1.11
C GLN A 3526 -1.79 41.65 -0.96
N ASN A 3527 -2.68 40.71 -1.25
CA ASN A 3527 -4.12 40.96 -1.09
C ASN A 3527 -4.49 41.08 0.39
N LEU A 3528 -3.91 40.22 1.24
CA LEU A 3528 -4.13 40.33 2.68
C LEU A 3528 -3.56 41.64 3.22
N PHE A 3529 -2.40 42.05 2.70
CA PHE A 3529 -1.79 43.31 3.12
C PHE A 3529 -2.65 44.50 2.73
N THR A 3530 -3.22 44.49 1.52
CA THR A 3530 -4.09 45.58 1.12
C THR A 3530 -5.39 45.59 1.91
N THR A 3531 -5.90 44.42 2.29
CA THR A 3531 -7.11 44.37 3.12
C THR A 3531 -6.84 44.95 4.51
N TRP A 3532 -5.71 44.59 5.12
CA TRP A 3532 -5.34 45.13 6.42
C TRP A 3532 -5.12 46.63 6.35
N SER A 3533 -4.46 47.10 5.28
CA SER A 3533 -4.20 48.54 5.13
C SER A 3533 -5.49 49.32 4.89
N HIS A 3534 -6.41 48.74 4.13
CA HIS A 3534 -7.69 49.42 3.90
C HIS A 3534 -8.51 49.50 5.17
N HIS A 3535 -8.49 48.44 5.99
CA HIS A 3535 -9.21 48.52 7.27
C HIS A 3535 -8.55 49.52 8.22
N LEU A 3536 -7.22 49.60 8.19
CA LEU A 3536 -6.53 50.56 9.07
C LEU A 3536 -6.80 52.00 8.65
N GLN A 3537 -6.91 52.27 7.34
CA GLN A 3537 -7.42 53.56 6.91
C GLN A 3537 -8.89 53.75 7.25
N GLN A 3538 -9.66 52.66 7.36
CA GLN A 3538 -11.06 52.81 7.76
C GLN A 3538 -11.18 53.18 9.24
N ALA A 3539 -10.19 52.84 10.06
CA ALA A 3539 -10.25 53.06 11.49
C ALA A 3539 -9.41 54.24 11.96
N ASN A 3540 -8.97 55.10 11.04
CA ASN A 3540 -8.15 56.30 11.33
C ASN A 3540 -6.86 55.96 12.06
N ILE A 3541 -6.27 54.83 11.72
CA ILE A 3541 -4.98 54.43 12.27
C ILE A 3541 -3.89 54.93 11.33
N GLN A 3542 -3.03 55.80 11.83
CA GLN A 3542 -2.02 56.41 11.00
C GLN A 3542 -0.82 55.49 10.83
N PHE A 3543 -0.43 55.26 9.58
CA PHE A 3543 0.70 54.40 9.25
C PHE A 3543 1.23 54.80 7.89
N ARG A 3544 2.41 54.28 7.55
CA ARG A 3544 3.08 54.63 6.31
C ARG A 3544 2.34 54.07 5.11
N THR A 3545 2.05 54.93 4.13
CA THR A 3545 1.27 54.51 2.97
C THR A 3545 2.02 53.51 2.10
N ASP A 3546 3.34 53.66 1.99
CA ASP A 3546 4.18 52.75 1.22
C ASP A 3546 5.23 52.17 2.15
N ILE A 3547 5.16 50.86 2.40
CA ILE A 3547 6.05 50.16 3.30
C ILE A 3547 6.79 49.09 2.51
N ALA A 3548 8.11 49.05 2.67
CA ALA A 3548 8.91 47.91 2.24
C ALA A 3548 8.94 46.91 3.39
N ARG A 3549 8.35 45.74 3.18
CA ARG A 3549 8.30 44.74 4.25
C ARG A 3549 9.67 44.15 4.54
N THR A 3550 10.52 44.03 3.53
CA THR A 3550 11.86 43.50 3.75
C THR A 3550 12.74 44.49 4.49
N GLU A 3551 12.71 45.76 4.08
CA GLU A 3551 13.61 46.76 4.63
C GLU A 3551 13.21 47.15 6.05
N TYR A 3552 11.92 47.08 6.37
CA TYR A 3552 11.45 47.38 7.72
C TYR A 3552 11.98 46.38 8.74
N LEU A 3553 12.00 45.10 8.39
CA LEU A 3553 12.37 44.06 9.36
C LEU A 3553 13.82 43.64 9.26
N SER A 3554 14.60 44.23 8.37
CA SER A 3554 15.99 43.82 8.21
C SER A 3554 16.81 44.99 7.68
N ASN A 3555 18.03 45.12 8.19
CA ASN A 3555 18.93 46.15 7.71
C ASN A 3555 19.60 45.71 6.42
N ALA A 3556 20.32 46.64 5.80
CA ALA A 3556 21.00 46.34 4.54
C ALA A 3556 22.19 45.42 4.75
N ASP A 3557 22.80 45.44 5.93
CA ASP A 3557 23.93 44.56 6.21
C ASP A 3557 23.48 43.12 6.33
N GLU A 3558 22.30 42.88 6.91
CA GLU A 3558 21.76 41.53 6.98
C GLU A 3558 21.38 41.02 5.59
N ARG A 3559 20.86 41.92 4.74
CA ARG A 3559 20.56 41.55 3.36
C ARG A 3559 21.83 41.25 2.58
N LEU A 3560 22.92 41.98 2.85
CA LEU A 3560 24.19 41.68 2.22
C LEU A 3560 24.75 40.35 2.72
N ARG A 3561 24.50 40.02 3.99
CA ARG A 3561 24.88 38.69 4.50
C ARG A 3561 24.08 37.58 3.82
N TRP A 3562 22.78 37.81 3.62
CA TRP A 3562 21.92 36.80 3.02
C TRP A 3562 22.26 36.59 1.55
N GLN A 3563 22.48 37.67 0.80
CA GLN A 3563 22.92 37.54 -0.58
C GLN A 3563 24.35 37.04 -0.68
N ALA A 3564 25.18 37.28 0.34
CA ALA A 3564 26.49 36.64 0.40
C ALA A 3564 26.36 35.17 0.73
N SER A 3565 25.26 34.75 1.33
CA SER A 3565 24.92 33.35 1.47
C SER A 3565 24.14 32.91 0.24
N SER A 3566 23.74 31.64 0.22
CA SER A 3566 23.08 31.07 -0.95
C SER A 3566 21.58 31.40 -0.88
N LEU A 3567 21.25 32.63 -1.29
CA LEU A 3567 19.87 33.07 -1.30
C LEU A 3567 19.61 33.90 -2.55
N PRO A 3568 18.58 33.60 -3.32
CA PRO A 3568 18.25 34.44 -4.48
C PRO A 3568 17.65 35.77 -4.06
N ALA A 3569 17.80 36.76 -4.94
CA ALA A 3569 17.39 38.13 -4.64
C ALA A 3569 16.00 38.41 -5.25
N ASP A 3570 15.00 37.72 -4.71
CA ASP A 3570 13.61 37.97 -5.07
C ASP A 3570 12.88 38.57 -3.88
N ASP A 3571 11.72 39.18 -4.15
CA ASP A 3571 10.91 39.75 -3.08
C ASP A 3571 10.33 38.66 -2.18
N LEU A 3572 9.85 37.58 -2.78
CA LEU A 3572 9.30 36.47 -2.00
C LEU A 3572 10.39 35.79 -1.18
N CYS A 3573 11.57 35.60 -1.76
CA CYS A 3573 12.65 34.95 -1.04
C CYS A 3573 13.22 35.83 0.06
N THR A 3574 13.26 37.14 -0.13
CA THR A 3574 13.73 38.01 0.94
C THR A 3574 12.70 38.14 2.06
N GLU A 3575 11.40 38.16 1.73
CA GLU A 3575 10.37 38.16 2.76
C GLU A 3575 10.36 36.84 3.51
N ASN A 3576 10.66 35.74 2.85
CA ASN A 3576 10.75 34.47 3.56
C ASN A 3576 12.10 34.29 4.24
N ALA A 3577 13.08 35.14 3.94
CA ALA A 3577 14.30 35.23 4.72
C ALA A 3577 14.10 36.01 6.01
N ILE A 3578 13.35 37.12 5.96
CA ILE A 3578 12.97 37.82 7.19
C ILE A 3578 11.90 37.08 7.97
N MET A 3579 11.26 36.08 7.35
CA MET A 3579 10.48 35.11 8.11
C MET A 3579 11.34 34.37 9.12
N LEU A 3580 12.54 33.97 8.70
CA LEU A 3580 13.40 33.08 9.46
C LEU A 3580 14.31 33.81 10.43
N LYS A 3581 14.06 35.09 10.69
CA LYS A 3581 14.86 35.86 11.63
C LYS A 3581 14.12 36.18 12.93
N ARG A 3582 12.81 36.38 12.88
CA ARG A 3582 12.04 36.79 14.05
C ARG A 3582 10.90 35.83 14.36
N PHE A 3583 11.12 34.53 14.15
CA PHE A 3583 10.11 33.54 14.48
C PHE A 3583 10.06 33.30 15.98
N ASN A 3584 8.87 32.98 16.48
CA ASN A 3584 8.76 32.42 17.82
C ASN A 3584 8.73 30.89 17.77
N ARG A 3585 7.74 30.34 17.08
CA ARG A 3585 7.68 28.90 16.87
C ARG A 3585 8.73 28.48 15.84
N TYR A 3586 9.18 27.24 15.96
CA TYR A 3586 10.18 26.72 15.04
C TYR A 3586 9.59 26.57 13.64
N PRO A 3587 10.33 26.96 12.60
CA PRO A 3587 9.73 27.10 11.28
C PRO A 3587 9.82 25.85 10.42
N LEU A 3588 8.89 25.79 9.46
CA LEU A 3588 8.87 24.79 8.42
C LEU A 3588 9.01 25.50 7.09
N ILE A 3589 9.79 24.92 6.18
CA ILE A 3589 10.09 25.52 4.89
C ILE A 3589 9.49 24.64 3.80
N ILE A 3590 8.80 25.27 2.85
CA ILE A 3590 8.25 24.60 1.67
C ILE A 3590 9.17 25.01 0.53
N ASP A 3591 10.22 24.23 0.25
CA ASP A 3591 11.10 24.55 -0.87
C ASP A 3591 11.14 23.40 -1.87
N PRO A 3592 10.68 23.60 -3.11
CA PRO A 3592 10.83 22.55 -4.12
C PRO A 3592 12.19 22.54 -4.78
N SER A 3593 12.95 23.62 -4.65
CA SER A 3593 14.24 23.75 -5.33
C SER A 3593 15.40 23.24 -4.49
N GLY A 3594 15.26 23.18 -3.17
CA GLY A 3594 16.33 22.75 -2.30
C GLY A 3594 17.30 23.84 -1.90
N GLN A 3595 17.05 25.09 -2.29
CA GLN A 3595 17.95 26.19 -1.94
C GLN A 3595 17.83 26.60 -0.48
N ALA A 3596 16.66 26.39 0.13
CA ALA A 3596 16.43 26.84 1.50
C ALA A 3596 17.27 26.07 2.51
N THR A 3597 17.50 24.77 2.24
CA THR A 3597 18.34 23.98 3.13
C THR A 3597 19.78 24.47 3.12
N GLU A 3598 20.31 24.77 1.94
CA GLU A 3598 21.67 25.30 1.86
C GLU A 3598 21.76 26.70 2.45
N PHE A 3599 20.70 27.50 2.30
CA PHE A 3599 20.66 28.81 2.96
C PHE A 3599 20.67 28.68 4.47
N ILE A 3600 19.92 27.72 5.01
CA ILE A 3600 19.85 27.54 6.46
C ILE A 3600 21.19 27.04 7.01
N MET A 3601 21.81 26.05 6.33
CA MET A 3601 23.13 25.63 6.77
C MET A 3601 24.22 26.67 6.54
N ASN A 3602 24.01 27.62 5.61
CA ASN A 3602 24.95 28.73 5.51
C ASN A 3602 24.77 29.72 6.65
N GLU A 3603 23.53 29.96 7.07
CA GLU A 3603 23.28 30.96 8.11
C GLU A 3603 23.68 30.49 9.51
N TYR A 3604 23.73 29.18 9.75
CA TYR A 3604 23.97 28.66 11.09
C TYR A 3604 25.16 27.70 11.14
N LYS A 3605 26.10 27.85 10.21
CA LYS A 3605 27.26 26.98 10.19
C LYS A 3605 28.21 27.26 11.35
N ASP A 3606 28.19 28.47 11.89
CA ASP A 3606 29.04 28.82 13.01
C ASP A 3606 28.57 28.21 14.32
N ARG A 3607 27.28 27.86 14.42
CA ARG A 3607 26.76 27.11 15.54
C ARG A 3607 26.83 25.61 15.33
N LYS A 3608 27.45 25.19 14.20
CA LYS A 3608 27.65 23.79 13.82
C LYS A 3608 26.33 23.03 13.71
N ILE A 3609 25.51 23.46 12.77
CA ILE A 3609 24.23 22.81 12.50
C ILE A 3609 24.47 21.43 11.89
N THR A 3610 23.74 20.44 12.36
CA THR A 3610 23.83 19.08 11.86
C THR A 3610 22.59 18.74 11.05
N ARG A 3611 22.79 17.97 9.99
CA ARG A 3611 21.74 17.64 9.02
C ARG A 3611 21.16 16.27 9.32
N THR A 3612 19.84 16.17 9.35
CA THR A 3612 19.17 14.90 9.57
C THR A 3612 17.83 14.89 8.84
N SER A 3613 17.18 13.74 8.87
CA SER A 3613 15.89 13.57 8.22
C SER A 3613 15.06 12.57 9.01
N PHE A 3614 13.75 12.59 8.75
CA PHE A 3614 12.83 11.70 9.45
C PHE A 3614 12.99 10.25 9.02
N LEU A 3615 13.46 10.02 7.79
CA LEU A 3615 13.51 8.68 7.24
C LEU A 3615 14.74 7.89 7.69
N ASP A 3616 15.66 8.51 8.41
CA ASP A 3616 16.76 7.76 8.99
C ASP A 3616 16.29 6.93 10.17
N ASP A 3617 16.95 5.79 10.37
CA ASP A 3617 16.64 4.98 11.55
C ASP A 3617 17.18 5.66 12.81
N ALA A 3618 18.35 6.28 12.72
CA ALA A 3618 18.95 7.00 13.84
C ALA A 3618 18.62 8.48 13.77
N PHE A 3619 17.33 8.78 13.72
CA PHE A 3619 16.86 10.16 13.71
C PHE A 3619 16.61 10.67 15.12
N ARG A 3620 15.96 9.85 15.95
CA ARG A 3620 15.55 10.29 17.28
C ARG A 3620 16.75 10.53 18.19
N LYS A 3621 17.85 9.80 17.97
CA LYS A 3621 19.06 10.09 18.74
C LYS A 3621 19.68 11.43 18.32
N ASN A 3622 19.59 11.78 17.03
CA ASN A 3622 20.09 13.07 16.57
C ASN A 3622 19.29 14.22 17.17
N LEU A 3623 17.97 14.08 17.18
CA LEU A 3623 17.10 15.08 17.78
C LEU A 3623 17.32 15.17 19.28
N GLU A 3624 17.54 14.03 19.94
CA GLU A 3624 17.82 14.00 21.37
C GLU A 3624 19.15 14.69 21.69
N SER A 3625 20.18 14.44 20.87
CA SER A 3625 21.48 15.07 21.11
C SER A 3625 21.43 16.57 20.83
N ALA A 3626 20.67 16.98 19.80
CA ALA A 3626 20.50 18.40 19.53
C ALA A 3626 19.75 19.11 20.65
N LEU A 3627 18.69 18.45 21.17
CA LEU A 3627 17.94 19.00 22.31
C LEU A 3627 18.80 19.08 23.56
N ARG A 3628 19.68 18.09 23.75
CA ARG A 3628 20.47 18.04 24.98
C ARG A 3628 21.64 19.01 24.94
N PHE A 3629 22.36 19.11 23.82
CA PHE A 3629 23.59 19.88 23.80
C PHE A 3629 23.45 21.27 23.22
N GLY A 3630 22.31 21.59 22.61
CA GLY A 3630 22.05 22.94 22.15
C GLY A 3630 22.52 23.28 20.76
N ASN A 3631 23.11 22.33 20.04
CA ASN A 3631 23.45 22.58 18.65
C ASN A 3631 22.18 22.60 17.82
N PRO A 3632 22.06 23.56 16.90
CA PRO A 3632 20.83 23.66 16.09
C PRO A 3632 20.70 22.51 15.10
N LEU A 3633 19.47 22.23 14.71
CA LEU A 3633 19.17 21.05 13.90
C LEU A 3633 18.30 21.44 12.71
N LEU A 3634 18.63 20.90 11.55
CA LEU A 3634 17.79 21.00 10.36
C LEU A 3634 17.29 19.59 10.07
N VAL A 3635 15.97 19.43 10.02
CA VAL A 3635 15.35 18.12 9.89
C VAL A 3635 14.61 18.08 8.57
N GLN A 3636 14.94 17.10 7.74
CA GLN A 3636 14.35 16.95 6.41
C GLN A 3636 13.22 15.93 6.43
N ASP A 3637 12.42 15.97 5.36
CA ASP A 3637 11.34 15.02 5.07
C ASP A 3637 10.28 14.99 6.18
N VAL A 3638 9.68 16.15 6.42
CA VAL A 3638 8.70 16.28 7.52
C VAL A 3638 7.32 15.78 7.10
N GLU A 3639 7.17 15.29 5.87
CA GLU A 3639 5.92 14.65 5.47
C GLU A 3639 5.68 13.36 6.23
N SER A 3640 6.75 12.66 6.62
CA SER A 3640 6.65 11.54 7.55
C SER A 3640 6.92 12.03 8.96
N TYR A 3641 5.96 12.79 9.47
CA TYR A 3641 6.12 13.54 10.71
C TYR A 3641 5.97 12.61 11.91
N ASP A 3642 7.07 12.40 12.64
CA ASP A 3642 7.01 11.71 13.92
C ASP A 3642 6.36 12.65 14.95
N PRO A 3643 5.32 12.21 15.67
CA PRO A 3643 4.67 13.09 16.65
C PRO A 3643 5.48 13.35 17.92
N VAL A 3644 6.68 12.76 18.05
CA VAL A 3644 7.54 12.99 19.21
C VAL A 3644 8.02 14.43 19.29
N LEU A 3645 8.03 15.15 18.17
CA LEU A 3645 8.31 16.58 18.14
C LEU A 3645 7.19 17.43 18.75
N ASN A 3646 6.04 16.84 19.06
CA ASN A 3646 4.88 17.60 19.51
C ASN A 3646 5.08 18.47 20.76
N PRO A 3647 5.79 18.05 21.85
CA PRO A 3647 6.05 19.02 22.92
C PRO A 3647 7.10 20.06 22.54
N VAL A 3648 8.08 19.64 21.75
CA VAL A 3648 9.27 20.46 21.48
C VAL A 3648 8.91 21.70 20.68
N LEU A 3649 8.05 21.55 19.66
CA LEU A 3649 7.55 22.72 18.96
C LEU A 3649 6.57 23.52 19.82
N ASN A 3650 5.92 22.87 20.79
CA ASN A 3650 5.03 23.58 21.70
C ASN A 3650 5.76 24.15 22.90
N ARG A 3651 7.07 23.86 23.02
CA ARG A 3651 7.94 24.34 24.10
C ARG A 3651 7.41 23.96 25.48
N GLU A 3652 6.97 22.70 25.59
CA GLU A 3652 6.46 22.18 26.86
C GLU A 3652 7.64 21.79 27.73
N VAL A 3653 8.13 22.77 28.48
CA VAL A 3653 9.19 22.52 29.46
C VAL A 3653 8.54 22.25 30.80
N ARG A 3654 9.25 21.56 31.67
CA ARG A 3654 8.76 21.19 32.99
C ARG A 3654 9.84 21.49 34.01
N ARG A 3655 9.55 22.39 34.94
CA ARG A 3655 10.51 22.74 35.98
C ARG A 3655 10.41 21.70 37.08
N THR A 3656 11.33 20.74 37.09
CA THR A 3656 11.38 19.70 38.12
C THR A 3656 12.64 19.95 38.95
N GLY A 3657 12.46 20.66 40.06
CA GLY A 3657 13.61 21.09 40.84
C GLY A 3657 14.41 22.11 40.05
N GLY A 3658 15.71 21.84 39.91
CA GLY A 3658 16.52 22.63 38.99
C GLY A 3658 16.45 22.17 37.55
N ARG A 3659 15.87 21.00 37.30
CA ARG A 3659 15.88 20.42 35.97
C ARG A 3659 14.83 21.06 35.07
N VAL A 3660 15.16 21.18 33.79
CA VAL A 3660 14.22 21.60 32.77
C VAL A 3660 13.88 20.41 31.86
N LEU A 3661 12.86 19.66 32.23
CA LEU A 3661 12.59 18.38 31.60
C LEU A 3661 11.60 18.53 30.46
N ILE A 3662 11.90 17.84 29.36
CA ILE A 3662 10.99 17.71 28.23
C ILE A 3662 10.96 16.24 27.83
N THR A 3663 9.78 15.76 27.44
CA THR A 3663 9.56 14.35 27.15
C THR A 3663 9.97 14.05 25.72
N LEU A 3664 10.94 13.16 25.55
CA LEU A 3664 11.34 12.68 24.24
C LEU A 3664 11.56 11.18 24.33
N GLY A 3665 10.76 10.42 23.59
CA GLY A 3665 10.77 8.97 23.73
C GLY A 3665 10.31 8.58 25.12
N ASP A 3666 10.93 7.55 25.67
CA ASP A 3666 10.77 7.26 27.09
C ASP A 3666 11.51 8.28 27.95
N GLN A 3667 12.50 8.96 27.40
CA GLN A 3667 13.41 9.76 28.20
C GLN A 3667 12.81 11.12 28.54
N ASP A 3668 13.25 11.64 29.68
CA ASP A 3668 13.02 13.02 30.08
C ASP A 3668 14.37 13.73 30.01
N ILE A 3669 14.54 14.60 29.03
CA ILE A 3669 15.84 15.18 28.75
C ILE A 3669 15.77 16.69 28.97
N ASP A 3670 16.95 17.32 28.97
CA ASP A 3670 17.08 18.71 29.35
C ASP A 3670 17.17 19.58 28.10
N LEU A 3671 16.35 20.63 28.06
CA LEU A 3671 16.34 21.54 26.93
C LEU A 3671 17.45 22.58 27.12
N SER A 3672 18.50 22.47 26.32
CA SER A 3672 19.53 23.49 26.33
C SER A 3672 19.00 24.76 25.67
N PRO A 3673 19.34 25.95 26.19
CA PRO A 3673 18.71 27.19 25.71
C PRO A 3673 19.11 27.61 24.30
N SER A 3674 20.19 27.06 23.74
CA SER A 3674 20.64 27.44 22.41
C SER A 3674 20.08 26.55 21.32
N PHE A 3675 19.15 25.65 21.66
CA PHE A 3675 18.51 24.81 20.66
C PHE A 3675 17.58 25.62 19.77
N VAL A 3676 17.60 25.31 18.48
CA VAL A 3676 16.59 25.75 17.54
C VAL A 3676 16.51 24.69 16.43
N ILE A 3677 15.31 24.47 15.90
CA ILE A 3677 15.11 23.41 14.92
C ILE A 3677 14.40 23.99 13.70
N PHE A 3678 14.57 23.31 12.57
CA PHE A 3678 13.93 23.68 11.32
C PHE A 3678 13.40 22.42 10.65
N LEU A 3679 12.19 22.50 10.11
CA LEU A 3679 11.60 21.39 9.38
C LEU A 3679 11.51 21.73 7.90
N SER A 3680 11.74 20.72 7.05
CA SER A 3680 11.85 20.99 5.62
C SER A 3680 11.01 20.03 4.79
N THR A 3681 10.45 20.55 3.71
CA THR A 3681 9.84 19.74 2.66
C THR A 3681 10.50 20.03 1.33
N ARG A 3682 11.03 18.99 0.68
CA ARG A 3682 11.26 19.10 -0.75
C ARG A 3682 9.96 19.04 -1.53
N ASP A 3683 8.95 18.36 -0.99
CA ASP A 3683 7.74 18.04 -1.71
C ASP A 3683 6.73 19.12 -1.39
N PRO A 3684 6.18 19.82 -2.39
CA PRO A 3684 5.19 20.87 -2.10
C PRO A 3684 3.76 20.38 -1.96
N THR A 3685 3.44 19.17 -2.40
CA THR A 3685 2.07 18.65 -2.39
C THR A 3685 1.91 17.82 -1.11
N VAL A 3686 1.37 18.46 -0.07
CA VAL A 3686 1.24 17.83 1.22
C VAL A 3686 0.09 18.49 1.97
N GLU A 3687 -0.54 17.72 2.85
CA GLU A 3687 -1.63 18.19 3.70
C GLU A 3687 -1.29 17.76 5.13
N PHE A 3688 -0.84 18.71 5.93
CA PHE A 3688 -0.40 18.44 7.29
C PHE A 3688 -1.59 18.37 8.24
N PRO A 3689 -1.45 17.69 9.39
CA PRO A 3689 -2.52 17.71 10.37
C PRO A 3689 -2.69 19.08 10.98
N PRO A 3690 -3.93 19.46 11.33
CA PRO A 3690 -4.15 20.66 12.15
C PRO A 3690 -3.38 20.72 13.46
N ASP A 3691 -2.93 19.59 14.00
CA ASP A 3691 -2.01 19.59 15.12
C ASP A 3691 -0.71 20.31 14.76
N LEU A 3692 -0.19 20.03 13.56
CA LEU A 3692 1.07 20.65 13.14
C LEU A 3692 0.89 22.10 12.70
N CYS A 3693 -0.34 22.54 12.45
CA CYS A 3693 -0.55 23.95 12.11
C CYS A 3693 -0.45 24.83 13.35
N SER A 3694 -0.68 24.28 14.54
CA SER A 3694 -0.61 25.05 15.76
C SER A 3694 0.81 25.17 16.31
N ARG A 3695 1.77 24.44 15.76
CA ARG A 3695 3.06 24.34 16.40
C ARG A 3695 4.20 24.96 15.61
N VAL A 3696 4.07 25.09 14.29
CA VAL A 3696 5.13 25.63 13.47
C VAL A 3696 4.62 26.85 12.70
N THR A 3697 5.56 27.64 12.22
CA THR A 3697 5.27 28.73 11.30
C THR A 3697 5.77 28.36 9.91
N PHE A 3698 4.92 28.60 8.91
CA PHE A 3698 5.10 28.06 7.56
C PHE A 3698 5.73 29.13 6.68
N VAL A 3699 6.73 28.75 5.89
CA VAL A 3699 7.22 29.65 4.85
C VAL A 3699 7.17 28.90 3.53
N ASN A 3700 7.05 29.66 2.44
CA ASN A 3700 6.75 29.12 1.13
C ASN A 3700 7.80 29.60 0.14
N PHE A 3701 8.79 28.75 -0.14
CA PHE A 3701 9.79 29.05 -1.16
C PHE A 3701 9.33 28.63 -2.55
N THR A 3702 8.09 28.18 -2.69
CA THR A 3702 7.61 27.67 -3.98
C THR A 3702 7.41 28.83 -4.96
N VAL A 3703 7.36 28.47 -6.23
CA VAL A 3703 7.25 29.43 -7.32
C VAL A 3703 5.84 29.40 -7.86
N THR A 3704 5.23 30.56 -8.01
CA THR A 3704 3.89 30.65 -8.57
C THR A 3704 3.88 31.61 -9.76
N ARG A 3705 2.68 31.92 -10.25
CA ARG A 3705 2.55 32.82 -11.39
C ARG A 3705 3.01 34.23 -11.06
N SER A 3706 2.59 34.74 -9.90
CA SER A 3706 2.90 36.13 -9.53
C SER A 3706 4.37 36.28 -9.17
N SER A 3707 4.96 35.27 -8.52
CA SER A 3707 6.36 35.33 -8.14
C SER A 3707 7.27 35.34 -9.37
N LEU A 3708 7.02 34.45 -10.32
CA LEU A 3708 7.83 34.44 -11.54
C LEU A 3708 7.53 35.62 -12.44
N GLN A 3709 6.31 36.13 -12.41
CA GLN A 3709 5.99 37.34 -13.16
C GLN A 3709 6.76 38.54 -12.63
N SER A 3710 6.82 38.68 -11.31
CA SER A 3710 7.59 39.78 -10.72
C SER A 3710 9.10 39.59 -10.94
N GLN A 3711 9.57 38.33 -10.90
CA GLN A 3711 10.97 38.04 -11.19
C GLN A 3711 11.34 38.43 -12.61
N CYS A 3712 10.48 38.08 -13.58
CA CYS A 3712 10.77 38.38 -14.97
C CYS A 3712 10.65 39.88 -15.25
N LEU A 3713 9.70 40.56 -14.59
CA LEU A 3713 9.58 42.01 -14.76
C LEU A 3713 10.80 42.74 -14.20
N ASN A 3714 11.27 42.33 -13.02
CA ASN A 3714 12.47 42.93 -12.46
C ASN A 3714 13.71 42.62 -13.30
N GLU A 3715 13.77 41.42 -13.86
CA GLU A 3715 14.91 41.05 -14.71
C GLU A 3715 14.94 41.86 -16.00
N VAL A 3716 13.79 42.02 -16.65
CA VAL A 3716 13.78 42.75 -17.91
C VAL A 3716 13.93 44.25 -17.67
N LEU A 3717 13.48 44.76 -16.51
CA LEU A 3717 13.70 46.17 -16.23
C LEU A 3717 15.14 46.45 -15.84
N LYS A 3718 15.81 45.49 -15.19
CA LYS A 3718 17.24 45.64 -14.94
C LYS A 3718 18.03 45.57 -16.23
N ALA A 3719 17.67 44.64 -17.12
CA ALA A 3719 18.47 44.41 -18.32
C ALA A 3719 18.25 45.47 -19.39
N GLU A 3720 17.06 46.06 -19.47
CA GLU A 3720 16.76 46.96 -20.58
C GLU A 3720 16.63 48.42 -20.21
N ARG A 3721 16.06 48.74 -19.04
CA ARG A 3721 15.89 50.12 -18.61
C ARG A 3721 16.51 50.29 -17.23
N PRO A 3722 17.85 50.32 -17.15
CA PRO A 3722 18.49 50.37 -15.83
C PRO A 3722 18.35 51.71 -15.13
N ASP A 3723 18.02 52.79 -15.87
CA ASP A 3723 17.68 54.05 -15.22
C ASP A 3723 16.40 53.94 -14.40
N VAL A 3724 15.38 53.29 -14.96
CA VAL A 3724 14.13 53.07 -14.23
C VAL A 3724 14.35 52.09 -13.09
N ASP A 3725 15.20 51.09 -13.29
CA ASP A 3725 15.51 50.13 -12.23
C ASP A 3725 16.23 50.79 -11.06
N GLU A 3726 17.17 51.68 -11.34
CA GLU A 3726 17.86 52.37 -10.27
C GLU A 3726 17.00 53.45 -9.62
N LYS A 3727 16.09 54.07 -10.38
CA LYS A 3727 15.17 55.01 -9.75
C LYS A 3727 14.12 54.30 -8.91
N ARG A 3728 13.81 53.05 -9.24
CA ARG A 3728 12.93 52.25 -8.39
C ARG A 3728 13.68 51.75 -7.16
N SER A 3729 14.96 51.38 -7.32
CA SER A 3729 15.74 50.89 -6.19
C SER A 3729 16.04 52.00 -5.19
N ASP A 3730 16.15 53.25 -5.66
CA ASP A 3730 16.32 54.36 -4.74
C ASP A 3730 15.02 54.67 -4.00
N LEU A 3731 13.87 54.37 -4.61
CA LEU A 3731 12.61 54.53 -3.91
C LEU A 3731 12.44 53.50 -2.81
N LEU A 3732 13.08 52.34 -2.96
CA LEU A 3732 13.19 51.39 -1.85
C LEU A 3732 14.24 51.85 -0.84
N LYS A 3733 15.19 52.68 -1.26
CA LYS A 3733 16.21 53.20 -0.37
C LYS A 3733 15.81 54.51 0.30
N LEU A 3734 14.64 55.05 -0.03
CA LEU A 3734 14.12 56.22 0.69
C LEU A 3734 13.67 55.88 2.11
N GLN A 3735 13.52 54.60 2.43
CA GLN A 3735 13.39 54.14 3.81
C GLN A 3735 14.78 54.03 4.43
N GLY A 3736 14.87 53.29 5.54
CA GLY A 3736 15.99 53.34 6.47
C GLY A 3736 17.43 53.19 6.00
N GLU A 3737 17.68 52.81 4.76
CA GLU A 3737 19.06 52.61 4.29
C GLU A 3737 19.80 53.93 4.14
N PHE A 3738 19.21 54.88 3.39
CA PHE A 3738 19.82 56.19 3.20
C PHE A 3738 19.94 56.94 4.52
N GLN A 3739 18.92 56.81 5.37
CA GLN A 3739 18.96 57.49 6.65
C GLN A 3739 19.94 56.84 7.62
N LEU A 3740 20.15 55.53 7.55
CA LEU A 3740 21.16 54.92 8.42
C LEU A 3740 22.56 55.33 7.98
N ARG A 3741 22.79 55.41 6.66
CA ARG A 3741 24.08 55.89 6.17
C ARG A 3741 24.30 57.34 6.55
N LEU A 3742 23.26 58.18 6.44
CA LEU A 3742 23.37 59.58 6.81
C LEU A 3742 23.61 59.75 8.31
N ARG A 3743 22.94 58.95 9.14
CA ARG A 3743 23.13 59.06 10.59
C ARG A 3743 24.49 58.53 11.01
N GLN A 3744 25.02 57.52 10.31
CA GLN A 3744 26.38 57.07 10.58
C GLN A 3744 27.39 58.14 10.21
N LEU A 3745 27.16 58.85 9.10
CA LEU A 3745 28.02 59.97 8.75
C LEU A 3745 27.92 61.11 9.76
N GLU A 3746 26.72 61.38 10.29
CA GLU A 3746 26.55 62.40 11.31
C GLU A 3746 27.26 62.01 12.61
N LYS A 3747 27.19 60.73 12.98
CA LYS A 3747 27.89 60.24 14.17
C LYS A 3747 29.41 60.35 13.98
N SER A 3748 29.90 60.01 12.79
CA SER A 3748 31.33 60.13 12.52
C SER A 3748 31.77 61.60 12.49
N LEU A 3749 30.89 62.51 12.08
CA LEU A 3749 31.21 63.94 12.17
C LEU A 3749 31.25 64.39 13.62
N LEU A 3750 30.33 63.91 14.44
CA LEU A 3750 30.37 64.17 15.89
C LEU A 3750 31.59 63.56 16.56
N GLN A 3751 32.18 62.52 15.97
CA GLN A 3751 33.43 61.99 16.49
C GLN A 3751 34.61 62.95 16.30
N ALA A 3752 34.47 63.95 15.42
CA ALA A 3752 35.50 64.97 15.24
C ALA A 3752 34.91 66.37 15.27
N LEU A 3753 33.72 66.53 15.84
CA LEU A 3753 33.10 67.85 15.97
C LEU A 3753 33.55 68.57 17.23
N ASN A 3754 33.56 67.88 18.37
CA ASN A 3754 33.84 68.50 19.66
C ASN A 3754 35.31 68.79 19.88
N GLU A 3755 36.19 68.44 18.94
CA GLU A 3755 37.61 68.77 19.05
C GLU A 3755 37.83 70.22 18.62
N VAL A 3756 37.30 71.13 19.44
CA VAL A 3756 37.30 72.55 19.15
C VAL A 3756 37.66 73.34 20.41
N LYS A 3757 38.93 73.72 20.52
CA LYS A 3757 39.44 74.44 21.68
C LYS A 3757 40.37 75.55 21.24
N GLY A 3758 39.98 76.31 20.22
CA GLY A 3758 40.91 77.17 19.52
C GLY A 3758 41.79 76.42 18.55
N ARG A 3759 41.37 75.24 18.12
CA ARG A 3759 42.14 74.36 17.25
C ARG A 3759 41.59 74.28 15.83
N ILE A 3760 40.30 74.53 15.65
CA ILE A 3760 39.64 74.30 14.36
C ILE A 3760 40.06 75.31 13.29
N LEU A 3761 40.69 76.42 13.67
CA LEU A 3761 41.09 77.44 12.72
C LEU A 3761 42.53 77.27 12.24
N ASP A 3762 43.10 76.07 12.42
CA ASP A 3762 44.47 75.81 11.99
C ASP A 3762 44.60 75.83 10.47
N ASP A 3763 43.60 75.30 9.76
CA ASP A 3763 43.56 75.39 8.30
C ASP A 3763 42.22 75.82 7.75
N ASP A 3764 41.13 75.72 8.53
CA ASP A 3764 39.76 76.06 8.13
C ASP A 3764 39.33 75.30 6.87
N THR A 3765 39.63 74.00 6.83
CA THR A 3765 39.21 73.13 5.74
C THR A 3765 38.33 71.98 6.23
N ILE A 3766 37.91 72.00 7.49
CA ILE A 3766 37.02 70.96 8.00
C ILE A 3766 35.58 71.18 7.55
N ILE A 3767 35.28 72.35 6.98
CA ILE A 3767 33.94 72.68 6.48
C ILE A 3767 33.54 71.73 5.36
N THR A 3768 34.53 71.28 4.57
CA THR A 3768 34.27 70.29 3.53
C THR A 3768 33.78 68.97 4.12
N THR A 3769 34.32 68.57 5.28
CA THR A 3769 33.77 67.43 6.00
C THR A 3769 32.36 67.70 6.48
N LEU A 3770 32.07 68.96 6.79
CA LEU A 3770 30.70 69.40 7.03
C LEU A 3770 29.95 69.71 5.74
N GLU A 3771 30.64 69.82 4.60
CA GLU A 3771 29.96 70.03 3.34
C GLU A 3771 29.70 68.74 2.59
N ASN A 3772 30.47 67.69 2.88
CA ASN A 3772 30.14 66.37 2.36
C ASN A 3772 28.80 65.88 2.90
N LEU A 3773 28.48 66.26 4.14
CA LEU A 3773 27.13 66.06 4.65
C LEU A 3773 26.12 66.96 3.95
N LYS A 3774 26.54 68.15 3.51
CA LYS A 3774 25.62 69.15 3.00
C LYS A 3774 25.01 68.74 1.66
N ARG A 3775 25.80 68.08 0.80
CA ARG A 3775 25.27 67.67 -0.49
C ARG A 3775 24.30 66.50 -0.35
N GLU A 3776 24.76 65.41 0.30
CA GLU A 3776 24.04 64.14 0.29
C GLU A 3776 22.70 64.24 0.97
N ALA A 3777 22.63 64.95 2.10
CA ALA A 3777 21.36 65.20 2.77
C ALA A 3777 20.42 66.00 1.88
N ALA A 3778 20.96 66.94 1.12
CA ALA A 3778 20.18 67.66 0.12
C ALA A 3778 19.65 66.70 -0.93
N GLU A 3779 20.45 65.71 -1.31
CA GLU A 3779 19.97 64.63 -2.17
C GLU A 3779 18.84 63.87 -1.50
N VAL A 3780 18.97 63.62 -0.19
CA VAL A 3780 17.88 63.05 0.58
C VAL A 3780 16.70 64.03 0.63
N THR A 3781 17.00 65.33 0.67
CA THR A 3781 15.94 66.33 0.56
C THR A 3781 15.36 66.36 -0.86
N ARG A 3782 16.15 65.94 -1.86
CA ARG A 3782 15.65 65.95 -3.23
C ARG A 3782 14.71 64.79 -3.49
N LYS A 3783 15.16 63.57 -3.20
CA LYS A 3783 14.41 62.37 -3.56
C LYS A 3783 13.13 62.22 -2.75
N VAL A 3784 13.10 62.78 -1.54
CA VAL A 3784 11.85 62.84 -0.79
C VAL A 3784 10.87 63.78 -1.48
N GLU A 3785 11.36 64.92 -1.97
CA GLU A 3785 10.48 65.85 -2.67
C GLU A 3785 10.07 65.31 -4.04
N GLU A 3786 11.00 64.64 -4.72
CA GLU A 3786 10.70 63.99 -6.00
C GLU A 3786 10.46 62.51 -5.72
N THR A 3787 9.27 62.21 -5.19
CA THR A 3787 8.93 60.83 -4.85
C THR A 3787 7.61 60.36 -5.45
N ASP A 3788 6.79 61.25 -5.98
CA ASP A 3788 5.56 60.83 -6.65
C ASP A 3788 5.75 60.62 -8.14
N ILE A 3789 6.60 61.45 -8.76
CA ILE A 3789 6.87 61.34 -10.19
C ILE A 3789 7.63 60.04 -10.48
N VAL A 3790 8.52 59.64 -9.57
CA VAL A 3790 9.27 58.40 -9.74
C VAL A 3790 8.35 57.19 -9.61
N MET A 3791 7.37 57.26 -8.70
CA MET A 3791 6.37 56.20 -8.57
C MET A 3791 5.57 56.03 -9.85
N GLN A 3792 5.09 57.13 -10.42
CA GLN A 3792 4.31 57.06 -11.65
C GLN A 3792 5.17 56.60 -12.82
N GLU A 3793 6.45 57.00 -12.84
CA GLU A 3793 7.34 56.59 -13.91
C GLU A 3793 7.63 55.10 -13.87
N VAL A 3794 7.93 54.56 -12.68
CA VAL A 3794 8.20 53.13 -12.59
C VAL A 3794 6.92 52.33 -12.83
N GLU A 3795 5.75 52.88 -12.46
CA GLU A 3795 4.50 52.21 -12.76
C GLU A 3795 4.23 52.14 -14.27
N THR A 3796 4.47 53.24 -14.98
CA THR A 3796 4.24 53.24 -16.43
C THR A 3796 5.24 52.37 -17.17
N VAL A 3797 6.51 52.39 -16.76
CA VAL A 3797 7.52 51.59 -17.43
C VAL A 3797 7.32 50.11 -17.14
N SER A 3798 6.94 49.76 -15.91
CA SER A 3798 6.60 48.36 -15.61
C SER A 3798 5.31 47.94 -16.30
N GLN A 3799 4.41 48.90 -16.57
CA GLN A 3799 3.20 48.59 -17.33
C GLN A 3799 3.52 48.32 -18.80
N GLN A 3800 4.54 48.97 -19.34
CA GLN A 3800 4.95 48.72 -20.71
C GLN A 3800 5.52 47.32 -20.90
N TYR A 3801 6.16 46.77 -19.87
CA TYR A 3801 6.90 45.52 -19.97
C TYR A 3801 6.16 44.31 -19.41
N LEU A 3802 4.92 44.49 -18.96
CA LEU A 3802 4.18 43.45 -18.25
C LEU A 3802 3.69 42.24 -19.08
N PRO A 3803 3.15 42.39 -20.30
CA PRO A 3803 2.73 41.19 -21.05
C PRO A 3803 3.86 40.23 -21.40
N LEU A 3804 5.09 40.74 -21.53
CA LEU A 3804 6.23 39.84 -21.70
C LEU A 3804 6.44 38.96 -20.47
N SER A 3805 6.24 39.54 -19.28
CA SER A 3805 6.35 38.74 -18.06
C SER A 3805 5.23 37.73 -17.93
N THR A 3806 4.01 38.11 -18.33
CA THR A 3806 2.91 37.15 -18.31
C THR A 3806 3.14 36.02 -19.30
N ALA A 3807 3.70 36.33 -20.47
CA ALA A 3807 4.05 35.31 -21.45
C ALA A 3807 5.14 34.40 -20.91
N CYS A 3808 6.13 34.96 -20.21
CA CYS A 3808 7.19 34.16 -19.60
C CYS A 3808 6.64 33.20 -18.56
N SER A 3809 5.72 33.68 -17.72
CA SER A 3809 5.10 32.83 -16.69
C SER A 3809 4.27 31.72 -17.32
N SER A 3810 3.49 32.04 -18.37
CA SER A 3810 2.68 31.03 -19.04
C SER A 3810 3.54 29.99 -19.74
N ILE A 3811 4.66 30.43 -20.34
CA ILE A 3811 5.58 29.50 -20.99
C ILE A 3811 6.21 28.57 -19.98
N TYR A 3812 6.60 29.12 -18.81
CA TYR A 3812 7.21 28.28 -17.78
C TYR A 3812 6.22 27.29 -17.19
N PHE A 3813 4.97 27.70 -17.00
CA PHE A 3813 4.00 26.77 -16.43
C PHE A 3813 3.58 25.72 -17.45
N THR A 3814 3.62 26.05 -18.75
CA THR A 3814 3.46 25.02 -19.77
C THR A 3814 4.62 24.04 -19.75
N MET A 3815 5.84 24.54 -19.55
CA MET A 3815 7.03 23.69 -19.48
C MET A 3815 6.96 22.73 -18.29
N GLU A 3816 6.51 23.21 -17.13
CA GLU A 3816 6.35 22.32 -15.99
C GLU A 3816 5.10 21.45 -16.08
N SER A 3817 4.10 21.84 -16.86
CA SER A 3817 2.95 20.97 -17.04
C SER A 3817 3.22 19.88 -18.07
N LEU A 3818 4.27 20.03 -18.89
CA LEU A 3818 4.57 19.09 -19.96
C LEU A 3818 5.03 17.72 -19.48
N LYS A 3819 5.29 17.53 -18.18
CA LYS A 3819 5.77 16.24 -17.67
C LYS A 3819 4.76 15.11 -17.82
N GLN A 3820 3.47 15.43 -17.89
CA GLN A 3820 2.45 14.39 -17.99
C GLN A 3820 2.33 13.78 -19.38
N ILE A 3821 2.91 14.42 -20.40
CA ILE A 3821 2.86 13.87 -21.75
C ILE A 3821 3.76 12.64 -21.86
N HIS A 3822 4.98 12.75 -21.34
CA HIS A 3822 5.96 11.68 -21.47
C HIS A 3822 6.94 11.79 -20.30
N PHE A 3823 7.57 10.65 -19.97
CA PHE A 3823 8.46 10.61 -18.83
C PHE A 3823 9.78 11.34 -19.09
N LEU A 3824 10.09 11.62 -20.35
CA LEU A 3824 11.32 12.30 -20.71
C LEU A 3824 11.14 13.81 -20.79
N TYR A 3825 9.95 14.31 -20.49
CA TYR A 3825 9.61 15.71 -20.72
C TYR A 3825 9.80 16.52 -19.43
N GLN A 3826 11.01 16.48 -18.90
CA GLN A 3826 11.31 17.11 -17.61
C GLN A 3826 12.24 18.30 -17.84
N TYR A 3827 11.76 19.49 -17.47
CA TYR A 3827 12.50 20.73 -17.60
C TYR A 3827 12.41 21.50 -16.30
N SER A 3828 13.51 22.14 -15.92
CA SER A 3828 13.62 22.78 -14.62
C SER A 3828 13.46 24.30 -14.73
N LEU A 3829 13.50 24.97 -13.58
CA LEU A 3829 13.53 26.42 -13.55
C LEU A 3829 14.85 26.96 -14.07
N GLN A 3830 15.94 26.19 -13.89
CA GLN A 3830 17.23 26.60 -14.44
C GLN A 3830 17.22 26.62 -15.96
N PHE A 3831 16.45 25.71 -16.57
CA PHE A 3831 16.27 25.71 -18.02
C PHE A 3831 15.60 27.01 -18.49
N PHE A 3832 14.55 27.44 -17.79
CA PHE A 3832 13.86 28.65 -18.23
C PHE A 3832 14.67 29.91 -17.93
N LEU A 3833 15.42 29.93 -16.82
CA LEU A 3833 16.22 31.12 -16.58
C LEU A 3833 17.42 31.18 -17.52
N ASP A 3834 17.93 30.03 -17.96
CA ASP A 3834 18.95 30.03 -19.01
C ASP A 3834 18.37 30.51 -20.33
N ILE A 3835 17.12 30.14 -20.62
CA ILE A 3835 16.41 30.66 -21.80
C ILE A 3835 16.30 32.17 -21.73
N TYR A 3836 15.91 32.69 -20.56
CA TYR A 3836 15.70 34.13 -20.41
C TYR A 3836 17.02 34.89 -20.43
N HIS A 3837 18.10 34.29 -19.91
CA HIS A 3837 19.40 34.92 -19.97
C HIS A 3837 19.93 34.96 -21.41
N ASN A 3838 19.75 33.87 -22.16
CA ASN A 3838 20.22 33.85 -23.54
C ASN A 3838 19.41 34.78 -24.42
N VAL A 3839 18.11 34.91 -24.16
CA VAL A 3839 17.29 35.85 -24.94
C VAL A 3839 17.63 37.29 -24.56
N LEU A 3840 17.85 37.56 -23.28
CA LEU A 3840 18.04 38.95 -22.85
C LEU A 3840 19.47 39.43 -23.09
N TYR A 3841 20.47 38.57 -22.90
CA TYR A 3841 21.86 39.01 -22.93
C TYR A 3841 22.60 38.58 -24.19
N GLU A 3842 22.60 37.29 -24.52
CA GLU A 3842 23.40 36.77 -25.62
C GLU A 3842 22.64 36.71 -26.94
N ASN A 3843 21.70 37.63 -27.15
CA ASN A 3843 20.89 37.61 -28.36
C ASN A 3843 21.67 38.24 -29.51
N PRO A 3844 21.86 37.52 -30.62
CA PRO A 3844 22.55 38.14 -31.77
C PRO A 3844 21.71 39.16 -32.52
N ASN A 3845 20.38 39.13 -32.37
CA ASN A 3845 19.52 40.08 -33.06
C ASN A 3845 19.37 41.39 -32.30
N LEU A 3846 19.82 41.46 -31.06
CA LEU A 3846 19.67 42.66 -30.25
C LEU A 3846 20.71 43.73 -30.58
N LYS A 3847 21.76 43.38 -31.33
CA LYS A 3847 22.86 44.31 -31.53
C LYS A 3847 22.49 45.38 -32.54
N GLY A 3848 22.89 46.62 -32.25
CA GLY A 3848 22.63 47.74 -33.13
C GLY A 3848 21.25 48.33 -33.04
N VAL A 3849 20.40 47.83 -32.16
CA VAL A 3849 19.03 48.32 -32.01
C VAL A 3849 18.99 49.28 -30.83
N THR A 3850 18.41 50.45 -31.03
CA THR A 3850 18.41 51.51 -30.03
C THR A 3850 17.04 51.82 -29.46
N ASP A 3851 15.98 51.78 -30.27
CA ASP A 3851 14.64 52.05 -29.77
C ASP A 3851 14.17 50.90 -28.91
N HIS A 3852 13.50 51.24 -27.80
CA HIS A 3852 13.15 50.23 -26.80
C HIS A 3852 11.96 49.37 -27.23
N THR A 3853 11.02 49.94 -28.00
CA THR A 3853 9.85 49.17 -28.41
C THR A 3853 10.22 48.08 -29.41
N GLN A 3854 11.11 48.40 -30.35
CA GLN A 3854 11.60 47.40 -31.29
C GLN A 3854 12.40 46.32 -30.57
N ARG A 3855 13.19 46.72 -29.57
CA ARG A 3855 13.92 45.76 -28.75
C ARG A 3855 12.97 44.84 -27.99
N LEU A 3856 11.85 45.39 -27.49
CA LEU A 3856 10.87 44.59 -26.77
C LEU A 3856 10.19 43.59 -27.68
N SER A 3857 9.82 44.02 -28.89
CA SER A 3857 9.20 43.11 -29.84
C SER A 3857 10.15 42.00 -30.27
N ILE A 3858 11.42 42.36 -30.52
CA ILE A 3858 12.44 41.37 -30.88
C ILE A 3858 12.68 40.40 -29.73
N ILE A 3859 12.68 40.91 -28.49
CA ILE A 3859 12.88 40.07 -27.31
C ILE A 3859 11.73 39.08 -27.14
N THR A 3860 10.49 39.54 -27.37
CA THR A 3860 9.33 38.64 -27.25
C THR A 3860 9.36 37.54 -28.32
N LYS A 3861 9.57 37.93 -29.58
CA LYS A 3861 9.58 36.97 -30.67
C LYS A 3861 10.75 35.98 -30.52
N ASP A 3862 11.92 36.47 -30.13
CA ASP A 3862 13.07 35.60 -29.96
C ASP A 3862 12.94 34.75 -28.71
N LEU A 3863 12.21 35.21 -27.70
CA LEU A 3863 11.91 34.37 -26.54
C LEU A 3863 11.08 33.17 -26.93
N PHE A 3864 10.02 33.42 -27.71
CA PHE A 3864 9.19 32.33 -28.22
C PHE A 3864 10.00 31.36 -29.07
N GLN A 3865 10.82 31.89 -29.98
CA GLN A 3865 11.58 31.05 -30.90
C GLN A 3865 12.63 30.22 -30.18
N VAL A 3866 13.40 30.84 -29.28
CA VAL A 3866 14.48 30.14 -28.58
C VAL A 3866 13.91 29.12 -27.60
N ALA A 3867 12.80 29.47 -26.93
CA ALA A 3867 12.15 28.52 -26.03
C ALA A 3867 11.63 27.31 -26.79
N PHE A 3868 11.00 27.54 -27.95
CA PHE A 3868 10.51 26.42 -28.75
C PHE A 3868 11.65 25.57 -29.28
N ASN A 3869 12.76 26.19 -29.70
CA ASN A 3869 13.89 25.43 -30.22
C ASN A 3869 14.52 24.57 -29.15
N ARG A 3870 14.83 25.17 -27.99
CA ARG A 3870 15.50 24.45 -26.93
C ARG A 3870 14.60 23.42 -26.25
N VAL A 3871 13.28 23.57 -26.34
CA VAL A 3871 12.40 22.53 -25.83
C VAL A 3871 12.24 21.41 -26.86
N ALA A 3872 11.95 21.76 -28.11
CA ALA A 3872 11.62 20.77 -29.12
C ALA A 3872 12.82 20.02 -29.67
N ARG A 3873 14.05 20.45 -29.38
CA ARG A 3873 15.18 19.61 -29.77
C ARG A 3873 15.26 18.34 -28.92
N GLY A 3874 14.77 18.38 -27.68
CA GLY A 3874 14.77 17.23 -26.81
C GLY A 3874 13.39 16.63 -26.66
N MET A 3875 12.67 16.49 -27.75
CA MET A 3875 11.25 16.19 -27.69
C MET A 3875 10.81 15.48 -28.95
N LEU A 3876 9.88 14.54 -28.80
CA LEU A 3876 9.45 13.66 -29.88
C LEU A 3876 8.66 14.41 -30.94
N HIS A 3877 8.75 13.92 -32.18
CA HIS A 3877 8.24 14.66 -33.34
C HIS A 3877 6.73 14.69 -33.42
N GLN A 3878 6.03 13.77 -32.74
CA GLN A 3878 4.58 13.81 -32.73
C GLN A 3878 4.04 15.00 -31.94
N ASP A 3879 4.83 15.53 -31.01
CA ASP A 3879 4.35 16.52 -30.07
C ASP A 3879 4.84 17.93 -30.36
N HIS A 3880 5.64 18.11 -31.42
CA HIS A 3880 6.15 19.44 -31.78
C HIS A 3880 5.02 20.40 -32.12
N ILE A 3881 4.02 19.91 -32.87
CA ILE A 3881 2.88 20.72 -33.24
C ILE A 3881 2.02 21.03 -32.01
N THR A 3882 2.03 20.16 -31.00
CA THR A 3882 1.26 20.41 -29.78
C THR A 3882 1.84 21.57 -28.99
N PHE A 3883 3.16 21.58 -28.78
CA PHE A 3883 3.79 22.69 -28.08
C PHE A 3883 3.75 23.96 -28.92
N ALA A 3884 3.82 23.84 -30.24
CA ALA A 3884 3.65 25.01 -31.11
C ALA A 3884 2.25 25.59 -30.97
N MET A 3885 1.23 24.73 -30.86
CA MET A 3885 -0.13 25.19 -30.66
C MET A 3885 -0.30 25.86 -29.29
N LEU A 3886 0.35 25.31 -28.27
CA LEU A 3886 0.29 25.91 -26.94
C LEU A 3886 0.94 27.29 -26.91
N LEU A 3887 2.10 27.43 -27.55
CA LEU A 3887 2.75 28.74 -27.65
C LEU A 3887 1.95 29.70 -28.51
N ALA A 3888 1.27 29.20 -29.54
CA ALA A 3888 0.40 30.03 -30.36
C ALA A 3888 -0.78 30.57 -29.56
N ARG A 3889 -1.39 29.71 -28.73
CA ARG A 3889 -2.48 30.18 -27.87
C ARG A 3889 -1.99 31.14 -26.80
N ILE A 3890 -0.76 30.94 -26.31
CA ILE A 3890 -0.17 31.86 -25.33
C ILE A 3890 0.05 33.23 -25.95
N LYS A 3891 0.59 33.27 -27.16
CA LYS A 3891 0.78 34.55 -27.86
C LYS A 3891 -0.55 35.17 -28.27
N LEU A 3892 -1.57 34.35 -28.52
CA LEU A 3892 -2.91 34.87 -28.77
C LEU A 3892 -3.48 35.53 -27.52
N LYS A 3893 -3.23 34.94 -26.35
CA LYS A 3893 -3.62 35.58 -25.10
C LYS A 3893 -2.86 36.88 -24.89
N GLY A 3894 -1.57 36.90 -25.22
CA GLY A 3894 -0.75 38.05 -24.90
C GLY A 3894 -1.01 39.26 -25.76
N THR A 3895 -1.43 39.05 -27.01
CA THR A 3895 -1.59 40.17 -27.93
C THR A 3895 -2.90 40.93 -27.65
N VAL A 3896 -2.98 42.13 -28.21
CA VAL A 3896 -4.10 43.03 -27.96
C VAL A 3896 -4.97 43.13 -29.20
N GLY A 3897 -6.16 43.70 -29.02
CA GLY A 3897 -7.07 43.91 -30.13
C GLY A 3897 -7.80 42.69 -30.62
N GLU A 3898 -7.74 41.58 -29.88
CA GLU A 3898 -8.36 40.34 -30.28
C GLU A 3898 -9.32 39.86 -29.20
N PRO A 3899 -10.39 39.16 -29.58
CA PRO A 3899 -11.23 38.52 -28.57
C PRO A 3899 -10.50 37.34 -27.95
N THR A 3900 -11.05 36.86 -26.83
CA THR A 3900 -10.38 35.82 -26.05
C THR A 3900 -10.42 34.46 -26.73
N TYR A 3901 -11.35 34.25 -27.67
CA TYR A 3901 -11.55 32.99 -28.40
C TYR A 3901 -11.73 31.80 -27.45
N ASP A 3902 -12.50 32.03 -26.38
CA ASP A 3902 -12.67 31.01 -25.35
C ASP A 3902 -13.62 29.91 -25.81
N ALA A 3903 -14.79 30.30 -26.34
CA ALA A 3903 -15.78 29.32 -26.76
C ALA A 3903 -15.35 28.57 -28.00
N GLU A 3904 -14.65 29.24 -28.91
CA GLU A 3904 -14.19 28.59 -30.14
C GLU A 3904 -13.09 27.56 -29.83
N PHE A 3905 -12.16 27.91 -28.94
CA PHE A 3905 -11.16 26.94 -28.53
C PHE A 3905 -11.77 25.84 -27.67
N GLN A 3906 -12.84 26.15 -26.94
CA GLN A 3906 -13.56 25.12 -26.20
C GLN A 3906 -14.23 24.13 -27.14
N HIS A 3907 -14.80 24.62 -28.24
CA HIS A 3907 -15.38 23.73 -29.23
C HIS A 3907 -14.31 23.02 -30.05
N PHE A 3908 -13.10 23.56 -30.10
CA PHE A 3908 -12.01 22.81 -30.73
C PHE A 3908 -11.49 21.71 -29.82
N LEU A 3909 -11.44 21.96 -28.52
CA LEU A 3909 -10.86 21.00 -27.58
C LEU A 3909 -11.86 19.96 -27.11
N ARG A 3910 -12.94 20.40 -26.47
CA ARG A 3910 -13.99 19.52 -25.96
C ARG A 3910 -15.25 19.61 -26.81
N GLY A 3911 -15.10 19.73 -28.13
CA GLY A 3911 -16.26 19.78 -29.01
C GLY A 3911 -16.97 18.46 -29.15
N ASN A 3912 -16.29 17.36 -28.86
CA ASN A 3912 -16.95 16.06 -28.84
C ASN A 3912 -17.85 15.88 -27.63
N GLU A 3913 -17.74 16.74 -26.61
CA GLU A 3913 -18.60 16.68 -25.44
C GLU A 3913 -20.04 17.06 -25.74
N ILE A 3914 -20.30 17.67 -26.90
CA ILE A 3914 -21.67 18.01 -27.29
C ILE A 3914 -22.42 16.72 -27.60
N VAL A 3915 -23.54 16.53 -26.92
CA VAL A 3915 -24.30 15.29 -27.00
C VAL A 3915 -25.37 15.46 -28.08
N LEU A 3916 -25.36 14.58 -29.07
CA LEU A 3916 -26.37 14.57 -30.10
C LEU A 3916 -27.59 13.77 -29.64
N SER A 3917 -28.78 14.29 -29.95
CA SER A 3917 -30.01 13.63 -29.54
C SER A 3917 -30.32 12.48 -30.49
N ALA A 3918 -31.26 11.63 -30.07
CA ALA A 3918 -31.62 10.43 -30.82
C ALA A 3918 -32.34 10.80 -32.10
N GLY A 3919 -31.66 10.59 -33.23
CA GLY A 3919 -32.23 10.96 -34.52
C GLY A 3919 -32.25 12.44 -34.81
N SER A 3920 -31.42 13.22 -34.11
CA SER A 3920 -31.39 14.67 -34.30
C SER A 3920 -30.70 15.10 -35.58
N THR A 3921 -29.89 14.22 -36.18
CA THR A 3921 -29.20 14.59 -37.41
C THR A 3921 -30.11 14.38 -38.63
N PRO A 3922 -30.32 15.40 -39.44
CA PRO A 3922 -31.03 15.21 -40.70
C PRO A 3922 -30.09 14.65 -41.76
N ARG A 3923 -30.63 14.47 -42.97
CA ARG A 3923 -29.84 13.89 -44.06
C ARG A 3923 -29.18 15.01 -44.85
N ILE A 3924 -27.86 14.95 -44.96
CA ILE A 3924 -27.06 15.90 -45.73
C ILE A 3924 -26.34 15.13 -46.81
N GLN A 3925 -26.37 15.66 -48.04
CA GLN A 3925 -25.82 14.97 -49.19
C GLN A 3925 -24.30 14.84 -49.09
N GLY A 3926 -23.79 13.70 -49.53
CA GLY A 3926 -22.36 13.49 -49.60
C GLY A 3926 -21.69 13.05 -48.31
N LEU A 3927 -22.05 13.69 -47.21
CA LEU A 3927 -21.38 13.44 -45.93
C LEU A 3927 -21.77 12.10 -45.36
N THR A 3928 -20.81 11.44 -44.71
CA THR A 3928 -21.06 10.19 -44.03
C THR A 3928 -21.63 10.48 -42.63
N VAL A 3929 -21.76 9.43 -41.81
CA VAL A 3929 -22.38 9.59 -40.50
C VAL A 3929 -21.47 10.35 -39.54
N GLU A 3930 -20.16 10.14 -39.63
CA GLU A 3930 -19.22 10.87 -38.78
C GLU A 3930 -19.16 12.33 -39.16
N GLN A 3931 -19.19 12.62 -40.46
CA GLN A 3931 -19.27 14.02 -40.89
C GLN A 3931 -20.62 14.63 -40.55
N ALA A 3932 -21.69 13.84 -40.54
CA ALA A 3932 -23.00 14.37 -40.16
C ALA A 3932 -23.06 14.74 -38.69
N GLU A 3933 -22.55 13.87 -37.81
CA GLU A 3933 -22.53 14.22 -36.39
C GLU A 3933 -21.54 15.34 -36.11
N ALA A 3934 -20.46 15.44 -36.89
CA ALA A 3934 -19.53 16.55 -36.76
C ALA A 3934 -20.17 17.87 -37.16
N VAL A 3935 -20.94 17.90 -38.25
CA VAL A 3935 -21.51 19.18 -38.65
C VAL A 3935 -22.69 19.57 -37.76
N VAL A 3936 -23.45 18.60 -37.24
CA VAL A 3936 -24.48 18.99 -36.27
C VAL A 3936 -23.91 19.29 -34.90
N ARG A 3937 -22.68 18.89 -34.62
CA ARG A 3937 -22.01 19.39 -33.42
C ARG A 3937 -21.41 20.77 -33.62
N LEU A 3938 -20.94 21.06 -34.83
CA LEU A 3938 -20.40 22.39 -35.12
C LEU A 3938 -21.52 23.42 -35.25
N SER A 3939 -22.73 22.98 -35.63
CA SER A 3939 -23.85 23.90 -35.79
C SER A 3939 -24.34 24.52 -34.49
N CYS A 3940 -23.92 24.00 -33.33
CA CYS A 3940 -24.27 24.62 -32.06
C CYS A 3940 -23.57 25.96 -31.87
N LEU A 3941 -22.41 26.14 -32.51
CA LEU A 3941 -21.68 27.40 -32.41
C LEU A 3941 -22.44 28.50 -33.15
N PRO A 3942 -22.40 29.74 -32.65
CA PRO A 3942 -23.09 30.84 -33.36
C PRO A 3942 -22.43 31.22 -34.68
N ALA A 3943 -21.14 30.94 -34.85
CA ALA A 3943 -20.47 31.31 -36.09
C ALA A 3943 -20.86 30.36 -37.21
N PHE A 3944 -21.11 29.09 -36.89
CA PHE A 3944 -21.46 28.07 -37.87
C PHE A 3944 -22.90 27.61 -37.71
N LYS A 3945 -23.80 28.56 -37.44
CA LYS A 3945 -25.21 28.20 -37.20
C LYS A 3945 -25.89 27.73 -38.48
N ASP A 3946 -25.55 28.32 -39.62
CA ASP A 3946 -26.15 27.97 -40.90
C ASP A 3946 -25.25 27.05 -41.71
N LEU A 3947 -24.57 26.12 -41.03
CA LEU A 3947 -23.60 25.26 -41.71
C LEU A 3947 -24.27 24.27 -42.65
N ILE A 3948 -25.40 23.71 -42.24
CA ILE A 3948 -26.08 22.71 -43.07
C ILE A 3948 -26.70 23.37 -44.30
N ALA A 3949 -27.28 24.55 -44.14
CA ALA A 3949 -27.86 25.27 -45.27
C ALA A 3949 -26.79 25.73 -46.24
N LYS A 3950 -25.62 26.12 -45.72
CA LYS A 3950 -24.54 26.58 -46.60
C LYS A 3950 -23.89 25.41 -47.33
N VAL A 3951 -23.75 24.26 -46.67
CA VAL A 3951 -23.22 23.09 -47.36
C VAL A 3951 -24.24 22.49 -48.31
N GLN A 3952 -25.54 22.74 -48.10
CA GLN A 3952 -26.53 22.34 -49.08
C GLN A 3952 -26.55 23.28 -50.28
N ALA A 3953 -26.31 24.58 -50.05
CA ALA A 3953 -26.38 25.57 -51.11
C ALA A 3953 -25.11 25.65 -51.95
N ASP A 3954 -23.96 25.29 -51.39
CA ASP A 3954 -22.72 25.38 -52.14
C ASP A 3954 -22.63 24.28 -53.19
N GLU A 3955 -22.16 24.65 -54.38
CA GLU A 3955 -22.13 23.73 -55.51
C GLU A 3955 -20.82 22.98 -55.62
N GLN A 3956 -19.69 23.68 -55.50
CA GLN A 3956 -18.37 23.07 -55.64
C GLN A 3956 -17.77 22.66 -54.30
N PHE A 3957 -18.63 22.28 -53.34
CA PHE A 3957 -18.14 21.73 -52.08
C PHE A 3957 -17.52 20.35 -52.27
N GLY A 3958 -18.02 19.59 -53.24
CA GLY A 3958 -17.67 18.18 -53.34
C GLY A 3958 -16.22 17.93 -53.69
N ILE A 3959 -15.64 18.77 -54.56
CA ILE A 3959 -14.22 18.66 -54.87
C ILE A 3959 -13.37 19.01 -53.66
N TRP A 3960 -13.89 19.86 -52.77
CA TRP A 3960 -13.19 20.13 -51.52
C TRP A 3960 -13.25 18.94 -50.58
N LEU A 3961 -14.26 18.07 -50.73
CA LEU A 3961 -14.42 16.97 -49.79
C LEU A 3961 -13.38 15.89 -50.01
N ASP A 3962 -12.95 15.68 -51.24
CA ASP A 3962 -11.97 14.64 -51.55
C ASP A 3962 -10.63 15.22 -51.98
N SER A 3963 -10.40 16.51 -51.74
CA SER A 3963 -9.15 17.14 -52.10
C SER A 3963 -7.99 16.58 -51.29
N SER A 3964 -6.81 16.52 -51.92
CA SER A 3964 -5.64 15.94 -51.28
C SER A 3964 -5.16 16.79 -50.12
N SER A 3965 -5.14 18.11 -50.30
CA SER A 3965 -4.83 19.07 -49.24
C SER A 3965 -5.88 20.16 -49.27
N PRO A 3966 -7.07 19.92 -48.72
CA PRO A 3966 -8.14 20.92 -48.78
C PRO A 3966 -7.93 22.11 -47.86
N GLU A 3967 -6.98 22.04 -46.92
CA GLU A 3967 -6.80 23.10 -45.93
C GLU A 3967 -6.21 24.37 -46.54
N GLN A 3968 -5.67 24.31 -47.75
CA GLN A 3968 -5.27 25.53 -48.44
C GLN A 3968 -6.45 26.26 -49.06
N THR A 3969 -7.60 25.58 -49.21
CA THR A 3969 -8.74 26.14 -49.92
C THR A 3969 -10.03 25.92 -49.12
N VAL A 3970 -10.00 26.24 -47.84
CA VAL A 3970 -11.19 26.09 -46.99
C VAL A 3970 -12.22 27.12 -47.41
N PRO A 3971 -13.45 26.73 -47.72
CA PRO A 3971 -14.44 27.70 -48.19
C PRO A 3971 -15.00 28.56 -47.07
N TYR A 3972 -15.39 29.77 -47.45
CA TYR A 3972 -16.02 30.71 -46.54
C TYR A 3972 -17.45 30.26 -46.28
N LEU A 3973 -17.73 29.77 -45.08
CA LEU A 3973 -19.06 29.34 -44.70
C LEU A 3973 -19.61 29.97 -43.43
N TRP A 3974 -18.76 30.51 -42.55
CA TRP A 3974 -19.22 30.97 -41.25
C TRP A 3974 -20.00 32.28 -41.39
N SER A 3975 -21.04 32.42 -40.57
CA SER A 3975 -21.82 33.64 -40.52
C SER A 3975 -21.15 34.61 -39.55
N GLU A 3976 -20.97 35.85 -40.00
CA GLU A 3976 -20.23 36.84 -39.23
C GLU A 3976 -20.89 38.20 -39.37
N GLU A 3977 -20.58 39.09 -38.43
CA GLU A 3977 -21.09 40.45 -38.44
C GLU A 3977 -20.00 41.50 -38.63
N THR A 3978 -18.82 41.29 -38.07
CA THR A 3978 -17.64 42.11 -38.30
C THR A 3978 -16.64 41.31 -39.13
N PRO A 3979 -15.84 41.98 -39.97
CA PRO A 3979 -14.82 41.24 -40.75
C PRO A 3979 -13.78 40.57 -39.85
N ALA A 3980 -13.63 39.26 -40.04
CA ALA A 3980 -12.81 38.46 -39.16
C ALA A 3980 -11.32 38.73 -39.40
N THR A 3981 -10.55 38.59 -38.33
CA THR A 3981 -9.11 38.78 -38.38
C THR A 3981 -8.46 37.61 -39.11
N PRO A 3982 -7.20 37.77 -39.57
CA PRO A 3982 -6.46 36.61 -40.11
C PRO A 3982 -6.32 35.46 -39.13
N ILE A 3983 -6.12 35.75 -37.85
CA ILE A 3983 -6.12 34.65 -36.88
C ILE A 3983 -7.54 34.16 -36.61
N GLY A 3984 -8.55 35.04 -36.69
CA GLY A 3984 -9.93 34.59 -36.58
C GLY A 3984 -10.36 33.74 -37.77
N GLN A 3985 -9.92 34.14 -38.97
CA GLN A 3985 -10.12 33.30 -40.15
C GLN A 3985 -9.39 31.97 -40.00
N ALA A 3986 -8.21 31.99 -39.39
CA ALA A 3986 -7.44 30.77 -39.19
C ALA A 3986 -8.15 29.80 -38.26
N ILE A 3987 -8.73 30.30 -37.16
CA ILE A 3987 -9.40 29.36 -36.24
C ILE A 3987 -10.75 28.92 -36.83
N HIS A 3988 -11.39 29.77 -37.65
CA HIS A 3988 -12.61 29.36 -38.35
C HIS A 3988 -12.35 28.21 -39.33
N ARG A 3989 -11.31 28.36 -40.18
CA ARG A 3989 -10.98 27.27 -41.08
C ARG A 3989 -10.42 26.07 -40.33
N LEU A 3990 -9.81 26.28 -39.15
CA LEU A 3990 -9.34 25.17 -38.34
C LEU A 3990 -10.49 24.32 -37.83
N LEU A 3991 -11.55 24.98 -37.37
CA LEU A 3991 -12.75 24.26 -36.93
C LEU A 3991 -13.42 23.56 -38.11
N LEU A 3992 -13.42 24.19 -39.29
CA LEU A 3992 -14.00 23.56 -40.47
C LEU A 3992 -13.21 22.32 -40.90
N ILE A 3993 -11.88 22.39 -40.86
CA ILE A 3993 -11.05 21.24 -41.20
C ILE A 3993 -11.22 20.13 -40.18
N GLN A 3994 -11.34 20.49 -38.89
CA GLN A 3994 -11.58 19.50 -37.86
C GLN A 3994 -12.94 18.82 -38.04
N ALA A 3995 -13.95 19.57 -38.47
CA ALA A 3995 -15.28 18.99 -38.65
C ALA A 3995 -15.34 18.09 -39.88
N PHE A 3996 -14.79 18.53 -41.00
CA PHE A 3996 -15.01 17.82 -42.25
C PHE A 3996 -13.93 16.78 -42.54
N ARG A 3997 -12.67 17.21 -42.65
CA ARG A 3997 -11.57 16.33 -43.05
C ARG A 3997 -10.49 16.39 -41.96
N PRO A 3998 -10.63 15.59 -40.91
CA PRO A 3998 -9.65 15.64 -39.81
C PRO A 3998 -8.29 15.05 -40.16
N ASP A 3999 -8.17 14.32 -41.29
CA ASP A 3999 -6.92 13.68 -41.69
C ASP A 3999 -5.83 14.71 -41.94
N ARG A 4000 -6.17 15.86 -42.49
CA ARG A 4000 -5.23 16.94 -42.73
C ARG A 4000 -5.12 17.89 -41.56
N LEU A 4001 -5.84 17.62 -40.45
CA LEU A 4001 -6.05 18.59 -39.39
C LEU A 4001 -4.73 19.03 -38.75
N LEU A 4002 -3.83 18.07 -38.51
CA LEU A 4002 -2.51 18.36 -37.95
C LEU A 4002 -1.74 19.32 -38.83
N ALA A 4003 -1.77 19.09 -40.15
CA ALA A 4003 -1.12 19.99 -41.09
C ALA A 4003 -1.72 21.38 -41.04
N MET A 4004 -3.06 21.44 -40.86
CA MET A 4004 -3.74 22.72 -40.73
C MET A 4004 -3.26 23.45 -39.48
N ALA A 4005 -2.97 22.71 -38.42
CA ALA A 4005 -2.45 23.32 -37.19
C ALA A 4005 -1.13 24.04 -37.43
N HIS A 4006 -0.30 23.50 -38.34
CA HIS A 4006 0.95 24.17 -38.70
C HIS A 4006 0.68 25.54 -39.31
N MET A 4007 -0.34 25.62 -40.18
CA MET A 4007 -0.70 26.90 -40.79
C MET A 4007 -1.22 27.87 -39.76
N PHE A 4008 -1.85 27.35 -38.69
CA PHE A 4008 -2.28 28.21 -37.59
C PHE A 4008 -1.09 28.86 -36.90
N VAL A 4009 -0.01 28.10 -36.72
CA VAL A 4009 1.22 28.68 -36.19
C VAL A 4009 1.81 29.66 -37.17
N SER A 4010 1.65 29.38 -38.47
CA SER A 4010 2.06 30.33 -39.51
C SER A 4010 1.24 31.61 -39.46
N THR A 4011 0.03 31.56 -38.90
CA THR A 4011 -0.73 32.79 -38.72
C THR A 4011 -0.26 33.56 -37.47
N ASN A 4012 0.34 32.87 -36.51
CA ASN A 4012 0.66 33.51 -35.23
C ASN A 4012 2.12 33.91 -35.10
N LEU A 4013 3.04 32.95 -35.21
CA LEU A 4013 4.45 33.22 -34.94
C LEU A 4013 5.34 32.99 -36.15
N GLY A 4014 4.89 33.39 -37.33
CA GLY A 4014 5.72 33.39 -38.52
C GLY A 4014 5.73 32.03 -39.20
N GLU A 4015 6.11 32.05 -40.47
CA GLU A 4015 6.18 30.83 -41.27
C GLU A 4015 7.40 29.99 -40.91
N SER A 4016 8.48 30.63 -40.47
CA SER A 4016 9.75 29.96 -40.21
C SER A 4016 9.87 29.47 -38.77
N PHE A 4017 8.75 29.23 -38.09
CA PHE A 4017 8.81 28.91 -36.67
C PHE A 4017 9.28 27.48 -36.44
N MET A 4018 8.65 26.51 -37.11
CA MET A 4018 9.13 25.13 -37.04
C MET A 4018 10.16 24.83 -38.12
N SER A 4019 10.82 25.84 -38.67
CA SER A 4019 11.72 25.61 -39.79
C SER A 4019 13.08 25.08 -39.37
N ILE A 4020 13.38 25.05 -38.07
CA ILE A 4020 14.67 24.55 -37.62
C ILE A 4020 14.63 23.06 -37.30
N MET A 4021 13.45 22.44 -37.32
CA MET A 4021 13.36 21.00 -37.03
C MET A 4021 13.93 20.16 -38.17
N GLU A 4022 13.57 20.48 -39.42
CA GLU A 4022 13.96 19.65 -40.57
C GLU A 4022 15.32 20.05 -41.13
N GLN A 4023 16.28 20.17 -40.23
CA GLN A 4023 17.65 20.52 -40.51
C GLN A 4023 18.52 19.61 -39.66
N PRO A 4024 19.77 19.36 -40.05
CA PRO A 4024 20.67 18.62 -39.16
C PRO A 4024 20.96 19.40 -37.89
N LEU A 4025 21.16 18.66 -36.80
CA LEU A 4025 21.20 19.24 -35.47
C LEU A 4025 22.49 20.02 -35.25
N ASP A 4026 22.35 21.27 -34.84
CA ASP A 4026 23.50 22.16 -34.63
C ASP A 4026 24.10 21.86 -33.26
N LEU A 4027 24.89 20.79 -33.22
CA LEU A 4027 25.51 20.37 -31.97
C LEU A 4027 26.65 21.29 -31.55
N THR A 4028 27.31 21.92 -32.53
CA THR A 4028 28.51 22.72 -32.28
C THR A 4028 28.20 23.93 -31.39
N HIS A 4029 27.21 24.72 -31.78
CA HIS A 4029 26.82 25.92 -31.05
C HIS A 4029 26.30 25.57 -29.66
N ILE A 4030 25.57 24.45 -29.55
CA ILE A 4030 24.96 24.08 -28.28
C ILE A 4030 26.02 23.60 -27.28
N VAL A 4031 26.92 22.72 -27.72
CA VAL A 4031 27.94 22.22 -26.79
C VAL A 4031 29.10 23.17 -26.62
N GLY A 4032 29.20 24.23 -27.43
CA GLY A 4032 30.23 25.21 -27.20
C GLY A 4032 29.75 26.41 -26.41
N THR A 4033 28.45 26.71 -26.50
CA THR A 4033 27.90 27.91 -25.89
C THR A 4033 26.81 27.61 -24.88
N GLU A 4034 25.84 26.76 -25.21
CA GLU A 4034 24.61 26.64 -24.45
C GLU A 4034 24.68 25.63 -23.31
N VAL A 4035 25.79 24.93 -23.14
CA VAL A 4035 25.89 23.85 -22.17
C VAL A 4035 26.89 24.24 -21.10
N LYS A 4036 26.42 24.32 -19.86
CA LYS A 4036 27.31 24.50 -18.72
C LYS A 4036 28.11 23.22 -18.48
N PRO A 4037 29.37 23.33 -18.05
CA PRO A 4037 30.21 22.13 -17.93
C PRO A 4037 29.80 21.17 -16.83
N ASN A 4038 28.99 21.59 -15.88
CA ASN A 4038 28.43 20.69 -14.88
C ASN A 4038 27.13 20.05 -15.32
N THR A 4039 26.64 20.39 -16.52
CA THR A 4039 25.41 19.83 -17.04
C THR A 4039 25.74 18.78 -18.09
N PRO A 4040 25.47 17.49 -17.83
CA PRO A 4040 25.72 16.48 -18.87
C PRO A 4040 24.68 16.56 -19.98
N VAL A 4041 25.13 16.30 -21.20
CA VAL A 4041 24.26 16.33 -22.37
C VAL A 4041 23.62 14.97 -22.53
N LEU A 4042 22.30 14.92 -22.45
CA LEU A 4042 21.56 13.67 -22.51
C LEU A 4042 21.08 13.45 -23.95
N MET A 4043 21.48 12.33 -24.54
CA MET A 4043 21.10 11.98 -25.91
C MET A 4043 20.20 10.76 -25.84
N CYS A 4044 18.89 10.98 -25.87
CA CYS A 4044 17.91 9.92 -25.70
C CYS A 4044 17.38 9.51 -27.08
N SER A 4045 17.68 8.28 -27.47
CA SER A 4045 17.21 7.72 -28.74
C SER A 4045 16.21 6.61 -28.48
N VAL A 4046 15.52 6.19 -29.53
CA VAL A 4046 14.60 5.06 -29.43
C VAL A 4046 15.43 3.78 -29.40
N PRO A 4047 14.93 2.67 -28.86
CA PRO A 4047 15.70 1.42 -28.90
C PRO A 4047 15.91 0.92 -30.32
N GLY A 4048 17.07 0.32 -30.55
CA GLY A 4048 17.47 -0.08 -31.89
C GLY A 4048 18.06 1.04 -32.72
N TYR A 4049 18.26 2.22 -32.14
CA TYR A 4049 18.84 3.35 -32.82
C TYR A 4049 19.91 3.97 -31.95
N ASP A 4050 20.95 4.50 -32.56
CA ASP A 4050 22.07 5.10 -31.85
C ASP A 4050 22.37 6.48 -32.43
N ALA A 4051 22.93 7.35 -31.57
CA ALA A 4051 23.26 8.71 -31.96
C ALA A 4051 24.68 9.12 -31.57
N SER A 4052 25.53 8.16 -31.18
CA SER A 4052 26.89 8.49 -30.77
C SER A 4052 27.78 8.83 -31.96
N GLY A 4053 27.35 8.50 -33.18
CA GLY A 4053 28.07 8.93 -34.37
C GLY A 4053 28.09 10.44 -34.52
N HIS A 4054 27.02 11.10 -34.06
CA HIS A 4054 27.01 12.56 -34.01
C HIS A 4054 28.09 13.09 -33.07
N VAL A 4055 28.27 12.43 -31.93
CA VAL A 4055 29.31 12.83 -30.97
C VAL A 4055 30.69 12.63 -31.57
N GLU A 4056 30.91 11.50 -32.24
CA GLU A 4056 32.22 11.26 -32.85
C GLU A 4056 32.50 12.21 -34.02
N ASP A 4057 31.46 12.55 -34.79
CA ASP A 4057 31.62 13.53 -35.86
C ASP A 4057 31.94 14.92 -35.30
N LEU A 4058 31.29 15.30 -34.20
CA LEU A 4058 31.59 16.57 -33.55
C LEU A 4058 32.99 16.58 -32.95
N ALA A 4059 33.42 15.47 -32.37
CA ALA A 4059 34.76 15.39 -31.80
C ALA A 4059 35.83 15.42 -32.88
N ALA A 4060 35.52 14.87 -34.06
CA ALA A 4060 36.44 15.00 -35.19
C ALA A 4060 36.47 16.43 -35.73
N GLU A 4061 35.30 17.08 -35.81
CA GLU A 4061 35.23 18.41 -36.43
C GLU A 4061 35.82 19.48 -35.52
N GLN A 4062 35.47 19.48 -34.23
CA GLN A 4062 35.90 20.54 -33.32
C GLN A 4062 37.31 20.34 -32.81
N ASN A 4063 37.93 19.20 -33.14
CA ASN A 4063 39.29 18.80 -32.72
C ASN A 4063 39.34 18.80 -31.18
N THR A 4064 38.64 17.83 -30.60
CA THR A 4064 38.61 17.62 -29.17
C THR A 4064 38.75 16.14 -28.87
N GLN A 4065 39.65 15.80 -27.95
CA GLN A 4065 39.82 14.41 -27.57
C GLN A 4065 38.62 13.92 -26.77
N ILE A 4066 38.20 12.68 -27.06
CA ILE A 4066 37.00 12.10 -26.46
C ILE A 4066 37.35 10.75 -25.88
N THR A 4067 36.96 10.52 -24.63
CA THR A 4067 37.02 9.21 -24.00
C THR A 4067 35.62 8.59 -24.09
N SER A 4068 35.48 7.59 -24.95
CA SER A 4068 34.21 6.91 -25.17
C SER A 4068 34.17 5.63 -24.35
N ILE A 4069 33.18 5.51 -23.47
CA ILE A 4069 33.06 4.36 -22.59
C ILE A 4069 31.61 3.85 -22.67
N ALA A 4070 31.45 2.60 -23.02
CA ALA A 4070 30.17 1.92 -22.84
C ALA A 4070 30.16 1.26 -21.47
N ILE A 4071 28.97 1.18 -20.87
CA ILE A 4071 28.83 0.72 -19.50
C ILE A 4071 28.07 -0.60 -19.49
N GLY A 4072 28.65 -1.61 -18.86
CA GLY A 4072 27.94 -2.86 -18.65
C GLY A 4072 28.07 -3.49 -17.27
N SER A 4073 29.03 -3.04 -16.46
CA SER A 4073 29.32 -3.71 -15.18
C SER A 4073 30.07 -2.74 -14.27
N ALA A 4074 30.62 -3.28 -13.18
CA ALA A 4074 31.37 -2.48 -12.22
C ALA A 4074 32.72 -2.02 -12.75
N GLU A 4075 33.30 -2.75 -13.70
CA GLU A 4075 34.47 -2.26 -14.40
C GLU A 4075 34.14 -0.99 -15.19
N GLY A 4076 32.95 -0.95 -15.78
CA GLY A 4076 32.48 0.27 -16.40
C GLY A 4076 32.28 1.40 -15.41
N PHE A 4077 31.82 1.06 -14.19
CA PHE A 4077 31.71 2.05 -13.12
C PHE A 4077 33.05 2.67 -12.79
N ASN A 4078 34.07 1.81 -12.62
CA ASN A 4078 35.41 2.27 -12.27
C ASN A 4078 36.04 3.10 -13.39
N GLN A 4079 35.92 2.63 -14.64
CA GLN A 4079 36.52 3.35 -15.76
C GLN A 4079 35.80 4.68 -16.02
N ALA A 4080 34.48 4.72 -15.87
CA ALA A 4080 33.74 5.95 -16.05
C ALA A 4080 34.06 6.96 -14.96
N ASP A 4081 34.21 6.51 -13.71
CA ASP A 4081 34.54 7.43 -12.63
C ASP A 4081 35.98 7.94 -12.77
N LYS A 4082 36.91 7.07 -13.21
CA LYS A 4082 38.28 7.52 -13.43
C LYS A 4082 38.36 8.52 -14.59
N ALA A 4083 37.61 8.26 -15.67
CA ALA A 4083 37.60 9.17 -16.80
C ALA A 4083 36.98 10.52 -16.44
N ILE A 4084 35.89 10.52 -15.67
CA ILE A 4084 35.29 11.79 -15.29
C ILE A 4084 36.16 12.53 -14.28
N ASN A 4085 36.88 11.81 -13.41
CA ASN A 4085 37.76 12.48 -12.45
C ASN A 4085 39.02 13.02 -13.10
N THR A 4086 39.45 12.45 -14.22
CA THR A 4086 40.58 13.05 -14.93
C THR A 4086 40.14 14.20 -15.84
N ALA A 4087 39.03 14.03 -16.55
CA ALA A 4087 38.57 15.06 -17.46
C ALA A 4087 37.88 16.23 -16.76
N VAL A 4088 37.52 16.08 -15.47
CA VAL A 4088 36.95 17.18 -14.73
C VAL A 4088 38.01 18.24 -14.42
N LYS A 4089 39.28 17.88 -14.49
CA LYS A 4089 40.38 18.82 -14.39
C LYS A 4089 41.03 19.12 -15.73
N SER A 4090 41.19 18.11 -16.59
CA SER A 4090 41.86 18.34 -17.87
C SER A 4090 41.01 19.10 -18.88
N GLY A 4091 39.68 19.12 -18.69
CA GLY A 4091 38.82 19.80 -19.64
C GLY A 4091 38.58 19.06 -20.93
N ARG A 4092 38.73 17.74 -20.93
CA ARG A 4092 38.53 16.93 -22.12
C ARG A 4092 37.04 16.62 -22.29
N TRP A 4093 36.72 15.69 -23.19
CA TRP A 4093 35.35 15.27 -23.44
C TRP A 4093 35.19 13.80 -23.09
N VAL A 4094 34.10 13.46 -22.41
CA VAL A 4094 33.85 12.08 -21.99
C VAL A 4094 32.42 11.71 -22.36
N MET A 4095 32.24 10.59 -23.06
CA MET A 4095 30.93 10.07 -23.41
C MET A 4095 30.73 8.72 -22.75
N LEU A 4096 29.58 8.54 -22.11
CA LEU A 4096 29.12 7.25 -21.61
C LEU A 4096 27.91 6.81 -22.43
N LYS A 4097 27.98 5.59 -22.96
CA LYS A 4097 26.99 5.06 -23.88
C LYS A 4097 26.16 3.96 -23.22
N ASN A 4098 24.84 4.00 -23.49
CA ASN A 4098 23.87 3.01 -23.02
C ASN A 4098 23.85 2.90 -21.49
N VAL A 4099 23.63 4.06 -20.85
CA VAL A 4099 23.76 4.17 -19.40
C VAL A 4099 22.41 3.92 -18.71
N HIS A 4100 21.38 3.57 -19.47
CA HIS A 4100 20.09 3.21 -18.89
C HIS A 4100 20.09 1.87 -18.16
N LEU A 4101 21.17 1.09 -18.28
CA LEU A 4101 21.24 -0.22 -17.66
C LEU A 4101 21.43 -0.17 -16.16
N ALA A 4102 22.04 0.90 -15.64
CA ALA A 4102 22.35 1.01 -14.21
C ALA A 4102 21.75 2.31 -13.69
N PRO A 4103 20.50 2.30 -13.24
CA PRO A 4103 19.84 3.55 -12.81
C PRO A 4103 20.32 4.05 -11.46
N GLY A 4104 20.61 3.13 -10.53
CA GLY A 4104 21.13 3.54 -9.23
C GLY A 4104 22.51 4.15 -9.31
N TRP A 4105 23.38 3.58 -10.15
CA TRP A 4105 24.68 4.19 -10.39
C TRP A 4105 24.56 5.51 -11.12
N LEU A 4106 23.54 5.67 -11.96
CA LEU A 4106 23.26 6.98 -12.55
C LEU A 4106 22.78 8.00 -11.52
N MET A 4107 21.98 7.57 -10.55
CA MET A 4107 21.61 8.44 -9.43
C MET A 4107 22.84 8.87 -8.65
N GLN A 4108 23.75 7.94 -8.39
CA GLN A 4108 25.01 8.25 -7.73
C GLN A 4108 25.87 9.20 -8.56
N LEU A 4109 25.90 8.99 -9.88
CA LEU A 4109 26.68 9.87 -10.76
C LEU A 4109 26.11 11.28 -10.80
N GLU A 4110 24.78 11.42 -10.77
CA GLU A 4110 24.18 12.74 -10.75
C GLU A 4110 24.45 13.45 -9.43
N LYS A 4111 24.41 12.71 -8.33
CA LYS A 4111 24.73 13.28 -7.03
C LYS A 4111 26.22 13.66 -6.94
N LYS A 4112 27.09 12.91 -7.62
CA LYS A 4112 28.49 13.32 -7.73
C LYS A 4112 28.64 14.56 -8.58
N LEU A 4113 27.88 14.65 -9.68
CA LEU A 4113 28.01 15.77 -10.61
C LEU A 4113 27.48 17.07 -10.02
N HIS A 4114 26.51 16.98 -9.11
CA HIS A 4114 25.98 18.19 -8.48
C HIS A 4114 26.99 18.89 -7.58
N SER A 4115 27.93 18.15 -7.02
CA SER A 4115 28.99 18.74 -6.19
C SER A 4115 30.27 19.00 -6.97
N LEU A 4116 30.26 18.77 -8.28
CA LEU A 4116 31.47 18.90 -9.08
C LEU A 4116 31.67 20.34 -9.53
N GLN A 4117 32.92 20.74 -9.61
CA GLN A 4117 33.32 22.06 -10.13
C GLN A 4117 34.30 21.78 -11.28
N PRO A 4118 33.81 21.68 -12.50
CA PRO A 4118 34.64 21.23 -13.61
C PRO A 4118 35.36 22.36 -14.33
N HIS A 4119 36.26 21.96 -15.22
CA HIS A 4119 36.89 22.90 -16.14
C HIS A 4119 35.86 23.44 -17.11
N ALA A 4120 36.08 24.67 -17.59
CA ALA A 4120 35.08 25.42 -18.34
C ALA A 4120 34.78 24.84 -19.72
N CYS A 4121 35.58 23.90 -20.21
CA CYS A 4121 35.32 23.26 -21.50
C CYS A 4121 35.19 21.75 -21.40
N PHE A 4122 35.10 21.21 -20.18
CA PHE A 4122 34.85 19.79 -20.02
C PHE A 4122 33.39 19.48 -20.31
N ARG A 4123 33.17 18.53 -21.22
CA ARG A 4123 31.82 18.14 -21.63
C ARG A 4123 31.63 16.64 -21.41
N LEU A 4124 30.53 16.28 -20.78
CA LEU A 4124 30.16 14.90 -20.53
C LEU A 4124 28.84 14.61 -21.23
N PHE A 4125 28.85 13.60 -22.09
CA PHE A 4125 27.66 13.15 -22.79
C PHE A 4125 27.21 11.81 -22.22
N LEU A 4126 25.90 11.66 -22.03
CA LEU A 4126 25.29 10.40 -21.66
C LEU A 4126 24.29 10.05 -22.75
N THR A 4127 24.60 9.01 -23.52
CA THR A 4127 23.70 8.53 -24.57
C THR A 4127 22.93 7.34 -24.05
N MET A 4128 21.61 7.39 -24.19
CA MET A 4128 20.74 6.39 -23.59
C MET A 4128 19.56 6.13 -24.51
N GLU A 4129 18.91 5.00 -24.26
CA GLU A 4129 17.64 4.68 -24.90
C GLU A 4129 16.51 5.38 -24.16
N ILE A 4130 15.46 5.72 -24.89
CA ILE A 4130 14.27 6.27 -24.25
C ILE A 4130 13.61 5.14 -23.48
N ASN A 4131 13.70 5.21 -22.15
CA ASN A 4131 13.28 4.15 -21.27
C ASN A 4131 12.88 4.80 -19.95
N PRO A 4132 11.75 4.41 -19.36
CA PRO A 4132 11.34 5.01 -18.09
C PRO A 4132 12.07 4.47 -16.87
N LYS A 4133 13.12 3.67 -17.04
CA LYS A 4133 13.95 3.23 -15.94
C LYS A 4133 14.94 4.30 -15.49
N VAL A 4134 15.09 5.37 -16.27
CA VAL A 4134 16.00 6.48 -15.93
C VAL A 4134 15.39 7.27 -14.77
N PRO A 4135 16.20 7.78 -13.83
CA PRO A 4135 15.67 8.67 -12.80
C PRO A 4135 15.21 9.99 -13.39
N VAL A 4136 14.25 10.60 -12.70
CA VAL A 4136 13.62 11.82 -13.19
C VAL A 4136 14.53 13.03 -12.99
N ASN A 4137 15.41 12.99 -11.99
CA ASN A 4137 16.23 14.15 -11.68
C ASN A 4137 17.34 14.38 -12.68
N LEU A 4138 17.82 13.34 -13.36
CA LEU A 4138 18.82 13.54 -14.41
C LEU A 4138 18.22 14.24 -15.62
N LEU A 4139 17.00 13.86 -16.01
CA LEU A 4139 16.29 14.57 -17.06
C LEU A 4139 15.91 15.97 -16.61
N ARG A 4140 15.70 16.16 -15.30
CA ARG A 4140 15.51 17.50 -14.77
C ARG A 4140 16.79 18.31 -14.84
N ALA A 4141 17.93 17.70 -14.52
CA ALA A 4141 19.21 18.41 -14.40
C ALA A 4141 20.13 18.14 -15.59
N GLY A 4142 19.59 18.05 -16.80
CA GLY A 4142 20.42 17.82 -17.97
C GLY A 4142 19.83 18.48 -19.19
N ARG A 4143 20.56 18.38 -20.29
CA ARG A 4143 20.11 18.87 -21.58
C ARG A 4143 19.62 17.69 -22.41
N ILE A 4144 18.35 17.72 -22.79
CA ILE A 4144 17.69 16.58 -23.44
C ILE A 4144 17.83 16.73 -24.95
N PHE A 4145 18.14 15.63 -25.62
CA PHE A 4145 18.13 15.59 -27.08
C PHE A 4145 17.51 14.29 -27.54
N VAL A 4146 16.52 14.39 -28.44
CA VAL A 4146 15.76 13.26 -28.93
C VAL A 4146 16.22 12.96 -30.35
N PHE A 4147 16.60 11.70 -30.60
CA PHE A 4147 17.10 11.27 -31.90
C PHE A 4147 16.23 10.13 -32.42
N GLU A 4148 15.35 10.45 -33.36
CA GLU A 4148 14.51 9.47 -34.03
C GLU A 4148 15.04 9.16 -35.41
N PRO A 4149 14.89 7.92 -35.89
CA PRO A 4149 15.27 7.63 -37.28
C PRO A 4149 14.31 8.30 -38.25
N PRO A 4150 14.77 8.65 -39.44
CA PRO A 4150 13.88 9.25 -40.43
C PRO A 4150 12.89 8.24 -40.97
N PRO A 4151 11.60 8.55 -40.96
CA PRO A 4151 10.60 7.60 -41.44
C PRO A 4151 10.64 7.46 -42.96
N GLY A 4152 10.48 6.25 -43.43
CA GLY A 4152 10.52 5.95 -44.85
C GLY A 4152 11.19 4.61 -45.09
N VAL A 4153 10.82 3.96 -46.20
CA VAL A 4153 11.40 2.68 -46.56
C VAL A 4153 12.86 2.85 -46.96
N LYS A 4154 13.14 3.88 -47.76
CA LYS A 4154 14.46 4.08 -48.37
C LYS A 4154 15.53 4.32 -47.33
N ALA A 4155 15.23 5.13 -46.31
CA ALA A 4155 16.19 5.40 -45.24
C ALA A 4155 16.49 4.14 -44.44
N ASN A 4156 15.48 3.29 -44.25
CA ASN A 4156 15.71 1.99 -43.60
C ASN A 4156 16.62 1.11 -44.43
N MET A 4157 16.48 1.16 -45.76
CA MET A 4157 17.40 0.40 -46.61
C MET A 4157 18.81 0.94 -46.54
N LEU A 4158 18.97 2.27 -46.48
CA LEU A 4158 20.31 2.86 -46.33
C LEU A 4158 20.96 2.45 -45.02
N ARG A 4159 20.19 2.46 -43.92
CA ARG A 4159 20.74 2.08 -42.62
C ARG A 4159 21.08 0.59 -42.58
N THR A 4160 20.24 -0.25 -43.20
CA THR A 4160 20.53 -1.67 -43.26
C THR A 4160 21.78 -1.96 -44.08
N PHE A 4161 21.93 -1.29 -45.22
CA PHE A 4161 23.10 -1.53 -46.06
C PHE A 4161 24.37 -0.94 -45.46
N SER A 4162 24.23 0.15 -44.69
CA SER A 4162 25.37 0.70 -43.98
C SER A 4162 25.80 -0.19 -42.82
N SER A 4163 24.86 -0.88 -42.19
CA SER A 4163 25.18 -1.74 -41.05
C SER A 4163 26.03 -2.93 -41.46
N ILE A 4164 25.70 -3.57 -42.57
CA ILE A 4164 26.41 -4.79 -42.98
C ILE A 4164 27.75 -4.40 -43.60
N PRO A 4165 28.85 -5.05 -43.21
CA PRO A 4165 30.13 -4.81 -43.89
C PRO A 4165 30.11 -5.32 -45.32
N VAL A 4166 30.91 -4.67 -46.16
CA VAL A 4166 30.97 -5.02 -47.57
C VAL A 4166 31.73 -6.32 -47.81
N SER A 4167 32.64 -6.69 -46.90
CA SER A 4167 33.47 -7.87 -47.10
C SER A 4167 32.67 -9.16 -46.97
N ARG A 4168 31.66 -9.18 -46.09
CA ARG A 4168 30.79 -10.35 -45.99
C ARG A 4168 29.87 -10.45 -47.21
N ILE A 4169 29.35 -9.32 -47.67
CA ILE A 4169 28.39 -9.31 -48.77
C ILE A 4169 29.06 -9.70 -50.08
N CYS A 4170 30.28 -9.22 -50.32
CA CYS A 4170 30.98 -9.48 -51.57
C CYS A 4170 31.64 -10.85 -51.66
N LYS A 4171 31.29 -11.79 -50.79
CA LYS A 4171 31.88 -13.11 -50.81
C LYS A 4171 31.30 -13.97 -51.94
N SER A 4172 31.88 -15.14 -52.12
CA SER A 4172 31.35 -16.09 -53.08
C SER A 4172 30.21 -16.89 -52.44
N PRO A 4173 29.14 -17.22 -53.19
CA PRO A 4173 28.87 -16.92 -54.60
C PRO A 4173 28.36 -15.51 -54.85
N ASN A 4174 28.26 -15.10 -56.12
CA ASN A 4174 27.87 -13.72 -56.42
C ASN A 4174 26.39 -13.45 -56.21
N GLU A 4175 25.57 -14.49 -56.11
CA GLU A 4175 24.13 -14.27 -55.97
C GLU A 4175 23.74 -13.80 -54.58
N ARG A 4176 24.60 -14.05 -53.58
CA ARG A 4176 24.22 -13.85 -52.17
C ARG A 4176 23.92 -12.39 -51.86
N ALA A 4177 24.64 -11.46 -52.51
CA ALA A 4177 24.40 -10.04 -52.32
C ALA A 4177 23.01 -9.66 -52.79
N ARG A 4178 22.57 -10.26 -53.91
CA ARG A 4178 21.22 -10.08 -54.39
C ARG A 4178 20.22 -10.52 -53.34
N LEU A 4179 20.47 -11.67 -52.71
CA LEU A 4179 19.62 -12.17 -51.64
C LEU A 4179 19.63 -11.22 -50.46
N TYR A 4180 20.79 -10.64 -50.18
CA TYR A 4180 20.91 -9.67 -49.09
C TYR A 4180 20.04 -8.47 -49.35
N PHE A 4181 19.98 -8.02 -50.62
CA PHE A 4181 19.12 -6.91 -50.99
C PHE A 4181 17.67 -7.26 -50.73
N LEU A 4182 17.27 -8.48 -51.08
CA LEU A 4182 15.91 -8.94 -50.80
C LEU A 4182 15.67 -8.99 -49.31
N LEU A 4183 16.68 -9.45 -48.56
CA LEU A 4183 16.57 -9.50 -47.10
C LEU A 4183 16.43 -8.09 -46.55
N ALA A 4184 17.20 -7.15 -47.12
CA ALA A 4184 17.11 -5.76 -46.71
C ALA A 4184 15.73 -5.21 -47.03
N TRP A 4185 15.19 -5.60 -48.19
CA TRP A 4185 13.85 -5.16 -48.57
C TRP A 4185 12.82 -5.71 -47.61
N PHE A 4186 13.02 -6.95 -47.15
CA PHE A 4186 12.10 -7.53 -46.18
C PHE A 4186 12.16 -6.76 -44.87
N HIS A 4187 13.35 -6.35 -44.46
CA HIS A 4187 13.44 -5.58 -43.22
C HIS A 4187 12.92 -4.17 -43.38
N ALA A 4188 12.75 -3.70 -44.62
CA ALA A 4188 11.97 -2.49 -44.79
C ALA A 4188 10.48 -2.79 -44.75
N ILE A 4189 10.07 -3.86 -45.44
CA ILE A 4189 8.69 -4.02 -45.89
C ILE A 4189 7.72 -4.30 -44.75
N ILE A 4190 8.22 -4.64 -43.56
CA ILE A 4190 7.37 -4.77 -42.40
C ILE A 4190 7.62 -3.67 -41.36
N GLN A 4191 8.82 -3.08 -41.33
CA GLN A 4191 9.15 -2.16 -40.25
C GLN A 4191 8.40 -0.85 -40.40
N GLU A 4192 8.29 -0.35 -41.64
CA GLU A 4192 7.39 0.77 -41.91
C GLU A 4192 5.93 0.37 -41.69
N ARG A 4193 5.62 -0.92 -41.86
CA ARG A 4193 4.31 -1.44 -41.49
C ARG A 4193 4.06 -1.32 -40.00
N LEU A 4194 5.13 -1.38 -39.19
CA LEU A 4194 5.00 -1.14 -37.76
C LEU A 4194 4.59 0.30 -37.44
N ARG A 4195 4.78 1.23 -38.38
CA ARG A 4195 4.27 2.58 -38.22
C ARG A 4195 2.75 2.65 -38.40
N TYR A 4196 2.14 1.63 -39.00
CA TYR A 4196 0.73 1.68 -39.36
C TYR A 4196 -0.11 0.71 -38.55
N ALA A 4197 0.22 0.57 -37.27
CA ALA A 4197 -0.63 -0.16 -36.35
C ALA A 4197 -1.91 0.64 -36.12
N PRO A 4198 -3.07 -0.03 -35.95
CA PRO A 4198 -3.32 -1.47 -35.92
C PRO A 4198 -3.63 -2.05 -37.29
N LEU A 4199 -3.43 -1.31 -38.37
CA LEU A 4199 -3.73 -1.85 -39.70
C LEU A 4199 -2.58 -2.69 -40.23
N GLY A 4200 -1.34 -2.24 -40.04
CA GLY A 4200 -0.20 -2.99 -40.53
C GLY A 4200 0.04 -4.26 -39.75
N TRP A 4201 -0.05 -4.18 -38.43
CA TRP A 4201 0.07 -5.33 -37.56
C TRP A 4201 -0.93 -5.21 -36.44
N SER A 4202 -1.18 -6.31 -35.74
CA SER A 4202 -2.08 -6.27 -34.60
C SER A 4202 -1.47 -5.49 -33.43
N LYS A 4203 -0.17 -5.58 -33.25
CA LYS A 4203 0.51 -4.85 -32.19
C LYS A 4203 1.92 -4.52 -32.65
N LYS A 4204 2.53 -3.53 -32.00
CA LYS A 4204 3.84 -3.04 -32.40
C LYS A 4204 4.90 -4.01 -31.89
N TYR A 4205 5.31 -4.93 -32.76
CA TYR A 4205 6.28 -5.95 -32.40
C TYR A 4205 7.69 -5.37 -32.33
N GLU A 4206 8.60 -6.15 -31.77
CA GLU A 4206 9.98 -5.74 -31.54
C GLU A 4206 10.91 -6.30 -32.62
N PHE A 4207 10.68 -5.89 -33.87
CA PHE A 4207 11.53 -6.33 -34.98
C PHE A 4207 12.75 -5.42 -35.02
N GLY A 4208 13.82 -5.87 -34.38
CA GLY A 4208 15.01 -5.07 -34.17
C GLY A 4208 16.19 -5.53 -34.99
N GLU A 4209 17.37 -5.07 -34.58
CA GLU A 4209 18.61 -5.34 -35.29
C GLU A 4209 19.06 -6.79 -35.16
N SER A 4210 18.78 -7.42 -34.01
CA SER A 4210 19.21 -8.79 -33.79
C SER A 4210 18.51 -9.77 -34.72
N ASP A 4211 17.26 -9.46 -35.12
CA ASP A 4211 16.58 -10.25 -36.13
C ASP A 4211 17.28 -10.15 -37.48
N LEU A 4212 17.75 -8.95 -37.84
CA LEU A 4212 18.52 -8.77 -39.06
C LEU A 4212 19.83 -9.54 -39.02
N ARG A 4213 20.52 -9.49 -37.88
CA ARG A 4213 21.80 -10.19 -37.76
C ARG A 4213 21.63 -11.70 -37.82
N SER A 4214 20.58 -12.22 -37.18
CA SER A 4214 20.32 -13.65 -37.22
C SER A 4214 19.87 -14.11 -38.61
N ALA A 4215 19.10 -13.27 -39.30
CA ALA A 4215 18.70 -13.58 -40.67
C ALA A 4215 19.90 -13.61 -41.61
N CYS A 4216 20.83 -12.67 -41.43
CA CYS A 4216 22.06 -12.67 -42.21
C CYS A 4216 22.91 -13.90 -41.89
N ASP A 4217 22.95 -14.29 -40.62
CA ASP A 4217 23.72 -15.47 -40.22
C ASP A 4217 23.14 -16.76 -40.82
N THR A 4218 21.82 -16.91 -40.80
CA THR A 4218 21.26 -18.15 -41.35
C THR A 4218 21.31 -18.15 -42.87
N VAL A 4219 21.22 -16.99 -43.52
CA VAL A 4219 21.39 -16.91 -44.96
C VAL A 4219 22.82 -17.27 -45.35
N ASP A 4220 23.79 -16.76 -44.58
CA ASP A 4220 25.19 -17.07 -44.85
C ASP A 4220 25.49 -18.55 -44.63
N THR A 4221 24.96 -19.13 -43.56
CA THR A 4221 25.21 -20.55 -43.28
C THR A 4221 24.57 -21.45 -44.33
N TRP A 4222 23.34 -21.13 -44.76
CA TRP A 4222 22.66 -21.95 -45.76
C TRP A 4222 23.31 -21.80 -47.13
N LEU A 4223 23.76 -20.60 -47.48
CA LEU A 4223 24.44 -20.43 -48.77
C LEU A 4223 25.82 -21.06 -48.77
N ASP A 4224 26.52 -21.06 -47.63
CA ASP A 4224 27.79 -21.77 -47.55
C ASP A 4224 27.60 -23.28 -47.57
N ASP A 4225 26.48 -23.76 -47.04
CA ASP A 4225 26.20 -25.19 -47.12
C ASP A 4225 25.72 -25.61 -48.49
N THR A 4226 25.10 -24.69 -49.25
CA THR A 4226 24.55 -25.02 -50.56
C THR A 4226 25.56 -24.86 -51.68
N ALA A 4227 26.23 -23.72 -51.74
CA ALA A 4227 27.12 -23.43 -52.85
C ALA A 4227 28.42 -24.20 -52.76
N LYS A 4228 28.85 -24.57 -51.55
CA LYS A 4228 30.12 -25.23 -51.25
C LYS A 4228 31.31 -24.45 -51.79
N GLY A 4229 31.26 -23.13 -51.66
CA GLY A 4229 32.34 -22.26 -52.04
C GLY A 4229 32.43 -21.91 -53.51
N ARG A 4230 31.48 -22.35 -54.33
CA ARG A 4230 31.56 -22.08 -55.76
C ARG A 4230 31.23 -20.62 -56.06
N GLN A 4231 31.71 -20.16 -57.22
CA GLN A 4231 31.50 -18.77 -57.61
C GLN A 4231 30.07 -18.52 -58.06
N ASN A 4232 29.46 -19.48 -58.75
CA ASN A 4232 28.09 -19.33 -59.22
C ASN A 4232 27.30 -20.60 -58.95
N ILE A 4233 26.04 -20.41 -58.56
CA ILE A 4233 25.08 -21.50 -58.42
C ILE A 4233 23.79 -21.06 -59.10
N SER A 4234 22.96 -22.04 -59.44
CA SER A 4234 21.69 -21.76 -60.08
C SER A 4234 20.72 -21.12 -59.08
N PRO A 4235 19.87 -20.19 -59.56
CA PRO A 4235 18.82 -19.65 -58.67
C PRO A 4235 17.80 -20.69 -58.23
N ASP A 4236 17.61 -21.75 -59.00
CA ASP A 4236 16.67 -22.80 -58.60
C ASP A 4236 17.23 -23.69 -57.50
N LYS A 4237 18.55 -23.71 -57.31
CA LYS A 4237 19.16 -24.53 -56.27
C LYS A 4237 19.29 -23.80 -54.94
N ILE A 4238 18.79 -22.57 -54.85
CA ILE A 4238 18.78 -21.85 -53.57
C ILE A 4238 17.72 -22.46 -52.67
N PRO A 4239 18.04 -22.82 -51.42
CA PRO A 4239 17.02 -23.40 -50.54
C PRO A 4239 16.00 -22.37 -50.07
N TRP A 4240 15.01 -22.09 -50.94
CA TRP A 4240 14.02 -21.07 -50.64
C TRP A 4240 13.10 -21.47 -49.50
N SER A 4241 12.75 -22.76 -49.43
CA SER A 4241 11.87 -23.25 -48.37
C SER A 4241 12.56 -23.17 -47.01
N ALA A 4242 13.87 -23.40 -46.97
CA ALA A 4242 14.63 -23.30 -45.72
C ALA A 4242 14.64 -21.87 -45.20
N LEU A 4243 14.89 -20.90 -46.08
CA LEU A 4243 14.87 -19.50 -45.68
C LEU A 4243 13.48 -19.05 -45.27
N LYS A 4244 12.46 -19.44 -46.04
CA LYS A 4244 11.09 -19.04 -45.73
C LYS A 4244 10.61 -19.63 -44.42
N THR A 4245 10.93 -20.90 -44.14
CA THR A 4245 10.51 -21.52 -42.89
C THR A 4245 11.29 -20.96 -41.70
N LEU A 4246 12.62 -20.84 -41.83
CA LEU A 4246 13.41 -20.35 -40.71
C LEU A 4246 13.24 -18.86 -40.46
N MET A 4247 12.68 -18.11 -41.41
CA MET A 4247 12.41 -16.71 -41.14
C MET A 4247 10.92 -16.44 -40.90
N ALA A 4248 10.05 -17.41 -41.17
CA ALA A 4248 8.66 -17.28 -40.74
C ALA A 4248 8.40 -17.92 -39.39
N GLN A 4249 9.29 -18.78 -38.91
CA GLN A 4249 9.03 -19.48 -37.67
C GLN A 4249 10.12 -19.29 -36.62
N SER A 4250 11.37 -19.15 -37.02
CA SER A 4250 12.48 -19.09 -36.07
C SER A 4250 12.94 -17.66 -35.82
N ILE A 4251 13.35 -16.94 -36.86
CA ILE A 4251 13.97 -15.64 -36.67
C ILE A 4251 12.93 -14.56 -36.40
N TYR A 4252 12.03 -14.33 -37.36
CA TYR A 4252 11.13 -13.20 -37.26
C TYR A 4252 9.82 -13.55 -36.57
N GLY A 4253 9.34 -14.78 -36.73
CA GLY A 4253 8.07 -15.20 -36.21
C GLY A 4253 8.04 -15.59 -34.75
N GLY A 4254 9.19 -15.58 -34.08
CA GLY A 4254 9.21 -15.87 -32.65
C GLY A 4254 8.51 -14.79 -31.84
N ARG A 4255 8.64 -13.54 -32.27
CA ARG A 4255 7.92 -12.45 -31.62
C ARG A 4255 6.46 -12.38 -32.01
N VAL A 4256 6.05 -13.13 -33.02
CA VAL A 4256 4.67 -13.12 -33.50
C VAL A 4256 3.87 -14.12 -32.67
N ASP A 4257 2.81 -13.63 -32.03
CA ASP A 4257 1.91 -14.48 -31.27
C ASP A 4257 0.59 -14.72 -31.97
N ASN A 4258 0.03 -13.69 -32.60
CA ASN A 4258 -1.20 -13.82 -33.36
C ASN A 4258 -0.96 -14.67 -34.60
N GLU A 4259 -1.85 -15.63 -34.84
CA GLU A 4259 -1.72 -16.48 -36.02
C GLU A 4259 -2.01 -15.71 -37.31
N PHE A 4260 -2.78 -14.64 -37.24
CA PHE A 4260 -3.09 -13.86 -38.44
C PHE A 4260 -1.88 -13.06 -38.89
N ASP A 4261 -1.11 -12.51 -37.94
CA ASP A 4261 0.15 -11.87 -38.30
C ASP A 4261 1.18 -12.89 -38.78
N GLN A 4262 1.12 -14.12 -38.26
CA GLN A 4262 1.98 -15.18 -38.79
C GLN A 4262 1.61 -15.52 -40.22
N ARG A 4263 0.31 -15.53 -40.53
CA ARG A 4263 -0.15 -15.74 -41.90
C ARG A 4263 0.28 -14.60 -42.80
N LEU A 4264 0.23 -13.36 -42.29
CA LEU A 4264 0.68 -12.20 -43.04
C LEU A 4264 2.17 -12.26 -43.36
N LEU A 4265 2.98 -12.66 -42.36
CA LEU A 4265 4.41 -12.83 -42.55
C LEU A 4265 4.71 -13.95 -43.54
N ASN A 4266 3.95 -15.03 -43.49
CA ASN A 4266 4.17 -16.14 -44.42
C ASN A 4266 3.77 -15.77 -45.84
N THR A 4267 2.71 -14.96 -46.01
CA THR A 4267 2.34 -14.50 -47.34
C THR A 4267 3.40 -13.57 -47.91
N PHE A 4268 3.95 -12.69 -47.07
CA PHE A 4268 5.04 -11.82 -47.52
C PHE A 4268 6.27 -12.63 -47.92
N LEU A 4269 6.61 -13.65 -47.13
CA LEU A 4269 7.78 -14.46 -47.44
C LEU A 4269 7.58 -15.31 -48.69
N GLU A 4270 6.36 -15.81 -48.90
CA GLU A 4270 6.10 -16.57 -50.12
C GLU A 4270 5.95 -15.66 -51.32
N ARG A 4271 5.68 -14.37 -51.11
CA ARG A 4271 5.58 -13.46 -52.23
C ARG A 4271 6.93 -12.86 -52.60
N LEU A 4272 7.90 -12.89 -51.69
CA LEU A 4272 9.20 -12.29 -51.96
C LEU A 4272 10.31 -13.32 -52.21
N PHE A 4273 10.52 -14.22 -51.26
CA PHE A 4273 11.74 -15.05 -51.25
C PHE A 4273 11.54 -16.28 -52.10
N THR A 4274 11.44 -16.08 -53.42
CA THR A 4274 11.31 -17.18 -54.37
C THR A 4274 12.39 -17.07 -55.43
N THR A 4275 12.42 -18.06 -56.33
CA THR A 4275 13.30 -18.00 -57.50
C THR A 4275 12.79 -16.96 -58.50
N ARG A 4276 11.48 -16.73 -58.54
CA ARG A 4276 10.87 -15.76 -59.45
C ARG A 4276 11.34 -14.33 -59.18
N SER A 4277 11.73 -14.03 -57.92
CA SER A 4277 12.33 -12.75 -57.62
C SER A 4277 13.68 -12.55 -58.31
N PHE A 4278 14.41 -13.64 -58.56
CA PHE A 4278 15.67 -13.58 -59.30
C PHE A 4278 15.48 -13.26 -60.77
N ASP A 4279 14.28 -13.41 -61.31
CA ASP A 4279 14.02 -13.01 -62.69
C ASP A 4279 13.99 -11.49 -62.81
N SER A 4280 14.39 -11.00 -63.98
CA SER A 4280 14.54 -9.57 -64.19
C SER A 4280 13.21 -8.83 -64.30
N GLU A 4281 12.10 -9.55 -64.46
CA GLU A 4281 10.80 -8.92 -64.62
C GLU A 4281 9.98 -8.92 -63.34
N PHE A 4282 10.62 -9.15 -62.19
CA PHE A 4282 9.90 -9.21 -60.94
C PHE A 4282 9.47 -7.83 -60.47
N LYS A 4283 8.21 -7.72 -60.06
CA LYS A 4283 7.69 -6.51 -59.45
C LYS A 4283 7.81 -6.66 -57.93
N LEU A 4284 8.60 -5.78 -57.30
CA LEU A 4284 8.75 -5.83 -55.86
C LEU A 4284 7.48 -5.38 -55.15
N ALA A 4285 6.78 -4.41 -55.72
CA ALA A 4285 5.57 -3.88 -55.11
C ALA A 4285 4.59 -3.55 -56.23
N CYS A 4286 3.54 -4.36 -56.36
CA CYS A 4286 2.57 -4.14 -57.40
C CYS A 4286 1.60 -3.04 -57.01
N LYS A 4287 0.93 -2.49 -58.03
CA LYS A 4287 -0.12 -1.43 -57.98
C LYS A 4287 0.22 -0.29 -57.01
N VAL A 4288 1.45 0.20 -57.11
CA VAL A 4288 1.85 1.38 -56.33
C VAL A 4288 1.17 2.60 -56.93
N ASP A 4289 0.40 3.31 -56.10
CA ASP A 4289 -0.50 4.39 -56.51
C ASP A 4289 -1.46 3.94 -57.62
N GLY A 4290 -1.98 2.73 -57.49
CA GLY A 4290 -2.94 2.20 -58.42
C GLY A 4290 -2.37 1.60 -59.68
N HIS A 4291 -1.48 2.31 -60.36
CA HIS A 4291 -1.07 1.88 -61.69
C HIS A 4291 0.44 1.66 -61.81
N LYS A 4292 1.25 2.38 -61.03
CA LYS A 4292 2.69 2.20 -61.16
C LYS A 4292 3.13 0.92 -60.45
N ASP A 4293 4.32 0.47 -60.80
CA ASP A 4293 4.91 -0.73 -60.21
C ASP A 4293 6.37 -0.47 -59.90
N ILE A 4294 6.90 -1.24 -58.97
CA ILE A 4294 8.29 -1.13 -58.55
C ILE A 4294 9.00 -2.40 -58.98
N GLN A 4295 9.91 -2.28 -59.94
CA GLN A 4295 10.64 -3.42 -60.46
C GLN A 4295 12.00 -3.52 -59.79
N MET A 4296 12.41 -4.75 -59.53
CA MET A 4296 13.66 -4.99 -58.83
C MET A 4296 14.83 -4.78 -59.79
N PRO A 4297 15.92 -4.16 -59.33
CA PRO A 4297 17.07 -3.90 -60.20
C PRO A 4297 17.78 -5.19 -60.59
N ASP A 4298 18.49 -5.12 -61.71
CA ASP A 4298 19.07 -6.29 -62.36
C ASP A 4298 20.56 -6.44 -62.10
N GLY A 4299 21.12 -5.72 -61.14
CA GLY A 4299 22.53 -5.81 -60.85
C GLY A 4299 22.90 -7.12 -60.17
N ILE A 4300 24.20 -7.39 -60.13
CA ILE A 4300 24.71 -8.59 -59.49
C ILE A 4300 25.61 -8.20 -58.32
N ARG A 4301 26.24 -7.04 -58.40
CA ARG A 4301 27.11 -6.57 -57.34
C ARG A 4301 26.34 -5.64 -56.40
N ARG A 4302 26.94 -5.39 -55.24
CA ARG A 4302 26.26 -4.65 -54.17
C ARG A 4302 26.04 -3.20 -54.54
N GLU A 4303 27.02 -2.58 -55.22
CA GLU A 4303 26.97 -1.14 -55.51
C GLU A 4303 25.86 -0.78 -56.47
N GLU A 4304 25.47 -1.70 -57.36
CA GLU A 4304 24.30 -1.46 -58.20
C GLU A 4304 23.02 -1.43 -57.37
N PHE A 4305 22.93 -2.29 -56.35
CA PHE A 4305 21.78 -2.25 -55.45
C PHE A 4305 21.76 -0.98 -54.63
N VAL A 4306 22.92 -0.54 -54.15
CA VAL A 4306 23.00 0.70 -53.39
C VAL A 4306 22.63 1.90 -54.27
N GLN A 4307 23.04 1.85 -55.54
CA GLN A 4307 22.68 2.90 -56.49
C GLN A 4307 21.18 2.91 -56.77
N TRP A 4308 20.57 1.74 -56.91
CA TRP A 4308 19.13 1.68 -57.14
C TRP A 4308 18.34 2.16 -55.92
N VAL A 4309 18.83 1.81 -54.72
CA VAL A 4309 18.18 2.24 -53.49
C VAL A 4309 18.31 3.75 -53.32
N GLU A 4310 19.47 4.30 -53.66
CA GLU A 4310 19.65 5.74 -53.63
C GLU A 4310 18.81 6.44 -54.69
N LEU A 4311 18.53 5.76 -55.80
CA LEU A 4311 17.70 6.32 -56.86
C LEU A 4311 16.22 6.01 -56.66
N LEU A 4312 15.81 5.64 -55.45
CA LEU A 4312 14.40 5.50 -55.16
C LEU A 4312 13.72 6.86 -55.17
N PRO A 4313 12.48 6.94 -55.64
CA PRO A 4313 11.75 8.21 -55.58
C PRO A 4313 11.47 8.63 -54.15
N ASP A 4314 11.51 9.94 -53.90
CA ASP A 4314 11.32 10.43 -52.54
C ASP A 4314 9.86 10.37 -52.13
N THR A 4315 8.95 10.32 -53.09
CA THR A 4315 7.55 10.10 -52.76
C THR A 4315 7.33 8.64 -52.36
N GLN A 4316 6.64 8.45 -51.24
CA GLN A 4316 6.37 7.11 -50.74
C GLN A 4316 4.92 7.04 -50.27
N THR A 4317 4.22 6.03 -50.73
CA THR A 4317 2.83 5.79 -50.41
C THR A 4317 2.70 4.49 -49.63
N PRO A 4318 1.60 4.27 -48.90
CA PRO A 4318 1.39 2.98 -48.24
C PRO A 4318 1.23 1.80 -49.19
N SER A 4319 1.01 2.04 -50.49
CA SER A 4319 1.01 0.97 -51.47
C SER A 4319 2.38 0.33 -51.66
N TRP A 4320 3.45 0.99 -51.20
CA TRP A 4320 4.76 0.36 -51.16
C TRP A 4320 4.76 -0.84 -50.23
N LEU A 4321 4.07 -0.73 -49.10
CA LEU A 4321 4.01 -1.79 -48.11
C LEU A 4321 2.92 -2.81 -48.38
N GLY A 4322 2.03 -2.54 -49.34
CA GLY A 4322 0.88 -3.36 -49.60
C GLY A 4322 -0.41 -2.81 -49.03
N LEU A 4323 -0.33 -1.85 -48.13
CA LEU A 4323 -1.49 -1.21 -47.54
C LEU A 4323 -2.18 -0.29 -48.55
N PRO A 4324 -3.47 -0.02 -48.36
CA PRO A 4324 -4.10 1.03 -49.17
C PRO A 4324 -3.59 2.40 -48.77
N ASN A 4325 -3.72 3.35 -49.70
CA ASN A 4325 -3.18 4.68 -49.49
C ASN A 4325 -3.92 5.41 -48.37
N ASN A 4326 -5.23 5.17 -48.24
CA ASN A 4326 -6.05 5.83 -47.25
C ASN A 4326 -5.73 5.43 -45.82
N ALA A 4327 -4.93 4.37 -45.62
CA ALA A 4327 -4.38 4.06 -44.31
C ALA A 4327 -3.55 5.22 -43.77
N GLU A 4328 -2.80 5.89 -44.66
CA GLU A 4328 -2.14 7.14 -44.28
C GLU A 4328 -3.16 8.17 -43.83
N ARG A 4329 -4.28 8.27 -44.57
CA ARG A 4329 -5.42 9.09 -44.18
C ARG A 4329 -5.97 8.68 -42.82
N VAL A 4330 -5.88 7.40 -42.47
CA VAL A 4330 -6.25 6.99 -41.12
C VAL A 4330 -5.20 7.46 -40.12
N LEU A 4331 -3.91 7.22 -40.43
CA LEU A 4331 -2.87 7.28 -39.40
C LEU A 4331 -2.68 8.70 -38.90
N LEU A 4332 -2.64 9.66 -39.82
CA LEU A 4332 -2.57 11.07 -39.48
C LEU A 4332 -3.71 11.49 -38.59
N THR A 4333 -4.95 11.07 -38.91
CA THR A 4333 -6.05 11.52 -38.08
C THR A 4333 -6.07 10.80 -36.74
N THR A 4334 -5.44 9.61 -36.66
CA THR A 4334 -5.22 9.00 -35.35
C THR A 4334 -4.31 9.89 -34.52
N GLN A 4335 -3.21 10.34 -35.13
CA GLN A 4335 -2.34 11.30 -34.47
C GLN A 4335 -3.04 12.64 -34.27
N GLY A 4336 -4.02 12.95 -35.13
CA GLY A 4336 -4.83 14.14 -34.93
C GLY A 4336 -5.58 14.08 -33.63
N VAL A 4337 -6.16 12.91 -33.31
CA VAL A 4337 -6.78 12.70 -32.00
C VAL A 4337 -5.73 12.80 -30.91
N ASP A 4338 -4.55 12.25 -31.18
CA ASP A 4338 -3.42 12.31 -30.25
C ASP A 4338 -2.90 13.72 -30.06
N MET A 4339 -3.26 14.67 -30.94
CA MET A 4339 -2.98 16.06 -30.61
C MET A 4339 -3.96 16.58 -29.58
N ILE A 4340 -5.27 16.43 -29.86
CA ILE A 4340 -6.28 17.26 -29.20
C ILE A 4340 -6.40 16.90 -27.73
N SER A 4341 -6.47 15.59 -27.44
CA SER A 4341 -6.52 15.12 -26.06
C SER A 4341 -5.26 15.48 -25.29
N LYS A 4342 -4.10 15.54 -25.98
CA LYS A 4342 -2.89 15.99 -25.33
C LYS A 4342 -3.00 17.45 -24.93
N MET A 4343 -3.63 18.27 -25.78
CA MET A 4343 -3.93 19.63 -25.37
C MET A 4343 -4.99 19.67 -24.28
N LEU A 4344 -5.87 18.67 -24.25
CA LEU A 4344 -6.79 18.52 -23.12
C LEU A 4344 -6.03 18.15 -21.85
N LYS A 4345 -4.90 17.47 -22.00
CA LYS A 4345 -4.03 17.26 -20.84
C LYS A 4345 -3.37 18.56 -20.41
N MET A 4346 -3.21 19.52 -21.33
CA MET A 4346 -2.48 20.74 -21.05
C MET A 4346 -3.40 21.88 -20.65
N GLN A 4347 -4.68 21.61 -20.42
CA GLN A 4347 -5.60 22.64 -19.95
C GLN A 4347 -5.22 23.11 -18.55
N MET A 4348 -4.84 22.18 -17.68
CA MET A 4348 -4.31 22.39 -16.32
C MET A 4348 -5.41 23.11 -15.51
N LEU A 4349 -5.05 23.99 -14.58
CA LEU A 4349 -6.02 24.64 -13.71
C LEU A 4349 -5.77 26.14 -13.58
N GLU A 4350 -4.81 26.70 -14.32
CA GLU A 4350 -4.15 27.94 -13.96
C GLU A 4350 -5.01 29.19 -14.13
N ASP A 4351 -6.19 29.09 -14.72
CA ASP A 4351 -7.03 30.28 -14.96
C ASP A 4351 -7.68 30.69 -13.66
N GLU A 4352 -6.92 31.41 -12.83
CA GLU A 4352 -7.43 31.98 -11.59
C GLU A 4352 -7.41 33.50 -11.61
N ASP A 4353 -6.26 34.11 -11.83
CA ASP A 4353 -6.15 35.57 -11.80
C ASP A 4353 -5.12 36.06 -12.81
N ALA A 4375 -11.92 28.38 -13.74
CA ALA A 4375 -13.25 28.07 -14.20
C ALA A 4375 -13.36 26.60 -14.61
N TRP A 4376 -12.41 25.79 -14.14
CA TRP A 4376 -12.41 24.37 -14.46
C TRP A 4376 -13.57 23.64 -13.80
N MET A 4377 -13.80 23.90 -12.50
CA MET A 4377 -14.92 23.28 -11.82
C MET A 4377 -16.24 23.92 -12.24
N ARG A 4378 -16.19 25.15 -12.75
CA ARG A 4378 -17.40 25.81 -13.25
C ARG A 4378 -17.91 25.11 -14.51
N THR A 4379 -17.00 24.66 -15.36
CA THR A 4379 -17.37 23.84 -16.51
C THR A 4379 -17.72 22.42 -16.08
N LEU A 4380 -16.93 21.85 -15.14
CA LEU A 4380 -17.11 20.46 -14.75
C LEU A 4380 -18.39 20.21 -13.96
N HIS A 4381 -18.95 21.24 -13.33
CA HIS A 4381 -20.26 21.11 -12.71
C HIS A 4381 -21.34 20.78 -13.74
N THR A 4382 -21.39 21.57 -14.82
CA THR A 4382 -22.34 21.30 -15.89
C THR A 4382 -21.98 20.02 -16.65
N THR A 4383 -20.68 19.70 -16.75
CA THR A 4383 -20.26 18.46 -17.43
C THR A 4383 -20.76 17.23 -16.68
N ALA A 4384 -20.52 17.16 -15.37
CA ALA A 4384 -21.03 16.06 -14.57
C ALA A 4384 -22.55 16.07 -14.49
N SER A 4385 -23.16 17.26 -14.54
CA SER A 4385 -24.62 17.33 -14.53
C SER A 4385 -25.24 16.72 -15.78
N ASN A 4386 -24.70 17.04 -16.96
CA ASN A 4386 -25.26 16.44 -18.17
C ASN A 4386 -24.86 14.99 -18.34
N TRP A 4387 -23.71 14.58 -17.80
CA TRP A 4387 -23.36 13.16 -17.81
C TRP A 4387 -24.28 12.36 -16.90
N LEU A 4388 -24.71 12.96 -15.78
CA LEU A 4388 -25.73 12.31 -14.97
C LEU A 4388 -27.08 12.30 -15.68
N HIS A 4389 -27.40 13.38 -16.39
CA HIS A 4389 -28.71 13.48 -17.03
C HIS A 4389 -28.82 12.61 -18.28
N LEU A 4390 -27.70 12.20 -18.86
CA LEU A 4390 -27.73 11.33 -20.03
C LEU A 4390 -28.14 9.91 -19.67
N ILE A 4391 -27.38 9.29 -18.78
CA ILE A 4391 -27.54 7.86 -18.47
C ILE A 4391 -28.80 7.69 -17.61
N PRO A 4392 -29.60 6.63 -17.82
CA PRO A 4392 -30.75 6.38 -16.94
C PRO A 4392 -30.33 6.05 -15.53
N GLN A 4393 -31.24 6.32 -14.59
CA GLN A 4393 -30.92 6.24 -13.17
C GLN A 4393 -30.73 4.80 -12.71
N THR A 4394 -31.66 3.91 -13.08
CA THR A 4394 -31.66 2.56 -12.56
C THR A 4394 -31.88 1.56 -13.69
N LEU A 4395 -30.97 0.61 -13.82
CA LEU A 4395 -31.13 -0.51 -14.73
C LEU A 4395 -31.80 -1.66 -13.99
N SER A 4396 -32.87 -2.20 -14.56
CA SER A 4396 -33.56 -3.31 -13.93
C SER A 4396 -32.78 -4.61 -14.10
N HIS A 4397 -33.01 -5.54 -13.19
CA HIS A 4397 -32.41 -6.87 -13.24
C HIS A 4397 -33.42 -7.88 -13.77
N LEU A 4398 -32.90 -9.00 -14.25
CA LEU A 4398 -33.74 -10.06 -14.76
C LEU A 4398 -34.12 -11.05 -13.65
N LYS A 4399 -35.31 -11.63 -13.79
CA LYS A 4399 -35.90 -12.51 -12.79
C LYS A 4399 -35.39 -13.93 -12.98
N ARG A 4400 -35.14 -14.62 -11.88
CA ARG A 4400 -34.45 -15.91 -11.88
C ARG A 4400 -35.46 -17.04 -11.72
N THR A 4401 -35.73 -17.76 -12.81
CA THR A 4401 -36.57 -18.96 -12.78
C THR A 4401 -35.74 -20.18 -13.19
N VAL A 4402 -36.41 -21.33 -13.32
CA VAL A 4402 -35.73 -22.54 -13.73
C VAL A 4402 -35.83 -22.76 -15.24
N GLU A 4403 -36.91 -22.28 -15.87
CA GLU A 4403 -37.15 -22.56 -17.28
C GLU A 4403 -36.24 -21.77 -18.21
N ASN A 4404 -35.60 -20.72 -17.71
CA ASN A 4404 -34.65 -19.96 -18.51
C ASN A 4404 -33.20 -20.30 -18.19
N ILE A 4405 -32.96 -21.34 -17.39
CA ILE A 4405 -31.64 -21.95 -17.33
C ILE A 4405 -31.45 -22.96 -18.45
N LYS A 4406 -32.54 -23.57 -18.94
CA LYS A 4406 -32.48 -24.41 -20.14
C LYS A 4406 -32.20 -23.60 -21.40
N ASP A 4407 -32.41 -22.28 -21.35
CA ASP A 4407 -32.02 -21.36 -22.42
C ASP A 4407 -30.72 -20.67 -22.02
N PRO A 4408 -29.59 -20.95 -22.68
CA PRO A 4408 -28.32 -20.34 -22.25
C PRO A 4408 -28.20 -18.85 -22.55
N LEU A 4409 -29.05 -18.32 -23.43
CA LEU A 4409 -29.02 -16.89 -23.73
C LEU A 4409 -29.43 -16.06 -22.52
N PHE A 4410 -30.29 -16.60 -21.67
CA PHE A 4410 -30.66 -15.91 -20.45
C PHE A 4410 -29.50 -15.91 -19.45
N ARG A 4411 -28.70 -16.98 -19.43
CA ARG A 4411 -27.49 -16.99 -18.61
C ARG A 4411 -26.50 -15.94 -19.08
N PHE A 4412 -26.37 -15.79 -20.41
CA PHE A 4412 -25.58 -14.69 -20.97
C PHE A 4412 -26.10 -13.33 -20.50
N PHE A 4413 -27.42 -13.12 -20.60
CA PHE A 4413 -27.96 -11.78 -20.36
C PHE A 4413 -27.91 -11.41 -18.88
N GLU A 4414 -28.04 -12.41 -18.00
CA GLU A 4414 -27.90 -12.13 -16.58
C GLU A 4414 -26.45 -11.81 -16.21
N ARG A 4415 -25.49 -12.54 -16.81
CA ARG A 4415 -24.07 -12.27 -16.58
C ARG A 4415 -23.67 -10.90 -17.14
N GLU A 4416 -24.39 -10.44 -18.16
CA GLU A 4416 -24.23 -9.07 -18.64
C GLU A 4416 -24.84 -8.05 -17.68
N VAL A 4417 -26.04 -8.35 -17.17
CA VAL A 4417 -26.86 -7.28 -16.60
C VAL A 4417 -26.44 -6.94 -15.18
N LYS A 4418 -25.93 -7.90 -14.39
CA LYS A 4418 -25.30 -7.48 -13.12
C LYS A 4418 -24.05 -6.62 -13.33
N MET A 4419 -23.21 -6.96 -14.31
CA MET A 4419 -21.99 -6.16 -14.52
C MET A 4419 -22.36 -4.74 -14.96
N GLY A 4420 -23.34 -4.63 -15.86
CA GLY A 4420 -23.82 -3.32 -16.28
C GLY A 4420 -24.44 -2.51 -15.15
N ALA A 4421 -25.23 -3.17 -14.28
CA ALA A 4421 -25.86 -2.46 -13.19
C ALA A 4421 -24.85 -1.98 -12.15
N LYS A 4422 -23.82 -2.79 -11.84
CA LYS A 4422 -22.81 -2.35 -10.89
C LYS A 4422 -21.99 -1.20 -11.43
N LEU A 4423 -21.61 -1.24 -12.72
CA LEU A 4423 -20.85 -0.12 -13.26
C LEU A 4423 -21.70 1.14 -13.39
N LEU A 4424 -23.02 0.98 -13.64
CA LEU A 4424 -23.92 2.12 -13.61
C LEU A 4424 -24.00 2.76 -12.23
N GLN A 4425 -24.11 1.93 -11.18
CA GLN A 4425 -24.15 2.46 -9.81
C GLN A 4425 -22.85 3.17 -9.45
N ASP A 4426 -21.71 2.61 -9.88
CA ASP A 4426 -20.41 3.20 -9.60
C ASP A 4426 -20.25 4.56 -10.26
N VAL A 4427 -20.58 4.64 -11.56
CA VAL A 4427 -20.44 5.90 -12.30
C VAL A 4427 -21.43 6.94 -11.76
N ARG A 4428 -22.64 6.50 -11.40
CA ARG A 4428 -23.65 7.43 -10.86
C ARG A 4428 -23.23 8.02 -9.52
N GLN A 4429 -22.71 7.17 -8.61
CA GLN A 4429 -22.31 7.70 -7.30
C GLN A 4429 -21.07 8.57 -7.40
N ASP A 4430 -20.13 8.23 -8.31
CA ASP A 4430 -18.93 9.05 -8.46
C ASP A 4430 -19.26 10.40 -9.10
N LEU A 4431 -20.15 10.42 -10.09
CA LEU A 4431 -20.54 11.68 -10.71
C LEU A 4431 -21.37 12.54 -9.76
N ALA A 4432 -22.21 11.90 -8.93
CA ALA A 4432 -22.95 12.65 -7.90
C ALA A 4432 -22.01 13.28 -6.89
N ASP A 4433 -20.97 12.54 -6.47
CA ASP A 4433 -20.00 13.11 -5.54
C ASP A 4433 -19.17 14.21 -6.19
N VAL A 4434 -18.86 14.09 -7.49
CA VAL A 4434 -18.12 15.14 -8.20
C VAL A 4434 -18.96 16.41 -8.32
N VAL A 4435 -20.24 16.28 -8.66
CA VAL A 4435 -21.10 17.46 -8.75
C VAL A 4435 -21.44 18.00 -7.36
N GLN A 4436 -21.30 17.19 -6.31
CA GLN A 4436 -21.35 17.73 -4.96
C GLN A 4436 -20.10 18.55 -4.64
N VAL A 4437 -18.93 18.09 -5.12
CA VAL A 4437 -17.68 18.81 -4.91
C VAL A 4437 -17.70 20.15 -5.64
N CYS A 4438 -18.27 20.18 -6.86
CA CYS A 4438 -18.27 21.39 -7.67
C CYS A 4438 -19.16 22.50 -7.10
N GLU A 4439 -20.05 22.19 -6.17
CA GLU A 4439 -20.79 23.21 -5.43
C GLU A 4439 -20.27 23.39 -4.01
N GLY A 4440 -19.16 22.74 -3.65
CA GLY A 4440 -18.60 22.87 -2.33
C GLY A 4440 -19.29 22.08 -1.25
N LYS A 4441 -20.12 21.10 -1.61
CA LYS A 4441 -20.87 20.34 -0.62
C LYS A 4441 -20.01 19.31 0.09
N LYS A 4442 -18.95 18.83 -0.54
CA LYS A 4442 -18.17 17.70 -0.05
C LYS A 4442 -16.72 18.10 0.17
N LYS A 4443 -16.11 17.53 1.21
CA LYS A 4443 -14.67 17.64 1.39
C LYS A 4443 -13.93 16.82 0.35
N GLN A 4444 -12.80 17.33 -0.11
CA GLN A 4444 -12.06 16.72 -1.20
C GLN A 4444 -11.27 15.54 -0.66
N THR A 4445 -11.79 14.34 -0.87
CA THR A 4445 -11.01 13.13 -0.61
C THR A 4445 -9.95 12.96 -1.70
N ASN A 4446 -9.00 12.05 -1.44
CA ASN A 4446 -7.96 11.77 -2.41
C ASN A 4446 -8.52 11.13 -3.67
N TYR A 4447 -9.47 10.20 -3.51
CA TYR A 4447 -10.12 9.58 -4.65
C TYR A 4447 -10.94 10.58 -5.44
N LEU A 4448 -11.67 11.46 -4.74
CA LEU A 4448 -12.49 12.45 -5.44
C LEU A 4448 -11.65 13.53 -6.10
N ARG A 4449 -10.56 13.95 -5.47
CA ARG A 4449 -9.69 14.95 -6.09
C ARG A 4449 -8.94 14.36 -7.29
N THR A 4450 -8.51 13.10 -7.19
CA THR A 4450 -7.90 12.44 -8.34
C THR A 4450 -8.91 12.26 -9.48
N LEU A 4451 -10.16 11.94 -9.13
CA LEU A 4451 -11.21 11.80 -10.14
C LEU A 4451 -11.53 13.15 -10.80
N ILE A 4452 -11.54 14.23 -10.02
CA ILE A 4452 -11.87 15.53 -10.61
C ILE A 4452 -10.70 16.06 -11.42
N ASN A 4453 -9.45 15.67 -11.09
CA ASN A 4453 -8.33 16.03 -11.93
C ASN A 4453 -8.34 15.25 -13.24
N GLU A 4454 -8.70 13.96 -13.17
CA GLU A 4454 -8.85 13.15 -14.37
C GLU A 4454 -9.97 13.67 -15.26
N LEU A 4455 -11.06 14.15 -14.65
CA LEU A 4455 -12.15 14.74 -15.40
C LEU A 4455 -11.77 16.10 -15.99
N VAL A 4456 -10.89 16.84 -15.33
CA VAL A 4456 -10.37 18.09 -15.89
C VAL A 4456 -9.54 17.79 -17.14
N LYS A 4457 -8.64 16.81 -17.04
CA LYS A 4457 -7.85 16.42 -18.20
C LYS A 4457 -8.60 15.52 -19.16
N GLY A 4458 -9.79 15.04 -18.79
CA GLY A 4458 -10.60 14.21 -19.66
C GLY A 4458 -10.02 12.84 -19.97
N ILE A 4459 -9.50 12.15 -18.96
CA ILE A 4459 -8.88 10.83 -19.15
C ILE A 4459 -9.69 9.80 -18.38
N LEU A 4460 -9.74 8.59 -18.92
CA LEU A 4460 -10.41 7.47 -18.28
C LEU A 4460 -9.59 6.97 -17.09
N PRO A 4461 -10.14 6.91 -15.88
CA PRO A 4461 -9.40 6.37 -14.75
C PRO A 4461 -9.37 4.84 -14.78
N ARG A 4462 -8.47 4.29 -13.95
CA ARG A 4462 -8.38 2.84 -13.82
C ARG A 4462 -9.60 2.27 -13.12
N SER A 4463 -10.13 2.98 -12.12
CA SER A 4463 -11.26 2.52 -11.34
C SER A 4463 -12.60 2.69 -12.05
N TRP A 4464 -12.61 3.04 -13.33
CA TRP A 4464 -13.85 3.17 -14.08
C TRP A 4464 -14.07 2.04 -15.07
N SER A 4465 -13.01 1.54 -15.69
CA SER A 4465 -13.11 0.42 -16.62
C SER A 4465 -12.83 -0.88 -15.88
N HIS A 4466 -13.79 -1.80 -15.91
CA HIS A 4466 -13.65 -3.07 -15.21
C HIS A 4466 -13.96 -4.29 -16.07
N TYR A 4467 -14.33 -4.12 -17.33
CA TYR A 4467 -14.51 -5.23 -18.26
C TYR A 4467 -13.49 -5.07 -19.40
N THR A 4468 -13.66 -5.86 -20.45
CA THR A 4468 -12.79 -5.78 -21.63
C THR A 4468 -13.07 -4.47 -22.35
N VAL A 4469 -12.14 -3.52 -22.23
CA VAL A 4469 -12.39 -2.11 -22.55
C VAL A 4469 -11.31 -1.66 -23.54
N PRO A 4470 -11.66 -0.85 -24.55
CA PRO A 4470 -10.64 -0.27 -25.42
C PRO A 4470 -9.66 0.60 -24.66
N ALA A 4471 -8.38 0.49 -25.01
CA ALA A 4471 -7.32 1.19 -24.30
C ALA A 4471 -7.06 2.55 -24.92
N GLY A 4472 -6.63 3.49 -24.08
CA GLY A 4472 -6.27 4.82 -24.55
C GLY A 4472 -7.42 5.64 -25.09
N MET A 4473 -8.55 5.64 -24.40
CA MET A 4473 -9.75 6.30 -24.87
C MET A 4473 -10.32 7.18 -23.76
N THR A 4474 -10.87 8.32 -24.15
CA THR A 4474 -11.22 9.39 -23.22
C THR A 4474 -12.55 9.09 -22.52
N VAL A 4475 -13.10 10.09 -21.85
CA VAL A 4475 -14.29 9.88 -21.01
C VAL A 4475 -15.60 10.20 -21.72
N ILE A 4476 -15.58 11.04 -22.76
CA ILE A 4476 -16.84 11.41 -23.40
C ILE A 4476 -17.35 10.29 -24.31
N GLN A 4477 -16.47 9.68 -25.11
CA GLN A 4477 -16.83 8.49 -25.87
C GLN A 4477 -17.15 7.33 -24.95
N TRP A 4478 -16.50 7.30 -23.78
CA TRP A 4478 -16.79 6.34 -22.73
C TRP A 4478 -18.23 6.46 -22.25
N VAL A 4479 -18.66 7.68 -21.91
CA VAL A 4479 -20.01 7.85 -21.37
C VAL A 4479 -21.07 7.73 -22.47
N SER A 4480 -20.71 8.04 -23.72
CA SER A 4480 -21.60 7.73 -24.84
C SER A 4480 -21.74 6.23 -25.02
N ASP A 4481 -20.66 5.48 -24.75
CA ASP A 4481 -20.74 4.03 -24.80
C ASP A 4481 -21.62 3.47 -23.68
N PHE A 4482 -21.60 4.10 -22.49
CA PHE A 4482 -22.62 3.72 -21.49
C PHE A 4482 -24.04 4.01 -21.98
N SER A 4483 -24.24 5.15 -22.63
CA SER A 4483 -25.60 5.50 -23.08
C SER A 4483 -26.13 4.44 -24.05
N GLU A 4484 -25.33 4.06 -25.05
CA GLU A 4484 -25.75 3.02 -25.98
C GLU A 4484 -25.81 1.65 -25.32
N ARG A 4485 -24.86 1.33 -24.43
CA ARG A 4485 -24.75 -0.02 -23.86
C ARG A 4485 -25.89 -0.33 -22.91
N ILE A 4486 -26.09 0.50 -21.88
CA ILE A 4486 -27.24 0.25 -21.00
C ILE A 4486 -28.57 0.65 -21.64
N LYS A 4487 -28.59 1.41 -22.75
CA LYS A 4487 -29.84 1.51 -23.51
C LYS A 4487 -30.20 0.17 -24.14
N GLN A 4488 -29.22 -0.50 -24.75
CA GLN A 4488 -29.43 -1.81 -25.34
C GLN A 4488 -29.76 -2.85 -24.29
N LEU A 4489 -29.09 -2.76 -23.13
CA LEU A 4489 -29.33 -3.70 -22.04
C LEU A 4489 -30.73 -3.53 -21.45
N GLN A 4490 -31.19 -2.28 -21.31
CA GLN A 4490 -32.55 -2.03 -20.83
C GLN A 4490 -33.58 -2.54 -21.81
N ASN A 4491 -33.35 -2.35 -23.12
CA ASN A 4491 -34.29 -2.84 -24.12
C ASN A 4491 -34.37 -4.37 -24.13
N ILE A 4492 -33.22 -5.05 -24.07
CA ILE A 4492 -33.26 -6.51 -24.10
C ILE A 4492 -33.76 -7.06 -22.78
N SER A 4493 -33.57 -6.34 -21.68
CA SER A 4493 -34.09 -6.79 -20.39
C SER A 4493 -35.61 -6.66 -20.34
N LEU A 4494 -36.14 -5.57 -20.91
CA LEU A 4494 -37.59 -5.41 -21.00
C LEU A 4494 -38.21 -6.47 -21.93
N ALA A 4495 -37.54 -6.77 -23.04
CA ALA A 4495 -38.02 -7.81 -23.94
C ALA A 4495 -37.97 -9.19 -23.28
N ALA A 4496 -36.91 -9.46 -22.50
CA ALA A 4496 -36.78 -10.74 -21.82
C ALA A 4496 -37.81 -10.89 -20.71
N ALA A 4497 -38.11 -9.80 -20.00
CA ALA A 4497 -39.13 -9.87 -18.96
C ALA A 4497 -40.52 -10.00 -19.55
N SER A 4498 -40.79 -9.34 -20.68
CA SER A 4498 -42.13 -9.37 -21.26
C SER A 4498 -42.40 -10.66 -22.01
N GLY A 4499 -41.63 -10.92 -23.06
CA GLY A 4499 -41.94 -11.99 -23.98
C GLY A 4499 -41.51 -13.39 -23.59
N GLY A 4500 -40.81 -13.54 -22.47
CA GLY A 4500 -40.30 -14.84 -22.08
C GLY A 4500 -39.00 -15.18 -22.78
N ALA A 4501 -38.63 -16.45 -22.71
CA ALA A 4501 -37.33 -16.90 -23.19
C ALA A 4501 -37.27 -17.01 -24.70
N LYS A 4502 -38.39 -17.32 -25.35
CA LYS A 4502 -38.40 -17.60 -26.79
C LYS A 4502 -38.09 -16.36 -27.62
N GLU A 4503 -38.42 -15.17 -27.09
CA GLU A 4503 -38.05 -13.91 -27.72
C GLU A 4503 -36.53 -13.70 -27.75
N LEU A 4504 -35.79 -14.40 -26.88
CA LEU A 4504 -34.35 -14.19 -26.74
C LEU A 4504 -33.55 -14.61 -27.97
N LYS A 4505 -34.13 -15.41 -28.85
CA LYS A 4505 -33.46 -15.77 -30.10
C LYS A 4505 -33.75 -14.78 -31.22
N ASN A 4506 -34.98 -14.29 -31.31
CA ASN A 4506 -35.42 -13.46 -32.42
C ASN A 4506 -34.95 -12.01 -32.32
N ILE A 4507 -34.35 -11.61 -31.20
CA ILE A 4507 -33.92 -10.23 -31.03
C ILE A 4507 -32.61 -10.01 -31.77
N HIS A 4508 -32.45 -8.83 -32.35
CA HIS A 4508 -31.23 -8.46 -33.06
C HIS A 4508 -30.24 -7.90 -32.06
N VAL A 4509 -29.12 -8.60 -31.88
CA VAL A 4509 -28.16 -8.32 -30.81
C VAL A 4509 -26.95 -7.63 -31.39
N CYS A 4510 -26.58 -6.48 -30.84
CA CYS A 4510 -25.34 -5.82 -31.21
C CYS A 4510 -24.20 -6.40 -30.39
N LEU A 4511 -23.18 -6.93 -31.06
CA LEU A 4511 -22.08 -7.57 -30.35
C LEU A 4511 -21.19 -6.56 -29.64
N GLY A 4512 -21.15 -5.31 -30.14
CA GLY A 4512 -20.29 -4.31 -29.51
C GLY A 4512 -20.81 -3.81 -28.19
N GLY A 4513 -22.12 -3.88 -27.97
CA GLY A 4513 -22.68 -3.48 -26.69
C GLY A 4513 -22.45 -4.46 -25.56
N LEU A 4514 -22.26 -5.74 -25.89
CA LEU A 4514 -22.01 -6.76 -24.88
C LEU A 4514 -20.59 -6.63 -24.35
N PHE A 4515 -20.41 -6.91 -23.06
CA PHE A 4515 -19.07 -6.92 -22.49
C PHE A 4515 -18.28 -8.14 -22.90
N VAL A 4516 -18.95 -9.20 -23.35
CA VAL A 4516 -18.28 -10.38 -23.88
C VAL A 4516 -19.08 -10.96 -25.05
N PRO A 4517 -18.51 -10.97 -26.27
CA PRO A 4517 -19.23 -11.55 -27.40
C PRO A 4517 -18.96 -13.04 -27.66
N GLU A 4518 -17.81 -13.55 -27.21
CA GLU A 4518 -17.50 -14.95 -27.44
C GLU A 4518 -18.43 -15.86 -26.63
N ALA A 4519 -18.91 -15.36 -25.48
CA ALA A 4519 -19.98 -16.04 -24.76
C ALA A 4519 -21.26 -16.09 -25.58
N TYR A 4520 -21.55 -15.03 -26.35
CA TYR A 4520 -22.74 -15.05 -27.21
C TYR A 4520 -22.60 -16.06 -28.34
N ILE A 4521 -21.39 -16.15 -28.92
CA ILE A 4521 -21.15 -17.11 -29.99
C ILE A 4521 -21.30 -18.53 -29.46
N THR A 4522 -20.71 -18.81 -28.29
CA THR A 4522 -20.83 -20.13 -27.68
C THR A 4522 -22.26 -20.41 -27.25
N ALA A 4523 -23.01 -19.38 -26.83
CA ALA A 4523 -24.39 -19.57 -26.44
C ALA A 4523 -25.29 -19.90 -27.63
N THR A 4524 -25.04 -19.25 -28.78
CA THR A 4524 -25.77 -19.60 -29.99
C THR A 4524 -25.43 -21.01 -30.46
N ARG A 4525 -24.16 -21.39 -30.34
CA ARG A 4525 -23.74 -22.75 -30.67
C ARG A 4525 -24.42 -23.79 -29.77
N GLN A 4526 -24.50 -23.49 -28.47
CA GLN A 4526 -25.16 -24.39 -27.54
C GLN A 4526 -26.66 -24.45 -27.78
N TYR A 4527 -27.27 -23.31 -28.14
CA TYR A 4527 -28.70 -23.28 -28.42
C TYR A 4527 -29.05 -24.13 -29.63
N VAL A 4528 -28.23 -24.05 -30.69
CA VAL A 4528 -28.44 -24.89 -31.87
C VAL A 4528 -28.22 -26.35 -31.53
N ALA A 4529 -27.14 -26.65 -30.78
CA ALA A 4529 -26.79 -28.04 -30.45
C ALA A 4529 -27.83 -28.68 -29.54
N GLN A 4530 -28.43 -27.92 -28.63
CA GLN A 4530 -29.50 -28.45 -27.79
C GLN A 4530 -30.82 -28.53 -28.54
N ALA A 4531 -31.06 -27.61 -29.47
CA ALA A 4531 -32.33 -27.60 -30.20
C ALA A 4531 -32.41 -28.76 -31.18
N ASN A 4532 -31.32 -29.10 -31.84
CA ASN A 4532 -31.36 -30.15 -32.86
C ASN A 4532 -30.64 -31.42 -32.44
N SER A 4533 -30.18 -31.50 -31.18
CA SER A 4533 -29.56 -32.69 -30.58
C SER A 4533 -28.33 -33.16 -31.35
N TRP A 4534 -27.35 -32.28 -31.48
CA TRP A 4534 -26.07 -32.60 -32.09
C TRP A 4534 -24.94 -32.28 -31.13
N SER A 4535 -23.85 -33.02 -31.28
CA SER A 4535 -22.65 -32.80 -30.47
C SER A 4535 -22.02 -31.46 -30.82
N LEU A 4536 -21.40 -30.84 -29.81
CA LEU A 4536 -20.88 -29.48 -29.97
C LEU A 4536 -19.65 -29.44 -30.88
N GLU A 4537 -18.95 -30.56 -31.03
CA GLU A 4537 -17.83 -30.60 -31.96
C GLU A 4537 -18.27 -30.78 -33.41
N GLU A 4538 -19.56 -30.97 -33.66
CA GLU A 4538 -20.07 -31.20 -35.00
C GLU A 4538 -20.52 -29.93 -35.69
N LEU A 4539 -20.83 -28.86 -34.95
CA LEU A 4539 -21.31 -27.65 -35.58
C LEU A 4539 -20.16 -26.82 -36.13
N CYS A 4540 -20.47 -26.04 -37.16
CA CYS A 4540 -19.53 -25.12 -37.78
C CYS A 4540 -20.28 -23.85 -38.17
N LEU A 4541 -19.52 -22.83 -38.53
CA LEU A 4541 -20.02 -21.46 -38.62
C LEU A 4541 -20.34 -21.10 -40.06
N GLU A 4542 -21.36 -20.26 -40.25
CA GLU A 4542 -21.70 -19.72 -41.55
C GLU A 4542 -22.26 -18.31 -41.35
N VAL A 4543 -21.91 -17.40 -42.25
CA VAL A 4543 -22.32 -16.01 -42.15
C VAL A 4543 -23.01 -15.62 -43.46
N ASN A 4544 -24.22 -15.06 -43.35
CA ASN A 4544 -24.94 -14.55 -44.50
C ASN A 4544 -25.28 -13.08 -44.25
N VAL A 4545 -24.81 -12.21 -45.11
CA VAL A 4545 -25.06 -10.78 -44.98
C VAL A 4545 -26.27 -10.45 -45.85
N THR A 4546 -27.44 -10.34 -45.23
CA THR A 4546 -28.64 -9.99 -45.96
C THR A 4546 -28.87 -8.48 -45.90
N THR A 4547 -29.47 -7.95 -46.96
CA THR A 4547 -29.68 -6.52 -47.09
C THR A 4547 -31.13 -6.11 -47.18
N SER A 4548 -32.04 -7.03 -47.52
CA SER A 4548 -33.46 -6.72 -47.53
C SER A 4548 -33.96 -6.55 -46.10
N GLN A 4549 -34.80 -5.55 -45.89
CA GLN A 4549 -35.29 -5.24 -44.55
C GLN A 4549 -36.34 -6.25 -44.13
N GLY A 4550 -36.34 -6.59 -42.84
CA GLY A 4550 -37.27 -7.57 -42.32
C GLY A 4550 -37.05 -8.98 -42.82
N ALA A 4551 -35.80 -9.42 -42.92
CA ALA A 4551 -35.51 -10.78 -43.36
C ALA A 4551 -35.86 -11.77 -42.25
N THR A 4552 -36.60 -12.81 -42.61
CA THR A 4552 -37.09 -13.78 -41.63
C THR A 4552 -35.95 -14.71 -41.21
N LEU A 4553 -35.70 -14.79 -39.92
CA LEU A 4553 -34.63 -15.62 -39.39
C LEU A 4553 -35.00 -17.10 -39.47
N ASP A 4554 -33.99 -17.93 -39.68
CA ASP A 4554 -34.18 -19.37 -39.80
C ASP A 4554 -34.03 -20.03 -38.42
N ALA A 4555 -33.96 -21.37 -38.41
CA ALA A 4555 -33.90 -22.11 -37.16
C ALA A 4555 -32.55 -21.95 -36.47
N CYS A 4556 -31.46 -22.04 -37.22
CA CYS A 4556 -30.12 -21.92 -36.68
C CYS A 4556 -29.53 -20.53 -36.87
N SER A 4557 -30.33 -19.57 -37.33
CA SER A 4557 -29.84 -18.24 -37.67
C SER A 4557 -30.13 -17.25 -36.55
N PHE A 4558 -29.12 -16.45 -36.23
CA PHE A 4558 -29.18 -15.44 -35.19
C PHE A 4558 -28.78 -14.10 -35.79
N GLY A 4559 -29.48 -13.03 -35.41
CA GLY A 4559 -29.27 -11.73 -36.01
C GLY A 4559 -28.27 -10.91 -35.25
N VAL A 4560 -27.26 -10.40 -35.95
CA VAL A 4560 -26.24 -9.54 -35.38
C VAL A 4560 -26.26 -8.21 -36.12
N THR A 4561 -26.38 -7.12 -35.36
CA THR A 4561 -26.56 -5.79 -35.94
C THR A 4561 -25.38 -4.91 -35.55
N GLY A 4562 -24.87 -4.15 -36.52
CA GLY A 4562 -23.88 -3.13 -36.23
C GLY A 4562 -22.43 -3.50 -36.47
N LEU A 4563 -22.16 -4.55 -37.23
CA LEU A 4563 -20.78 -4.89 -37.55
C LEU A 4563 -20.21 -3.90 -38.57
N LYS A 4564 -18.89 -3.79 -38.57
CA LYS A 4564 -18.18 -2.90 -39.48
C LYS A 4564 -17.15 -3.69 -40.27
N LEU A 4565 -17.08 -3.42 -41.57
CA LEU A 4565 -16.13 -4.06 -42.47
C LEU A 4565 -15.06 -3.03 -42.83
N GLN A 4566 -13.82 -3.29 -42.41
CA GLN A 4566 -12.71 -2.40 -42.66
C GLN A 4566 -11.96 -2.88 -43.90
N GLY A 4567 -12.05 -2.12 -44.99
CA GLY A 4567 -11.26 -2.35 -46.18
C GLY A 4567 -11.97 -3.02 -47.33
N ALA A 4568 -13.27 -3.31 -47.20
CA ALA A 4568 -13.97 -4.03 -48.26
C ALA A 4568 -15.44 -3.67 -48.25
N THR A 4569 -16.12 -4.02 -49.34
CA THR A 4569 -17.56 -3.87 -49.48
C THR A 4569 -18.15 -5.22 -49.83
N CYS A 4570 -19.23 -5.60 -49.15
CA CYS A 4570 -19.85 -6.91 -49.34
C CYS A 4570 -21.19 -6.77 -50.02
N ASN A 4571 -21.38 -7.53 -51.10
CA ASN A 4571 -22.65 -7.62 -51.80
C ASN A 4571 -22.90 -9.08 -52.15
N ASN A 4572 -24.06 -9.59 -51.72
CA ASN A 4572 -24.51 -10.97 -51.97
C ASN A 4572 -23.49 -12.00 -51.48
N ASN A 4573 -22.99 -11.77 -50.25
CA ASN A 4573 -21.92 -12.56 -49.63
C ASN A 4573 -20.65 -12.58 -50.48
N LYS A 4574 -20.39 -11.49 -51.20
CA LYS A 4574 -19.24 -11.38 -52.08
C LYS A 4574 -18.48 -10.11 -51.75
N LEU A 4575 -17.21 -10.24 -51.35
CA LEU A 4575 -16.41 -9.09 -51.01
C LEU A 4575 -15.72 -8.49 -52.23
N SER A 4576 -15.49 -7.19 -52.17
CA SER A 4576 -14.70 -6.48 -53.15
C SER A 4576 -13.87 -5.43 -52.43
N LEU A 4577 -12.59 -5.34 -52.79
CA LEU A 4577 -11.71 -4.38 -52.15
C LEU A 4577 -12.09 -2.96 -52.53
N SER A 4578 -12.23 -2.11 -51.53
CA SER A 4578 -12.66 -0.73 -51.73
C SER A 4578 -11.74 0.21 -50.97
N ASN A 4579 -11.72 1.46 -51.41
CA ASN A 4579 -10.87 2.46 -50.78
C ASN A 4579 -11.59 3.24 -49.68
N ALA A 4580 -12.84 2.90 -49.38
CA ALA A 4580 -13.48 3.43 -48.20
C ALA A 4580 -12.87 2.77 -46.96
N ILE A 4581 -12.74 3.56 -45.89
CA ILE A 4581 -12.10 3.05 -44.68
C ILE A 4581 -13.00 2.06 -43.94
N SER A 4582 -14.32 2.25 -44.01
CA SER A 4582 -15.25 1.39 -43.29
C SER A 4582 -16.62 1.48 -43.94
N THR A 4583 -17.36 0.38 -43.90
CA THR A 4583 -18.73 0.33 -44.37
C THR A 4583 -19.59 -0.34 -43.32
N ALA A 4584 -20.74 0.25 -43.05
CA ALA A 4584 -21.65 -0.26 -42.02
C ALA A 4584 -22.37 -1.49 -42.56
N LEU A 4585 -22.09 -2.64 -41.97
CA LEU A 4585 -22.72 -3.87 -42.42
C LEU A 4585 -24.17 -3.93 -41.93
N PRO A 4586 -25.08 -4.47 -42.74
CA PRO A 4586 -26.46 -4.70 -42.27
C PRO A 4586 -26.57 -5.89 -41.35
N LEU A 4587 -27.80 -6.30 -41.04
CA LEU A 4587 -28.07 -7.41 -40.14
C LEU A 4587 -27.50 -8.73 -40.66
N THR A 4588 -26.45 -9.22 -40.00
CA THR A 4588 -25.79 -10.44 -40.37
C THR A 4588 -26.50 -11.62 -39.73
N GLN A 4589 -26.94 -12.57 -40.56
CA GLN A 4589 -27.51 -13.82 -40.07
C GLN A 4589 -26.36 -14.80 -39.86
N LEU A 4590 -26.07 -15.10 -38.60
CA LEU A 4590 -25.06 -16.07 -38.24
C LEU A 4590 -25.74 -17.41 -38.02
N ARG A 4591 -25.35 -18.41 -38.83
CA ARG A 4591 -25.99 -19.71 -38.83
C ARG A 4591 -24.97 -20.75 -38.40
N TRP A 4592 -25.45 -21.80 -37.75
CA TRP A 4592 -24.62 -22.93 -37.37
C TRP A 4592 -25.07 -24.15 -38.17
N VAL A 4593 -24.16 -24.72 -38.94
CA VAL A 4593 -24.51 -25.84 -39.81
C VAL A 4593 -23.66 -27.06 -39.46
N LYS A 4594 -23.94 -28.19 -40.10
CA LYS A 4594 -23.16 -29.40 -39.87
C LYS A 4594 -21.79 -29.26 -40.50
N GLN A 4595 -20.78 -29.85 -39.86
CA GLN A 4595 -19.43 -29.87 -40.41
C GLN A 4595 -19.38 -30.92 -41.51
N THR A 4596 -19.71 -30.49 -42.73
CA THR A 4596 -19.45 -31.32 -43.88
C THR A 4596 -17.95 -31.30 -44.20
N ASN A 4597 -17.45 -32.44 -44.67
CA ASN A 4597 -16.03 -32.57 -45.00
C ASN A 4597 -15.79 -32.17 -46.46
N THR A 4598 -16.18 -30.93 -46.77
CA THR A 4598 -16.00 -30.36 -48.09
C THR A 4598 -14.64 -29.68 -48.16
N GLU A 4599 -13.97 -29.84 -49.30
CA GLU A 4599 -12.74 -29.10 -49.54
C GLU A 4599 -13.07 -27.61 -49.68
N LYS A 4600 -12.28 -26.78 -48.98
CA LYS A 4600 -12.49 -25.34 -48.99
C LYS A 4600 -12.20 -24.77 -50.38
N LYS A 4601 -13.11 -23.96 -50.90
CA LYS A 4601 -12.91 -23.32 -52.18
C LYS A 4601 -11.83 -22.26 -52.09
N ALA A 4602 -11.13 -22.04 -53.20
CA ALA A 4602 -10.06 -21.05 -53.23
C ALA A 4602 -10.59 -19.63 -53.18
N SER A 4603 -11.88 -19.44 -53.42
CA SER A 4603 -12.49 -18.12 -53.32
C SER A 4603 -13.04 -17.83 -51.92
N VAL A 4604 -12.56 -18.53 -50.90
CA VAL A 4604 -13.03 -18.34 -49.54
C VAL A 4604 -11.90 -17.78 -48.70
N VAL A 4605 -12.14 -16.64 -48.06
CA VAL A 4605 -11.16 -15.91 -47.27
C VAL A 4605 -11.62 -15.93 -45.82
N THR A 4606 -10.68 -16.22 -44.92
CA THR A 4606 -10.95 -16.27 -43.48
C THR A 4606 -10.64 -14.90 -42.88
N LEU A 4607 -11.65 -14.22 -42.44
CA LEU A 4607 -11.47 -12.92 -41.83
C LEU A 4607 -11.59 -13.01 -40.32
N PRO A 4608 -10.81 -12.25 -39.57
CA PRO A 4608 -10.97 -12.22 -38.12
C PRO A 4608 -12.00 -11.19 -37.69
N VAL A 4609 -12.65 -11.48 -36.57
CA VAL A 4609 -13.61 -10.57 -35.95
C VAL A 4609 -12.96 -10.02 -34.69
N TYR A 4610 -12.60 -8.75 -34.71
CA TYR A 4610 -11.97 -8.12 -33.57
C TYR A 4610 -13.01 -7.40 -32.73
#